data_6X98
#
_entry.id   6X98
#
loop_
_entity.id
_entity.type
_entity.pdbx_description
1 polymer 'BG505 HIV-1 Env gp120'
2 polymer 'BG505 HIV-1 Env gp41'
3 polymer 'monoclonal antibody 11B kappa chain'
4 polymer 'monoclonal antibody 11B fragment antigen binding heavy chain'
5 branched 2-acetamido-2-deoxy-beta-D-glucopyranose-(1-4)-2-acetamido-2-deoxy-beta-D-glucopyranose
6 branched alpha-D-mannopyranose-(1-3)-beta-D-mannopyranose-(1-4)-2-acetamido-2-deoxy-beta-D-glucopyranose-(1-4)-2-acetamido-2-deoxy-beta-D-glucopyranose
7 non-polymer 2-acetamido-2-deoxy-beta-D-glucopyranose
#
loop_
_entity_poly.entity_id
_entity_poly.type
_entity_poly.pdbx_seq_one_letter_code
_entity_poly.pdbx_strand_id
1 'polypeptide(L)'
;MDAMKRGLCCVLLLCGAVFVSPSQEIHARFRRGARAENLWVTVYYGVPVWKDAETTLFCASDAKAYETEKHNVWATHACV
PTDPNPQEIHLENVTEEFNMWKNNMVEQMHTDIISLWDQSLKPCVKLTPLCVTLQCTNVTNNITDDMRGELKNCSFNMTT
ELRDKKQKVYSLFYRLDVVQINENQGNRSNNSNKEYRLINCNTSAITQACPKVSFEPIPIHYCAPAGFAILKCKDKKFNG
TGPCPSVSTVQCTHGIKPVVSTQLLLNGSLAEEEVMIRSENITNNAKNILVQFNTPVQINCTRPNNNTRKSIRIGPGQAF
YATGDIIGDIRQAHCNVSKATWNETLGKVVKQLRKHFGNNTIIRFANSSGGDLEVTTHSFNCGGEFFYCNTSGLFNSTWI
SNTSVQGSNSTGSNDSITLPCRIKQIINMWQRIGQAMYAPPIQGVIRCVSNITGLILTRDGGSTNSTTETFRPGGGDMRD
NWRSELYKYKVVKIEPLGVAPTRCKRRVVGRRRRRR
;
A,C,G
2 'polypeptide(L)'
;AVGIGAVFLGFLGAAGSTMGAASMTLTVQARNLLSGIVQQQSNLLRAPEAQQHLLKLTVWGIKQLQARVLAVERYLRDQQ
LLGIWGCSGKLICCTNVPWNSSWSNRNLSEIWDNMTWLQWDKEISNYTQIIYGLLEESQNQQEKNEQDLLALD
;
B,D,I
3 'polypeptide(L)'
;MYRMQLLSCIALSLALVTNSDIVMTQTPSSVSAAVGGTVTINCQASESIYSGLAWYQQKPGQPPKLLIYRASTLTSGVSS
RFKGSGSGARFTLTINDLECADAATYYCQSCYDTTIGTYGSWAFGGGTEVVVKGDPVAPSVLIFPPAADQVATGTVTIVC
VANKYFPDVTVTWEVDGTTQTTGIENSKTPQNSADCTYNLSSTLTLTSTQYNSHKEYTCKVTQGTTSVVQSFNRGDC
;
L,E,J
4 'polypeptide(L)'
;MYRMQLLSCIALSLALVTNSQLVESGGGLVKPGGTLTLTCKASGFSLSDSYWMCWVRQAPGKGLEWVACVFTGNGKAYYA
RWVEGRFTISRSTSLNTATLQMTSLTAADTATYFCARGDYDDPLDGVATLWGPGTLVTVSSGQPKAPSVFPLAPCCGDTP
SSTVTLGCLVKGYLPEPVTVTWNSGTLTNGVRTFPSVRQSSGLYSLSSVVSVTSSSQPVTCNVAHPATNTKVDKTVAPST
C
;
H,F,K
#
loop_
_chem_comp.id
_chem_comp.type
_chem_comp.name
_chem_comp.formula
BMA D-saccharide, beta linking beta-D-mannopyranose 'C6 H12 O6'
MAN D-saccharide, alpha linking alpha-D-mannopyranose 'C6 H12 O6'
NAG D-saccharide, beta linking 2-acetamido-2-deoxy-beta-D-glucopyranose 'C8 H15 N O6'
#
# COMPACT_ATOMS: atom_id res chain seq x y z
N TRP A 40 6.25 38.41 18.60
CA TRP A 40 6.09 37.70 19.85
C TRP A 40 5.92 36.21 19.72
N VAL A 41 5.02 35.76 18.87
CA VAL A 41 4.93 34.31 18.75
C VAL A 41 6.03 33.81 17.86
N THR A 42 6.81 32.86 18.36
CA THR A 42 7.86 32.22 17.59
C THR A 42 7.48 30.78 17.45
N VAL A 43 7.58 30.26 16.24
CA VAL A 43 7.23 28.87 16.02
C VAL A 43 8.51 28.06 15.97
N TYR A 44 8.55 26.98 16.74
CA TYR A 44 9.71 26.12 16.78
C TYR A 44 9.40 24.73 16.27
N TYR A 45 10.25 24.24 15.38
CA TYR A 45 10.08 22.91 14.83
C TYR A 45 11.20 22.00 15.19
N GLY A 46 10.86 20.85 15.76
CA GLY A 46 11.84 19.89 16.24
C GLY A 46 11.83 19.91 17.76
N VAL A 47 10.74 20.35 18.33
CA VAL A 47 10.60 20.42 19.76
C VAL A 47 10.53 19.01 20.36
N PRO A 48 11.37 18.67 21.35
CA PRO A 48 11.48 17.35 21.95
C PRO A 48 10.38 16.98 22.92
N VAL A 49 9.15 16.88 22.43
CA VAL A 49 8.03 16.50 23.28
C VAL A 49 7.25 15.34 22.67
N TRP A 50 6.47 14.66 23.51
CA TRP A 50 5.71 13.51 23.05
C TRP A 50 4.42 13.28 23.80
N LYS A 51 3.59 12.44 23.20
CA LYS A 51 2.33 12.01 23.78
C LYS A 51 2.12 10.51 23.69
N ASP A 52 1.35 9.96 24.61
CA ASP A 52 1.05 8.53 24.60
C ASP A 52 0.39 8.20 23.28
N ALA A 53 0.76 7.09 22.66
CA ALA A 53 0.11 6.80 21.39
C ALA A 53 0.06 5.33 21.06
N GLU A 54 -0.88 4.96 20.21
CA GLU A 54 -0.97 3.58 19.77
C GLU A 54 -0.78 3.48 18.27
N THR A 55 0.24 2.76 17.88
CA THR A 55 0.54 2.56 16.48
C THR A 55 0.89 1.15 16.22
N THR A 56 1.16 0.86 14.96
CA THR A 56 1.55 -0.46 14.52
C THR A 56 3.05 -0.63 14.62
N LEU A 57 3.50 -1.67 15.30
CA LEU A 57 4.92 -1.91 15.41
C LEU A 57 5.32 -2.98 14.42
N PHE A 58 6.57 -3.00 14.01
CA PHE A 58 7.00 -4.02 13.09
C PHE A 58 8.07 -4.84 13.76
N CYS A 59 8.29 -6.05 13.29
CA CYS A 59 9.33 -6.86 13.92
C CYS A 59 10.64 -6.75 13.18
N ALA A 60 11.68 -7.04 13.92
CA ALA A 60 13.01 -7.15 13.43
C ALA A 60 13.61 -8.44 13.96
N SER A 61 14.58 -8.99 13.25
CA SER A 61 15.22 -10.25 13.66
C SER A 61 16.71 -10.28 13.37
N ASP A 62 17.48 -10.84 14.29
CA ASP A 62 18.91 -10.96 14.10
C ASP A 62 19.20 -12.31 13.43
N ALA A 63 19.46 -12.28 12.12
CA ALA A 63 19.64 -13.52 11.37
C ALA A 63 21.11 -13.74 11.05
N HIS A 71 11.12 -21.74 7.32
CA HIS A 71 10.85 -23.05 7.89
C HIS A 71 10.49 -22.95 9.36
N ASN A 72 10.56 -21.75 9.89
CA ASN A 72 10.13 -21.52 11.26
C ASN A 72 8.64 -21.20 11.27
N VAL A 73 7.92 -21.73 12.25
CA VAL A 73 6.49 -21.50 12.36
C VAL A 73 6.12 -20.02 12.50
N TRP A 74 7.01 -19.18 13.05
CA TRP A 74 6.67 -17.77 13.19
C TRP A 74 7.24 -16.90 12.10
N ALA A 75 7.79 -17.51 11.05
CA ALA A 75 8.29 -16.76 9.91
C ALA A 75 9.18 -15.61 10.30
N THR A 76 10.18 -15.84 11.14
CA THR A 76 11.02 -14.75 11.63
C THR A 76 11.91 -14.22 10.52
N HIS A 77 12.04 -14.94 9.43
CA HIS A 77 12.83 -14.52 8.30
C HIS A 77 12.14 -13.37 7.58
N ALA A 78 10.86 -13.16 7.89
CA ALA A 78 10.06 -12.11 7.29
C ALA A 78 10.26 -10.78 8.00
N CYS A 79 11.05 -10.78 9.08
CA CYS A 79 11.31 -9.58 9.84
C CYS A 79 12.44 -8.78 9.25
N VAL A 80 12.48 -7.50 9.60
CA VAL A 80 13.53 -6.60 9.18
C VAL A 80 14.84 -6.96 9.90
N PRO A 81 15.98 -7.11 9.26
CA PRO A 81 17.21 -7.41 9.93
C PRO A 81 17.48 -6.35 11.01
N THR A 82 17.94 -6.79 12.18
CA THR A 82 18.23 -5.86 13.28
C THR A 82 19.52 -5.12 13.14
N ASP A 83 19.62 -4.08 13.94
CA ASP A 83 20.79 -3.25 14.11
C ASP A 83 21.80 -4.01 14.98
N PRO A 84 22.99 -4.37 14.50
CA PRO A 84 24.02 -5.07 15.24
C PRO A 84 24.46 -4.31 16.50
N ASN A 85 24.23 -3.00 16.54
CA ASN A 85 24.63 -2.21 17.69
C ASN A 85 23.65 -1.07 17.95
N PRO A 86 22.45 -1.37 18.47
CA PRO A 86 21.36 -0.45 18.65
C PRO A 86 21.74 0.52 19.73
N GLN A 87 21.23 1.73 19.63
CA GLN A 87 21.54 2.73 20.62
C GLN A 87 20.47 2.91 21.65
N GLU A 88 20.89 3.39 22.81
CA GLU A 88 19.99 3.70 23.88
C GLU A 88 20.37 5.04 24.47
N ILE A 89 19.38 5.92 24.59
CA ILE A 89 19.65 7.25 25.10
C ILE A 89 19.07 7.48 26.45
N HIS A 90 19.89 7.87 27.41
CA HIS A 90 19.39 8.16 28.74
C HIS A 90 18.75 9.52 28.78
N LEU A 91 17.58 9.65 29.40
CA LEU A 91 16.97 10.97 29.48
C LEU A 91 17.18 11.58 30.84
N GLU A 92 18.06 12.57 30.89
CA GLU A 92 18.40 13.17 32.16
C GLU A 92 17.25 14.00 32.62
N ASN A 93 16.94 13.95 33.89
CA ASN A 93 15.85 14.73 34.48
C ASN A 93 14.49 14.42 33.87
N VAL A 94 14.26 13.23 33.33
CA VAL A 94 12.94 12.94 32.80
C VAL A 94 12.29 11.79 33.48
N THR A 95 11.09 12.00 33.97
CA THR A 95 10.36 10.90 34.56
C THR A 95 9.19 10.63 33.67
N GLU A 96 8.62 9.44 33.77
CA GLU A 96 7.44 9.13 32.97
C GLU A 96 6.52 8.18 33.70
N GLU A 97 5.24 8.19 33.36
CA GLU A 97 4.29 7.27 33.97
C GLU A 97 3.95 6.08 33.07
N PHE A 98 4.16 4.89 33.61
CA PHE A 98 3.95 3.64 32.90
C PHE A 98 2.80 2.82 33.48
N ASN A 99 2.16 1.98 32.65
CA ASN A 99 1.13 1.06 33.14
C ASN A 99 1.09 -0.23 32.34
N MET A 100 1.70 -1.28 32.85
CA MET A 100 1.82 -2.56 32.14
C MET A 100 0.51 -3.30 31.92
N TRP A 101 -0.55 -2.88 32.59
CA TRP A 101 -1.80 -3.61 32.48
C TRP A 101 -2.65 -3.05 31.36
N LYS A 102 -2.24 -1.93 30.80
CA LYS A 102 -2.98 -1.23 29.75
C LYS A 102 -2.08 -1.03 28.54
N ASN A 103 -1.05 -1.83 28.46
CA ASN A 103 -0.05 -1.71 27.43
C ASN A 103 -0.46 -2.42 26.15
N ASN A 104 -0.74 -1.67 25.10
CA ASN A 104 -1.26 -2.28 23.87
C ASN A 104 -0.21 -3.02 23.07
N MET A 105 1.03 -3.00 23.51
CA MET A 105 2.08 -3.73 22.81
C MET A 105 1.81 -5.20 23.00
N VAL A 106 1.13 -5.54 24.10
CA VAL A 106 0.83 -6.92 24.44
C VAL A 106 -0.18 -7.43 23.46
N GLU A 107 -1.13 -6.59 23.13
CA GLU A 107 -2.19 -6.97 22.23
C GLU A 107 -1.64 -7.21 20.85
N GLN A 108 -0.71 -6.37 20.38
CA GLN A 108 -0.18 -6.65 19.07
C GLN A 108 0.64 -7.92 19.07
N MET A 109 1.40 -8.17 20.12
CA MET A 109 2.17 -9.39 20.11
C MET A 109 1.26 -10.59 20.07
N HIS A 110 0.16 -10.54 20.81
CA HIS A 110 -0.79 -11.63 20.83
C HIS A 110 -1.37 -11.88 19.46
N THR A 111 -1.80 -10.82 18.80
CA THR A 111 -2.37 -10.97 17.48
C THR A 111 -1.34 -11.48 16.47
N ASP A 112 -0.10 -10.95 16.48
CA ASP A 112 0.85 -11.43 15.50
C ASP A 112 1.13 -12.90 15.68
N ILE A 113 1.24 -13.35 16.92
CA ILE A 113 1.55 -14.74 17.12
C ILE A 113 0.47 -15.65 16.61
N ILE A 114 -0.78 -15.33 16.89
CA ILE A 114 -1.82 -16.20 16.40
C ILE A 114 -1.88 -16.19 14.90
N SER A 115 -1.81 -15.03 14.27
CA SER A 115 -1.90 -15.01 12.83
C SER A 115 -0.75 -15.74 12.17
N LEU A 116 0.46 -15.63 12.69
CA LEU A 116 1.59 -16.33 12.08
C LEU A 116 1.42 -17.82 12.20
N TRP A 117 0.94 -18.24 13.36
CA TRP A 117 0.73 -19.64 13.61
C TRP A 117 -0.22 -20.18 12.56
N ASP A 118 -1.35 -19.49 12.37
CA ASP A 118 -2.30 -19.98 11.37
C ASP A 118 -1.75 -19.96 9.97
N GLN A 119 -0.97 -18.95 9.59
CA GLN A 119 -0.47 -18.95 8.22
C GLN A 119 0.45 -20.13 7.99
N SER A 120 1.20 -20.55 9.00
CA SER A 120 2.14 -21.66 8.84
C SER A 120 1.46 -22.99 8.56
N LEU A 121 0.17 -23.13 8.86
CA LEU A 121 -0.50 -24.40 8.63
C LEU A 121 -1.28 -24.39 7.34
N LYS A 122 -1.32 -23.25 6.66
CA LYS A 122 -2.11 -23.15 5.47
C LYS A 122 -1.80 -24.18 4.40
N PRO A 123 -0.53 -24.49 4.08
CA PRO A 123 -0.16 -25.44 3.06
C PRO A 123 -0.05 -26.88 3.55
N CYS A 124 -0.47 -27.18 4.78
CA CYS A 124 -0.21 -28.51 5.28
C CYS A 124 -1.39 -29.43 5.00
N VAL A 125 -1.11 -30.72 4.87
CA VAL A 125 -2.13 -31.73 4.58
C VAL A 125 -3.19 -31.88 5.63
N LYS A 126 -4.45 -31.98 5.18
CA LYS A 126 -5.57 -32.17 6.07
C LYS A 126 -5.71 -33.64 6.38
N LEU A 127 -6.20 -33.96 7.56
CA LEU A 127 -6.38 -35.34 7.94
C LEU A 127 -7.82 -35.78 8.07
N THR A 128 -8.71 -35.14 7.35
CA THR A 128 -10.12 -35.49 7.45
C THR A 128 -10.45 -36.96 7.11
N PRO A 129 -9.71 -37.68 6.24
CA PRO A 129 -9.96 -39.08 5.95
C PRO A 129 -9.76 -39.98 7.18
N LEU A 130 -9.17 -39.46 8.29
CA LEU A 130 -8.98 -40.26 9.51
C LEU A 130 -10.21 -40.31 10.39
N CYS A 131 -11.25 -39.56 10.08
CA CYS A 131 -12.40 -39.65 10.96
C CYS A 131 -13.24 -40.87 10.62
N VAL A 132 -12.74 -41.99 11.07
CA VAL A 132 -13.27 -43.31 10.78
C VAL A 132 -13.49 -44.05 12.04
N THR A 133 -14.18 -45.16 11.95
CA THR A 133 -14.27 -45.92 13.17
C THR A 133 -12.98 -46.70 13.29
N LEU A 134 -12.33 -46.56 14.43
CA LEU A 134 -11.09 -47.24 14.69
C LEU A 134 -11.41 -48.48 15.48
N GLN A 135 -10.84 -49.62 15.14
CA GLN A 135 -11.08 -50.78 15.97
C GLN A 135 -9.88 -50.83 16.86
N CYS A 136 -10.05 -50.84 18.17
CA CYS A 136 -8.83 -50.61 18.92
C CYS A 136 -8.71 -51.37 20.23
N THR A 137 -7.46 -51.79 20.53
CA THR A 137 -7.05 -52.50 21.76
C THR A 137 -5.86 -51.83 22.48
N ASN A 138 -5.48 -52.33 23.66
CA ASN A 138 -4.38 -51.74 24.42
C ASN A 138 -3.01 -52.30 24.06
N VAL A 139 -1.98 -51.47 24.28
CA VAL A 139 -0.61 -51.90 24.15
C VAL A 139 -0.17 -52.48 25.47
N THR A 140 0.22 -53.74 25.48
CA THR A 140 0.60 -54.43 26.71
C THR A 140 2.02 -55.01 26.69
N ASN A 141 2.81 -54.66 25.70
CA ASN A 141 4.14 -55.25 25.58
C ASN A 141 5.21 -54.53 26.35
N ASN A 142 5.70 -55.15 27.42
CA ASN A 142 6.74 -54.56 28.26
C ASN A 142 6.40 -53.16 28.70
N ILE A 143 5.19 -52.98 29.22
CA ILE A 143 4.78 -51.66 29.61
C ILE A 143 4.73 -51.53 31.12
N THR A 144 5.32 -50.44 31.59
CA THR A 144 5.43 -50.07 32.98
C THR A 144 4.05 -49.84 33.59
N ASP A 145 3.82 -50.29 34.81
CA ASP A 145 2.51 -50.05 35.38
C ASP A 145 2.38 -48.55 35.56
N ASP A 146 1.14 -48.09 35.62
CA ASP A 146 0.78 -46.66 35.68
C ASP A 146 1.06 -45.92 34.36
N MET A 147 1.41 -46.66 33.31
CA MET A 147 1.60 -46.17 31.95
C MET A 147 0.71 -47.07 31.13
N ARG A 148 0.28 -48.11 31.81
CA ARG A 148 -0.53 -49.13 31.20
C ARG A 148 -1.90 -48.53 31.01
N GLY A 149 -2.43 -48.68 29.83
CA GLY A 149 -3.72 -48.10 29.50
C GLY A 149 -3.58 -46.77 28.76
N GLU A 150 -2.37 -46.19 28.74
CA GLU A 150 -2.15 -44.92 28.05
C GLU A 150 -1.99 -45.05 26.56
N LEU A 151 -1.47 -46.17 26.08
CA LEU A 151 -1.27 -46.31 24.66
C LEU A 151 -2.18 -47.36 24.10
N LYS A 152 -2.75 -47.06 22.93
CA LYS A 152 -3.61 -48.00 22.27
C LYS A 152 -3.23 -48.27 20.84
N ASN A 153 -3.43 -49.51 20.46
CA ASN A 153 -3.14 -50.05 19.14
C ASN A 153 -4.39 -50.10 18.28
N CYS A 154 -4.54 -49.13 17.37
CA CYS A 154 -5.78 -49.06 16.62
C CYS A 154 -5.58 -49.37 15.17
N SER A 155 -6.59 -49.96 14.54
CA SER A 155 -6.51 -50.24 13.11
C SER A 155 -7.73 -49.74 12.36
N PHE A 156 -7.52 -49.38 11.12
CA PHE A 156 -8.59 -48.82 10.31
C PHE A 156 -8.40 -48.92 8.81
N ASN A 157 -9.50 -48.71 8.08
CA ASN A 157 -9.46 -48.68 6.62
C ASN A 157 -9.25 -47.27 6.10
N MET A 158 -8.06 -47.00 5.64
CA MET A 158 -7.64 -45.69 5.21
C MET A 158 -7.73 -45.57 3.70
N THR A 159 -7.89 -44.36 3.18
CA THR A 159 -7.92 -44.15 1.74
C THR A 159 -6.51 -44.29 1.24
N THR A 160 -6.33 -44.35 -0.06
CA THR A 160 -5.00 -44.44 -0.62
C THR A 160 -4.85 -43.61 -1.88
N GLU A 161 -3.80 -43.88 -2.64
CA GLU A 161 -3.49 -43.10 -3.84
C GLU A 161 -4.59 -43.14 -4.87
N LEU A 162 -5.22 -44.29 -5.04
CA LEU A 162 -6.27 -44.42 -6.00
C LEU A 162 -7.61 -44.42 -5.30
N ARG A 163 -8.59 -43.79 -5.92
CA ARG A 163 -9.94 -43.68 -5.41
C ARG A 163 -10.66 -45.01 -5.27
N ASP A 164 -10.22 -45.99 -6.02
CA ASP A 164 -10.83 -47.31 -6.03
C ASP A 164 -10.26 -48.25 -4.98
N LYS A 165 -9.24 -47.83 -4.24
CA LYS A 165 -8.62 -48.73 -3.30
C LYS A 165 -8.68 -48.26 -1.86
N LYS A 166 -8.60 -49.21 -0.95
CA LYS A 166 -8.54 -48.93 0.48
C LYS A 166 -7.40 -49.74 1.04
N GLN A 167 -6.82 -49.29 2.14
CA GLN A 167 -5.75 -50.03 2.75
C GLN A 167 -5.96 -50.20 4.23
N LYS A 168 -5.51 -51.31 4.78
CA LYS A 168 -5.61 -51.53 6.21
C LYS A 168 -4.34 -51.11 6.88
N VAL A 169 -4.45 -50.17 7.78
CA VAL A 169 -3.28 -49.67 8.45
C VAL A 169 -3.50 -49.68 9.93
N TYR A 170 -2.44 -49.56 10.70
CA TYR A 170 -2.60 -49.45 12.12
C TYR A 170 -1.57 -48.48 12.64
N SER A 171 -1.86 -47.91 13.78
CA SER A 171 -0.96 -46.98 14.43
C SER A 171 -1.21 -46.87 15.91
N LEU A 172 -0.27 -46.25 16.62
CA LEU A 172 -0.52 -46.07 18.04
C LEU A 172 -1.02 -44.69 18.36
N PHE A 173 -1.96 -44.63 19.29
CA PHE A 173 -2.51 -43.39 19.78
C PHE A 173 -2.45 -43.30 21.29
N TYR A 174 -2.36 -42.08 21.77
CA TYR A 174 -2.42 -41.84 23.20
C TYR A 174 -3.87 -41.80 23.61
N ARG A 175 -4.15 -42.27 24.82
CA ARG A 175 -5.49 -42.29 25.35
C ARG A 175 -6.20 -40.97 25.27
N LEU A 176 -5.50 -39.87 25.45
CA LEU A 176 -6.13 -38.56 25.49
C LEU A 176 -6.63 -38.08 24.14
N ASP A 177 -6.24 -38.73 23.06
CA ASP A 177 -6.66 -38.31 21.73
C ASP A 177 -7.84 -39.10 21.18
N VAL A 178 -8.38 -40.07 21.93
CA VAL A 178 -9.50 -40.84 21.39
C VAL A 178 -10.66 -40.91 22.35
N VAL A 179 -11.85 -41.20 21.83
CA VAL A 179 -13.00 -41.42 22.69
C VAL A 179 -13.68 -42.70 22.29
N GLN A 180 -14.27 -43.40 23.23
CA GLN A 180 -14.98 -44.61 22.89
C GLN A 180 -16.35 -44.28 22.39
N ILE A 181 -16.78 -44.91 21.31
CA ILE A 181 -18.13 -44.66 20.83
C ILE A 181 -19.04 -45.80 21.18
N ASN A 182 -18.55 -47.03 21.12
CA ASN A 182 -19.46 -48.14 21.40
C ASN A 182 -19.53 -48.42 22.88
N GLU A 183 -20.20 -47.53 23.57
CA GLU A 183 -20.32 -47.60 25.01
C GLU A 183 -20.82 -48.98 25.41
N ASN A 193 -12.20 -56.11 20.95
CA ASN A 193 -11.82 -54.75 20.60
C ASN A 193 -13.04 -53.85 20.65
N LYS A 194 -12.82 -52.56 20.86
CA LYS A 194 -13.95 -51.64 20.93
C LYS A 194 -13.80 -50.56 19.90
N GLU A 195 -14.92 -50.06 19.42
CA GLU A 195 -14.90 -48.95 18.51
C GLU A 195 -14.62 -47.62 19.19
N TYR A 196 -13.70 -46.88 18.58
CA TYR A 196 -13.23 -45.56 18.97
C TYR A 196 -13.21 -44.58 17.81
N ARG A 197 -13.20 -43.31 18.13
CA ARG A 197 -13.00 -42.31 17.11
C ARG A 197 -12.03 -41.28 17.60
N LEU A 198 -11.46 -40.49 16.72
CA LEU A 198 -10.57 -39.44 17.20
C LEU A 198 -11.43 -38.43 17.91
N ILE A 199 -10.89 -37.88 18.97
CA ILE A 199 -11.63 -36.94 19.79
C ILE A 199 -12.21 -35.72 19.10
N ASN A 200 -11.59 -35.22 18.05
CA ASN A 200 -12.18 -34.02 17.42
C ASN A 200 -13.06 -34.28 16.21
N CYS A 201 -13.39 -35.51 15.90
CA CYS A 201 -14.19 -35.66 14.70
C CYS A 201 -15.60 -35.14 14.78
N ASN A 202 -16.15 -34.88 15.96
CA ASN A 202 -17.49 -34.32 15.98
C ASN A 202 -17.47 -32.81 16.18
N THR A 203 -16.28 -32.19 16.24
CA THR A 203 -16.27 -30.74 16.47
C THR A 203 -15.39 -29.90 15.55
N SER A 204 -14.34 -30.48 14.96
CA SER A 204 -13.41 -29.63 14.22
C SER A 204 -12.64 -30.34 13.12
N ALA A 205 -12.01 -29.56 12.25
CA ALA A 205 -11.16 -30.16 11.24
C ALA A 205 -9.79 -30.39 11.83
N ILE A 206 -9.12 -31.45 11.42
CA ILE A 206 -7.77 -31.71 11.92
C ILE A 206 -6.76 -31.54 10.81
N THR A 207 -5.76 -30.68 11.03
CA THR A 207 -4.69 -30.42 10.07
C THR A 207 -3.36 -30.93 10.58
N GLN A 208 -2.61 -31.66 9.77
CA GLN A 208 -1.32 -32.16 10.23
C GLN A 208 -0.32 -31.06 10.16
N ALA A 209 0.46 -30.86 11.20
CA ALA A 209 1.48 -29.84 11.10
C ALA A 209 2.51 -30.31 10.11
N CYS A 210 3.04 -29.40 9.32
CA CYS A 210 4.08 -29.79 8.39
C CYS A 210 5.31 -30.24 9.19
N PRO A 211 5.90 -31.41 8.92
CA PRO A 211 7.03 -32.00 9.62
C PRO A 211 8.31 -31.22 9.48
N LYS A 212 8.36 -30.36 8.49
CA LYS A 212 9.54 -29.56 8.20
C LYS A 212 9.53 -28.21 8.92
N VAL A 213 8.45 -27.91 9.62
CA VAL A 213 8.32 -26.62 10.28
C VAL A 213 8.70 -26.68 11.74
N SER A 214 9.57 -25.79 12.14
CA SER A 214 10.06 -25.72 13.51
C SER A 214 9.23 -24.88 14.44
N PHE A 215 9.10 -25.34 15.69
CA PHE A 215 8.38 -24.59 16.70
C PHE A 215 9.33 -23.92 17.68
N GLU A 216 10.60 -23.88 17.35
CA GLU A 216 11.57 -23.27 18.23
C GLU A 216 11.23 -21.79 18.43
N PRO A 217 11.15 -21.27 19.66
CA PRO A 217 10.79 -19.91 19.97
C PRO A 217 11.92 -18.93 19.74
N ILE A 218 12.26 -18.75 18.49
CA ILE A 218 13.30 -17.82 18.09
C ILE A 218 12.78 -16.42 18.35
N PRO A 219 13.49 -15.56 19.09
CA PRO A 219 13.07 -14.25 19.49
C PRO A 219 12.98 -13.25 18.40
N ILE A 220 12.08 -12.29 18.59
CA ILE A 220 11.98 -11.17 17.69
C ILE A 220 12.07 -9.88 18.47
N HIS A 221 12.34 -8.79 17.78
CA HIS A 221 12.43 -7.50 18.41
C HIS A 221 11.32 -6.62 17.87
N TYR A 222 10.65 -5.85 18.70
CA TYR A 222 9.67 -4.93 18.12
C TYR A 222 10.29 -3.59 17.92
N CYS A 223 10.01 -2.98 16.79
CA CYS A 223 10.59 -1.68 16.48
C CYS A 223 9.54 -0.65 16.10
N ALA A 224 9.75 0.57 16.57
CA ALA A 224 8.84 1.66 16.26
C ALA A 224 9.08 2.19 14.84
N PRO A 225 8.04 2.66 14.15
CA PRO A 225 8.07 3.32 12.86
C PRO A 225 8.56 4.75 12.99
N ALA A 226 8.94 5.37 11.88
CA ALA A 226 9.38 6.75 11.95
C ALA A 226 8.27 7.62 12.55
N GLY A 227 8.68 8.54 13.42
CA GLY A 227 7.75 9.45 14.10
C GLY A 227 7.40 8.98 15.51
N PHE A 228 7.82 7.77 15.84
CA PHE A 228 7.60 7.14 17.14
C PHE A 228 8.87 6.74 17.85
N ALA A 229 8.76 6.57 19.15
CA ALA A 229 9.89 6.13 19.95
C ALA A 229 9.41 5.21 21.05
N ILE A 230 10.27 4.30 21.50
CA ILE A 230 9.87 3.45 22.59
C ILE A 230 10.61 3.83 23.85
N LEU A 231 9.88 4.13 24.89
CA LEU A 231 10.52 4.51 26.12
C LEU A 231 10.66 3.27 26.95
N LYS A 232 11.74 3.17 27.69
CA LYS A 232 11.96 2.03 28.54
C LYS A 232 12.30 2.40 29.96
N CYS A 233 11.77 1.65 30.92
CA CYS A 233 12.18 1.83 32.31
C CYS A 233 13.47 1.13 32.62
N LYS A 234 14.29 1.79 33.42
CA LYS A 234 15.50 1.17 33.89
C LYS A 234 15.41 0.83 35.37
N ASP A 235 14.37 1.32 36.04
CA ASP A 235 14.27 1.14 37.48
C ASP A 235 14.14 -0.33 37.80
N LYS A 236 15.12 -0.83 38.53
CA LYS A 236 15.26 -2.23 38.83
C LYS A 236 14.17 -2.78 39.75
N LYS A 237 13.42 -1.89 40.41
CA LYS A 237 12.33 -2.31 41.28
C LYS A 237 10.96 -1.92 40.74
N PHE A 238 10.87 -1.52 39.48
CA PHE A 238 9.58 -1.10 38.97
C PHE A 238 8.55 -2.22 39.04
N ASN A 239 7.36 -1.92 39.59
CA ASN A 239 6.35 -2.94 39.80
C ASN A 239 5.23 -2.91 38.77
N GLY A 240 5.46 -2.24 37.66
CA GLY A 240 4.51 -2.23 36.56
C GLY A 240 3.64 -0.99 36.38
N THR A 241 3.45 -0.20 37.42
CA THR A 241 2.65 1.00 37.25
C THR A 241 3.25 2.22 37.92
N GLY A 242 2.84 3.38 37.45
CA GLY A 242 3.19 4.63 38.11
C GLY A 242 4.48 5.21 37.57
N PRO A 243 4.99 6.26 38.22
CA PRO A 243 6.17 6.97 37.84
C PRO A 243 7.35 6.05 37.80
N CYS A 244 8.18 6.26 36.81
CA CYS A 244 9.40 5.55 36.56
C CYS A 244 10.52 6.58 36.46
N PRO A 245 11.30 6.81 37.53
CA PRO A 245 12.36 7.80 37.67
C PRO A 245 13.51 7.73 36.68
N SER A 246 13.74 6.58 36.06
CA SER A 246 14.83 6.51 35.11
C SER A 246 14.38 5.89 33.83
N VAL A 247 14.38 6.71 32.80
CA VAL A 247 13.85 6.38 31.50
C VAL A 247 14.87 6.59 30.43
N SER A 248 14.89 5.70 29.46
CA SER A 248 15.77 5.84 28.32
C SER A 248 15.02 5.48 27.05
N THR A 249 15.57 5.83 25.90
CA THR A 249 14.85 5.51 24.69
C THR A 249 15.54 4.51 23.82
N VAL A 250 14.76 3.68 23.17
CA VAL A 250 15.26 2.74 22.21
C VAL A 250 14.42 2.81 20.94
N GLN A 251 14.93 2.29 19.83
CA GLN A 251 14.07 2.21 18.66
C GLN A 251 13.43 0.83 18.63
N CYS A 252 14.18 -0.15 19.13
CA CYS A 252 13.76 -1.55 19.16
C CYS A 252 13.87 -2.14 20.55
N THR A 253 12.98 -3.09 20.87
CA THR A 253 12.98 -3.78 22.15
C THR A 253 14.03 -4.86 22.17
N HIS A 254 14.26 -5.43 23.33
CA HIS A 254 15.15 -6.57 23.45
C HIS A 254 14.48 -7.71 22.74
N GLY A 255 15.22 -8.77 22.43
CA GLY A 255 14.55 -9.87 21.76
C GLY A 255 13.65 -10.59 22.73
N ILE A 256 12.45 -10.90 22.29
CA ILE A 256 11.49 -11.61 23.11
C ILE A 256 11.10 -12.92 22.50
N LYS A 257 11.24 -13.99 23.28
CA LYS A 257 10.92 -15.32 22.80
C LYS A 257 9.44 -15.63 22.97
N PRO A 258 8.71 -16.04 21.93
CA PRO A 258 7.30 -16.35 21.96
C PRO A 258 7.06 -17.73 22.57
N VAL A 259 7.41 -17.87 23.84
CA VAL A 259 7.28 -19.11 24.57
C VAL A 259 5.87 -19.25 25.08
N VAL A 260 5.28 -20.42 24.91
CA VAL A 260 3.94 -20.66 25.40
C VAL A 260 3.94 -21.68 26.52
N SER A 261 3.34 -21.30 27.64
CA SER A 261 3.24 -22.13 28.83
C SER A 261 2.04 -21.70 29.66
N THR A 262 1.77 -22.40 30.77
CA THR A 262 0.64 -22.08 31.61
C THR A 262 1.04 -21.71 33.03
N GLN A 263 1.13 -22.69 33.90
CA GLN A 263 1.42 -22.40 35.30
C GLN A 263 2.81 -21.85 35.56
N LEU A 264 3.82 -22.32 34.84
CA LEU A 264 5.15 -21.78 35.07
C LEU A 264 5.65 -21.15 33.79
N LEU A 265 6.47 -20.14 33.93
CA LEU A 265 7.06 -19.45 32.79
C LEU A 265 8.45 -20.02 32.62
N LEU A 266 8.67 -20.71 31.50
CA LEU A 266 9.89 -21.49 31.28
C LEU A 266 11.14 -20.92 30.65
N ASN A 267 11.14 -19.77 30.02
CA ASN A 267 12.40 -19.33 29.42
C ASN A 267 12.44 -17.82 29.24
N GLY A 268 12.04 -17.04 30.24
CA GLY A 268 12.03 -15.59 30.08
C GLY A 268 13.18 -14.88 30.77
N SER A 269 12.95 -13.63 31.13
CA SER A 269 13.97 -12.83 31.80
C SER A 269 13.89 -12.99 33.30
N LEU A 270 15.01 -12.82 33.97
CA LEU A 270 15.07 -12.84 35.42
C LEU A 270 15.15 -11.45 35.97
N ALA A 271 14.67 -11.28 37.20
CA ALA A 271 14.79 -10.00 37.86
C ALA A 271 16.27 -9.78 38.17
N GLU A 272 16.76 -8.57 38.01
CA GLU A 272 18.16 -8.29 38.31
C GLU A 272 18.55 -8.32 39.78
N GLU A 273 17.67 -7.85 40.63
CA GLU A 273 17.99 -7.77 42.04
C GLU A 273 17.02 -8.57 42.90
N GLU A 274 15.91 -7.97 43.26
CA GLU A 274 14.92 -8.59 44.14
C GLU A 274 13.87 -9.36 43.36
N VAL A 275 13.22 -10.32 44.02
CA VAL A 275 12.10 -11.03 43.43
C VAL A 275 10.93 -10.08 43.31
N MET A 276 10.32 -10.03 42.15
CA MET A 276 9.24 -9.08 41.96
C MET A 276 7.87 -9.67 41.86
N ILE A 277 6.94 -9.05 42.56
CA ILE A 277 5.56 -9.48 42.51
C ILE A 277 4.74 -8.41 41.90
N ARG A 278 4.08 -8.71 40.80
CA ARG A 278 3.30 -7.69 40.13
C ARG A 278 1.86 -8.12 39.93
N SER A 279 0.95 -7.20 40.11
CA SER A 279 -0.46 -7.51 39.88
C SER A 279 -1.21 -6.26 39.58
N GLU A 280 -2.30 -6.41 38.87
CA GLU A 280 -3.17 -5.29 38.61
C GLU A 280 -3.73 -4.75 39.92
N ASN A 281 -4.03 -5.64 40.88
CA ASN A 281 -4.64 -5.19 42.12
C ASN A 281 -4.03 -5.78 43.39
N ILE A 282 -3.61 -7.07 43.39
CA ILE A 282 -3.24 -7.82 44.61
C ILE A 282 -4.45 -8.14 45.50
N THR A 283 -5.19 -7.11 45.88
CA THR A 283 -6.37 -7.14 46.74
C THR A 283 -7.55 -7.90 46.10
N ASN A 284 -7.72 -7.74 44.80
CA ASN A 284 -8.81 -8.36 44.08
C ASN A 284 -8.51 -9.83 43.80
N ASN A 285 -9.36 -10.72 44.29
CA ASN A 285 -9.10 -12.16 44.16
C ASN A 285 -9.37 -12.67 42.75
N ALA A 286 -9.92 -11.81 41.90
CA ALA A 286 -10.20 -12.17 40.53
C ALA A 286 -9.00 -11.89 39.62
N LYS A 287 -7.94 -11.32 40.17
CA LYS A 287 -6.78 -10.97 39.36
C LYS A 287 -5.60 -11.88 39.57
N ASN A 288 -4.74 -11.94 38.56
CA ASN A 288 -3.55 -12.75 38.65
C ASN A 288 -2.40 -12.00 39.28
N ILE A 289 -1.48 -12.77 39.86
CA ILE A 289 -0.24 -12.26 40.37
C ILE A 289 0.89 -12.88 39.58
N LEU A 290 1.73 -12.04 39.01
CA LEU A 290 2.86 -12.55 38.25
C LEU A 290 4.10 -12.47 39.10
N VAL A 291 4.75 -13.58 39.31
CA VAL A 291 5.93 -13.55 40.16
C VAL A 291 7.18 -13.82 39.35
N GLN A 292 8.10 -12.87 39.36
CA GLN A 292 9.34 -12.99 38.60
C GLN A 292 10.50 -13.34 39.51
N PHE A 293 11.17 -14.43 39.20
CA PHE A 293 12.28 -14.93 40.00
C PHE A 293 13.52 -14.15 39.68
N ASN A 294 14.43 -14.05 40.64
CA ASN A 294 15.72 -13.40 40.39
C ASN A 294 16.85 -14.40 40.20
N THR A 295 16.49 -15.66 40.02
CA THR A 295 17.43 -16.74 39.79
C THR A 295 16.62 -17.78 39.03
N PRO A 296 17.18 -18.55 38.10
CA PRO A 296 16.46 -19.57 37.39
C PRO A 296 16.30 -20.80 38.24
N VAL A 297 15.29 -21.59 37.96
CA VAL A 297 15.22 -22.91 38.58
C VAL A 297 15.37 -23.90 37.46
N GLN A 298 16.33 -24.80 37.54
CA GLN A 298 16.50 -25.69 36.42
C GLN A 298 15.54 -26.86 36.44
N ILE A 299 14.93 -27.10 35.28
CA ILE A 299 14.00 -28.21 35.05
C ILE A 299 14.43 -29.06 33.86
N ASN A 300 14.46 -30.39 34.08
CA ASN A 300 14.87 -31.35 33.05
C ASN A 300 13.74 -32.29 32.68
N CYS A 301 13.25 -32.19 31.45
CA CYS A 301 12.12 -33.02 31.04
C CYS A 301 12.51 -34.07 30.02
N THR A 302 11.86 -35.21 30.10
CA THR A 302 12.12 -36.28 29.16
C THR A 302 10.92 -37.13 28.74
N ARG A 303 11.03 -37.67 27.54
CA ARG A 303 10.10 -38.63 26.99
C ARG A 303 10.90 -39.86 26.63
N PRO A 304 11.14 -40.76 27.59
CA PRO A 304 12.05 -41.89 27.52
C PRO A 304 11.48 -43.08 26.79
N ASN A 305 11.06 -42.90 25.56
CA ASN A 305 10.50 -43.97 24.75
C ASN A 305 11.04 -43.86 23.37
N ASN A 306 11.76 -44.85 22.90
CA ASN A 306 12.35 -44.75 21.59
C ASN A 306 11.31 -45.12 20.53
N ASN A 307 10.78 -44.11 19.85
CA ASN A 307 9.69 -44.39 18.92
C ASN A 307 10.13 -44.45 17.49
N THR A 308 9.33 -45.15 16.69
CA THR A 308 9.53 -45.15 15.26
C THR A 308 8.46 -44.32 14.62
N ARG A 309 8.67 -43.96 13.36
CA ARG A 309 7.68 -43.21 12.63
C ARG A 309 7.55 -43.76 11.24
N LYS A 310 6.33 -43.82 10.75
CA LYS A 310 6.11 -44.29 9.40
C LYS A 310 5.13 -43.40 8.67
N SER A 311 5.26 -43.31 7.36
CA SER A 311 4.29 -42.51 6.65
C SER A 311 3.32 -43.40 5.92
N ILE A 312 2.10 -42.92 5.83
CA ILE A 312 1.04 -43.58 5.10
C ILE A 312 0.56 -42.69 3.99
N ARG A 313 0.57 -43.18 2.76
CA ARG A 313 0.07 -42.33 1.70
C ARG A 313 -1.43 -42.37 1.79
N ILE A 314 -2.06 -41.20 1.76
CA ILE A 314 -3.51 -41.14 1.90
C ILE A 314 -4.19 -40.65 0.64
N GLY A 315 -3.40 -40.08 -0.26
CA GLY A 315 -3.93 -39.61 -1.52
C GLY A 315 -2.78 -39.03 -2.33
N PRO A 316 -3.00 -38.60 -3.56
CA PRO A 316 -1.95 -38.07 -4.40
C PRO A 316 -1.27 -36.90 -3.76
N GLY A 317 0.03 -37.02 -3.54
CA GLY A 317 0.81 -35.93 -2.95
C GLY A 317 0.63 -35.79 -1.44
N GLN A 318 -0.11 -36.71 -0.81
CA GLN A 318 -0.37 -36.56 0.61
C GLN A 318 -0.04 -37.75 1.45
N ALA A 319 0.53 -37.48 2.63
CA ALA A 319 0.82 -38.54 3.57
C ALA A 319 0.65 -38.10 4.99
N PHE A 320 0.26 -39.07 5.79
CA PHE A 320 0.03 -38.99 7.20
C PHE A 320 1.15 -39.64 7.98
N TYR A 321 1.59 -38.99 9.04
CA TYR A 321 2.65 -39.58 9.85
C TYR A 321 2.11 -40.25 11.07
N ALA A 322 2.36 -41.53 11.15
CA ALA A 322 1.83 -42.33 12.23
C ALA A 322 2.89 -42.81 13.17
N THR A 323 2.51 -42.94 14.45
CA THR A 323 3.41 -43.55 15.41
C THR A 323 3.50 -44.99 15.00
N GLY A 324 4.71 -45.51 14.88
CA GLY A 324 4.89 -46.87 14.43
C GLY A 324 4.84 -47.86 15.56
N ASP A 325 5.97 -48.07 16.21
CA ASP A 325 6.03 -48.98 17.34
C ASP A 325 7.08 -48.48 18.33
N ILE A 326 7.26 -49.19 19.42
CA ILE A 326 8.18 -48.74 20.44
C ILE A 326 9.36 -49.67 20.54
N ILE A 327 10.55 -49.10 20.52
CA ILE A 327 11.75 -49.87 20.65
C ILE A 327 12.14 -49.83 22.12
N GLY A 328 12.22 -51.00 22.73
CA GLY A 328 12.53 -51.07 24.14
C GLY A 328 11.27 -50.98 24.96
N ASP A 329 11.44 -50.84 26.27
CA ASP A 329 10.33 -50.84 27.22
C ASP A 329 9.57 -49.54 27.13
N ILE A 330 8.30 -49.57 27.55
CA ILE A 330 7.49 -48.37 27.57
C ILE A 330 7.45 -47.75 28.97
N ARG A 331 7.85 -46.47 29.03
CA ARG A 331 7.97 -45.71 30.27
C ARG A 331 7.20 -44.39 30.28
N GLN A 332 6.91 -43.92 31.48
CA GLN A 332 6.19 -42.66 31.67
C GLN A 332 7.07 -41.43 31.48
N ALA A 333 6.55 -40.44 30.76
CA ALA A 333 7.23 -39.15 30.55
C ALA A 333 7.23 -38.38 31.85
N HIS A 334 8.29 -37.62 32.10
CA HIS A 334 8.37 -36.86 33.35
C HIS A 334 9.32 -35.69 33.33
N CYS A 335 9.18 -34.80 34.33
CA CYS A 335 10.10 -33.69 34.53
C CYS A 335 10.67 -33.63 35.93
N ASN A 336 11.97 -33.32 36.02
CA ASN A 336 12.64 -33.17 37.31
C ASN A 336 12.99 -31.73 37.63
N VAL A 337 12.65 -31.30 38.83
CA VAL A 337 12.98 -29.98 39.32
C VAL A 337 13.90 -30.10 40.51
N SER A 338 15.03 -29.40 40.52
CA SER A 338 15.92 -29.55 41.68
C SER A 338 15.20 -29.20 42.97
N LYS A 339 15.28 -30.07 43.98
CA LYS A 339 14.51 -29.79 45.19
C LYS A 339 15.01 -28.63 46.01
N ALA A 340 16.32 -28.54 46.23
CA ALA A 340 16.79 -27.46 47.09
C ALA A 340 16.54 -26.10 46.48
N THR A 341 16.70 -26.00 45.17
CA THR A 341 16.52 -24.73 44.52
C THR A 341 15.07 -24.33 44.64
N TRP A 342 14.15 -25.27 44.42
CA TRP A 342 12.75 -24.92 44.50
C TRP A 342 12.42 -24.42 45.89
N ASN A 343 12.93 -25.08 46.91
CA ASN A 343 12.63 -24.67 48.27
C ASN A 343 13.12 -23.25 48.56
N GLU A 344 14.34 -22.93 48.13
CA GLU A 344 14.83 -21.58 48.37
C GLU A 344 14.04 -20.56 47.61
N THR A 345 13.65 -20.90 46.40
CA THR A 345 12.94 -19.98 45.55
C THR A 345 11.59 -19.63 46.17
N LEU A 346 10.87 -20.62 46.70
CA LEU A 346 9.62 -20.26 47.33
C LEU A 346 9.86 -19.42 48.55
N GLY A 347 10.90 -19.70 49.33
CA GLY A 347 11.10 -18.90 50.52
C GLY A 347 11.24 -17.42 50.16
N LYS A 348 11.93 -17.12 49.06
CA LYS A 348 12.07 -15.74 48.64
C LYS A 348 10.73 -15.14 48.23
N VAL A 349 9.90 -15.93 47.53
CA VAL A 349 8.61 -15.43 47.10
C VAL A 349 7.73 -15.13 48.30
N VAL A 350 7.74 -15.99 49.29
CA VAL A 350 6.92 -15.76 50.46
C VAL A 350 7.34 -14.52 51.21
N LYS A 351 8.64 -14.30 51.40
CA LYS A 351 9.01 -13.09 52.11
C LYS A 351 8.46 -11.86 51.42
N GLN A 352 8.43 -11.84 50.09
CA GLN A 352 7.90 -10.67 49.42
C GLN A 352 6.36 -10.67 49.42
N LEU A 353 5.69 -11.82 49.34
CA LEU A 353 4.22 -11.79 49.36
C LEU A 353 3.71 -11.23 50.65
N ARG A 354 4.37 -11.53 51.75
CA ARG A 354 3.91 -11.06 53.05
C ARG A 354 3.79 -9.55 53.13
N LYS A 355 4.53 -8.81 52.32
CA LYS A 355 4.46 -7.35 52.41
C LYS A 355 3.06 -6.81 52.13
N HIS A 356 2.24 -7.59 51.43
CA HIS A 356 0.90 -7.16 51.11
C HIS A 356 -0.17 -7.80 51.97
N PHE A 357 0.20 -8.75 52.83
CA PHE A 357 -0.82 -9.48 53.57
C PHE A 357 -0.71 -9.36 55.09
N GLY A 358 0.44 -8.90 55.59
CA GLY A 358 0.63 -8.76 57.03
C GLY A 358 1.85 -9.50 57.57
N ASN A 359 2.45 -8.93 58.61
CA ASN A 359 3.70 -9.47 59.17
C ASN A 359 3.59 -10.87 59.73
N ASN A 360 2.44 -11.24 60.25
CA ASN A 360 2.30 -12.57 60.81
C ASN A 360 1.32 -13.42 60.04
N THR A 361 1.05 -13.04 58.79
CA THR A 361 0.13 -13.78 57.98
C THR A 361 0.80 -15.04 57.44
N ILE A 362 0.09 -16.15 57.52
CA ILE A 362 0.57 -17.43 57.03
C ILE A 362 0.28 -17.62 55.57
N ILE A 363 1.28 -18.04 54.81
CA ILE A 363 1.08 -18.27 53.40
C ILE A 363 1.19 -19.72 53.04
N ARG A 364 0.15 -20.21 52.41
CA ARG A 364 0.09 -21.59 52.00
C ARG A 364 -0.01 -21.75 50.50
N PHE A 365 0.70 -22.73 49.99
CA PHE A 365 0.59 -23.05 48.58
C PHE A 365 -0.14 -24.35 48.44
N ALA A 366 -1.00 -24.40 47.44
CA ALA A 366 -1.79 -25.57 47.14
C ALA A 366 -1.84 -25.74 45.65
N ASN A 367 -2.22 -26.92 45.17
CA ASN A 367 -2.23 -27.18 43.74
C ASN A 367 -3.47 -26.61 43.08
N SER A 368 -3.57 -26.79 41.77
CA SER A 368 -4.66 -26.25 41.00
C SER A 368 -6.00 -26.92 41.23
N SER A 369 -7.04 -26.22 40.81
CA SER A 369 -8.43 -26.67 40.86
C SER A 369 -8.69 -27.62 39.72
N GLY A 370 -9.85 -28.29 39.72
CA GLY A 370 -10.14 -29.23 38.64
C GLY A 370 -10.51 -28.54 37.34
N GLY A 371 -10.56 -29.30 36.25
CA GLY A 371 -10.86 -28.78 34.93
C GLY A 371 -10.02 -29.50 33.88
N ASP A 372 -10.03 -28.95 32.66
CA ASP A 372 -9.30 -29.51 31.52
C ASP A 372 -7.79 -29.43 31.73
N LEU A 373 -7.04 -30.34 31.11
CA LEU A 373 -5.58 -30.32 31.29
C LEU A 373 -4.99 -28.99 30.86
N GLU A 374 -5.57 -28.41 29.85
CA GLU A 374 -5.12 -27.15 29.32
C GLU A 374 -5.13 -26.00 30.36
N VAL A 375 -5.91 -26.13 31.42
CA VAL A 375 -5.97 -25.11 32.46
C VAL A 375 -5.55 -25.60 33.86
N THR A 376 -5.41 -26.92 34.07
CA THR A 376 -5.04 -27.43 35.39
C THR A 376 -3.60 -27.90 35.49
N THR A 377 -2.96 -28.16 34.35
CA THR A 377 -1.58 -28.65 34.32
C THR A 377 -0.61 -27.64 33.76
N HIS A 378 0.66 -27.97 33.89
CA HIS A 378 1.70 -27.14 33.30
C HIS A 378 1.99 -27.66 31.93
N SER A 379 1.68 -26.88 30.91
CA SER A 379 1.88 -27.39 29.59
C SER A 379 2.97 -26.68 28.86
N PHE A 380 3.61 -27.40 27.96
CA PHE A 380 4.64 -26.79 27.14
C PHE A 380 4.94 -27.58 25.89
N ASN A 381 5.52 -26.90 24.92
CA ASN A 381 5.97 -27.51 23.69
C ASN A 381 7.46 -27.65 23.66
N CYS A 382 7.97 -28.86 23.77
CA CYS A 382 9.42 -28.97 23.76
C CYS A 382 9.88 -30.18 22.99
N GLY A 383 10.75 -29.92 22.03
CA GLY A 383 11.30 -30.97 21.19
C GLY A 383 10.29 -31.32 20.11
N GLY A 384 9.19 -30.57 20.08
CA GLY A 384 8.08 -30.78 19.19
C GLY A 384 6.92 -31.53 19.85
N GLU A 385 7.10 -32.03 21.09
CA GLU A 385 6.00 -32.72 21.75
C GLU A 385 5.25 -31.83 22.70
N PHE A 386 3.98 -32.13 22.89
CA PHE A 386 3.14 -31.36 23.80
C PHE A 386 2.89 -32.08 25.09
N PHE A 387 3.51 -31.56 26.13
CA PHE A 387 3.47 -32.15 27.46
C PHE A 387 2.47 -31.45 28.34
N TYR A 388 1.79 -32.22 29.18
CA TYR A 388 0.87 -31.74 30.20
C TYR A 388 1.29 -32.30 31.54
N CYS A 389 2.03 -31.53 32.33
CA CYS A 389 2.62 -32.08 33.55
C CYS A 389 1.86 -31.73 34.81
N ASN A 390 1.86 -32.66 35.74
CA ASN A 390 1.22 -32.54 37.04
C ASN A 390 2.15 -31.83 38.02
N THR A 391 1.77 -30.64 38.43
CA THR A 391 2.59 -29.76 39.26
C THR A 391 2.29 -29.80 40.74
N SER A 392 1.47 -30.72 41.21
CA SER A 392 1.12 -30.67 42.62
C SER A 392 2.31 -30.86 43.53
N GLY A 393 3.36 -31.51 43.09
CA GLY A 393 4.54 -31.73 43.92
C GLY A 393 5.30 -30.45 44.21
N LEU A 394 5.01 -29.38 43.45
CA LEU A 394 5.68 -28.12 43.64
C LEU A 394 4.92 -27.14 44.53
N PHE A 395 3.65 -27.41 44.82
CA PHE A 395 2.81 -26.49 45.57
C PHE A 395 2.13 -27.22 46.69
N ASN A 396 2.90 -27.51 47.71
CA ASN A 396 2.45 -28.34 48.81
C ASN A 396 3.11 -27.92 50.11
N SER A 397 2.88 -26.69 50.55
CA SER A 397 3.54 -26.26 51.78
C SER A 397 2.86 -25.11 52.49
N THR A 398 3.13 -24.98 53.79
CA THR A 398 2.64 -23.85 54.56
C THR A 398 3.81 -23.15 55.20
N TRP A 399 3.89 -21.84 54.97
CA TRP A 399 4.95 -21.01 55.46
C TRP A 399 4.53 -20.20 56.68
N ILE A 400 5.17 -20.50 57.79
CA ILE A 400 4.87 -19.96 59.10
C ILE A 400 5.73 -18.74 59.42
N SER A 401 5.11 -17.74 60.04
CA SER A 401 5.81 -16.53 60.46
C SER A 401 6.88 -16.87 61.46
N ASN A 402 8.03 -16.22 61.37
CA ASN A 402 9.11 -16.46 62.30
C ASN A 402 9.31 -17.96 62.52
N ASN A 414 21.87 -34.26 47.30
CA ASN A 414 21.00 -33.68 46.30
C ASN A 414 19.73 -34.50 46.16
N ASP A 415 18.64 -33.86 45.74
CA ASP A 415 17.38 -34.55 45.58
C ASP A 415 16.55 -33.87 44.50
N SER A 416 15.39 -34.42 44.22
CA SER A 416 14.54 -33.83 43.19
C SER A 416 13.06 -34.09 43.36
N ILE A 417 12.28 -33.24 42.72
CA ILE A 417 10.85 -33.40 42.69
C ILE A 417 10.49 -33.90 41.32
N THR A 418 9.81 -35.05 41.25
CA THR A 418 9.47 -35.61 39.94
C THR A 418 8.02 -35.35 39.63
N LEU A 419 7.78 -34.76 38.49
CA LEU A 419 6.46 -34.45 38.02
C LEU A 419 6.11 -35.42 36.88
N PRO A 420 5.10 -36.27 36.98
CA PRO A 420 4.72 -37.16 35.92
C PRO A 420 4.06 -36.30 34.86
N CYS A 421 4.17 -36.69 33.60
CA CYS A 421 3.53 -35.94 32.53
C CYS A 421 2.71 -36.78 31.55
N ARG A 422 1.71 -36.16 30.95
CA ARG A 422 0.93 -36.77 29.89
C ARG A 422 1.24 -36.13 28.56
N ILE A 423 1.04 -36.85 27.47
CA ILE A 423 1.31 -36.32 26.13
C ILE A 423 0.11 -36.39 25.21
N LYS A 424 -0.14 -35.32 24.45
CA LYS A 424 -1.25 -35.32 23.49
C LYS A 424 -0.79 -34.99 22.09
N GLN A 425 -1.39 -35.58 21.07
CA GLN A 425 -1.09 -35.20 19.70
C GLN A 425 -2.12 -34.28 19.08
N ILE A 426 -3.35 -34.23 19.59
CA ILE A 426 -4.32 -33.34 18.97
C ILE A 426 -4.48 -32.09 19.83
N ILE A 427 -4.02 -30.97 19.30
CA ILE A 427 -3.91 -29.73 20.04
C ILE A 427 -4.78 -28.56 19.61
N ASN A 428 -5.54 -28.00 20.57
CA ASN A 428 -6.33 -26.78 20.32
C ASN A 428 -5.45 -25.64 20.83
N MET A 429 -4.54 -25.20 19.99
CA MET A 429 -3.43 -24.35 20.43
C MET A 429 -3.75 -23.04 21.11
N TRP A 430 -4.71 -22.29 20.61
CA TRP A 430 -4.95 -20.99 21.21
C TRP A 430 -6.23 -20.90 21.99
N GLN A 431 -6.74 -22.04 22.45
CA GLN A 431 -8.00 -22.11 23.20
C GLN A 431 -9.21 -21.72 22.34
N ARG A 432 -9.05 -21.87 21.04
CA ARG A 432 -10.09 -21.63 20.05
C ARG A 432 -10.75 -22.93 19.72
N ILE A 433 -11.96 -22.89 19.20
CA ILE A 433 -12.63 -24.10 18.78
C ILE A 433 -12.91 -24.13 17.29
N GLY A 434 -12.52 -25.23 16.64
CA GLY A 434 -12.74 -25.45 15.22
C GLY A 434 -11.48 -25.70 14.40
N GLN A 435 -10.34 -25.31 14.93
CA GLN A 435 -9.06 -25.52 14.25
C GLN A 435 -8.15 -26.41 15.05
N ALA A 436 -8.10 -27.71 14.75
CA ALA A 436 -7.26 -28.58 15.56
C ALA A 436 -5.99 -28.91 14.83
N MET A 437 -4.88 -28.91 15.54
CA MET A 437 -3.63 -29.29 14.92
C MET A 437 -3.22 -30.67 15.34
N TYR A 438 -2.71 -31.45 14.42
CA TYR A 438 -2.18 -32.75 14.76
C TYR A 438 -0.69 -32.70 14.75
N ALA A 439 -0.10 -33.09 15.85
CA ALA A 439 1.34 -33.09 15.95
C ALA A 439 1.85 -34.46 15.53
N PRO A 440 2.65 -34.59 14.47
CA PRO A 440 3.15 -35.84 13.98
C PRO A 440 4.11 -36.26 15.05
N PRO A 441 4.34 -37.55 15.22
CA PRO A 441 5.24 -38.13 16.19
C PRO A 441 6.66 -37.89 15.81
N ILE A 442 7.53 -37.95 16.80
CA ILE A 442 8.96 -37.81 16.60
C ILE A 442 9.71 -39.07 16.98
N GLN A 443 10.53 -39.54 16.05
CA GLN A 443 11.31 -40.74 16.24
C GLN A 443 12.44 -40.50 17.22
N GLY A 444 12.83 -41.55 17.92
CA GLY A 444 13.92 -41.42 18.87
C GLY A 444 13.39 -41.04 20.24
N VAL A 445 14.24 -40.39 21.05
CA VAL A 445 13.97 -40.05 22.44
C VAL A 445 14.16 -38.55 22.65
N ILE A 446 13.26 -37.91 23.40
CA ILE A 446 13.37 -36.46 23.63
C ILE A 446 13.76 -36.02 25.01
N ARG A 447 14.76 -35.13 25.07
CA ARG A 447 15.20 -34.55 26.33
C ARG A 447 15.32 -33.03 26.21
N CYS A 448 14.77 -32.33 27.18
CA CYS A 448 14.72 -30.87 27.25
C CYS A 448 15.22 -30.28 28.55
N VAL A 449 15.98 -29.19 28.49
CA VAL A 449 16.37 -28.48 29.70
C VAL A 449 16.02 -27.01 29.60
N SER A 450 15.34 -26.47 30.62
CA SER A 450 14.93 -25.07 30.57
C SER A 450 15.03 -24.34 31.91
N ASN A 451 14.94 -23.01 31.84
CA ASN A 451 15.07 -22.15 33.02
C ASN A 451 13.73 -21.64 33.52
N ILE A 452 13.25 -22.11 34.65
CA ILE A 452 11.98 -21.57 35.08
C ILE A 452 12.30 -20.17 35.54
N THR A 453 11.58 -19.17 35.05
CA THR A 453 11.81 -17.77 35.41
C THR A 453 10.69 -17.16 36.21
N GLY A 454 9.53 -17.80 36.27
CA GLY A 454 8.44 -17.20 37.05
C GLY A 454 7.17 -18.01 37.13
N LEU A 455 6.23 -17.52 37.93
CA LEU A 455 4.96 -18.19 38.19
C LEU A 455 3.73 -17.36 37.95
N ILE A 456 2.62 -17.99 37.59
CA ILE A 456 1.36 -17.27 37.59
C ILE A 456 0.49 -17.80 38.72
N LEU A 457 0.24 -16.96 39.72
CA LEU A 457 -0.51 -17.38 40.88
C LEU A 457 -1.83 -16.66 41.04
N THR A 458 -2.80 -17.32 41.68
CA THR A 458 -4.04 -16.64 42.06
C THR A 458 -4.30 -16.86 43.53
N ARG A 459 -5.13 -16.00 44.11
CA ARG A 459 -5.50 -16.13 45.50
C ARG A 459 -6.74 -16.96 45.66
N ASP A 460 -6.72 -17.89 46.58
CA ASP A 460 -7.88 -18.73 46.78
C ASP A 460 -8.86 -18.02 47.71
N GLY A 461 -9.54 -17.05 47.15
CA GLY A 461 -10.46 -16.22 47.91
C GLY A 461 -11.62 -15.76 47.05
N SER A 466 -8.79 -16.38 58.96
CA SER A 466 -8.58 -15.19 58.15
C SER A 466 -7.16 -14.69 58.34
N THR A 467 -6.36 -15.57 58.92
CA THR A 467 -4.96 -15.31 59.19
C THR A 467 -4.03 -16.04 58.24
N THR A 468 -4.64 -16.88 57.40
CA THR A 468 -3.90 -17.67 56.42
C THR A 468 -4.42 -17.41 55.02
N GLU A 469 -3.50 -17.13 54.13
CA GLU A 469 -3.81 -16.92 52.73
C GLU A 469 -3.39 -18.16 52.00
N THR A 470 -4.15 -18.57 51.00
CA THR A 470 -3.75 -19.71 50.20
C THR A 470 -3.64 -19.29 48.76
N PHE A 471 -2.56 -19.68 48.13
CA PHE A 471 -2.30 -19.38 46.75
C PHE A 471 -2.26 -20.66 45.96
N ARG A 472 -2.75 -20.59 44.75
CA ARG A 472 -2.72 -21.73 43.88
C ARG A 472 -2.13 -21.29 42.57
N PRO A 473 -1.42 -22.14 41.85
CA PRO A 473 -0.94 -21.86 40.55
C PRO A 473 -2.14 -21.91 39.68
N GLY A 474 -2.07 -21.25 38.57
CA GLY A 474 -3.16 -21.41 37.65
C GLY A 474 -2.72 -20.98 36.29
N GLY A 475 -3.60 -21.09 35.33
CA GLY A 475 -3.26 -20.71 33.99
C GLY A 475 -3.76 -19.33 33.79
N GLY A 476 -3.93 -18.96 32.54
CA GLY A 476 -4.37 -17.63 32.27
C GLY A 476 -4.34 -17.42 30.79
N ASP A 477 -4.57 -16.19 30.40
CA ASP A 477 -4.58 -15.81 29.03
C ASP A 477 -3.15 -15.88 28.52
N MET A 478 -2.99 -16.01 27.23
CA MET A 478 -1.67 -16.06 26.60
C MET A 478 -1.04 -14.72 26.77
N ARG A 479 -1.87 -13.71 26.89
CA ARG A 479 -1.41 -12.36 27.05
C ARG A 479 -0.56 -12.22 28.32
N ASP A 480 -0.83 -13.01 29.36
CA ASP A 480 -0.08 -12.86 30.58
C ASP A 480 1.34 -13.38 30.48
N ASN A 481 1.65 -14.14 29.44
CA ASN A 481 2.99 -14.64 29.29
C ASN A 481 3.84 -13.66 28.52
N TRP A 482 3.23 -12.59 28.00
CA TRP A 482 3.95 -11.64 27.19
C TRP A 482 4.02 -10.31 27.87
N ARG A 483 3.03 -10.00 28.71
CA ARG A 483 3.07 -8.73 29.41
C ARG A 483 4.18 -8.77 30.45
N SER A 484 4.69 -9.97 30.73
CA SER A 484 5.75 -10.16 31.68
C SER A 484 7.11 -9.74 31.14
N GLU A 485 7.22 -9.58 29.82
CA GLU A 485 8.47 -9.13 29.18
C GLU A 485 8.33 -7.70 28.71
N LEU A 486 7.13 -7.32 28.31
CA LEU A 486 6.86 -6.01 27.75
C LEU A 486 6.49 -4.96 28.78
N TYR A 487 6.53 -5.30 30.04
CA TYR A 487 6.12 -4.38 31.09
C TYR A 487 6.98 -3.12 31.16
N LYS A 488 8.20 -3.18 30.67
CA LYS A 488 9.08 -2.04 30.72
C LYS A 488 8.95 -1.12 29.54
N TYR A 489 8.16 -1.46 28.54
CA TYR A 489 8.16 -0.60 27.36
C TYR A 489 6.88 0.17 27.12
N LYS A 490 7.04 1.41 26.65
CA LYS A 490 5.92 2.25 26.28
C LYS A 490 6.11 2.91 24.92
N VAL A 491 5.05 3.02 24.14
CA VAL A 491 5.15 3.69 22.85
C VAL A 491 4.59 5.09 22.88
N VAL A 492 5.40 6.05 22.43
CA VAL A 492 4.93 7.43 22.37
C VAL A 492 5.14 7.99 21.00
N LYS A 493 4.39 9.04 20.65
CA LYS A 493 4.60 9.67 19.36
C LYS A 493 5.21 11.02 19.58
N ILE A 494 5.95 11.46 18.59
CA ILE A 494 6.66 12.71 18.70
C ILE A 494 5.89 13.82 18.04
N GLU A 495 5.77 14.94 18.74
CA GLU A 495 5.03 16.09 18.23
C GLU A 495 5.92 17.32 18.12
N PRO A 496 6.65 17.48 17.01
CA PRO A 496 7.70 18.46 16.80
C PRO A 496 7.31 19.93 16.72
N LEU A 497 6.04 20.28 16.53
CA LEU A 497 5.73 21.71 16.49
C LEU A 497 5.27 22.24 17.82
N GLY A 498 5.69 23.46 18.12
CA GLY A 498 5.22 24.14 19.30
C GLY A 498 5.57 25.60 19.19
N VAL A 499 4.98 26.41 20.06
CA VAL A 499 5.21 27.83 20.02
C VAL A 499 5.55 28.34 21.40
N ALA A 500 6.17 29.51 21.45
CA ALA A 500 6.47 30.16 22.71
C ALA A 500 6.69 31.65 22.46
N PRO A 501 6.46 32.54 23.43
CA PRO A 501 6.73 33.94 23.32
C PRO A 501 8.21 34.21 23.32
N THR A 502 8.63 35.11 22.45
CA THR A 502 10.01 35.58 22.33
C THR A 502 9.96 37.08 22.11
N ARG A 503 11.10 37.73 22.05
CA ARG A 503 11.09 39.17 21.80
C ARG A 503 11.19 39.55 20.33
N CYS A 504 11.17 38.59 19.42
CA CYS A 504 11.36 38.95 18.02
C CYS A 504 10.07 39.10 17.25
N LYS A 505 10.17 39.92 16.20
CA LYS A 505 9.13 40.04 15.19
C LYS A 505 9.77 40.08 13.83
N ARG A 506 9.09 39.52 12.85
CA ARG A 506 9.63 39.57 11.49
C ARG A 506 10.17 40.95 11.14
N GLY B 10 21.48 12.29 20.62
CA GLY B 10 20.40 11.42 21.06
C GLY B 10 19.05 12.02 20.69
N PHE B 11 18.19 11.22 20.08
CA PHE B 11 16.92 11.68 19.55
C PHE B 11 16.06 12.45 20.55
N LEU B 12 15.87 11.95 21.75
CA LEU B 12 15.08 12.73 22.71
C LEU B 12 15.98 13.24 23.82
N GLY B 13 17.27 13.33 23.55
CA GLY B 13 18.24 13.71 24.57
C GLY B 13 17.98 15.06 25.23
N ALA B 14 17.36 15.97 24.50
CA ALA B 14 17.05 17.30 25.00
C ALA B 14 15.79 17.35 25.85
N ALA B 15 15.12 16.22 26.05
CA ALA B 15 13.86 16.21 26.78
C ALA B 15 13.99 16.80 28.19
N GLY B 16 15.13 16.64 28.83
CA GLY B 16 15.32 17.16 30.17
C GLY B 16 15.97 18.55 30.22
N SER B 17 16.19 19.15 29.06
CA SER B 17 16.83 20.45 28.98
C SER B 17 15.80 21.53 29.06
N THR B 18 16.21 22.73 29.45
CA THR B 18 15.26 23.81 29.47
C THR B 18 14.99 24.27 28.06
N MET B 19 13.93 25.01 27.85
CA MET B 19 13.55 25.44 26.52
C MET B 19 14.65 26.20 25.80
N GLY B 20 15.35 27.07 26.51
CA GLY B 20 16.39 27.88 25.91
C GLY B 20 17.67 27.10 25.64
N ALA B 21 17.73 25.88 26.14
CA ALA B 21 18.88 25.03 25.95
C ALA B 21 18.58 23.99 24.89
N ALA B 22 17.36 23.48 24.91
CA ALA B 22 16.90 22.44 24.01
C ALA B 22 16.80 22.93 22.57
N SER B 23 16.38 24.17 22.36
CA SER B 23 16.18 24.63 20.99
C SER B 23 17.45 25.08 20.31
N MET B 24 18.39 24.15 20.19
CA MET B 24 19.67 24.32 19.55
C MET B 24 20.00 23.03 18.86
N THR B 25 19.22 22.02 19.20
CA THR B 25 19.43 20.67 18.67
C THR B 25 18.19 20.20 17.94
N LEU B 26 17.45 21.13 17.38
CA LEU B 26 16.18 20.89 16.71
C LEU B 26 16.29 19.96 15.48
N THR B 27 17.46 19.94 14.83
CA THR B 27 17.61 19.08 13.66
C THR B 27 17.72 17.63 14.04
N VAL B 28 17.98 17.34 15.31
CA VAL B 28 18.14 15.97 15.70
C VAL B 28 16.82 15.26 15.56
N GLN B 29 15.73 15.91 15.95
CA GLN B 29 14.46 15.25 15.83
C GLN B 29 13.99 15.35 14.40
N ALA B 30 14.26 16.47 13.73
CA ALA B 30 13.76 16.59 12.38
C ALA B 30 14.29 15.49 11.47
N ARG B 31 15.54 15.11 11.65
CA ARG B 31 16.16 14.10 10.80
C ARG B 31 15.61 12.70 10.99
N ASN B 32 14.86 12.48 12.05
CA ASN B 32 14.33 11.17 12.33
C ASN B 32 12.83 11.04 12.08
N LEU B 33 12.24 12.01 11.39
CA LEU B 33 10.81 11.90 11.14
C LEU B 33 10.49 11.11 9.88
N LEU B 34 11.40 11.07 8.90
CA LEU B 34 11.15 10.30 7.68
C LEU B 34 11.80 8.93 7.71
N SER B 35 12.91 8.84 8.43
CA SER B 35 13.75 7.64 8.50
C SER B 35 13.31 6.54 7.55
N LEU B 57 1.90 -9.60 1.62
CA LEU B 57 0.50 -9.60 2.04
C LEU B 57 0.36 -10.46 3.27
N THR B 58 1.51 -10.79 3.81
CA THR B 58 1.68 -11.63 4.97
C THR B 58 1.80 -10.84 6.25
N VAL B 59 1.79 -11.55 7.37
CA VAL B 59 2.04 -10.88 8.63
C VAL B 59 3.45 -10.32 8.52
N TRP B 60 3.61 -9.06 8.91
CA TRP B 60 4.86 -8.28 8.82
C TRP B 60 5.25 -7.89 7.41
N GLY B 61 4.30 -8.04 6.50
CA GLY B 61 4.38 -7.64 5.12
C GLY B 61 3.52 -6.41 4.91
N ILE B 62 2.21 -6.64 4.91
CA ILE B 62 1.26 -5.56 4.66
C ILE B 62 1.34 -4.49 5.74
N LYS B 63 1.71 -4.88 6.96
CA LYS B 63 1.85 -3.94 8.06
C LYS B 63 2.90 -2.88 7.78
N GLN B 64 4.00 -3.23 7.09
CA GLN B 64 5.01 -2.23 6.87
C GLN B 64 4.55 -1.27 5.81
N LEU B 65 3.83 -1.77 4.81
CA LEU B 65 3.39 -0.86 3.77
C LEU B 65 2.42 0.16 4.35
N GLN B 66 1.49 -0.31 5.20
CA GLN B 66 0.56 0.64 5.77
C GLN B 66 1.26 1.66 6.68
N ALA B 67 2.24 1.21 7.46
CA ALA B 67 2.92 2.13 8.35
C ALA B 67 3.69 3.20 7.60
N ARG B 68 4.32 2.83 6.49
CA ARG B 68 5.10 3.78 5.72
C ARG B 68 4.22 4.88 5.16
N VAL B 69 3.04 4.53 4.70
CA VAL B 69 2.19 5.55 4.15
C VAL B 69 1.75 6.54 5.19
N LEU B 70 1.38 6.05 6.37
CA LEU B 70 0.94 6.96 7.40
C LEU B 70 2.06 7.85 7.89
N ALA B 71 3.29 7.34 7.95
CA ALA B 71 4.39 8.18 8.38
C ALA B 71 4.58 9.35 7.42
N VAL B 72 4.41 9.09 6.12
CA VAL B 72 4.53 10.15 5.15
C VAL B 72 3.46 11.18 5.33
N GLU B 73 2.22 10.74 5.55
CA GLU B 73 1.17 11.72 5.72
C GLU B 73 1.44 12.62 6.91
N ARG B 74 1.94 12.08 8.01
CA ARG B 74 2.18 12.93 9.17
C ARG B 74 3.23 13.98 8.87
N TYR B 75 4.28 13.57 8.18
CA TYR B 75 5.33 14.50 7.83
C TYR B 75 4.79 15.66 7.03
N LEU B 76 4.01 15.34 6.00
CA LEU B 76 3.52 16.38 5.13
C LEU B 76 2.56 17.32 5.83
N ARG B 77 1.72 16.84 6.74
CA ARG B 77 0.82 17.79 7.38
C ARG B 77 1.60 18.85 8.16
N ASP B 78 2.68 18.46 8.84
CA ASP B 78 3.43 19.46 9.57
C ASP B 78 4.13 20.43 8.63
N GLN B 79 4.62 19.93 7.50
CA GLN B 79 5.28 20.84 6.59
C GLN B 79 4.29 21.79 5.95
N GLN B 80 3.07 21.33 5.70
CA GLN B 80 2.11 22.23 5.11
C GLN B 80 1.80 23.38 6.04
N LEU B 81 1.69 23.11 7.36
CA LEU B 81 1.42 24.21 8.27
C LEU B 81 2.54 25.23 8.30
N LEU B 82 3.78 24.77 8.26
CA LEU B 82 4.87 25.75 8.26
C LEU B 82 4.78 26.57 6.98
N GLY B 83 4.39 25.96 5.88
CA GLY B 83 4.22 26.70 4.64
C GLY B 83 3.16 27.78 4.79
N ILE B 84 2.00 27.41 5.30
CA ILE B 84 0.88 28.33 5.47
C ILE B 84 1.20 29.49 6.38
N TRP B 85 1.94 29.26 7.44
CA TRP B 85 2.28 30.32 8.38
C TRP B 85 3.48 31.17 7.94
N GLY B 86 4.12 30.82 6.82
CA GLY B 86 5.30 31.55 6.37
C GLY B 86 6.61 31.14 7.04
N CYS B 87 6.68 29.93 7.60
CA CYS B 87 7.87 29.46 8.29
C CYS B 87 8.52 28.28 7.59
N SER B 88 8.25 28.13 6.31
CA SER B 88 8.82 27.03 5.57
C SER B 88 10.32 27.14 5.49
N GLY B 89 10.99 26.03 5.67
CA GLY B 89 12.44 25.99 5.53
C GLY B 89 13.17 26.42 6.80
N LYS B 90 12.45 26.71 7.87
CA LYS B 90 13.11 27.16 9.09
C LYS B 90 12.81 26.29 10.27
N LEU B 91 13.75 26.21 11.21
CA LEU B 91 13.52 25.50 12.45
C LEU B 91 12.95 26.48 13.45
N ILE B 92 13.40 27.72 13.34
CA ILE B 92 12.94 28.79 14.19
C ILE B 92 12.44 29.92 13.33
N CYS B 93 11.21 30.35 13.52
CA CYS B 93 10.78 31.51 12.73
C CYS B 93 10.01 32.48 13.58
N CYS B 94 10.25 33.75 13.34
CA CYS B 94 9.52 34.76 14.05
C CYS B 94 8.29 35.02 13.22
N THR B 95 7.21 35.39 13.87
CA THR B 95 5.99 35.74 13.20
C THR B 95 5.70 37.15 13.61
N ASN B 96 4.57 37.71 13.20
CA ASN B 96 4.20 39.05 13.60
C ASN B 96 2.93 39.05 14.44
N VAL B 97 2.63 37.90 15.03
CA VAL B 97 1.46 37.74 15.87
C VAL B 97 1.83 38.02 17.32
N PRO B 98 1.13 38.91 18.03
CA PRO B 98 1.39 39.28 19.39
C PRO B 98 1.03 38.16 20.32
N TRP B 99 1.69 38.13 21.48
CA TRP B 99 1.34 37.20 22.53
C TRP B 99 0.16 37.86 23.24
N ASN B 100 -0.91 37.13 23.50
CA ASN B 100 -2.08 37.78 24.11
C ASN B 100 -2.13 37.79 25.62
N SER B 101 -1.05 37.37 26.26
CA SER B 101 -0.89 37.35 27.72
C SER B 101 -1.73 36.32 28.45
N SER B 102 -3.04 36.31 28.22
CA SER B 102 -3.93 35.38 28.91
C SER B 102 -3.59 33.92 28.61
N TRP B 103 -2.88 33.68 27.51
CA TRP B 103 -2.45 32.35 27.15
C TRP B 103 -1.46 31.82 28.18
N SER B 104 -0.59 32.71 28.64
CA SER B 104 0.44 32.44 29.64
C SER B 104 1.04 33.76 30.04
N ASN B 105 0.95 34.09 31.32
CA ASN B 105 1.40 35.37 31.84
C ASN B 105 2.74 35.28 32.56
N ARG B 106 3.52 34.31 32.16
CA ARG B 106 4.84 34.06 32.70
C ARG B 106 5.85 35.00 32.07
N ASN B 107 6.98 35.19 32.74
CA ASN B 107 8.02 36.05 32.19
C ASN B 107 8.95 35.30 31.25
N LEU B 108 9.57 36.01 30.32
CA LEU B 108 10.45 35.31 29.38
C LEU B 108 11.63 34.65 30.07
N SER B 109 12.12 35.23 31.16
CA SER B 109 13.23 34.68 31.90
C SER B 109 12.82 33.44 32.70
N GLU B 110 11.54 33.24 32.86
CA GLU B 110 11.04 32.10 33.60
C GLU B 110 10.82 30.97 32.61
N ILE B 111 10.23 31.31 31.47
CA ILE B 111 9.89 30.32 30.47
C ILE B 111 11.11 29.72 29.83
N TRP B 112 12.02 30.55 29.38
CA TRP B 112 13.16 30.03 28.67
C TRP B 112 14.25 29.40 29.54
N ASP B 113 14.41 29.88 30.77
CA ASP B 113 15.46 29.35 31.61
C ASP B 113 15.05 28.32 32.69
N ASN B 114 13.81 28.35 33.20
CA ASN B 114 13.47 27.43 34.28
C ASN B 114 12.39 26.42 33.94
N MET B 115 12.17 26.20 32.65
CA MET B 115 11.14 25.26 32.23
C MET B 115 11.59 24.46 31.03
N THR B 116 11.11 23.21 30.93
CA THR B 116 11.39 22.32 29.79
C THR B 116 10.28 22.40 28.77
N TRP B 117 10.51 21.86 27.58
CA TRP B 117 9.44 21.90 26.57
C TRP B 117 8.26 21.02 26.94
N LEU B 118 8.47 19.95 27.69
CA LEU B 118 7.34 19.12 28.07
C LEU B 118 6.42 19.90 28.99
N GLN B 119 7.01 20.65 29.92
CA GLN B 119 6.21 21.41 30.85
C GLN B 119 5.47 22.53 30.14
N TRP B 120 6.15 23.19 29.22
CA TRP B 120 5.55 24.27 28.46
C TRP B 120 4.42 23.77 27.61
N ASP B 121 4.61 22.63 26.98
CA ASP B 121 3.56 22.11 26.13
C ASP B 121 2.30 21.91 26.95
N LYS B 122 2.45 21.46 28.19
CA LYS B 122 1.26 21.32 29.00
C LYS B 122 0.65 22.68 29.36
N GLU B 123 1.49 23.67 29.67
CA GLU B 123 0.99 24.98 30.11
C GLU B 123 0.10 25.69 29.09
N ILE B 124 0.42 25.58 27.82
CA ILE B 124 -0.40 26.26 26.82
C ILE B 124 -1.05 25.32 25.83
N SER B 125 -1.31 24.08 26.21
CA SER B 125 -1.84 23.13 25.24
C SER B 125 -3.19 23.52 24.68
N ASN B 126 -4.00 24.24 25.43
CA ASN B 126 -5.34 24.57 25.00
C ASN B 126 -5.46 25.83 24.18
N TYR B 127 -4.35 26.42 23.79
CA TYR B 127 -4.42 27.60 22.95
C TYR B 127 -3.85 27.26 21.58
N THR B 128 -3.55 26.00 21.34
CA THR B 128 -2.89 25.61 20.10
C THR B 128 -3.63 26.07 18.87
N GLN B 129 -4.93 25.87 18.87
CA GLN B 129 -5.78 26.20 17.74
C GLN B 129 -6.01 27.69 17.57
N ILE B 130 -5.74 28.46 18.61
CA ILE B 130 -5.97 29.87 18.54
C ILE B 130 -4.79 30.47 17.84
N ILE B 131 -3.63 30.03 18.27
CA ILE B 131 -2.44 30.56 17.71
C ILE B 131 -2.34 30.17 16.26
N TYR B 132 -2.66 28.93 15.92
CA TYR B 132 -2.54 28.57 14.52
C TYR B 132 -3.48 29.38 13.65
N GLY B 133 -4.71 29.65 14.10
CA GLY B 133 -5.61 30.44 13.27
C GLY B 133 -5.07 31.86 13.05
N LEU B 134 -4.49 32.44 14.09
CA LEU B 134 -3.94 33.78 13.97
C LEU B 134 -2.77 33.83 13.00
N LEU B 135 -1.92 32.78 13.04
CA LEU B 135 -0.77 32.77 12.17
C LEU B 135 -1.18 32.68 10.71
N GLU B 136 -2.20 31.88 10.42
CA GLU B 136 -2.67 31.74 9.05
C GLU B 136 -3.21 33.03 8.48
N GLU B 137 -3.99 33.76 9.26
CA GLU B 137 -4.53 34.98 8.69
C GLU B 137 -3.45 35.99 8.47
N SER B 138 -2.48 36.07 9.38
CA SER B 138 -1.44 37.04 9.21
C SER B 138 -0.68 36.81 7.92
N GLN B 139 -0.37 35.55 7.62
CA GLN B 139 0.39 35.30 6.40
C GLN B 139 -0.40 35.67 5.16
N ASN B 140 -1.72 35.47 5.15
CA ASN B 140 -2.46 35.84 3.96
C ASN B 140 -2.44 37.34 3.75
N GLN B 141 -2.48 38.11 4.84
CA GLN B 141 -2.46 39.54 4.68
C GLN B 141 -1.11 40.02 4.19
N GLN B 142 -0.04 39.38 4.69
CA GLN B 142 1.28 39.78 4.26
C GLN B 142 1.50 39.54 2.79
N GLU B 143 1.09 38.39 2.28
CA GLU B 143 1.35 38.11 0.88
C GLU B 143 0.57 39.04 -0.04
N LYS B 144 -0.66 39.37 0.34
CA LYS B 144 -1.43 40.28 -0.49
C LYS B 144 -0.74 41.64 -0.53
N ASN B 145 -0.21 42.10 0.60
CA ASN B 145 0.42 43.39 0.62
C ASN B 145 1.70 43.39 -0.20
N GLU B 146 2.44 42.29 -0.20
CA GLU B 146 3.66 42.25 -0.99
C GLU B 146 3.32 42.36 -2.47
N GLN B 147 2.23 41.72 -2.92
CA GLN B 147 1.86 41.84 -4.32
C GLN B 147 1.51 43.28 -4.67
N ASP B 148 0.81 43.98 -3.77
CA ASP B 148 0.48 45.37 -4.06
C ASP B 148 1.73 46.22 -4.24
N LEU B 149 2.79 45.92 -3.49
CA LEU B 149 4.02 46.67 -3.65
C LEU B 149 4.76 46.30 -4.93
N LEU B 150 4.77 45.03 -5.30
CA LEU B 150 5.48 44.61 -6.52
C LEU B 150 4.76 45.10 -7.78
N ALA B 151 3.46 45.37 -7.66
CA ALA B 151 2.62 45.94 -8.71
C ALA B 151 2.76 47.46 -8.80
N LEU B 152 3.49 48.07 -7.88
CA LEU B 152 3.63 49.52 -7.88
C LEU B 152 4.75 49.93 -8.81
N ASP C 21 27.50 7.07 38.03
CA ASP C 21 27.66 8.13 37.03
C ASP C 21 27.08 9.44 37.50
N ILE C 22 26.67 9.47 38.74
CA ILE C 22 26.17 10.69 39.35
C ILE C 22 27.30 11.34 40.08
N VAL C 23 27.55 12.59 39.80
CA VAL C 23 28.62 13.29 40.44
C VAL C 23 28.10 14.34 41.36
N MET C 24 28.53 14.30 42.61
CA MET C 24 28.06 15.29 43.56
C MET C 24 29.14 16.30 43.85
N THR C 25 28.79 17.57 43.80
CA THR C 25 29.71 18.65 44.12
C THR C 25 29.33 19.29 45.44
N GLN C 26 30.26 19.32 46.35
CA GLN C 26 29.98 19.87 47.67
C GLN C 26 30.78 21.11 47.92
N THR C 27 30.13 22.12 48.48
CA THR C 27 30.77 23.40 48.74
C THR C 27 30.15 24.14 49.92
N PRO C 28 30.92 24.93 50.67
CA PRO C 28 32.35 25.20 50.69
C PRO C 28 33.10 24.00 51.18
N SER C 29 34.40 23.91 50.87
CA SER C 29 35.22 22.83 51.39
C SER C 29 35.62 23.06 52.85
N SER C 30 35.50 24.30 53.28
CA SER C 30 35.85 24.72 54.63
C SER C 30 34.87 25.75 55.11
N VAL C 31 34.24 25.45 56.23
CA VAL C 31 33.22 26.26 56.85
C VAL C 31 33.55 26.49 58.30
N SER C 32 33.42 27.72 58.79
CA SER C 32 33.76 27.93 60.17
C SER C 32 32.79 28.85 60.86
N ALA C 33 32.84 28.83 62.18
CA ALA C 33 31.97 29.66 62.98
C ALA C 33 32.54 30.04 64.32
N ALA C 34 31.99 31.10 64.86
CA ALA C 34 32.26 31.48 66.22
C ALA C 34 31.49 30.47 67.03
N VAL C 35 31.80 30.30 68.29
CA VAL C 35 30.99 29.34 69.00
C VAL C 35 29.63 29.99 69.23
N GLY C 36 28.57 29.31 68.81
CA GLY C 36 27.20 29.78 68.89
C GLY C 36 26.71 30.26 67.51
N GLY C 37 25.54 29.81 67.06
CA GLY C 37 25.05 30.24 65.75
C GLY C 37 25.16 29.15 64.69
N THR C 38 24.69 29.47 63.47
CA THR C 38 24.59 28.49 62.38
C THR C 38 25.53 28.63 61.22
N VAL C 39 25.76 27.50 60.53
CA VAL C 39 26.51 27.46 59.27
C VAL C 39 25.75 26.62 58.27
N THR C 40 26.04 26.78 56.98
CA THR C 40 25.43 25.88 56.01
C THR C 40 26.44 25.26 55.07
N ILE C 41 26.05 24.10 54.53
CA ILE C 41 26.76 23.31 53.55
C ILE C 41 25.87 23.02 52.35
N ASN C 42 26.34 23.30 51.14
CA ASN C 42 25.51 23.04 49.97
C ASN C 42 26.01 21.85 49.16
N CYS C 43 25.11 21.18 48.44
CA CYS C 43 25.56 20.11 47.55
C CYS C 43 24.72 20.03 46.28
N GLN C 44 25.42 20.01 45.15
CA GLN C 44 24.80 20.02 43.82
C GLN C 44 25.04 18.77 43.01
N ALA C 45 23.97 18.10 42.63
CA ALA C 45 24.08 16.91 41.80
C ALA C 45 24.23 17.31 40.34
N SER C 46 24.96 16.50 39.58
CA SER C 46 25.10 16.68 38.15
C SER C 46 23.82 16.35 37.38
N GLU C 47 22.90 15.67 38.03
CA GLU C 47 21.62 15.26 37.47
C GLU C 47 20.62 15.15 38.60
N SER C 48 19.34 15.35 38.34
CA SER C 48 18.38 15.16 39.42
C SER C 48 18.46 13.78 39.98
N ILE C 49 18.37 13.66 41.29
CA ILE C 49 18.40 12.36 41.94
C ILE C 49 17.09 12.15 42.66
N TYR C 50 16.13 13.00 42.34
CA TYR C 50 14.79 12.92 42.89
C TYR C 50 14.80 12.81 44.39
N SER C 51 15.60 13.62 45.05
CA SER C 51 15.73 13.63 46.52
C SER C 51 16.41 12.42 47.19
N GLY C 52 17.07 11.55 46.44
CA GLY C 52 17.79 10.41 47.04
C GLY C 52 19.15 10.77 47.67
N LEU C 53 19.13 11.74 48.58
CA LEU C 53 20.33 12.25 49.24
C LEU C 53 20.45 11.93 50.72
N ALA C 54 21.64 11.53 51.13
CA ALA C 54 21.93 11.31 52.53
C ALA C 54 23.08 12.18 53.03
N TRP C 55 23.00 12.63 54.27
CA TRP C 55 24.09 13.39 54.87
C TRP C 55 24.74 12.64 56.00
N TYR C 56 26.07 12.65 55.98
CA TYR C 56 26.86 11.97 57.00
C TYR C 56 27.84 12.86 57.75
N GLN C 57 28.04 12.55 59.02
CA GLN C 57 28.99 13.23 59.89
C GLN C 57 30.17 12.37 60.27
N GLN C 58 31.36 12.67 59.77
CA GLN C 58 32.51 11.84 60.11
C GLN C 58 33.52 12.54 60.99
N LYS C 59 33.63 12.10 62.23
CA LYS C 59 34.57 12.71 63.14
C LYS C 59 35.88 11.96 62.92
N PRO C 60 37.04 12.54 63.21
CA PRO C 60 38.31 11.87 63.07
C PRO C 60 38.31 10.61 63.90
N GLY C 61 38.84 9.53 63.33
CA GLY C 61 38.93 8.26 64.04
C GLY C 61 37.80 7.27 63.81
N GLN C 62 36.68 7.68 63.20
CA GLN C 62 35.60 6.71 63.00
C GLN C 62 35.12 6.69 61.54
N PRO C 63 34.16 5.80 61.18
CA PRO C 63 33.43 5.80 59.93
C PRO C 63 32.44 6.93 60.03
N PRO C 64 31.85 7.41 58.94
CA PRO C 64 30.80 8.38 58.94
C PRO C 64 29.54 7.86 59.64
N LYS C 65 28.85 8.75 60.36
CA LYS C 65 27.58 8.44 61.02
C LYS C 65 26.43 9.01 60.18
N LEU C 66 25.33 8.28 60.02
CA LEU C 66 24.23 8.84 59.26
C LEU C 66 23.35 9.76 60.08
N LEU C 67 23.15 10.98 59.59
CA LEU C 67 22.33 11.94 60.30
C LEU C 67 20.99 12.11 59.61
N ILE C 68 21.05 12.36 58.30
CA ILE C 68 19.85 12.66 57.53
C ILE C 68 19.70 11.83 56.27
N TYR C 69 18.52 11.30 56.02
CA TYR C 69 18.28 10.53 54.82
C TYR C 69 17.05 11.00 54.05
N ARG C 70 17.04 10.69 52.75
CA ARG C 70 15.97 11.10 51.87
C ARG C 70 15.76 12.61 51.97
N ALA C 71 16.87 13.35 51.90
CA ALA C 71 16.99 14.79 51.92
C ALA C 71 16.74 15.43 53.29
N SER C 72 15.62 15.12 53.94
CA SER C 72 15.27 15.79 55.19
C SER C 72 14.84 14.94 56.40
N THR C 73 14.96 13.63 56.38
CA THR C 73 14.49 12.84 57.52
C THR C 73 15.64 12.48 58.45
N LEU C 74 15.47 12.70 59.74
CA LEU C 74 16.54 12.41 60.69
C LEU C 74 16.53 10.96 61.13
N THR C 75 17.71 10.45 61.51
CA THR C 75 17.90 9.07 61.98
C THR C 75 17.67 8.85 63.44
N SER C 76 17.38 9.92 64.14
CA SER C 76 17.16 9.95 65.58
C SER C 76 18.45 9.72 66.38
N GLY C 77 19.59 9.60 65.70
CA GLY C 77 20.88 9.50 66.39
C GLY C 77 21.46 10.90 66.44
N VAL C 78 20.67 11.81 65.90
CA VAL C 78 20.96 13.20 65.75
C VAL C 78 19.77 14.03 66.19
N SER C 79 20.04 15.14 66.86
CA SER C 79 19.00 16.06 67.30
C SER C 79 18.57 16.98 66.17
N SER C 80 17.53 17.77 66.45
CA SER C 80 16.92 18.74 65.54
C SER C 80 17.88 19.83 65.09
N ARG C 81 19.04 19.90 65.74
CA ARG C 81 20.10 20.81 65.41
C ARG C 81 20.50 20.65 63.95
N PHE C 82 20.44 19.43 63.43
CA PHE C 82 20.81 19.19 62.05
C PHE C 82 19.56 19.10 61.22
N LYS C 83 19.38 20.07 60.36
CA LYS C 83 18.19 20.17 59.52
C LYS C 83 18.58 20.30 58.08
N GLY C 84 17.73 19.89 57.17
CA GLY C 84 18.09 20.10 55.78
C GLY C 84 16.90 19.91 54.88
N SER C 85 17.11 20.26 53.63
CA SER C 85 16.07 20.22 52.63
C SER C 85 16.62 20.27 51.23
N GLY C 86 15.74 20.03 50.28
CA GLY C 86 16.08 20.15 48.88
C GLY C 86 15.26 19.21 48.07
N SER C 87 15.49 19.25 46.77
CA SER C 87 14.75 18.42 45.83
C SER C 87 15.51 18.33 44.53
N GLY C 88 15.10 17.43 43.66
CA GLY C 88 15.75 17.41 42.36
C GLY C 88 17.21 17.13 42.52
N ALA C 89 18.02 18.04 41.96
CA ALA C 89 19.48 18.01 41.97
C ALA C 89 20.12 18.94 43.00
N ARG C 90 19.37 19.73 43.76
CA ARG C 90 20.04 20.68 44.65
C ARG C 90 19.58 20.63 46.09
N PHE C 91 20.56 20.44 46.99
CA PHE C 91 20.26 20.28 48.40
C PHE C 91 21.12 21.08 49.34
N THR C 92 20.60 21.39 50.53
CA THR C 92 21.42 22.04 51.53
C THR C 92 21.26 21.43 52.93
N LEU C 93 22.30 21.59 53.74
CA LEU C 93 22.35 21.19 55.14
C LEU C 93 22.62 22.37 56.04
N THR C 94 21.81 22.52 57.08
CA THR C 94 21.97 23.61 58.03
C THR C 94 22.25 23.09 59.42
N ILE C 95 23.29 23.62 60.03
CA ILE C 95 23.58 23.24 61.40
C ILE C 95 23.13 24.41 62.23
N ASN C 96 22.05 24.25 63.00
CA ASN C 96 21.44 25.42 63.64
C ASN C 96 22.22 26.11 64.74
N ASP C 97 23.01 25.37 65.51
CA ASP C 97 23.74 25.97 66.61
C ASP C 97 25.00 25.19 66.86
N LEU C 98 26.14 25.84 66.72
CA LEU C 98 27.40 25.14 66.88
C LEU C 98 28.05 25.40 68.25
N GLU C 99 28.04 24.36 69.08
CA GLU C 99 28.54 24.41 70.48
C GLU C 99 29.82 23.62 70.61
N CYS C 100 30.53 23.53 69.50
CA CYS C 100 31.74 22.74 69.36
C CYS C 100 31.34 21.30 69.50
N ALA C 101 30.18 21.02 68.90
CA ALA C 101 29.57 19.72 68.83
C ALA C 101 30.45 18.75 68.07
N ASP C 102 31.15 19.27 67.08
CA ASP C 102 31.99 18.42 66.27
C ASP C 102 33.11 19.22 65.66
N ALA C 103 33.97 18.50 64.98
CA ALA C 103 35.02 19.03 64.13
C ALA C 103 35.04 18.02 63.02
N ALA C 104 33.83 17.70 62.61
CA ALA C 104 33.54 16.67 61.64
C ALA C 104 33.66 17.15 60.24
N THR C 105 33.91 16.20 59.37
CA THR C 105 33.87 16.47 57.97
C THR C 105 32.52 15.96 57.53
N TYR C 106 31.76 16.82 56.91
CA TYR C 106 30.44 16.40 56.49
C TYR C 106 30.42 16.01 55.06
N TYR C 107 29.70 14.94 54.75
CA TYR C 107 29.65 14.48 53.38
C TYR C 107 28.26 14.33 52.82
N CYS C 108 28.17 14.71 51.56
CA CYS C 108 27.00 14.59 50.70
C CYS C 108 27.02 13.31 49.90
N GLN C 109 26.04 12.42 50.12
CA GLN C 109 26.01 11.17 49.39
C GLN C 109 24.77 10.91 48.56
N SER C 110 24.98 10.52 47.31
CA SER C 110 23.87 10.14 46.47
C SER C 110 23.62 8.68 46.67
N CYS C 111 22.37 8.33 46.94
CA CYS C 111 21.97 6.97 47.16
C CYS C 111 21.21 6.39 46.01
N TYR C 112 21.14 7.11 44.90
CA TYR C 112 20.42 6.58 43.76
C TYR C 112 21.06 7.01 42.48
N ASP C 113 21.39 6.04 41.66
CA ASP C 113 22.03 6.33 40.40
C ASP C 113 21.01 6.19 39.30
N THR C 114 20.60 7.32 38.77
CA THR C 114 19.52 7.37 37.81
C THR C 114 19.96 6.84 36.48
N THR C 115 21.25 6.64 36.26
CA THR C 115 21.65 6.21 34.95
C THR C 115 21.59 4.70 34.85
N ILE C 116 21.49 4.04 36.01
CA ILE C 116 21.43 2.61 36.14
C ILE C 116 20.01 2.20 36.50
N GLY C 117 19.39 2.96 37.41
CA GLY C 117 18.08 2.61 37.94
C GLY C 117 18.20 1.88 39.26
N THR C 118 19.31 2.10 39.96
CA THR C 118 19.49 1.40 41.23
C THR C 118 19.97 2.18 42.41
N TYR C 119 19.94 1.50 43.53
CA TYR C 119 20.39 2.02 44.82
C TYR C 119 21.70 1.39 45.22
N GLY C 120 22.25 0.62 44.29
CA GLY C 120 23.51 -0.10 44.42
C GLY C 120 24.72 0.64 43.86
N SER C 121 24.54 1.89 43.49
CA SER C 121 25.62 2.70 42.93
C SER C 121 25.64 4.01 43.65
N TRP C 122 26.64 4.21 44.47
CA TRP C 122 26.70 5.38 45.32
C TRP C 122 27.73 6.35 44.86
N ALA C 123 27.54 7.60 45.22
CA ALA C 123 28.56 8.58 44.92
C ALA C 123 28.70 9.55 46.06
N PHE C 124 29.91 9.96 46.34
CA PHE C 124 30.14 10.94 47.38
C PHE C 124 30.80 12.14 46.82
N GLY C 125 30.48 13.30 47.34
CA GLY C 125 31.21 14.49 46.94
C GLY C 125 32.40 14.57 47.87
N GLY C 126 33.22 15.61 47.77
CA GLY C 126 34.31 15.71 48.70
C GLY C 126 33.62 16.19 49.93
N GLY C 127 34.29 16.25 51.07
CA GLY C 127 33.53 16.69 52.24
C GLY C 127 33.80 18.13 52.57
N THR C 128 33.14 18.60 53.62
CA THR C 128 33.31 19.94 54.15
C THR C 128 33.79 19.90 55.55
N GLU C 129 34.87 20.59 55.84
CA GLU C 129 35.34 20.58 57.21
C GLU C 129 34.68 21.69 58.00
N VAL C 130 34.05 21.36 59.11
CA VAL C 130 33.41 22.40 59.90
C VAL C 130 34.23 22.70 61.15
N VAL C 131 34.64 23.95 61.28
CA VAL C 131 35.51 24.35 62.36
C VAL C 131 34.88 25.35 63.32
N VAL C 132 34.89 25.00 64.58
CA VAL C 132 34.32 25.85 65.61
C VAL C 132 34.85 25.47 66.98
N GLN D 21 28.27 -4.19 64.21
CA GLN D 21 27.87 -5.47 63.63
C GLN D 21 28.74 -5.87 62.45
N LEU D 22 29.63 -5.00 62.01
CA LEU D 22 30.52 -5.36 60.91
C LEU D 22 31.97 -5.36 61.31
N VAL D 23 32.62 -6.49 61.08
CA VAL D 23 34.01 -6.62 61.44
C VAL D 23 34.90 -6.91 60.24
N GLU D 24 35.84 -6.02 60.02
CA GLU D 24 36.74 -6.14 58.88
C GLU D 24 38.10 -6.72 59.20
N SER D 25 38.67 -7.34 58.19
CA SER D 25 40.01 -7.86 58.28
C SER D 25 40.71 -7.94 56.94
N GLY D 26 41.93 -8.47 56.97
CA GLY D 26 42.73 -8.62 55.77
C GLY D 26 43.55 -7.41 55.34
N GLY D 27 43.78 -6.44 56.21
CA GLY D 27 44.55 -5.27 55.79
C GLY D 27 46.04 -5.60 55.82
N GLY D 28 46.90 -4.61 55.56
CA GLY D 28 48.34 -4.86 55.53
C GLY D 28 49.03 -4.20 54.32
N LEU D 29 50.30 -4.56 54.11
CA LEU D 29 51.12 -4.01 53.04
C LEU D 29 51.22 -4.91 51.83
N VAL D 30 50.93 -4.33 50.68
CA VAL D 30 51.02 -5.02 49.42
C VAL D 30 52.22 -4.54 48.64
N LYS D 31 53.05 -5.44 48.19
CA LYS D 31 54.14 -4.98 47.36
C LYS D 31 53.47 -4.54 46.06
N PRO D 32 53.82 -3.39 45.47
CA PRO D 32 53.20 -2.89 44.25
C PRO D 32 53.20 -3.93 43.17
N GLY D 33 52.06 -4.04 42.51
CA GLY D 33 51.81 -5.01 41.44
C GLY D 33 51.13 -6.26 41.99
N GLY D 34 51.05 -6.37 43.32
CA GLY D 34 50.47 -7.53 43.98
C GLY D 34 48.96 -7.43 44.24
N THR D 35 48.48 -8.36 45.07
CA THR D 35 47.07 -8.46 45.38
C THR D 35 46.83 -8.49 46.87
N LEU D 36 45.58 -8.24 47.24
CA LEU D 36 45.13 -8.32 48.63
C LEU D 36 43.63 -8.54 48.70
N THR D 37 43.18 -9.43 49.57
CA THR D 37 41.74 -9.64 49.70
C THR D 37 41.25 -9.19 51.06
N LEU D 38 40.23 -8.34 51.06
CA LEU D 38 39.64 -7.86 52.30
C LEU D 38 38.39 -8.60 52.61
N THR D 39 38.12 -8.75 53.89
CA THR D 39 36.89 -9.41 54.30
C THR D 39 36.11 -8.55 55.27
N CYS D 40 34.81 -8.82 55.34
CA CYS D 40 33.88 -8.16 56.25
C CYS D 40 32.83 -9.14 56.74
N LYS D 41 32.88 -9.47 58.02
CA LYS D 41 31.96 -10.44 58.60
C LYS D 41 30.76 -9.78 59.25
N ALA D 42 29.58 -10.33 58.98
CA ALA D 42 28.39 -9.85 59.62
C ALA D 42 28.22 -10.53 60.96
N SER D 43 27.80 -9.78 61.96
CA SER D 43 27.49 -10.36 63.24
C SER D 43 26.25 -9.72 63.81
N GLY D 44 25.29 -10.53 64.22
CA GLY D 44 24.05 -9.97 64.76
C GLY D 44 22.94 -9.89 63.72
N PHE D 45 23.25 -10.16 62.47
CA PHE D 45 22.24 -10.14 61.44
C PHE D 45 22.65 -11.12 60.35
N SER D 46 21.71 -11.51 59.51
CA SER D 46 22.02 -12.40 58.41
C SER D 46 22.13 -11.72 57.07
N LEU D 47 23.10 -12.14 56.27
CA LEU D 47 23.27 -11.61 54.92
C LEU D 47 22.31 -12.28 53.98
N SER D 48 21.58 -13.28 54.48
CA SER D 48 20.60 -13.97 53.66
C SER D 48 19.39 -13.08 53.37
N ASP D 49 19.23 -11.98 54.11
CA ASP D 49 18.13 -11.07 53.84
C ASP D 49 18.52 -10.03 52.80
N SER D 50 17.60 -9.16 52.45
CA SER D 50 17.90 -8.21 51.39
C SER D 50 18.61 -6.95 51.81
N TYR D 51 19.92 -7.02 51.77
CA TYR D 51 20.80 -5.91 52.11
C TYR D 51 21.85 -5.68 51.05
N TRP D 52 22.37 -4.46 50.99
CA TRP D 52 23.50 -4.19 50.13
C TRP D 52 24.79 -4.24 50.92
N MET D 53 25.77 -4.96 50.42
CA MET D 53 27.08 -4.93 51.05
C MET D 53 28.01 -4.15 50.18
N CYS D 54 28.46 -3.01 50.68
CA CYS D 54 29.27 -2.13 49.86
C CYS D 54 30.59 -1.79 50.50
N TRP D 55 31.56 -1.51 49.65
CA TRP D 55 32.86 -1.03 50.09
C TRP D 55 33.12 0.36 49.56
N VAL D 56 33.70 1.16 50.43
CA VAL D 56 34.13 2.51 50.11
C VAL D 56 35.55 2.63 50.59
N ARG D 57 36.28 3.62 50.12
CA ARG D 57 37.61 3.82 50.66
C ARG D 57 37.89 5.26 50.95
N GLN D 58 38.63 5.49 52.01
CA GLN D 58 39.02 6.83 52.38
C GLN D 58 40.49 7.03 52.20
N ALA D 59 40.81 7.90 51.28
CA ALA D 59 42.17 8.17 50.92
C ALA D 59 42.81 8.98 52.03
N PRO D 60 44.14 8.96 52.18
CA PRO D 60 44.83 9.88 53.04
C PRO D 60 44.38 11.21 52.49
N GLY D 61 44.14 12.20 53.34
CA GLY D 61 43.66 13.48 52.83
C GLY D 61 42.14 13.59 52.94
N LYS D 62 41.50 12.49 53.32
CA LYS D 62 40.06 12.33 53.56
C LYS D 62 39.16 12.40 52.33
N GLY D 63 39.70 12.18 51.14
CA GLY D 63 38.79 12.08 50.03
C GLY D 63 38.02 10.78 50.27
N LEU D 64 36.74 10.76 50.00
CA LEU D 64 35.96 9.54 50.20
C LEU D 64 35.29 9.11 48.94
N GLU D 65 35.50 7.86 48.55
CA GLU D 65 34.84 7.41 47.34
C GLU D 65 34.36 5.98 47.41
N TRP D 66 33.32 5.72 46.64
CA TRP D 66 32.74 4.41 46.52
C TRP D 66 33.57 3.49 45.64
N VAL D 67 33.69 2.20 46.03
CA VAL D 67 34.41 1.22 45.23
C VAL D 67 33.48 0.22 44.54
N ALA D 68 32.62 -0.46 45.32
CA ALA D 68 31.71 -1.48 44.75
C ALA D 68 30.58 -1.86 45.71
N CYS D 69 29.48 -2.40 45.15
CA CYS D 69 28.36 -2.97 45.92
C CYS D 69 27.86 -4.30 45.41
N VAL D 70 27.50 -5.20 46.32
CA VAL D 70 26.86 -6.46 45.95
C VAL D 70 25.54 -6.64 46.69
N PHE D 71 24.52 -7.13 45.98
CA PHE D 71 23.22 -7.39 46.60
C PHE D 71 23.23 -8.78 47.16
N THR D 72 23.01 -8.95 48.46
CA THR D 72 23.20 -10.30 48.96
C THR D 72 22.10 -11.25 48.56
N GLY D 73 20.95 -10.71 48.20
CA GLY D 73 19.84 -11.56 47.79
C GLY D 73 20.05 -12.21 46.42
N ASN D 74 21.04 -11.77 45.64
CA ASN D 74 21.24 -12.35 44.31
C ASN D 74 22.71 -12.52 43.89
N GLY D 75 23.63 -11.73 44.44
CA GLY D 75 25.01 -11.78 44.01
C GLY D 75 25.32 -10.77 42.91
N LYS D 76 24.33 -9.93 42.59
CA LYS D 76 24.47 -8.89 41.59
C LYS D 76 25.37 -7.82 42.12
N ALA D 77 26.26 -7.29 41.27
CA ALA D 77 27.12 -6.24 41.78
C ALA D 77 27.42 -5.16 40.78
N TYR D 78 27.73 -3.99 41.35
CA TYR D 78 28.09 -2.81 40.61
C TYR D 78 29.46 -2.33 41.06
N TYR D 79 30.22 -1.74 40.13
CA TYR D 79 31.55 -1.22 40.43
C TYR D 79 31.69 0.23 40.04
N ALA D 80 32.56 0.94 40.75
CA ALA D 80 32.89 2.30 40.42
C ALA D 80 33.61 2.33 39.08
N ARG D 81 33.45 3.41 38.33
CA ARG D 81 34.08 3.49 37.02
C ARG D 81 35.59 3.39 37.04
N TRP D 82 36.23 3.87 38.09
CA TRP D 82 37.68 3.86 38.17
C TRP D 82 38.29 2.48 38.42
N VAL D 83 37.46 1.48 38.71
CA VAL D 83 37.92 0.13 38.99
C VAL D 83 38.50 -0.56 37.75
N GLU D 84 37.79 -0.46 36.63
CA GLU D 84 38.23 -1.05 35.36
C GLU D 84 38.66 -2.52 35.44
N GLY D 85 37.94 -3.34 36.18
CA GLY D 85 38.25 -4.76 36.27
C GLY D 85 39.26 -5.16 37.36
N ARG D 86 39.85 -4.20 38.06
CA ARG D 86 40.84 -4.55 39.08
C ARG D 86 40.26 -5.04 40.41
N PHE D 87 38.98 -4.85 40.61
CA PHE D 87 38.36 -5.25 41.86
C PHE D 87 37.21 -6.21 41.59
N THR D 88 37.09 -7.23 42.44
CA THR D 88 35.95 -8.15 42.38
C THR D 88 35.23 -8.22 43.73
N ILE D 89 33.93 -8.02 43.70
CA ILE D 89 33.18 -8.06 44.95
C ILE D 89 32.24 -9.26 44.94
N SER D 90 32.19 -9.98 46.05
CA SER D 90 31.32 -11.16 46.17
C SER D 90 30.90 -11.41 47.61
N ARG D 91 29.89 -12.27 47.79
CA ARG D 91 29.40 -12.60 49.12
C ARG D 91 29.10 -14.08 49.30
N SER D 92 29.10 -14.54 50.56
CA SER D 92 28.68 -15.90 50.89
C SER D 92 27.83 -15.96 52.16
N THR D 93 26.57 -16.34 51.99
CA THR D 93 25.61 -16.35 53.09
C THR D 93 25.84 -17.49 54.04
N SER D 94 26.63 -18.47 53.63
CA SER D 94 26.96 -19.62 54.44
C SER D 94 28.07 -19.31 55.44
N LEU D 95 28.79 -18.20 55.24
CA LEU D 95 29.87 -17.82 56.12
C LEU D 95 29.34 -16.62 56.86
N ASN D 96 28.35 -16.03 56.19
CA ASN D 96 27.70 -14.79 56.55
C ASN D 96 28.72 -13.67 56.51
N THR D 97 29.52 -13.68 55.43
CA THR D 97 30.57 -12.70 55.16
C THR D 97 30.50 -12.18 53.73
N ALA D 98 31.23 -11.09 53.50
CA ALA D 98 31.40 -10.52 52.17
C ALA D 98 32.86 -10.16 51.98
N THR D 99 33.35 -10.25 50.75
CA THR D 99 34.75 -9.95 50.48
C THR D 99 34.99 -9.07 49.26
N LEU D 100 36.17 -8.47 49.23
CA LEU D 100 36.62 -7.67 48.10
C LEU D 100 38.01 -8.09 47.71
N GLN D 101 38.14 -8.55 46.48
CA GLN D 101 39.45 -8.99 46.00
C GLN D 101 40.08 -7.94 45.13
N MET D 102 41.25 -7.46 45.53
CA MET D 102 41.89 -6.42 44.75
C MET D 102 43.12 -6.93 44.04
N THR D 103 43.28 -6.54 42.78
CA THR D 103 44.52 -6.90 42.11
C THR D 103 45.21 -5.74 41.47
N SER D 104 46.41 -6.01 40.96
CA SER D 104 47.25 -5.03 40.29
C SER D 104 47.34 -3.75 41.10
N LEU D 105 47.56 -3.87 42.40
CA LEU D 105 47.58 -2.70 43.27
C LEU D 105 48.78 -1.79 43.17
N THR D 106 48.52 -0.51 43.31
CA THR D 106 49.60 0.48 43.33
C THR D 106 49.53 1.43 44.50
N ALA D 107 50.50 2.32 44.59
CA ALA D 107 50.59 3.26 45.70
C ALA D 107 49.35 4.13 45.85
N ALA D 108 48.73 4.44 44.72
CA ALA D 108 47.54 5.26 44.65
C ALA D 108 46.33 4.61 45.30
N ASP D 109 46.39 3.31 45.56
CA ASP D 109 45.27 2.59 46.13
C ASP D 109 45.37 2.55 47.64
N THR D 110 46.36 3.26 48.20
CA THR D 110 46.47 3.30 49.65
C THR D 110 45.25 4.00 50.18
N ALA D 111 44.58 3.37 51.11
CA ALA D 111 43.38 3.95 51.70
C ALA D 111 42.93 3.15 52.88
N THR D 112 42.07 3.74 53.70
CA THR D 112 41.40 2.94 54.70
C THR D 112 40.16 2.40 54.02
N TYR D 113 39.98 1.11 54.03
CA TYR D 113 38.83 0.54 53.37
C TYR D 113 37.79 0.28 54.42
N PHE D 114 36.54 0.53 54.06
CA PHE D 114 35.43 0.29 54.97
C PHE D 114 34.34 -0.50 54.32
N CYS D 115 33.70 -1.38 55.06
CA CYS D 115 32.50 -2.03 54.57
C CYS D 115 31.32 -1.40 55.28
N ALA D 116 30.19 -1.36 54.58
CA ALA D 116 28.97 -0.86 55.18
C ALA D 116 27.76 -1.56 54.62
N ARG D 117 26.71 -1.61 55.44
CA ARG D 117 25.47 -2.24 55.03
C ARG D 117 24.42 -1.22 54.68
N GLY D 118 23.90 -1.34 53.48
CA GLY D 118 22.81 -0.50 53.02
C GLY D 118 21.49 -1.24 53.09
N ASP D 119 20.41 -0.54 53.41
CA ASP D 119 19.12 -1.22 53.44
C ASP D 119 18.51 -1.32 52.05
N TYR D 120 17.64 -2.31 51.84
CA TYR D 120 16.97 -2.46 50.55
C TYR D 120 15.47 -2.12 50.61
N ASP D 121 14.99 -1.71 51.78
CA ASP D 121 13.56 -1.43 51.95
C ASP D 121 13.22 0.02 51.64
N ASP D 122 11.94 0.39 51.74
CA ASP D 122 11.52 1.74 51.42
C ASP D 122 12.21 2.90 52.17
N PRO D 123 12.24 2.95 53.51
CA PRO D 123 12.98 3.96 54.23
C PRO D 123 14.42 3.57 54.07
N LEU D 124 15.33 4.52 54.11
CA LEU D 124 16.74 4.18 54.07
C LEU D 124 17.13 3.35 52.84
N ASP D 125 16.44 3.55 51.72
CA ASP D 125 16.71 2.73 50.57
C ASP D 125 18.00 3.17 49.91
N GLY D 126 19.03 2.34 49.97
CA GLY D 126 20.33 2.68 49.44
C GLY D 126 21.18 3.45 50.43
N VAL D 127 20.67 3.60 51.63
CA VAL D 127 21.37 4.35 52.63
C VAL D 127 22.22 3.46 53.50
N ALA D 128 23.48 3.83 53.65
CA ALA D 128 24.39 3.05 54.47
C ALA D 128 24.21 3.44 55.90
N THR D 129 23.68 2.52 56.70
CA THR D 129 23.36 2.84 58.07
C THR D 129 24.29 2.17 59.04
N LEU D 130 24.89 1.08 58.61
CA LEU D 130 25.80 0.34 59.44
C LEU D 130 27.18 0.33 58.86
N TRP D 131 28.12 0.88 59.61
CA TRP D 131 29.49 0.97 59.14
C TRP D 131 30.42 0.25 60.08
N GLY D 132 31.38 -0.47 59.56
CA GLY D 132 32.35 -1.09 60.43
C GLY D 132 33.58 -0.20 60.50
N PRO D 133 34.42 -0.27 61.54
CA PRO D 133 35.69 0.40 61.60
C PRO D 133 36.44 -0.15 60.41
N GLY D 134 37.17 0.67 59.69
CA GLY D 134 37.84 0.17 58.50
C GLY D 134 39.19 -0.42 58.79
N THR D 135 39.87 -0.81 57.72
CA THR D 135 41.19 -1.39 57.82
C THR D 135 42.12 -0.79 56.78
N LEU D 136 43.38 -0.60 57.16
CA LEU D 136 44.31 0.04 56.25
C LEU D 136 45.07 -0.87 55.32
N VAL D 137 45.04 -0.50 54.06
CA VAL D 137 45.78 -1.15 53.02
C VAL D 137 46.76 -0.17 52.45
N THR D 138 48.02 -0.55 52.44
CA THR D 138 49.06 0.30 51.87
C THR D 138 49.67 -0.51 50.77
N VAL D 139 50.38 0.12 49.85
CA VAL D 139 50.95 -0.65 48.78
C VAL D 139 52.39 -0.26 48.51
N TRP E 40 4.31 40.21 -14.98
CA TRP E 40 2.98 40.03 -15.54
C TRP E 40 2.33 38.72 -15.19
N VAL E 41 3.02 37.61 -15.37
CA VAL E 41 2.36 36.37 -14.98
C VAL E 41 2.47 36.20 -13.48
N THR E 42 1.33 36.01 -12.84
CA THR E 42 1.28 35.75 -11.40
C THR E 42 0.72 34.36 -11.24
N VAL E 43 1.36 33.56 -10.41
CA VAL E 43 0.89 32.21 -10.20
C VAL E 43 0.12 32.18 -8.90
N TYR E 44 -1.08 31.62 -8.95
CA TYR E 44 -1.92 31.53 -7.77
C TYR E 44 -2.18 30.09 -7.37
N TYR E 45 -2.00 29.80 -6.10
CA TYR E 45 -2.23 28.46 -5.60
C TYR E 45 -3.35 28.42 -4.59
N GLY E 46 -4.32 27.56 -4.84
CA GLY E 46 -5.50 27.45 -4.01
C GLY E 46 -6.68 28.01 -4.77
N VAL E 47 -6.57 28.02 -6.08
CA VAL E 47 -7.62 28.52 -6.92
C VAL E 47 -8.83 27.59 -6.88
N PRO E 48 -10.05 28.10 -6.59
CA PRO E 48 -11.27 27.32 -6.43
C PRO E 48 -11.91 26.84 -7.71
N VAL E 49 -11.22 25.98 -8.45
CA VAL E 49 -11.77 25.43 -9.68
C VAL E 49 -11.68 23.91 -9.69
N TRP E 50 -12.48 23.28 -10.55
CA TRP E 50 -12.52 21.84 -10.63
C TRP E 50 -12.86 21.29 -11.99
N LYS E 51 -12.60 20.00 -12.14
CA LYS E 51 -12.91 19.24 -13.35
C LYS E 51 -13.59 17.92 -13.04
N ASP E 52 -14.40 17.44 -13.98
CA ASP E 52 -15.07 16.16 -13.82
C ASP E 52 -14.01 15.09 -13.61
N ALA E 53 -14.23 14.17 -12.69
CA ALA E 53 -13.20 13.16 -12.49
C ALA E 53 -13.72 11.85 -11.96
N GLU E 54 -12.98 10.79 -12.19
CA GLU E 54 -13.35 9.50 -11.67
C GLU E 54 -12.29 8.97 -10.74
N THR E 55 -12.67 8.76 -9.50
CA THR E 55 -11.75 8.25 -8.49
C THR E 55 -12.41 7.20 -7.69
N THR E 56 -11.66 6.66 -6.75
CA THR E 56 -12.14 5.65 -5.84
C THR E 56 -12.75 6.28 -4.61
N LEU E 57 -13.98 5.93 -4.29
CA LEU E 57 -14.63 6.47 -3.11
C LEU E 57 -14.54 5.46 -2.00
N PHE E 58 -14.59 5.92 -0.76
CA PHE E 58 -14.54 4.98 0.35
C PHE E 58 -15.83 5.11 1.12
N CYS E 59 -16.18 4.08 1.88
CA CYS E 59 -17.41 4.19 2.64
C CYS E 59 -17.16 4.65 4.05
N ALA E 60 -18.21 5.20 4.61
CA ALA E 60 -18.27 5.59 5.98
C ALA E 60 -19.56 5.06 6.57
N SER E 61 -19.58 4.84 7.88
CA SER E 61 -20.77 4.30 8.56
C SER E 61 -20.99 4.91 9.93
N ASP E 62 -22.25 5.18 10.26
CA ASP E 62 -22.59 5.71 11.56
C ASP E 62 -22.87 4.55 12.50
N ALA E 63 -21.91 4.23 13.36
CA ALA E 63 -22.03 3.06 14.23
C ALA E 63 -22.34 3.50 15.66
N HIS E 71 -20.80 -9.11 11.59
CA HIS E 71 -21.88 -10.07 11.46
C HIS E 71 -22.88 -9.64 10.39
N ASN E 72 -22.66 -8.46 9.84
CA ASN E 72 -23.50 -7.99 8.75
C ASN E 72 -22.90 -8.46 7.43
N VAL E 73 -23.75 -8.89 6.51
CA VAL E 73 -23.28 -9.37 5.22
C VAL E 73 -22.49 -8.33 4.43
N TRP E 74 -22.72 -7.04 4.64
CA TRP E 74 -21.97 -6.03 3.90
C TRP E 74 -20.80 -5.45 4.67
N ALA E 75 -20.47 -6.05 5.80
CA ALA E 75 -19.31 -5.62 6.58
C ALA E 75 -19.26 -4.12 6.79
N THR E 76 -20.34 -3.51 7.24
CA THR E 76 -20.39 -2.06 7.39
C THR E 76 -19.49 -1.60 8.52
N HIS E 77 -19.05 -2.51 9.38
CA HIS E 77 -18.16 -2.19 10.47
C HIS E 77 -16.77 -1.88 9.94
N ALA E 78 -16.53 -2.22 8.68
CA ALA E 78 -15.25 -2.01 8.03
C ALA E 78 -15.15 -0.59 7.46
N CYS E 79 -16.22 0.18 7.56
CA CYS E 79 -16.26 1.53 7.07
C CYS E 79 -15.68 2.51 8.06
N VAL E 80 -15.30 3.67 7.56
CA VAL E 80 -14.78 4.75 8.37
C VAL E 80 -15.93 5.37 9.18
N PRO E 81 -15.83 5.58 10.48
CA PRO E 81 -16.89 6.19 11.24
C PRO E 81 -17.24 7.55 10.62
N THR E 82 -18.53 7.85 10.54
CA THR E 82 -18.98 9.12 9.97
C THR E 82 -18.85 10.30 10.89
N ASP E 83 -18.95 11.46 10.27
CA ASP E 83 -18.98 12.76 10.92
C ASP E 83 -20.36 12.96 11.52
N PRO E 84 -20.53 13.09 12.84
CA PRO E 84 -21.80 13.31 13.52
C PRO E 84 -22.51 14.58 13.04
N ASN E 85 -21.76 15.52 12.46
CA ASN E 85 -22.35 16.76 11.99
C ASN E 85 -21.66 17.28 10.73
N PRO E 86 -21.88 16.63 9.58
CA PRO E 86 -21.20 16.90 8.32
C PRO E 86 -21.63 18.24 7.83
N GLN E 87 -20.76 18.91 7.12
CA GLN E 87 -21.08 20.21 6.60
C GLN E 87 -21.49 20.20 5.17
N GLU E 88 -22.27 21.20 4.80
CA GLU E 88 -22.68 21.40 3.43
C GLU E 88 -22.51 22.85 3.06
N ILE E 89 -21.86 23.11 1.95
CA ILE E 89 -21.61 24.47 1.55
C ILE E 89 -22.38 24.86 0.32
N HIS E 90 -23.16 25.92 0.42
CA HIS E 90 -23.91 26.38 -0.74
C HIS E 90 -23.01 27.16 -1.67
N LEU E 91 -23.10 26.91 -2.97
CA LEU E 91 -22.26 27.68 -3.88
C LEU E 91 -23.07 28.77 -4.57
N GLU E 92 -22.84 30.00 -4.14
CA GLU E 92 -23.60 31.10 -4.66
C GLU E 92 -23.18 31.36 -6.07
N ASN E 93 -24.12 31.62 -6.95
CA ASN E 93 -23.84 31.92 -8.35
C ASN E 93 -23.13 30.79 -9.09
N VAL E 94 -23.28 29.54 -8.66
CA VAL E 94 -22.63 28.46 -9.40
C VAL E 94 -23.61 27.48 -9.94
N THR E 95 -23.52 27.23 -11.24
CA THR E 95 -24.37 26.22 -11.82
C THR E 95 -23.47 25.10 -12.27
N GLU E 96 -24.02 23.92 -12.44
CA GLU E 96 -23.21 22.80 -12.91
C GLU E 96 -24.04 21.87 -13.77
N GLU E 97 -23.39 21.12 -14.64
CA GLU E 97 -24.09 20.14 -15.48
C GLU E 97 -23.93 18.70 -14.98
N PHE E 98 -25.06 18.06 -14.73
CA PHE E 98 -25.11 16.71 -14.20
C PHE E 98 -25.68 15.70 -15.20
N ASN E 99 -25.30 14.42 -15.06
CA ASN E 99 -25.87 13.36 -15.91
C ASN E 99 -25.92 12.02 -15.18
N MET E 100 -27.07 11.68 -14.63
CA MET E 100 -27.24 10.48 -13.82
C MET E 100 -27.09 9.17 -14.57
N TRP E 101 -27.08 9.22 -15.89
CA TRP E 101 -27.02 7.99 -16.66
C TRP E 101 -25.58 7.60 -16.95
N LYS E 102 -24.65 8.49 -16.64
CA LYS E 102 -23.23 8.30 -16.93
C LYS E 102 -22.43 8.47 -15.65
N ASN E 103 -23.10 8.31 -14.53
CA ASN E 103 -22.52 8.53 -13.23
C ASN E 103 -21.78 7.30 -12.74
N ASN E 104 -20.46 7.37 -12.65
CA ASN E 104 -19.67 6.19 -12.30
C ASN E 104 -19.75 5.84 -10.82
N MET E 105 -20.46 6.62 -10.03
CA MET E 105 -20.60 6.30 -8.62
C MET E 105 -21.47 5.07 -8.52
N VAL E 106 -22.33 4.88 -9.53
CA VAL E 106 -23.25 3.76 -9.56
C VAL E 106 -22.45 2.50 -9.75
N GLU E 107 -21.45 2.58 -10.61
CA GLU E 107 -20.65 1.44 -10.91
C GLU E 107 -19.85 1.02 -9.70
N GLN E 108 -19.31 1.97 -8.95
CA GLN E 108 -18.57 1.53 -7.78
C GLN E 108 -19.50 0.93 -6.76
N MET E 109 -20.70 1.49 -6.58
CA MET E 109 -21.57 0.90 -5.60
C MET E 109 -21.91 -0.53 -5.99
N HIS E 110 -22.15 -0.76 -7.28
CA HIS E 110 -22.48 -2.07 -7.76
C HIS E 110 -21.37 -3.06 -7.48
N THR E 111 -20.14 -2.66 -7.81
CA THR E 111 -19.02 -3.54 -7.57
C THR E 111 -18.80 -3.80 -6.08
N ASP E 112 -18.88 -2.77 -5.22
CA ASP E 112 -18.65 -3.04 -3.81
C ASP E 112 -19.67 -3.99 -3.26
N ILE E 113 -20.93 -3.86 -3.66
CA ILE E 113 -21.93 -4.73 -3.12
C ILE E 113 -21.70 -6.16 -3.50
N ILE E 114 -21.38 -6.42 -4.75
CA ILE E 114 -21.17 -7.80 -5.10
C ILE E 114 -19.96 -8.37 -4.41
N SER E 115 -18.86 -7.64 -4.36
CA SER E 115 -17.69 -8.19 -3.73
C SER E 115 -17.89 -8.45 -2.25
N LEU E 116 -18.60 -7.57 -1.54
CA LEU E 116 -18.82 -7.79 -0.12
C LEU E 116 -19.68 -9.01 0.10
N TRP E 117 -20.69 -9.16 -0.75
CA TRP E 117 -21.57 -10.29 -0.66
C TRP E 117 -20.76 -11.55 -0.77
N ASP E 118 -19.90 -11.63 -1.78
CA ASP E 118 -19.11 -12.85 -1.93
C ASP E 118 -18.15 -13.07 -0.78
N GLN E 119 -17.54 -12.02 -0.24
CA GLN E 119 -16.61 -12.27 0.85
C GLN E 119 -17.33 -12.84 2.06
N SER E 120 -18.57 -12.44 2.28
CA SER E 120 -19.32 -12.91 3.44
C SER E 120 -19.62 -14.40 3.40
N LEU E 121 -19.56 -15.04 2.24
CA LEU E 121 -19.86 -16.45 2.17
C LEU E 121 -18.61 -17.30 2.16
N LYS E 122 -17.46 -16.66 2.15
CA LYS E 122 -16.22 -17.40 2.06
C LYS E 122 -16.04 -18.44 3.14
N PRO E 123 -16.32 -18.19 4.44
CA PRO E 123 -16.14 -19.12 5.51
C PRO E 123 -17.34 -20.03 5.76
N CYS E 124 -18.34 -20.03 4.89
CA CYS E 124 -19.54 -20.78 5.22
C CYS E 124 -19.47 -22.19 4.66
N VAL E 125 -20.14 -23.12 5.31
CA VAL E 125 -20.17 -24.53 4.92
C VAL E 125 -20.76 -24.79 3.55
N LYS E 126 -20.09 -25.65 2.79
CA LYS E 126 -20.57 -26.03 1.47
C LYS E 126 -21.56 -27.16 1.61
N LEU E 127 -22.53 -27.22 0.73
CA LEU E 127 -23.52 -28.26 0.77
C LEU E 127 -23.44 -29.28 -0.33
N THR E 128 -22.26 -29.47 -0.90
CA THR E 128 -22.12 -30.40 -2.01
C THR E 128 -22.55 -31.85 -1.70
N PRO E 129 -22.47 -32.38 -0.45
CA PRO E 129 -22.93 -33.70 -0.11
C PRO E 129 -24.44 -33.87 -0.32
N LEU E 130 -25.20 -32.78 -0.54
CA LEU E 130 -26.66 -32.88 -0.76
C LEU E 130 -27.01 -33.20 -2.19
N CYS E 131 -26.06 -33.23 -3.10
CA CYS E 131 -26.46 -33.56 -4.46
C CYS E 131 -26.60 -35.05 -4.63
N VAL E 132 -27.72 -35.53 -4.13
CA VAL E 132 -28.06 -36.94 -4.05
C VAL E 132 -29.38 -37.18 -4.64
N THR E 133 -29.71 -38.43 -4.86
CA THR E 133 -31.05 -38.64 -5.32
C THR E 133 -31.95 -38.58 -4.11
N LEU E 134 -32.96 -37.74 -4.18
CA LEU E 134 -33.90 -37.57 -3.10
C LEU E 134 -35.10 -38.43 -3.41
N GLN E 135 -35.62 -39.17 -2.46
CA GLN E 135 -36.82 -39.91 -2.74
C GLN E 135 -37.90 -39.04 -2.18
N CYS E 136 -38.90 -38.65 -2.98
CA CYS E 136 -39.72 -37.60 -2.39
C CYS E 136 -41.21 -37.66 -2.75
N THR E 137 -42.03 -37.28 -1.76
CA THR E 137 -43.50 -37.20 -1.84
C THR E 137 -44.06 -35.82 -1.41
N ASN E 138 -45.37 -35.61 -1.56
CA ASN E 138 -45.97 -34.32 -1.18
C ASN E 138 -46.39 -34.22 0.27
N VAL E 139 -46.41 -32.98 0.77
CA VAL E 139 -46.94 -32.70 2.08
C VAL E 139 -48.44 -32.45 1.94
N THR E 140 -49.24 -33.26 2.62
CA THR E 140 -50.69 -33.17 2.52
C THR E 140 -51.41 -32.94 3.84
N ASN E 141 -50.67 -32.63 4.89
CA ASN E 141 -51.29 -32.49 6.21
C ASN E 141 -51.82 -31.11 6.49
N ASN E 142 -53.14 -30.98 6.53
CA ASN E 142 -53.78 -29.70 6.81
C ASN E 142 -53.27 -28.59 5.90
N ILE E 143 -53.23 -28.86 4.61
CA ILE E 143 -52.71 -27.86 3.71
C ILE E 143 -53.81 -27.25 2.87
N THR E 144 -53.77 -25.93 2.82
CA THR E 144 -54.70 -25.07 2.11
C THR E 144 -54.64 -25.35 0.60
N ASP E 145 -55.78 -25.38 -0.06
CA ASP E 145 -55.72 -25.63 -1.48
C ASP E 145 -55.00 -24.44 -2.10
N ASP E 146 -54.44 -24.66 -3.27
CA ASP E 146 -53.61 -23.69 -4.01
C ASP E 146 -52.25 -23.44 -3.33
N MET E 147 -51.92 -24.24 -2.30
CA MET E 147 -50.64 -24.24 -1.61
C MET E 147 -50.23 -25.69 -1.68
N ARG E 148 -51.20 -26.48 -2.07
CA ARG E 148 -51.03 -27.90 -2.15
C ARG E 148 -50.16 -28.17 -3.35
N GLY E 149 -49.14 -28.98 -3.16
CA GLY E 149 -48.19 -29.28 -4.21
C GLY E 149 -46.94 -28.42 -4.10
N GLU E 150 -46.96 -27.38 -3.26
CA GLU E 150 -45.80 -26.51 -3.09
C GLU E 150 -44.73 -27.07 -2.18
N LEU E 151 -45.12 -27.87 -1.20
CA LEU E 151 -44.13 -28.40 -0.30
C LEU E 151 -44.00 -29.89 -0.46
N LYS E 152 -42.74 -30.35 -0.44
CA LYS E 152 -42.48 -31.75 -0.54
C LYS E 152 -41.61 -32.30 0.57
N ASN E 153 -41.92 -33.52 0.94
CA ASN E 153 -41.26 -34.28 1.99
C ASN E 153 -40.24 -35.25 1.41
N CYS E 154 -38.96 -34.88 1.46
CA CYS E 154 -37.96 -35.70 0.79
C CYS E 154 -37.04 -36.38 1.78
N SER E 155 -36.57 -37.57 1.43
CA SER E 155 -35.62 -38.26 2.28
C SER E 155 -34.41 -38.74 1.51
N PHE E 156 -33.29 -38.80 2.20
CA PHE E 156 -32.04 -39.17 1.58
C PHE E 156 -30.96 -39.70 2.50
N ASN E 157 -29.95 -40.34 1.91
CA ASN E 157 -28.80 -40.82 2.67
C ASN E 157 -27.69 -39.79 2.70
N MET E 158 -27.53 -39.16 3.83
CA MET E 158 -26.60 -38.07 4.02
C MET E 158 -25.32 -38.57 4.66
N THR E 159 -24.21 -37.87 4.45
CA THR E 159 -22.95 -38.24 5.08
C THR E 159 -23.05 -37.83 6.52
N THR E 160 -22.10 -38.27 7.33
CA THR E 160 -22.11 -37.89 8.73
C THR E 160 -20.71 -37.61 9.25
N GLU E 161 -20.56 -37.58 10.56
CA GLU E 161 -19.29 -37.24 11.19
C GLU E 161 -18.17 -38.19 10.83
N LEU E 162 -18.49 -39.47 10.71
CA LEU E 162 -17.48 -40.44 10.36
C LEU E 162 -17.64 -40.84 8.92
N ARG E 163 -16.52 -41.06 8.26
CA ARG E 163 -16.47 -41.45 6.85
C ARG E 163 -17.10 -42.80 6.58
N ASP E 164 -17.15 -43.64 7.59
CA ASP E 164 -17.69 -44.98 7.46
C ASP E 164 -19.19 -45.07 7.67
N LYS E 165 -19.84 -43.97 8.02
CA LYS E 165 -21.26 -44.03 8.33
C LYS E 165 -22.12 -43.17 7.42
N LYS E 166 -23.37 -43.55 7.30
CA LYS E 166 -24.37 -42.79 6.55
C LYS E 166 -25.58 -42.67 7.43
N GLN E 167 -26.37 -41.62 7.23
CA GLN E 167 -27.58 -41.46 8.02
C GLN E 167 -28.77 -41.17 7.14
N LYS E 168 -29.94 -41.63 7.56
CA LYS E 168 -31.15 -41.34 6.83
C LYS E 168 -31.82 -40.14 7.42
N VAL E 169 -31.99 -39.12 6.62
CA VAL E 169 -32.59 -37.90 7.09
C VAL E 169 -33.69 -37.49 6.18
N TYR E 170 -34.55 -36.60 6.63
CA TYR E 170 -35.56 -36.07 5.75
C TYR E 170 -35.75 -34.61 6.07
N SER E 171 -36.26 -33.88 5.10
CA SER E 171 -36.52 -32.47 5.26
C SER E 171 -37.56 -31.97 4.29
N LEU E 172 -38.05 -30.77 4.52
CA LEU E 172 -39.01 -30.24 3.56
C LEU E 172 -38.37 -29.27 2.60
N PHE E 173 -38.80 -29.35 1.35
CA PHE E 173 -38.35 -28.46 0.30
C PHE E 173 -39.49 -27.82 -0.43
N TYR E 174 -39.25 -26.63 -0.94
CA TYR E 174 -40.22 -25.96 -1.77
C TYR E 174 -40.11 -26.49 -3.17
N ARG E 175 -41.22 -26.56 -3.86
CA ARG E 175 -41.26 -27.04 -5.22
C ARG E 175 -40.27 -26.38 -6.14
N LEU E 176 -40.04 -25.09 -5.97
CA LEU E 176 -39.16 -24.36 -6.87
C LEU E 176 -37.69 -24.70 -6.75
N ASP E 177 -37.30 -25.42 -5.70
CA ASP E 177 -35.92 -25.78 -5.50
C ASP E 177 -35.56 -27.17 -5.98
N VAL E 178 -36.52 -27.94 -6.51
CA VAL E 178 -36.18 -29.30 -6.95
C VAL E 178 -36.64 -29.58 -8.36
N VAL E 179 -36.03 -30.58 -8.99
CA VAL E 179 -36.50 -31.01 -10.30
C VAL E 179 -36.66 -32.51 -10.29
N GLN E 180 -37.61 -33.01 -11.06
CA GLN E 180 -37.80 -34.44 -11.12
C GLN E 180 -36.82 -35.03 -12.09
N ILE E 181 -36.19 -36.13 -11.72
CA ILE E 181 -35.28 -36.77 -12.65
C ILE E 181 -35.91 -38.00 -13.27
N ASN E 182 -36.66 -38.75 -12.49
CA ASN E 182 -37.22 -39.98 -13.06
C ASN E 182 -38.52 -39.70 -13.77
N GLU E 183 -38.38 -39.08 -14.93
CA GLU E 183 -39.51 -38.68 -15.72
C GLU E 183 -40.44 -39.86 -15.93
N ASN E 193 -43.31 -42.89 -4.64
CA ASN E 193 -42.41 -41.74 -4.54
C ASN E 193 -41.61 -41.61 -5.81
N LYS E 194 -41.14 -40.40 -6.10
CA LYS E 194 -40.35 -40.22 -7.32
C LYS E 194 -39.01 -39.65 -6.99
N GLU E 195 -38.03 -39.98 -7.81
CA GLU E 195 -36.72 -39.42 -7.65
C GLU E 195 -36.61 -37.98 -8.14
N TYR E 196 -36.00 -37.16 -7.28
CA TYR E 196 -35.73 -35.75 -7.48
C TYR E 196 -34.30 -35.38 -7.14
N ARG E 197 -33.87 -34.25 -7.65
CA ARG E 197 -32.57 -33.73 -7.26
C ARG E 197 -32.69 -32.26 -7.01
N LEU E 198 -31.73 -31.67 -6.33
CA LEU E 198 -31.80 -30.24 -6.13
C LEU E 198 -31.57 -29.60 -7.47
N ILE E 199 -32.26 -28.51 -7.71
CA ILE E 199 -32.19 -27.84 -8.99
C ILE E 199 -30.82 -27.40 -9.47
N ASN E 200 -29.89 -27.08 -8.58
CA ASN E 200 -28.57 -26.65 -9.08
C ASN E 200 -27.51 -27.72 -9.14
N CYS E 201 -27.83 -28.97 -8.91
CA CYS E 201 -26.73 -29.92 -8.91
C CYS E 201 -26.09 -30.17 -10.26
N ASN E 202 -26.73 -29.81 -11.37
CA ASN E 202 -26.05 -30.02 -12.64
C ASN E 202 -25.39 -28.74 -13.14
N THR E 203 -25.45 -27.64 -12.38
CA THR E 203 -24.85 -26.41 -12.89
C THR E 203 -23.93 -25.64 -11.94
N SER E 204 -24.08 -25.79 -10.63
CA SER E 204 -23.31 -24.94 -9.73
C SER E 204 -23.05 -25.52 -8.36
N ALA E 205 -22.14 -24.90 -7.63
CA ALA E 205 -21.92 -25.32 -6.25
C ALA E 205 -22.91 -24.62 -5.36
N ILE E 206 -23.35 -25.28 -4.31
CA ILE E 206 -24.27 -24.64 -3.38
C ILE E 206 -23.61 -24.41 -2.05
N THR E 207 -23.62 -23.15 -1.58
CA THR E 207 -23.02 -22.77 -0.29
C THR E 207 -24.10 -22.33 0.68
N GLN E 208 -24.07 -22.83 1.91
CA GLN E 208 -25.09 -22.42 2.87
C GLN E 208 -24.73 -21.09 3.42
N ALA E 209 -25.67 -20.17 3.49
CA ALA E 209 -25.34 -18.90 4.09
C ALA E 209 -25.11 -19.12 5.56
N CYS E 210 -24.16 -18.42 6.14
CA CYS E 210 -23.94 -18.55 7.56
C CYS E 210 -25.18 -18.02 8.28
N PRO E 211 -25.76 -18.75 9.24
CA PRO E 211 -26.97 -18.41 9.97
C PRO E 211 -26.82 -17.22 10.89
N LYS E 212 -25.58 -16.87 11.18
CA LYS E 212 -25.27 -15.76 12.06
C LYS E 212 -25.10 -14.43 11.31
N VAL E 213 -25.17 -14.48 9.99
CA VAL E 213 -24.94 -13.28 9.20
C VAL E 213 -26.25 -12.62 8.79
N SER E 214 -26.34 -11.33 9.06
CA SER E 214 -27.52 -10.54 8.76
C SER E 214 -27.56 -9.95 7.37
N PHE E 215 -28.75 -9.93 6.78
CA PHE E 215 -28.93 -9.32 5.46
C PHE E 215 -29.62 -7.97 5.56
N GLU E 216 -29.71 -7.43 6.76
CA GLU E 216 -30.36 -6.15 6.95
C GLU E 216 -29.61 -5.08 6.15
N PRO E 217 -30.27 -4.26 5.32
CA PRO E 217 -29.68 -3.25 4.50
C PRO E 217 -29.30 -2.00 5.26
N ILE E 218 -28.31 -2.14 6.11
CA ILE E 218 -27.79 -1.04 6.89
C ILE E 218 -27.10 -0.09 5.94
N PRO E 219 -27.43 1.21 5.92
CA PRO E 219 -26.91 2.18 5.00
C PRO E 219 -25.47 2.54 5.20
N ILE E 220 -24.84 2.92 4.09
CA ILE E 220 -23.49 3.44 4.14
C ILE E 220 -23.44 4.78 3.47
N HIS E 221 -22.39 5.53 3.73
CA HIS E 221 -22.21 6.83 3.12
C HIS E 221 -20.98 6.78 2.25
N TYR E 222 -21.02 7.36 1.05
CA TYR E 222 -19.78 7.40 0.27
C TYR E 222 -19.09 8.69 0.51
N CYS E 223 -17.78 8.63 0.67
CA CYS E 223 -16.99 9.82 0.94
C CYS E 223 -15.83 9.99 -0.03
N ALA E 224 -15.60 11.23 -0.44
CA ALA E 224 -14.50 11.54 -1.32
C ALA E 224 -13.17 11.56 -0.58
N PRO E 225 -12.06 11.17 -1.22
CA PRO E 225 -10.70 11.25 -0.73
C PRO E 225 -10.18 12.67 -0.80
N ALA E 226 -9.08 12.94 -0.11
CA ALA E 226 -8.52 14.28 -0.18
C ALA E 226 -8.20 14.64 -1.63
N GLY E 227 -8.50 15.88 -1.99
CA GLY E 227 -8.26 16.39 -3.34
C GLY E 227 -9.52 16.36 -4.19
N PHE E 228 -10.57 15.73 -3.68
CA PHE E 228 -11.87 15.59 -4.33
C PHE E 228 -13.02 16.15 -3.53
N ALA E 229 -14.10 16.43 -4.23
CA ALA E 229 -15.31 16.93 -3.58
C ALA E 229 -16.52 16.36 -4.25
N ILE E 230 -17.63 16.23 -3.52
CA ILE E 230 -18.84 15.75 -4.15
C ILE E 230 -19.84 16.88 -4.28
N LEU E 231 -20.27 17.12 -5.49
CA LEU E 231 -21.22 18.18 -5.68
C LEU E 231 -22.59 17.57 -5.63
N LYS E 232 -23.54 18.29 -5.08
CA LYS E 232 -24.89 17.80 -5.00
C LYS E 232 -25.92 18.78 -5.54
N CYS E 233 -26.92 18.26 -6.24
CA CYS E 233 -28.04 19.11 -6.64
C CYS E 233 -29.04 19.30 -5.54
N LYS E 234 -29.55 20.52 -5.46
CA LYS E 234 -30.62 20.80 -4.53
C LYS E 234 -31.93 21.01 -5.25
N ASP E 235 -31.90 21.14 -6.58
CA ASP E 235 -33.10 21.46 -7.32
C ASP E 235 -34.11 20.35 -7.17
N LYS E 236 -35.25 20.70 -6.60
CA LYS E 236 -36.28 19.76 -6.23
C LYS E 236 -36.98 19.13 -7.43
N LYS E 237 -36.80 19.70 -8.62
CA LYS E 237 -37.39 19.14 -9.83
C LYS E 237 -36.35 18.58 -10.79
N PHE E 238 -35.11 18.40 -10.36
CA PHE E 238 -34.10 17.91 -11.27
C PHE E 238 -34.46 16.55 -11.84
N ASN E 239 -34.40 16.40 -13.17
CA ASN E 239 -34.82 15.17 -13.82
C ASN E 239 -33.65 14.27 -14.24
N GLY E 240 -32.49 14.51 -13.68
CA GLY E 240 -31.33 13.66 -13.90
C GLY E 240 -30.28 14.15 -14.88
N THR E 241 -30.60 15.06 -15.79
CA THR E 241 -29.58 15.55 -16.69
C THR E 241 -29.63 17.05 -16.88
N GLY E 242 -28.52 17.60 -17.31
CA GLY E 242 -28.45 19.00 -17.70
C GLY E 242 -28.10 19.90 -16.54
N PRO E 243 -28.19 21.21 -16.74
CA PRO E 243 -27.85 22.22 -15.79
C PRO E 243 -28.66 22.06 -14.53
N CYS E 244 -28.01 22.28 -13.42
CA CYS E 244 -28.56 22.22 -12.10
C CYS E 244 -28.25 23.55 -11.41
N PRO E 245 -29.20 24.52 -11.38
CA PRO E 245 -29.08 25.87 -10.86
C PRO E 245 -28.68 26.02 -9.40
N SER E 246 -28.88 25.00 -8.58
CA SER E 246 -28.50 25.14 -7.19
C SER E 246 -27.68 23.96 -6.75
N VAL E 247 -26.43 24.23 -6.46
CA VAL E 247 -25.43 23.25 -6.16
C VAL E 247 -24.76 23.53 -4.84
N SER E 248 -24.49 22.48 -4.10
CA SER E 248 -23.78 22.61 -2.84
C SER E 248 -22.76 21.50 -2.72
N THR E 249 -21.82 21.63 -1.80
CA THR E 249 -20.82 20.58 -1.70
C THR E 249 -20.89 19.83 -0.41
N VAL E 250 -20.59 18.55 -0.50
CA VAL E 250 -20.48 17.69 0.66
C VAL E 250 -19.20 16.88 0.57
N GLN E 251 -18.77 16.32 1.69
CA GLN E 251 -17.64 15.42 1.61
C GLN E 251 -18.17 14.00 1.48
N CYS E 252 -19.32 13.77 2.12
CA CYS E 252 -19.97 12.47 2.15
C CYS E 252 -21.42 12.55 1.72
N THR E 253 -21.92 11.48 1.11
CA THR E 253 -23.30 11.39 0.66
C THR E 253 -24.21 11.06 1.81
N HIS E 254 -25.51 11.14 1.57
CA HIS E 254 -26.48 10.72 2.57
C HIS E 254 -26.34 9.23 2.70
N GLY E 255 -26.89 8.64 3.76
CA GLY E 255 -26.75 7.20 3.86
C GLY E 255 -27.64 6.54 2.83
N ILE E 256 -27.12 5.54 2.16
CA ILE E 256 -27.87 4.81 1.16
C ILE E 256 -27.99 3.35 1.52
N LYS E 257 -29.21 2.86 1.55
CA LYS E 257 -29.46 1.48 1.89
C LYS E 257 -29.32 0.56 0.69
N PRO E 258 -28.52 -0.50 0.73
CA PRO E 258 -28.30 -1.43 -0.37
C PRO E 258 -29.46 -2.42 -0.47
N VAL E 259 -30.62 -1.90 -0.78
CA VAL E 259 -31.83 -2.68 -0.90
C VAL E 259 -31.91 -3.30 -2.28
N VAL E 260 -32.24 -4.58 -2.35
CA VAL E 260 -32.35 -5.26 -3.61
C VAL E 260 -33.79 -5.65 -3.88
N SER E 261 -34.29 -5.25 -5.04
CA SER E 261 -35.65 -5.52 -5.48
C SER E 261 -35.72 -5.48 -7.00
N THR E 262 -36.89 -5.76 -7.58
CA THR E 262 -37.04 -5.76 -9.03
C THR E 262 -38.08 -4.76 -9.50
N GLN E 263 -39.32 -5.17 -9.59
CA GLN E 263 -40.36 -4.29 -10.13
C GLN E 263 -40.68 -3.08 -9.28
N LEU E 264 -40.65 -3.22 -7.95
CA LEU E 264 -40.93 -2.05 -7.13
C LEU E 264 -39.73 -1.77 -6.26
N LEU E 265 -39.53 -0.52 -5.95
CA LEU E 265 -38.44 -0.08 -5.09
C LEU E 265 -39.02 0.08 -3.70
N LEU E 266 -38.57 -0.76 -2.77
CA LEU E 266 -39.18 -0.86 -1.44
C LEU E 266 -38.75 -0.02 -0.26
N ASN E 267 -37.63 0.67 -0.28
CA ASN E 267 -37.28 1.41 0.94
C ASN E 267 -36.34 2.57 0.64
N GLY E 268 -36.59 3.35 -0.41
CA GLY E 268 -35.67 4.44 -0.75
C GLY E 268 -36.17 5.81 -0.35
N SER E 269 -35.71 6.82 -1.07
CA SER E 269 -36.10 8.20 -0.79
C SER E 269 -37.34 8.57 -1.56
N LEU E 270 -38.11 9.49 -1.02
CA LEU E 270 -39.28 10.04 -1.70
C LEU E 270 -38.99 11.37 -2.30
N ALA E 271 -39.72 11.72 -3.34
CA ALA E 271 -39.59 13.03 -3.93
C ALA E 271 -40.15 14.04 -2.95
N GLU E 272 -39.51 15.19 -2.81
CA GLU E 272 -39.99 16.20 -1.88
C GLU E 272 -41.28 16.90 -2.29
N GLU E 273 -41.45 17.16 -3.58
CA GLU E 273 -42.61 17.89 -4.03
C GLU E 273 -43.44 17.08 -5.03
N GLU E 274 -43.07 17.14 -6.29
CA GLU E 274 -43.80 16.48 -7.36
C GLU E 274 -43.30 15.07 -7.63
N VAL E 275 -44.15 14.24 -8.21
CA VAL E 275 -43.74 12.90 -8.64
C VAL E 275 -42.79 13.04 -9.80
N MET E 276 -41.65 12.36 -9.74
CA MET E 276 -40.68 12.51 -10.80
C MET E 276 -40.53 11.33 -11.70
N ILE E 277 -40.47 11.62 -12.99
CA ILE E 277 -40.27 10.58 -13.97
C ILE E 277 -38.95 10.80 -14.65
N ARG E 278 -38.06 9.84 -14.56
CA ARG E 278 -36.75 10.02 -15.14
C ARG E 278 -36.41 8.90 -16.10
N SER E 279 -35.78 9.24 -17.20
CA SER E 279 -35.36 8.23 -18.15
C SER E 279 -34.22 8.74 -18.96
N GLU E 280 -33.42 7.83 -19.47
CA GLU E 280 -32.36 8.20 -20.37
C GLU E 280 -32.92 8.82 -21.63
N ASN E 281 -34.08 8.32 -22.11
CA ASN E 281 -34.64 8.81 -23.36
C ASN E 281 -36.14 9.11 -23.32
N ILE E 282 -36.95 8.29 -22.61
CA ILE E 282 -38.44 8.32 -22.70
C ILE E 282 -38.96 7.79 -24.05
N THR E 283 -38.48 8.39 -25.14
CA THR E 283 -38.82 8.08 -26.52
C THR E 283 -38.39 6.68 -26.95
N ASN E 284 -37.23 6.25 -26.49
CA ASN E 284 -36.67 4.96 -26.85
C ASN E 284 -37.34 3.85 -26.05
N ASN E 285 -37.96 2.90 -26.74
CA ASN E 285 -38.71 1.84 -26.06
C ASN E 285 -37.79 0.79 -25.44
N ALA E 286 -36.51 0.90 -25.70
CA ALA E 286 -35.53 -0.02 -25.14
C ALA E 286 -35.02 0.46 -23.79
N LYS E 287 -35.45 1.63 -23.35
CA LYS E 287 -34.97 2.20 -22.10
C LYS E 287 -35.96 2.13 -20.98
N ASN E 288 -35.46 2.14 -19.76
CA ASN E 288 -36.32 2.11 -18.59
C ASN E 288 -36.75 3.50 -18.18
N ILE E 289 -37.88 3.55 -17.50
CA ILE E 289 -38.38 4.75 -16.88
C ILE E 289 -38.42 4.53 -15.38
N LEU E 290 -37.77 5.40 -14.64
CA LEU E 290 -37.77 5.28 -13.20
C LEU E 290 -38.76 6.26 -12.63
N VAL E 291 -39.73 5.78 -11.89
CA VAL E 291 -40.72 6.69 -11.35
C VAL E 291 -40.59 6.80 -9.85
N GLN E 292 -40.35 8.01 -9.36
CA GLN E 292 -40.19 8.24 -7.94
C GLN E 292 -41.43 8.87 -7.34
N PHE E 293 -41.98 8.22 -6.34
CA PHE E 293 -43.19 8.66 -5.68
C PHE E 293 -42.89 9.78 -4.71
N ASN E 294 -43.85 10.65 -4.48
CA ASN E 294 -43.69 11.71 -3.49
C ASN E 294 -44.41 11.41 -2.19
N THR E 295 -44.85 10.16 -2.03
CA THR E 295 -45.54 9.69 -0.83
C THR E 295 -45.27 8.19 -0.84
N PRO E 296 -45.10 7.52 0.30
CA PRO E 296 -44.88 6.11 0.36
C PRO E 296 -46.18 5.36 0.16
N VAL E 297 -46.09 4.13 -0.32
CA VAL E 297 -47.26 3.28 -0.31
C VAL E 297 -46.95 2.15 0.65
N GLN E 298 -47.79 1.95 1.64
CA GLN E 298 -47.45 0.92 2.61
C GLN E 298 -47.81 -0.47 2.13
N ILE E 299 -46.84 -1.38 2.28
CA ILE E 299 -47.00 -2.79 1.94
C ILE E 299 -46.65 -3.69 3.13
N ASN E 300 -47.55 -4.64 3.42
CA ASN E 300 -47.38 -5.58 4.53
C ASN E 300 -47.26 -7.02 4.06
N CYS E 301 -46.10 -7.62 4.25
CA CYS E 301 -45.88 -8.98 3.75
C CYS E 301 -45.77 -9.99 4.87
N THR E 302 -46.25 -11.19 4.63
CA THR E 302 -46.18 -12.24 5.62
C THR E 302 -45.95 -13.65 5.08
N ARG E 303 -45.34 -14.46 5.93
CA ARG E 303 -45.14 -15.88 5.71
C ARG E 303 -45.76 -16.59 6.88
N PRO E 304 -47.08 -16.84 6.86
CA PRO E 304 -47.89 -17.32 7.95
C PRO E 304 -47.80 -18.80 8.18
N ASN E 305 -46.61 -19.31 8.41
CA ASN E 305 -46.39 -20.72 8.65
C ASN E 305 -45.40 -20.87 9.76
N ASN E 306 -45.79 -21.46 10.85
CA ASN E 306 -44.86 -21.57 11.97
C ASN E 306 -43.93 -22.76 11.75
N ASN E 307 -42.69 -22.46 11.37
CA ASN E 307 -41.78 -23.56 11.02
C ASN E 307 -40.81 -23.91 12.10
N THR E 308 -40.34 -25.14 12.04
CA THR E 308 -39.27 -25.56 12.93
C THR E 308 -38.00 -25.66 12.14
N ARG E 309 -36.87 -25.73 12.84
CA ARG E 309 -35.60 -25.89 12.17
C ARG E 309 -34.77 -26.89 12.91
N LYS E 310 -34.06 -27.71 12.17
CA LYS E 310 -33.18 -28.68 12.80
C LYS E 310 -31.84 -28.72 12.11
N SER E 311 -30.79 -29.06 12.85
CA SER E 311 -29.52 -29.16 12.18
C SER E 311 -29.14 -30.61 11.99
N ILE E 312 -28.45 -30.86 10.91
CA ILE E 312 -27.92 -32.16 10.59
C ILE E 312 -26.43 -32.10 10.50
N ARG E 313 -25.73 -32.92 11.26
CA ARG E 313 -24.28 -32.88 11.14
C ARG E 313 -23.93 -33.62 9.87
N ILE E 314 -23.09 -33.01 9.04
CA ILE E 314 -22.74 -33.63 7.77
C ILE E 314 -21.29 -34.02 7.70
N GLY E 315 -20.50 -33.52 8.63
CA GLY E 315 -19.10 -33.86 8.70
C GLY E 315 -18.49 -33.12 9.88
N PRO E 316 -17.22 -33.34 10.21
CA PRO E 316 -16.58 -32.70 11.33
C PRO E 316 -16.65 -31.21 11.23
N GLY E 317 -17.27 -30.58 12.22
CA GLY E 317 -17.36 -29.13 12.26
C GLY E 317 -18.43 -28.56 11.32
N GLN E 318 -19.21 -29.42 10.66
CA GLN E 318 -20.16 -28.92 9.69
C GLN E 318 -21.57 -29.40 9.88
N ALA E 319 -22.51 -28.48 9.69
CA ALA E 319 -23.92 -28.83 9.76
C ALA E 319 -24.76 -28.06 8.77
N PHE E 320 -25.79 -28.73 8.35
CA PHE E 320 -26.80 -28.27 7.43
C PHE E 320 -28.08 -27.95 8.14
N TYR E 321 -28.71 -26.84 7.79
CA TYR E 321 -29.97 -26.49 8.41
C TYR E 321 -31.13 -26.84 7.56
N ALA E 322 -31.96 -27.71 8.07
CA ALA E 322 -33.08 -28.22 7.33
C ALA E 322 -34.41 -27.73 7.87
N THR E 323 -35.37 -27.56 6.97
CA THR E 323 -36.72 -27.25 7.39
C THR E 323 -37.20 -28.50 8.06
N GLY E 324 -37.74 -28.35 9.25
CA GLY E 324 -38.19 -29.50 10.02
C GLY E 324 -39.60 -29.91 9.69
N ASP E 325 -40.55 -29.28 10.35
CA ASP E 325 -41.95 -29.56 10.10
C ASP E 325 -42.75 -28.30 10.32
N ILE E 326 -44.05 -28.38 10.13
CA ILE E 326 -44.90 -27.20 10.24
C ILE E 326 -45.82 -27.32 11.44
N ILE E 327 -45.85 -26.29 12.24
CA ILE E 327 -46.73 -26.25 13.38
C ILE E 327 -47.97 -25.51 12.97
N GLY E 328 -49.10 -26.18 13.05
CA GLY E 328 -50.34 -25.57 12.62
C GLY E 328 -50.57 -25.82 11.14
N ASP E 329 -51.58 -25.15 10.60
CA ASP E 329 -52.00 -25.35 9.22
C ASP E 329 -51.00 -24.73 8.27
N ILE E 330 -50.98 -25.23 7.04
CA ILE E 330 -50.11 -24.68 6.01
C ILE E 330 -50.86 -23.69 5.11
N ARG E 331 -50.34 -22.46 5.06
CA ARG E 331 -50.93 -21.35 4.32
C ARG E 331 -50.01 -20.68 3.31
N GLN E 332 -50.61 -20.02 2.33
CA GLN E 332 -49.86 -19.31 1.31
C GLN E 332 -49.31 -17.97 1.77
N ALA E 333 -48.05 -17.70 1.43
CA ALA E 333 -47.40 -16.42 1.72
C ALA E 333 -48.00 -15.34 0.86
N HIS E 334 -48.09 -14.13 1.39
CA HIS E 334 -48.68 -13.03 0.61
C HIS E 334 -48.33 -11.64 1.08
N CYS E 335 -48.58 -10.65 0.21
CA CYS E 335 -48.41 -9.24 0.55
C CYS E 335 -49.65 -8.41 0.31
N ASN E 336 -49.93 -7.49 1.23
CA ASN E 336 -51.06 -6.58 1.11
C ASN E 336 -50.64 -5.15 0.82
N VAL E 337 -51.25 -4.55 -0.18
CA VAL E 337 -51.01 -3.16 -0.53
C VAL E 337 -52.29 -2.37 -0.34
N SER E 338 -52.25 -1.26 0.39
CA SER E 338 -53.52 -0.52 0.59
C SER E 338 -54.12 -0.13 -0.74
N LYS E 339 -55.41 -0.42 -0.94
CA LYS E 339 -55.99 -0.14 -2.25
C LYS E 339 -56.17 1.33 -2.58
N ALA E 340 -56.66 2.12 -1.64
CA ALA E 340 -56.90 3.52 -1.99
C ALA E 340 -55.61 4.25 -2.27
N THR E 341 -54.56 3.94 -1.51
CA THR E 341 -53.31 4.62 -1.70
C THR E 341 -52.76 4.27 -3.06
N TRP E 342 -52.83 2.99 -3.44
CA TRP E 342 -52.29 2.61 -4.72
C TRP E 342 -53.01 3.34 -5.83
N ASN E 343 -54.34 3.44 -5.74
CA ASN E 343 -55.09 4.11 -6.78
C ASN E 343 -54.69 5.58 -6.91
N GLU E 344 -54.53 6.28 -5.79
CA GLU E 344 -54.15 7.68 -5.89
C GLU E 344 -52.76 7.82 -6.45
N THR E 345 -51.88 6.91 -6.06
CA THR E 345 -50.50 6.99 -6.49
C THR E 345 -50.41 6.83 -7.99
N LEU E 346 -51.15 5.88 -8.57
CA LEU E 346 -51.08 5.78 -10.01
C LEU E 346 -51.66 7.00 -10.67
N GLY E 347 -52.73 7.57 -10.12
CA GLY E 347 -53.30 8.74 -10.78
C GLY E 347 -52.25 9.85 -10.90
N LYS E 348 -51.42 10.03 -9.87
CA LYS E 348 -50.38 11.04 -9.93
C LYS E 348 -49.34 10.71 -10.99
N VAL E 349 -48.98 9.43 -11.11
CA VAL E 349 -48.00 9.03 -12.10
C VAL E 349 -48.52 9.27 -13.49
N VAL E 350 -49.77 8.95 -13.74
CA VAL E 350 -50.32 9.14 -15.05
C VAL E 350 -50.37 10.61 -15.44
N LYS E 351 -50.77 11.48 -14.53
CA LYS E 351 -50.78 12.88 -14.92
C LYS E 351 -49.42 13.34 -15.37
N GLN E 352 -48.35 12.86 -14.73
CA GLN E 352 -47.04 13.29 -15.18
C GLN E 352 -46.58 12.53 -16.43
N LEU E 353 -46.94 11.26 -16.61
CA LEU E 353 -46.51 10.56 -17.83
C LEU E 353 -47.07 11.22 -19.06
N ARG E 354 -48.30 11.71 -18.98
CA ARG E 354 -48.93 12.32 -20.14
C ARG E 354 -48.15 13.49 -20.70
N LYS E 355 -47.32 14.15 -19.91
CA LYS E 355 -46.58 15.30 -20.41
C LYS E 355 -45.66 14.94 -21.57
N HIS E 356 -45.28 13.67 -21.67
CA HIS E 356 -44.40 13.23 -22.73
C HIS E 356 -45.13 12.51 -23.87
N PHE E 357 -46.42 12.25 -23.72
CA PHE E 357 -47.10 11.44 -24.72
C PHE E 357 -48.27 12.13 -25.42
N GLY E 358 -48.75 13.24 -24.87
CA GLY E 358 -49.87 13.97 -25.47
C GLY E 358 -51.05 14.18 -24.52
N ASN E 359 -51.74 15.30 -24.71
CA ASN E 359 -52.83 15.68 -23.81
C ASN E 359 -54.00 14.73 -23.78
N ASN E 360 -54.27 14.05 -24.89
CA ASN E 360 -55.39 13.13 -24.91
C ASN E 360 -54.96 11.71 -25.08
N THR E 361 -53.69 11.43 -24.79
CA THR E 361 -53.18 10.09 -24.93
C THR E 361 -53.64 9.23 -23.75
N ILE E 362 -54.09 8.03 -24.06
CA ILE E 362 -54.54 7.07 -23.07
C ILE E 362 -53.41 6.25 -22.52
N ILE E 363 -53.34 6.14 -21.21
CA ILE E 363 -52.29 5.35 -20.60
C ILE E 363 -52.82 4.12 -19.92
N ARG E 364 -52.29 2.99 -20.32
CA ARG E 364 -52.69 1.72 -19.78
C ARG E 364 -51.56 1.00 -19.07
N PHE E 365 -51.89 0.39 -17.96
CA PHE E 365 -50.93 -0.43 -17.26
C PHE E 365 -51.31 -1.86 -17.40
N ALA E 366 -50.30 -2.68 -17.61
CA ALA E 366 -50.46 -4.11 -17.77
C ALA E 366 -49.37 -4.81 -17.01
N ASN E 367 -49.52 -6.10 -16.77
CA ASN E 367 -48.53 -6.82 -15.99
C ASN E 367 -47.34 -7.23 -16.84
N SER E 368 -46.38 -7.89 -16.22
CA SER E 368 -45.15 -8.28 -16.87
C SER E 368 -45.30 -9.38 -17.90
N SER E 369 -44.27 -9.50 -18.74
CA SER E 369 -44.15 -10.51 -19.77
C SER E 369 -43.70 -11.81 -19.15
N GLY E 370 -43.73 -12.91 -19.91
CA GLY E 370 -43.30 -14.19 -19.34
C GLY E 370 -41.78 -14.29 -19.20
N GLY E 371 -41.34 -15.31 -18.47
CA GLY E 371 -39.91 -15.53 -18.22
C GLY E 371 -39.72 -16.06 -16.80
N ASP E 372 -38.47 -16.07 -16.34
CA ASP E 372 -38.09 -16.56 -15.03
C ASP E 372 -38.65 -15.69 -13.92
N LEU E 373 -38.87 -16.26 -12.74
CA LEU E 373 -39.43 -15.46 -11.64
C LEU E 373 -38.55 -14.28 -11.32
N GLU E 374 -37.26 -14.46 -11.45
CA GLU E 374 -36.30 -13.44 -11.18
C GLU E 374 -36.49 -12.16 -12.02
N VAL E 375 -37.17 -12.26 -13.16
CA VAL E 375 -37.42 -11.10 -14.00
C VAL E 375 -38.91 -10.78 -14.22
N THR E 376 -39.83 -11.68 -13.84
CA THR E 376 -41.26 -11.43 -14.05
C THR E 376 -42.01 -11.06 -12.79
N THR E 377 -41.45 -11.35 -11.62
CA THR E 377 -42.09 -11.08 -10.34
C THR E 377 -41.39 -10.00 -9.55
N HIS E 378 -42.04 -9.59 -8.48
CA HIS E 378 -41.43 -8.64 -7.57
C HIS E 378 -40.71 -9.40 -6.50
N SER E 379 -39.41 -9.30 -6.47
CA SER E 379 -38.70 -10.09 -5.49
C SER E 379 -38.06 -9.24 -4.43
N PHE E 380 -37.92 -9.83 -3.27
CA PHE E 380 -37.25 -9.14 -2.19
C PHE E 380 -36.78 -10.06 -1.10
N ASN E 381 -35.82 -9.58 -0.32
CA ASN E 381 -35.31 -10.30 0.83
C ASN E 381 -35.80 -9.69 2.10
N CYS E 382 -36.70 -10.35 2.81
CA CYS E 382 -37.17 -9.73 4.03
C CYS E 382 -37.36 -10.73 5.14
N GLY E 383 -36.72 -10.45 6.26
CA GLY E 383 -36.78 -11.32 7.42
C GLY E 383 -35.82 -12.48 7.22
N GLY E 384 -35.08 -12.44 6.13
CA GLY E 384 -34.16 -13.48 5.73
C GLY E 384 -34.75 -14.40 4.65
N GLU E 385 -36.05 -14.26 4.33
CA GLU E 385 -36.62 -15.11 3.29
C GLU E 385 -36.66 -14.42 1.94
N PHE E 386 -36.61 -15.22 0.90
CA PHE E 386 -36.65 -14.70 -0.46
C PHE E 386 -37.99 -14.92 -1.11
N PHE E 387 -38.71 -13.83 -1.27
CA PHE E 387 -40.06 -13.84 -1.79
C PHE E 387 -40.08 -13.46 -3.25
N TYR E 388 -40.96 -14.10 -4.00
CA TYR E 388 -41.23 -13.80 -5.40
C TYR E 388 -42.73 -13.56 -5.57
N CYS E 389 -43.15 -12.30 -5.58
CA CYS E 389 -44.57 -12.00 -5.54
C CYS E 389 -45.16 -11.64 -6.90
N ASN E 390 -46.39 -12.04 -7.10
CA ASN E 390 -47.16 -11.80 -8.30
C ASN E 390 -47.82 -10.42 -8.24
N THR E 391 -47.39 -9.52 -9.09
CA THR E 391 -47.81 -8.12 -9.08
C THR E 391 -48.90 -7.76 -10.04
N SER E 392 -49.53 -8.73 -10.69
CA SER E 392 -50.51 -8.35 -11.69
C SER E 392 -51.68 -7.58 -11.13
N GLY E 393 -51.99 -7.75 -9.85
CA GLY E 393 -53.12 -7.04 -9.24
C GLY E 393 -52.87 -5.55 -9.12
N LEU E 394 -51.61 -5.12 -9.29
CA LEU E 394 -51.27 -3.71 -9.18
C LEU E 394 -51.22 -2.99 -10.54
N PHE E 395 -51.23 -3.73 -11.64
CA PHE E 395 -51.07 -3.14 -12.96
C PHE E 395 -52.15 -3.65 -13.88
N ASN E 396 -53.34 -3.13 -13.67
CA ASN E 396 -54.52 -3.61 -14.35
C ASN E 396 -55.52 -2.49 -14.58
N SER E 397 -55.13 -1.47 -15.33
CA SER E 397 -56.06 -0.36 -15.53
C SER E 397 -55.79 0.48 -16.75
N THR E 398 -56.83 1.18 -17.22
CA THR E 398 -56.67 2.11 -18.33
C THR E 398 -57.14 3.48 -17.88
N TRP E 399 -56.28 4.46 -18.07
CA TRP E 399 -56.53 5.83 -17.68
C TRP E 399 -56.92 6.70 -18.87
N ILE E 400 -58.15 7.17 -18.81
CA ILE E 400 -58.80 7.93 -19.86
C ILE E 400 -58.65 9.44 -19.67
N SER E 401 -58.41 10.15 -20.77
CA SER E 401 -58.29 11.60 -20.73
C SER E 401 -59.58 12.22 -20.26
N ASN E 402 -59.49 13.27 -19.46
CA ASN E 402 -60.67 13.94 -18.96
C ASN E 402 -61.71 12.93 -18.49
N ASN E 414 -62.23 0.71 3.99
CA ASN E 414 -60.88 0.38 3.60
C ASN E 414 -60.84 -0.95 2.87
N ASP E 415 -59.84 -1.13 2.01
CA ASP E 415 -59.71 -2.35 1.25
C ASP E 415 -58.26 -2.61 0.91
N SER E 416 -57.99 -3.72 0.26
CA SER E 416 -56.61 -4.05 -0.09
C SER E 416 -56.45 -4.91 -1.32
N ILE E 417 -55.25 -4.86 -1.87
CA ILE E 417 -54.90 -5.70 -2.99
C ILE E 417 -53.99 -6.77 -2.45
N THR E 418 -54.36 -8.04 -2.66
CA THR E 418 -53.53 -9.12 -2.13
C THR E 418 -52.72 -9.74 -3.24
N LEU E 419 -51.43 -9.80 -3.02
CA LEU E 419 -50.50 -10.38 -3.96
C LEU E 419 -50.04 -11.72 -3.40
N PRO E 420 -50.27 -12.86 -4.04
CA PRO E 420 -49.81 -14.14 -3.57
C PRO E 420 -48.32 -14.16 -3.83
N CYS E 421 -47.56 -14.88 -3.01
CA CYS E 421 -46.13 -14.98 -3.20
C CYS E 421 -45.57 -16.41 -3.15
N ARG E 422 -44.46 -16.62 -3.85
CA ARG E 422 -43.73 -17.87 -3.78
C ARG E 422 -42.43 -17.69 -3.04
N ILE E 423 -41.90 -18.76 -2.45
CA ILE E 423 -40.64 -18.68 -1.73
C ILE E 423 -39.59 -19.67 -2.22
N LYS E 424 -38.35 -19.21 -2.36
CA LYS E 424 -37.26 -20.11 -2.79
C LYS E 424 -36.12 -20.12 -1.80
N GLN E 425 -35.46 -21.26 -1.63
CA GLN E 425 -34.27 -21.30 -0.80
C GLN E 425 -32.98 -21.30 -1.59
N ILE E 426 -32.99 -21.68 -2.86
CA ILE E 426 -31.74 -21.68 -3.61
C ILE E 426 -31.70 -20.46 -4.51
N ILE E 427 -30.79 -19.54 -4.20
CA ILE E 427 -30.74 -18.23 -4.82
C ILE E 427 -29.51 -17.89 -5.66
N ASN E 428 -29.74 -17.47 -6.91
CA ASN E 428 -28.66 -16.98 -7.77
C ASN E 428 -28.69 -15.47 -7.64
N MET E 429 -28.06 -14.98 -6.59
CA MET E 429 -28.28 -13.60 -6.14
C MET E 429 -28.01 -12.47 -7.11
N TRP E 430 -26.93 -12.53 -7.87
CA TRP E 430 -26.63 -11.40 -8.71
C TRP E 430 -26.81 -11.68 -10.18
N GLN E 431 -27.65 -12.67 -10.52
CA GLN E 431 -27.91 -13.07 -11.90
C GLN E 431 -26.67 -13.67 -12.56
N ARG E 432 -25.76 -14.18 -11.75
CA ARG E 432 -24.56 -14.86 -12.17
C ARG E 432 -24.80 -16.33 -12.18
N ILE E 433 -24.01 -17.08 -12.93
CA ILE E 433 -24.15 -18.52 -12.93
C ILE E 433 -22.90 -19.22 -12.41
N GLY E 434 -23.10 -20.14 -11.45
CA GLY E 434 -22.03 -20.93 -10.86
C GLY E 434 -21.89 -20.81 -9.35
N GLN E 435 -22.45 -19.74 -8.78
CA GLN E 435 -22.39 -19.53 -7.35
C GLN E 435 -23.77 -19.50 -6.74
N ALA E 436 -24.26 -20.60 -6.18
CA ALA E 436 -25.61 -20.59 -5.66
C ALA E 436 -25.59 -20.49 -4.16
N MET E 437 -26.48 -19.69 -3.60
CA MET E 437 -26.55 -19.59 -2.17
C MET E 437 -27.75 -20.34 -1.65
N TYR E 438 -27.59 -21.04 -0.55
CA TYR E 438 -28.72 -21.68 0.07
C TYR E 438 -29.12 -20.91 1.30
N ALA E 439 -30.38 -20.53 1.34
CA ALA E 439 -30.87 -19.80 2.47
C ALA E 439 -31.43 -20.78 3.48
N PRO E 440 -30.90 -20.87 4.71
CA PRO E 440 -31.34 -21.79 5.71
C PRO E 440 -32.70 -21.27 6.07
N PRO E 441 -33.60 -22.10 6.54
CA PRO E 441 -34.94 -21.78 6.96
C PRO E 441 -34.93 -21.02 8.25
N ILE E 442 -36.00 -20.28 8.49
CA ILE E 442 -36.18 -19.55 9.72
C ILE E 442 -37.38 -20.04 10.51
N GLN E 443 -37.15 -20.34 11.76
CA GLN E 443 -38.17 -20.84 12.65
C GLN E 443 -39.14 -19.74 13.02
N GLY E 444 -40.38 -20.13 13.29
CA GLY E 444 -41.38 -19.14 13.67
C GLY E 444 -42.10 -18.61 12.44
N VAL E 445 -42.63 -17.39 12.55
CA VAL E 445 -43.46 -16.74 11.54
C VAL E 445 -42.88 -15.38 11.17
N ILE E 446 -42.86 -15.05 9.88
CA ILE E 446 -42.27 -13.77 9.45
C ILE E 446 -43.25 -12.73 8.95
N ARG E 447 -43.10 -11.51 9.49
CA ARG E 447 -43.91 -10.38 9.07
C ARG E 447 -43.03 -9.16 8.80
N CYS E 448 -43.26 -8.52 7.65
CA CYS E 448 -42.51 -7.37 7.18
C CYS E 448 -43.37 -6.18 6.77
N VAL E 449 -42.94 -4.97 7.11
CA VAL E 449 -43.63 -3.78 6.62
C VAL E 449 -42.65 -2.82 5.97
N SER E 450 -42.95 -2.37 4.77
CA SER E 450 -42.04 -1.47 4.05
C SER E 450 -42.73 -0.36 3.26
N ASN E 451 -41.93 0.63 2.85
CA ASN E 451 -42.42 1.79 2.12
C ASN E 451 -42.16 1.72 0.63
N ILE E 452 -43.15 1.52 -0.19
CA ILE E 452 -42.83 1.48 -1.60
C ILE E 452 -42.54 2.91 -1.96
N THR E 453 -41.39 3.17 -2.58
CA THR E 453 -40.98 4.52 -2.98
C THR E 453 -40.95 4.75 -4.47
N GLY E 454 -41.01 3.69 -5.26
CA GLY E 454 -40.98 3.91 -6.71
C GLY E 454 -41.10 2.67 -7.57
N LEU E 455 -41.20 2.89 -8.87
CA LEU E 455 -41.39 1.82 -9.86
C LEU E 455 -40.40 1.80 -10.99
N ILE E 456 -40.13 0.62 -11.53
CA ILE E 456 -39.37 0.57 -12.77
C ILE E 456 -40.29 0.13 -13.89
N LEU E 457 -40.54 1.02 -14.83
CA LEU E 457 -41.48 0.75 -15.91
C LEU E 457 -40.82 0.72 -17.27
N THR E 458 -41.40 -0.04 -18.20
CA THR E 458 -40.96 0.02 -19.59
C THR E 458 -42.16 0.25 -20.48
N ARG E 459 -41.91 0.74 -21.70
CA ARG E 459 -42.98 0.96 -22.66
C ARG E 459 -43.18 -0.26 -23.52
N ASP E 460 -44.42 -0.65 -23.70
CA ASP E 460 -44.68 -1.82 -24.51
C ASP E 460 -44.75 -1.40 -25.97
N GLY E 461 -43.58 -1.17 -26.54
CA GLY E 461 -43.46 -0.69 -27.90
C GLY E 461 -42.20 -1.21 -28.55
N SER E 466 -52.74 3.99 -32.00
CA SER E 466 -51.51 4.75 -31.75
C SER E 466 -51.82 5.91 -30.82
N THR E 467 -52.98 5.82 -30.21
CA THR E 467 -53.48 6.81 -29.27
C THR E 467 -53.38 6.34 -27.84
N THR E 468 -53.00 5.08 -27.66
CA THR E 468 -52.88 4.46 -26.35
C THR E 468 -51.49 3.91 -26.16
N GLU E 469 -50.90 4.26 -25.03
CA GLU E 469 -49.59 3.77 -24.65
C GLU E 469 -49.81 2.72 -23.60
N THR E 470 -49.02 1.67 -23.61
CA THR E 470 -49.13 0.67 -22.55
C THR E 470 -47.79 0.54 -21.87
N PHE E 471 -47.83 0.54 -20.55
CA PHE E 471 -46.65 0.40 -19.75
C PHE E 471 -46.73 -0.88 -18.96
N ARG E 472 -45.60 -1.50 -18.77
CA ARG E 472 -45.55 -2.70 -17.98
C ARG E 472 -44.44 -2.53 -16.97
N PRO E 473 -44.54 -3.12 -15.80
CA PRO E 473 -43.50 -3.14 -14.84
C PRO E 473 -42.51 -4.07 -15.37
N GLY E 474 -41.29 -3.92 -14.95
CA GLY E 474 -40.33 -4.92 -15.33
C GLY E 474 -39.15 -4.86 -14.42
N GLY E 475 -38.20 -5.72 -14.63
CA GLY E 475 -37.04 -5.73 -13.79
C GLY E 475 -35.98 -4.96 -14.48
N GLY E 476 -34.76 -5.19 -14.11
CA GLY E 476 -33.69 -4.46 -14.71
C GLY E 476 -32.42 -4.82 -14.01
N ASP E 477 -31.38 -4.09 -14.35
CA ASP E 477 -30.09 -4.29 -13.77
C ASP E 477 -30.15 -3.82 -12.33
N MET E 478 -29.24 -4.32 -11.52
CA MET E 478 -29.17 -3.94 -10.12
C MET E 478 -28.76 -2.50 -10.05
N ARG E 479 -28.05 -2.07 -11.09
CA ARG E 479 -27.59 -0.71 -11.17
C ARG E 479 -28.77 0.27 -11.14
N ASP E 480 -29.93 -0.11 -11.65
CA ASP E 480 -31.04 0.82 -11.69
C ASP E 480 -31.65 1.07 -10.34
N ASN E 481 -31.32 0.24 -9.35
CA ASN E 481 -31.89 0.46 -8.04
C ASN E 481 -30.99 1.37 -7.23
N TRP E 482 -29.83 1.73 -7.77
CA TRP E 482 -28.88 2.54 -7.04
C TRP E 482 -28.73 3.88 -7.70
N ARG E 483 -28.92 3.95 -9.01
CA ARG E 483 -28.80 5.22 -9.68
C ARG E 483 -29.96 6.10 -9.29
N SER E 484 -30.98 5.51 -8.68
CA SER E 484 -32.16 6.23 -8.23
C SER E 484 -31.89 7.03 -6.95
N GLU E 485 -30.79 6.73 -6.25
CA GLU E 485 -30.43 7.47 -5.03
C GLU E 485 -29.23 8.37 -5.32
N LEU E 486 -28.36 7.93 -6.22
CA LEU E 486 -27.13 8.63 -6.54
C LEU E 486 -27.26 9.66 -7.64
N TYR E 487 -28.45 9.86 -8.15
CA TYR E 487 -28.66 10.78 -9.26
C TYR E 487 -28.29 12.22 -8.94
N LYS E 488 -28.29 12.59 -7.67
CA LYS E 488 -27.97 13.95 -7.31
C LYS E 488 -26.51 14.19 -7.09
N TYR E 489 -25.67 13.17 -7.14
CA TYR E 489 -24.28 13.42 -6.78
C TYR E 489 -23.29 13.32 -7.93
N LYS E 490 -22.30 14.20 -7.92
CA LYS E 490 -21.23 14.19 -8.89
C LYS E 490 -19.85 14.31 -8.25
N VAL E 491 -18.87 13.60 -8.77
CA VAL E 491 -17.52 13.71 -8.22
C VAL E 491 -16.63 14.56 -9.09
N VAL E 492 -15.97 15.54 -8.47
CA VAL E 492 -15.06 16.39 -9.21
C VAL E 492 -13.72 16.43 -8.52
N LYS E 493 -12.66 16.78 -9.25
CA LYS E 493 -11.36 16.92 -8.61
C LYS E 493 -10.98 18.36 -8.59
N ILE E 494 -10.18 18.72 -7.62
CA ILE E 494 -9.81 20.09 -7.45
C ILE E 494 -8.45 20.36 -8.06
N GLU E 495 -8.37 21.44 -8.83
CA GLU E 495 -7.13 21.80 -9.50
C GLU E 495 -6.63 23.17 -9.06
N PRO E 496 -5.88 23.26 -7.95
CA PRO E 496 -5.50 24.48 -7.27
C PRO E 496 -4.53 25.42 -7.96
N LEU E 497 -3.81 25.01 -9.01
CA LEU E 497 -2.92 25.97 -9.66
C LEU E 497 -3.55 26.65 -10.83
N GLY E 498 -3.25 27.92 -10.98
CA GLY E 498 -3.66 28.66 -12.16
C GLY E 498 -2.88 29.95 -12.22
N VAL E 499 -2.97 30.61 -13.37
CA VAL E 499 -2.24 31.84 -13.56
C VAL E 499 -3.14 32.91 -14.11
N ALA E 500 -2.73 34.16 -13.96
CA ALA E 500 -3.46 35.27 -14.52
C ALA E 500 -2.52 36.47 -14.64
N PRO E 501 -2.73 37.42 -15.57
CA PRO E 501 -1.96 38.62 -15.68
C PRO E 501 -2.26 39.56 -14.54
N THR E 502 -1.21 40.17 -14.01
CA THR E 502 -1.26 41.18 -12.96
C THR E 502 -0.27 42.25 -13.31
N ARG E 503 -0.20 43.31 -12.54
CA ARG E 503 0.78 44.35 -12.83
C ARG E 503 2.11 44.18 -12.11
N CYS E 504 2.32 43.08 -11.41
CA CYS E 504 3.56 42.95 -10.65
C CYS E 504 4.63 42.15 -11.37
N LYS E 505 5.86 42.48 -10.99
CA LYS E 505 7.03 41.70 -11.38
C LYS E 505 7.94 41.55 -10.18
N ARG E 506 8.61 40.42 -10.10
CA ARG E 506 9.55 40.23 -8.99
C ARG E 506 10.41 41.46 -8.77
N GLY F 10 -15.89 27.75 3.86
CA GLY F 10 -16.38 26.69 2.99
C GLY F 10 -15.38 26.37 1.92
N PHE F 11 -15.09 25.09 1.74
CA PHE F 11 -14.04 24.64 0.83
C PHE F 11 -14.16 25.18 -0.60
N LEU F 12 -15.32 25.13 -1.22
CA LEU F 12 -15.42 25.70 -2.55
C LEU F 12 -16.28 26.95 -2.51
N GLY F 13 -16.40 27.57 -1.35
CA GLY F 13 -17.28 28.71 -1.17
C GLY F 13 -16.99 29.88 -2.10
N ALA F 14 -15.74 30.04 -2.50
CA ALA F 14 -15.34 31.12 -3.37
C ALA F 14 -15.60 30.84 -4.84
N ALA F 15 -16.17 29.69 -5.17
CA ALA F 15 -16.39 29.34 -6.57
C ALA F 15 -17.21 30.37 -7.33
N GLY F 16 -18.14 31.03 -6.66
CA GLY F 16 -18.98 32.03 -7.33
C GLY F 16 -18.44 33.47 -7.22
N SER F 17 -17.28 33.63 -6.62
CA SER F 17 -16.69 34.94 -6.42
C SER F 17 -15.87 35.33 -7.62
N THR F 18 -15.65 36.61 -7.80
CA THR F 18 -14.80 37.02 -8.90
C THR F 18 -13.36 36.73 -8.55
N MET F 19 -12.49 36.73 -9.53
CA MET F 19 -11.10 36.40 -9.28
C MET F 19 -10.43 37.28 -8.25
N GLY F 20 -10.74 38.57 -8.27
CA GLY F 20 -10.13 39.51 -7.34
C GLY F 20 -10.71 39.42 -5.96
N ALA F 21 -11.78 38.67 -5.80
CA ALA F 21 -12.43 38.49 -4.52
C ALA F 21 -12.07 37.13 -3.94
N ALA F 22 -11.99 36.13 -4.81
CA ALA F 22 -11.72 34.76 -4.46
C ALA F 22 -10.30 34.58 -3.95
N SER F 23 -9.34 35.28 -4.54
CA SER F 23 -7.95 35.06 -4.16
C SER F 23 -7.54 35.79 -2.89
N MET F 24 -8.23 35.47 -1.80
CA MET F 24 -8.01 36.00 -0.48
C MET F 24 -8.26 34.90 0.50
N THR F 25 -8.84 33.83 -0.03
CA THR F 25 -9.22 32.68 0.78
C THR F 25 -8.54 31.43 0.27
N LEU F 26 -7.37 31.60 -0.32
CA LEU F 26 -6.60 30.54 -0.95
C LEU F 26 -6.17 29.42 0.01
N THR F 27 -6.00 29.74 1.29
CA THR F 27 -5.59 28.71 2.24
C THR F 27 -6.72 27.75 2.55
N VAL F 28 -7.94 28.11 2.22
CA VAL F 28 -9.04 27.24 2.53
C VAL F 28 -8.93 25.98 1.72
N GLN F 29 -8.57 26.10 0.45
CA GLN F 29 -8.46 24.92 -0.34
C GLN F 29 -7.14 24.24 -0.05
N ALA F 30 -6.08 25.02 0.20
CA ALA F 30 -4.80 24.38 0.42
C ALA F 30 -4.84 23.44 1.63
N ARG F 31 -5.56 23.83 2.68
CA ARG F 31 -5.61 23.01 3.89
C ARG F 31 -6.37 21.72 3.73
N ASN F 32 -7.10 21.55 2.65
CA ASN F 32 -7.87 20.35 2.44
C ASN F 32 -7.30 19.42 1.39
N LEU F 33 -6.06 19.65 0.97
CA LEU F 33 -5.50 18.77 -0.05
C LEU F 33 -4.84 17.53 0.54
N LEU F 34 -4.36 17.59 1.78
CA LEU F 34 -3.74 16.42 2.40
C LEU F 34 -4.71 15.67 3.30
N SER F 35 -5.65 16.40 3.88
CA SER F 35 -6.59 15.89 4.87
C SER F 35 -6.31 14.46 5.30
N LEU F 57 -7.04 -6.08 3.45
CA LEU F 57 -6.95 -6.63 2.10
C LEU F 57 -8.35 -6.93 1.61
N THR F 58 -9.29 -6.42 2.38
CA THR F 58 -10.71 -6.59 2.18
C THR F 58 -11.32 -5.44 1.41
N VAL F 59 -12.59 -5.60 1.05
CA VAL F 59 -13.29 -4.50 0.43
C VAL F 59 -13.31 -3.40 1.49
N TRP F 60 -12.98 -2.18 1.07
CA TRP F 60 -12.86 -0.98 1.92
C TRP F 60 -11.65 -0.99 2.83
N GLY F 61 -10.74 -1.91 2.54
CA GLY F 61 -9.45 -2.04 3.19
C GLY F 61 -8.37 -1.57 2.24
N ILE F 62 -8.11 -2.40 1.24
CA ILE F 62 -7.05 -2.10 0.28
C ILE F 62 -7.34 -0.82 -0.51
N LYS F 63 -8.63 -0.51 -0.70
CA LYS F 63 -9.03 0.69 -1.39
C LYS F 63 -8.53 1.96 -0.69
N GLN F 64 -8.51 1.97 0.65
CA GLN F 64 -8.08 3.18 1.30
C GLN F 64 -6.59 3.33 1.19
N LEU F 65 -5.87 2.22 1.24
CA LEU F 65 -4.42 2.34 1.14
C LEU F 65 -4.05 2.88 -0.24
N GLN F 66 -4.70 2.37 -1.28
CA GLN F 66 -4.37 2.87 -2.60
C GLN F 66 -4.73 4.35 -2.76
N ALA F 67 -5.88 4.76 -2.23
CA ALA F 67 -6.28 6.14 -2.37
C ALA F 67 -5.34 7.10 -1.66
N ARG F 68 -4.84 6.71 -0.49
CA ARG F 68 -3.94 7.57 0.26
C ARG F 68 -2.66 7.81 -0.49
N VAL F 69 -2.14 6.78 -1.13
CA VAL F 69 -0.90 6.96 -1.84
C VAL F 69 -1.07 7.92 -3.00
N LEU F 70 -2.14 7.77 -3.75
CA LEU F 70 -2.33 8.64 -4.89
C LEU F 70 -2.57 10.08 -4.46
N ALA F 71 -3.26 10.30 -3.34
CA ALA F 71 -3.46 11.66 -2.89
C ALA F 71 -2.12 12.34 -2.58
N VAL F 72 -1.20 11.58 -1.99
CA VAL F 72 0.10 12.13 -1.71
C VAL F 72 0.84 12.48 -2.98
N GLU F 73 0.79 11.60 -3.98
CA GLU F 73 1.50 11.93 -5.19
C GLU F 73 0.97 13.20 -5.83
N ARG F 74 -0.35 13.42 -5.81
CA ARG F 74 -0.87 14.62 -6.42
C ARG F 74 -0.36 15.86 -5.72
N TYR F 75 -0.35 15.81 -4.39
CA TYR F 75 0.11 16.94 -3.63
C TYR F 75 1.53 17.31 -3.99
N LEU F 76 2.40 16.29 -4.02
CA LEU F 76 3.79 16.56 -4.30
C LEU F 76 4.04 17.08 -5.69
N ARG F 77 3.31 16.61 -6.70
CA ARG F 77 3.58 17.16 -8.02
C ARG F 77 3.30 18.66 -8.06
N ASP F 78 2.25 19.13 -7.41
CA ASP F 78 1.98 20.56 -7.44
C ASP F 78 3.06 21.33 -6.68
N GLN F 79 3.53 20.77 -5.57
CA GLN F 79 4.54 21.48 -4.83
C GLN F 79 5.85 21.52 -5.61
N GLN F 80 6.16 20.46 -6.35
CA GLN F 80 7.39 20.49 -7.09
C GLN F 80 7.36 21.59 -8.13
N LEU F 81 6.22 21.80 -8.80
CA LEU F 81 6.18 22.86 -9.79
C LEU F 81 6.38 24.23 -9.17
N LEU F 82 5.80 24.46 -7.99
CA LEU F 82 6.01 25.77 -7.38
C LEU F 82 7.49 25.92 -7.05
N GLY F 83 8.14 24.84 -6.65
CA GLY F 83 9.57 24.90 -6.38
C GLY F 83 10.35 25.29 -7.63
N ILE F 84 10.08 24.61 -8.73
CA ILE F 84 10.78 24.85 -9.99
C ILE F 84 10.60 26.25 -10.51
N TRP F 85 9.42 26.81 -10.37
CA TRP F 85 9.15 28.17 -10.85
C TRP F 85 9.60 29.27 -9.90
N GLY F 86 10.11 28.90 -8.71
CA GLY F 86 10.51 29.90 -7.72
C GLY F 86 9.37 30.47 -6.87
N CYS F 87 8.26 29.74 -6.75
CA CYS F 87 7.11 30.20 -5.99
C CYS F 87 6.84 29.33 -4.77
N SER F 88 7.84 28.62 -4.32
CA SER F 88 7.65 27.76 -3.16
C SER F 88 7.35 28.56 -1.93
N GLY F 89 6.40 28.07 -1.15
CA GLY F 89 6.06 28.71 0.11
C GLY F 89 5.09 29.87 -0.05
N LYS F 90 4.61 30.13 -1.26
CA LYS F 90 3.70 31.25 -1.43
C LYS F 90 2.38 30.84 -2.04
N LEU F 91 1.32 31.58 -1.71
CA LEU F 91 0.03 31.35 -2.32
C LEU F 91 -0.06 32.21 -3.56
N ILE F 92 0.57 33.36 -3.47
CA ILE F 92 0.61 34.30 -4.59
C ILE F 92 2.05 34.64 -4.88
N CYS F 93 2.50 34.44 -6.10
CA CYS F 93 3.87 34.86 -6.40
C CYS F 93 3.95 35.56 -7.72
N CYS F 94 4.75 36.59 -7.76
CA CYS F 94 4.97 37.29 -9.00
C CYS F 94 6.12 36.59 -9.67
N THR F 95 6.11 36.59 -10.97
CA THR F 95 7.19 36.02 -11.75
C THR F 95 7.72 37.15 -12.59
N ASN F 96 8.68 36.88 -13.46
CA ASN F 96 9.19 37.91 -14.34
C ASN F 96 8.91 37.58 -15.80
N VAL F 97 7.91 36.74 -16.02
CA VAL F 97 7.50 36.34 -17.35
C VAL F 97 6.40 37.27 -17.86
N PRO F 98 6.53 37.89 -19.04
CA PRO F 98 5.58 38.80 -19.61
C PRO F 98 4.34 38.07 -20.04
N TRP F 99 3.23 38.79 -20.08
CA TRP F 99 2.00 38.26 -20.62
C TRP F 99 2.14 38.46 -22.12
N ASN F 100 1.85 37.45 -22.94
CA ASN F 100 2.07 37.61 -24.38
C ASN F 100 0.90 38.14 -25.17
N SER F 101 -0.15 38.56 -24.49
CA SER F 101 -1.36 39.16 -25.08
C SER F 101 -2.24 38.19 -25.85
N SER F 102 -1.68 37.46 -26.80
CA SER F 102 -2.46 36.52 -27.61
C SER F 102 -3.12 35.44 -26.77
N TRP F 103 -2.59 35.20 -25.58
CA TRP F 103 -3.15 34.22 -24.67
C TRP F 103 -4.54 34.67 -24.22
N SER F 104 -4.68 35.96 -23.99
CA SER F 104 -5.91 36.61 -23.57
C SER F 104 -5.69 38.10 -23.65
N ASN F 105 -6.50 38.79 -24.45
CA ASN F 105 -6.35 40.21 -24.70
C ASN F 105 -7.35 41.05 -23.95
N ARG F 106 -7.80 40.53 -22.83
CA ARG F 106 -8.75 41.17 -21.94
C ARG F 106 -8.03 42.18 -21.07
N ASN F 107 -8.79 43.14 -20.52
CA ASN F 107 -8.19 44.13 -19.64
C ASN F 107 -8.13 43.65 -18.20
N LEU F 108 -7.19 44.18 -17.43
CA LEU F 108 -7.10 43.72 -16.04
C LEU F 108 -8.35 44.03 -15.23
N SER F 109 -9.02 45.12 -15.54
CA SER F 109 -10.24 45.50 -14.84
C SER F 109 -11.41 44.60 -15.21
N GLU F 110 -11.28 43.87 -16.31
CA GLU F 110 -12.33 42.99 -16.75
C GLU F 110 -12.10 41.63 -16.13
N ILE F 111 -10.84 41.20 -16.13
CA ILE F 111 -10.49 39.89 -15.64
C ILE F 111 -10.66 39.78 -14.15
N TRP F 112 -10.14 40.73 -13.41
CA TRP F 112 -10.19 40.61 -11.97
C TRP F 112 -11.53 40.97 -11.34
N ASP F 113 -12.29 41.87 -11.96
CA ASP F 113 -13.56 42.27 -11.36
C ASP F 113 -14.83 41.65 -11.95
N ASN F 114 -14.86 41.25 -13.22
CA ASN F 114 -16.10 40.74 -13.79
C ASN F 114 -16.06 39.28 -14.21
N MET F 115 -15.11 38.54 -13.69
CA MET F 115 -14.99 37.13 -14.07
C MET F 115 -14.60 36.28 -12.87
N THR F 116 -15.06 35.02 -12.86
CA THR F 116 -14.72 34.05 -11.81
C THR F 116 -13.56 33.20 -12.24
N TRP F 117 -12.96 32.44 -11.30
CA TRP F 117 -11.86 31.59 -11.68
C TRP F 117 -12.26 30.45 -12.59
N LEU F 118 -13.51 29.97 -12.48
CA LEU F 118 -13.92 28.89 -13.37
C LEU F 118 -13.95 29.39 -14.80
N GLN F 119 -14.45 30.61 -15.00
CA GLN F 119 -14.53 31.16 -16.33
C GLN F 119 -13.15 31.42 -16.90
N TRP F 120 -12.27 31.95 -16.06
CA TRP F 120 -10.92 32.24 -16.49
C TRP F 120 -10.19 30.98 -16.85
N ASP F 121 -10.35 29.93 -16.06
CA ASP F 121 -9.66 28.70 -16.34
C ASP F 121 -10.05 28.22 -17.73
N LYS F 122 -11.30 28.38 -18.10
CA LYS F 122 -11.68 27.98 -19.44
C LYS F 122 -11.04 28.89 -20.50
N GLU F 123 -11.00 30.20 -20.25
CA GLU F 123 -10.49 31.15 -21.25
C GLU F 123 -9.05 30.90 -21.67
N ILE F 124 -8.19 30.51 -20.74
CA ILE F 124 -6.80 30.29 -21.11
C ILE F 124 -6.33 28.87 -20.89
N SER F 125 -7.24 27.90 -20.93
CA SER F 125 -6.83 26.54 -20.62
C SER F 125 -5.76 25.97 -21.56
N ASN F 126 -5.74 26.42 -22.80
CA ASN F 126 -4.83 25.87 -23.76
C ASN F 126 -3.46 26.50 -23.81
N TYR F 127 -3.17 27.38 -22.88
CA TYR F 127 -1.84 27.97 -22.84
C TYR F 127 -1.11 27.49 -21.61
N THR F 128 -1.69 26.55 -20.88
CA THR F 128 -1.13 26.12 -19.62
C THR F 128 0.32 25.68 -19.74
N GLN F 129 0.59 24.88 -20.74
CA GLN F 129 1.90 24.32 -20.97
C GLN F 129 2.91 25.32 -21.49
N ILE F 130 2.44 26.44 -22.00
CA ILE F 130 3.32 27.42 -22.56
C ILE F 130 3.85 28.22 -21.42
N ILE F 131 2.93 28.60 -20.55
CA ILE F 131 3.31 29.41 -19.44
C ILE F 131 4.22 28.62 -18.54
N TYR F 132 3.91 27.35 -18.27
CA TYR F 132 4.77 26.63 -17.38
C TYR F 132 6.18 26.49 -17.95
N GLY F 133 6.33 26.25 -19.25
CA GLY F 133 7.67 26.14 -19.80
C GLY F 133 8.46 27.45 -19.65
N LEU F 134 7.78 28.58 -19.85
CA LEU F 134 8.45 29.86 -19.71
C LEU F 134 8.88 30.13 -18.28
N LEU F 135 8.04 29.73 -17.32
CA LEU F 135 8.39 29.97 -15.93
C LEU F 135 9.60 29.17 -15.52
N GLU F 136 9.70 27.93 -15.98
CA GLU F 136 10.83 27.10 -15.64
C GLU F 136 12.15 27.65 -16.16
N GLU F 137 12.16 28.12 -17.40
CA GLU F 137 13.42 28.61 -17.91
C GLU F 137 13.83 29.87 -17.19
N SER F 138 12.86 30.73 -16.88
CA SER F 138 13.22 31.96 -16.22
C SER F 138 13.89 31.69 -14.89
N GLN F 139 13.36 30.73 -14.12
CA GLN F 139 13.95 30.47 -12.83
C GLN F 139 15.36 29.93 -12.96
N ASN F 140 15.64 29.11 -13.98
CA ASN F 140 17.01 28.60 -14.09
C ASN F 140 17.98 29.73 -14.38
N GLN F 141 17.55 30.71 -15.18
CA GLN F 141 18.44 31.80 -15.50
C GLN F 141 18.69 32.66 -14.27
N GLN F 142 17.65 32.86 -13.47
CA GLN F 142 17.81 33.68 -12.29
C GLN F 142 18.77 33.07 -11.31
N GLU F 143 18.68 31.76 -11.06
CA GLU F 143 19.55 31.17 -10.07
C GLU F 143 21.00 31.19 -10.52
N LYS F 144 21.25 30.98 -11.81
CA LYS F 144 22.62 31.02 -12.28
C LYS F 144 23.19 32.42 -12.08
N ASN F 145 22.38 33.46 -12.34
CA ASN F 145 22.89 34.80 -12.20
C ASN F 145 23.15 35.13 -10.74
N GLU F 146 22.34 34.62 -9.82
CA GLU F 146 22.58 34.90 -8.42
C GLU F 146 23.91 34.29 -7.98
N GLN F 147 24.23 33.09 -8.47
CA GLN F 147 25.52 32.49 -8.11
C GLN F 147 26.67 33.34 -8.63
N ASP F 148 26.55 33.87 -9.85
CA ASP F 148 27.62 34.70 -10.37
C ASP F 148 27.86 35.93 -9.49
N LEU F 149 26.80 36.49 -8.92
CA LEU F 149 26.96 37.63 -8.04
C LEU F 149 27.56 37.24 -6.69
N LEU F 150 27.16 36.09 -6.14
CA LEU F 150 27.68 35.67 -4.84
C LEU F 150 29.16 35.26 -4.93
N ALA F 151 29.58 34.88 -6.13
CA ALA F 151 30.96 34.53 -6.46
C ALA F 151 31.83 35.77 -6.73
N LEU F 152 31.21 36.95 -6.76
CA LEU F 152 31.95 38.16 -7.05
C LEU F 152 32.59 38.70 -5.79
N ASP G 21 -34.20 32.87 1.58
CA ASP G 21 -32.88 33.42 1.91
C ASP G 21 -32.37 34.34 0.82
N ILE G 22 -33.22 34.61 -0.14
CA ILE G 22 -32.89 35.56 -1.19
C ILE G 22 -33.45 36.89 -0.81
N VAL G 23 -32.61 37.90 -0.82
CA VAL G 23 -33.07 39.22 -0.45
C VAL G 23 -33.06 40.12 -1.65
N MET G 24 -34.19 40.75 -1.90
CA MET G 24 -34.27 41.65 -3.04
C MET G 24 -34.27 43.09 -2.57
N THR G 25 -33.43 43.91 -3.21
CA THR G 25 -33.38 45.33 -2.91
C THR G 25 -33.95 46.12 -4.06
N GLN G 26 -34.94 46.94 -3.77
CA GLN G 26 -35.59 47.71 -4.81
C GLN G 26 -35.36 49.18 -4.62
N THR G 27 -35.06 49.86 -5.71
CA THR G 27 -34.76 51.28 -5.68
C THR G 27 -35.11 51.99 -6.99
N PRO G 28 -35.50 53.26 -6.96
CA PRO G 28 -35.79 54.19 -5.88
C PRO G 28 -37.04 53.78 -5.16
N SER G 29 -37.22 54.23 -3.92
CA SER G 29 -38.47 53.98 -3.20
C SER G 29 -39.61 54.88 -3.66
N SER G 30 -39.24 55.96 -4.33
CA SER G 30 -40.18 56.95 -4.82
C SER G 30 -39.70 57.46 -6.17
N VAL G 31 -40.56 57.32 -7.16
CA VAL G 31 -40.32 57.68 -8.53
C VAL G 31 -41.43 58.55 -9.04
N SER G 32 -41.11 59.63 -9.73
CA SER G 32 -42.19 60.47 -10.22
C SER G 32 -41.95 60.96 -11.61
N ALA G 33 -43.02 61.45 -12.22
CA ALA G 33 -42.94 61.97 -13.57
C ALA G 33 -43.96 63.03 -13.87
N ALA G 34 -43.64 63.80 -14.89
CA ALA G 34 -44.59 64.72 -15.46
C ALA G 34 -45.55 63.84 -16.21
N VAL G 35 -46.73 64.31 -16.53
CA VAL G 35 -47.57 63.41 -17.28
C VAL G 35 -47.00 63.34 -18.70
N GLY G 36 -46.72 62.12 -19.17
CA GLY G 36 -46.12 61.85 -20.46
C GLY G 36 -44.64 61.50 -20.31
N GLY G 37 -44.19 60.40 -20.92
CA GLY G 37 -42.77 60.02 -20.79
C GLY G 37 -42.56 58.83 -19.86
N THR G 38 -41.30 58.42 -19.72
CA THR G 38 -40.93 57.20 -18.99
C THR G 38 -40.22 57.35 -17.68
N VAL G 39 -40.36 56.32 -16.83
CA VAL G 39 -39.61 56.20 -15.58
C VAL G 39 -39.04 54.80 -15.46
N THR G 40 -38.03 54.61 -14.62
CA THR G 40 -37.57 53.24 -14.38
C THR G 40 -37.46 52.90 -12.92
N ILE G 41 -37.56 51.60 -12.65
CA ILE G 41 -37.42 50.98 -11.34
C ILE G 41 -36.36 49.87 -11.39
N ASN G 42 -35.40 49.88 -10.48
CA ASN G 42 -34.38 48.85 -10.51
C ASN G 42 -34.53 47.86 -9.35
N CYS G 43 -34.06 46.62 -9.55
CA CYS G 43 -34.08 45.68 -8.43
C CYS G 43 -32.86 44.75 -8.46
N GLN G 44 -32.19 44.67 -7.33
CA GLN G 44 -30.96 43.89 -7.17
C GLN G 44 -31.07 42.72 -6.21
N ALA G 45 -30.81 41.52 -6.72
CA ALA G 45 -30.84 40.34 -5.87
C ALA G 45 -29.51 40.20 -5.14
N SER G 46 -29.57 39.65 -3.93
CA SER G 46 -28.39 39.34 -3.16
C SER G 46 -27.59 38.17 -3.73
N GLU G 47 -28.20 37.42 -4.61
CA GLU G 47 -27.60 36.26 -5.27
C GLU G 47 -28.26 36.09 -6.62
N SER G 48 -27.57 35.52 -7.60
CA SER G 48 -28.24 35.29 -8.87
C SER G 48 -29.45 34.43 -8.69
N ILE G 49 -30.53 34.78 -9.39
CA ILE G 49 -31.75 33.99 -9.32
C ILE G 49 -32.04 33.44 -10.69
N TYR G 50 -31.05 33.52 -11.56
CA TYR G 50 -31.14 33.01 -12.91
C TYR G 50 -32.38 33.46 -13.63
N SER G 51 -32.69 34.74 -13.52
CA SER G 51 -33.88 35.34 -14.15
C SER G 51 -35.27 34.96 -13.59
N GLY G 52 -35.35 34.32 -12.42
CA GLY G 52 -36.64 33.99 -11.82
C GLY G 52 -37.34 35.17 -11.11
N LEU G 53 -37.53 36.25 -11.85
CA LEU G 53 -38.13 37.49 -11.35
C LEU G 53 -39.50 37.83 -11.90
N ALA G 54 -40.39 38.24 -11.01
CA ALA G 54 -41.70 38.73 -11.42
C ALA G 54 -41.95 40.16 -10.96
N TRP G 55 -42.67 40.93 -11.78
CA TRP G 55 -43.04 42.28 -11.40
C TRP G 55 -44.54 42.41 -11.22
N TYR G 56 -44.90 43.07 -10.12
CA TYR G 56 -46.31 43.29 -9.79
C TYR G 56 -46.70 44.74 -9.61
N GLN G 57 -47.93 45.05 -9.98
CA GLN G 57 -48.53 46.38 -9.84
C GLN G 57 -49.63 46.41 -8.80
N GLN G 58 -49.43 47.06 -7.68
CA GLN G 58 -50.49 47.08 -6.67
C GLN G 58 -51.09 48.45 -6.48
N LYS G 59 -52.34 48.61 -6.89
CA LYS G 59 -53.01 49.88 -6.73
C LYS G 59 -53.62 49.85 -5.35
N PRO G 60 -53.87 50.99 -4.71
CA PRO G 60 -54.50 51.03 -3.41
C PRO G 60 -55.84 50.33 -3.47
N GLY G 61 -56.13 49.54 -2.45
CA GLY G 61 -57.41 48.84 -2.36
C GLY G 61 -57.42 47.40 -2.90
N GLN G 62 -56.39 46.96 -3.63
CA GLN G 62 -56.44 45.59 -4.14
C GLN G 62 -55.17 44.81 -3.80
N PRO G 63 -55.07 43.50 -4.15
CA PRO G 63 -53.88 42.69 -4.12
C PRO G 63 -53.06 43.14 -5.31
N PRO G 64 -51.77 42.83 -5.38
CA PRO G 64 -50.93 43.08 -6.52
C PRO G 64 -51.39 42.30 -7.76
N LYS G 65 -51.29 42.93 -8.92
CA LYS G 65 -51.59 42.29 -10.22
C LYS G 65 -50.29 41.88 -10.91
N LEU G 66 -50.24 40.70 -11.51
CA LEU G 66 -49.00 40.32 -12.19
C LEU G 66 -48.90 40.92 -13.59
N LEU G 67 -47.79 41.61 -13.84
CA LEU G 67 -47.60 42.22 -15.13
C LEU G 67 -46.57 41.45 -15.94
N ILE G 68 -45.41 41.20 -15.30
CA ILE G 68 -44.30 40.57 -15.99
C ILE G 68 -43.71 39.39 -15.24
N TYR G 69 -43.45 38.29 -15.95
CA TYR G 69 -42.85 37.13 -15.33
C TYR G 69 -41.63 36.62 -16.08
N ARG G 70 -40.78 35.90 -15.36
CA ARG G 70 -39.53 35.38 -15.91
C ARG G 70 -38.74 36.52 -16.57
N ALA G 71 -38.61 37.62 -15.82
CA ALA G 71 -37.89 38.83 -16.13
C ALA G 71 -38.54 39.71 -17.21
N SER G 72 -38.89 39.14 -18.37
CA SER G 72 -39.42 39.96 -19.47
C SER G 72 -40.70 39.51 -20.19
N THR G 73 -41.43 38.52 -19.70
CA THR G 73 -42.62 38.08 -20.43
C THR G 73 -43.88 38.69 -19.85
N LEU G 74 -44.73 39.26 -20.70
CA LEU G 74 -45.95 39.89 -20.21
C LEU G 74 -47.08 38.89 -20.03
N THR G 75 -47.99 39.21 -19.11
CA THR G 75 -49.17 38.38 -18.79
C THR G 75 -50.38 38.62 -19.65
N SER G 76 -50.26 39.58 -20.54
CA SER G 76 -51.32 40.02 -21.44
C SER G 76 -52.45 40.75 -20.73
N GLY G 77 -52.32 40.98 -19.41
CA GLY G 77 -53.28 41.77 -18.68
C GLY G 77 -52.74 43.19 -18.61
N VAL G 78 -51.59 43.33 -19.25
CA VAL G 78 -50.79 44.51 -19.33
C VAL G 78 -50.35 44.75 -20.77
N SER G 79 -50.36 46.00 -21.19
CA SER G 79 -49.91 46.38 -22.52
C SER G 79 -48.39 46.49 -22.57
N SER G 80 -47.87 46.70 -23.79
CA SER G 80 -46.45 46.83 -24.10
C SER G 80 -45.79 48.01 -23.39
N ARG G 81 -46.60 48.87 -22.79
CA ARG G 81 -46.16 50.00 -22.01
C ARG G 81 -45.21 49.54 -20.92
N PHE G 82 -45.46 48.36 -20.35
CA PHE G 82 -44.60 47.85 -19.30
C PHE G 82 -43.63 46.86 -19.89
N LYS G 83 -42.37 47.23 -19.88
CA LYS G 83 -41.32 46.43 -20.47
C LYS G 83 -40.21 46.20 -19.46
N GLY G 84 -39.48 45.12 -19.59
CA GLY G 84 -38.37 44.97 -18.66
C GLY G 84 -37.42 43.91 -19.13
N SER G 85 -36.30 43.84 -18.43
CA SER G 85 -35.23 42.93 -18.78
C SER G 85 -34.27 42.73 -17.64
N GLY G 86 -33.38 41.77 -17.82
CA GLY G 86 -32.32 41.53 -16.87
C GLY G 86 -31.94 40.09 -16.88
N SER G 87 -30.97 39.76 -16.05
CA SER G 87 -30.46 38.40 -15.95
C SER G 87 -29.71 38.23 -14.67
N GLY G 88 -29.39 37.00 -14.31
CA GLY G 88 -28.57 36.84 -13.13
C GLY G 88 -29.27 37.39 -11.92
N ALA G 89 -28.58 38.31 -11.24
CA ALA G 89 -29.02 39.00 -10.04
C ALA G 89 -29.53 40.44 -10.29
N ARG G 90 -29.47 40.96 -11.52
CA ARG G 90 -29.86 42.37 -11.67
C ARG G 90 -30.89 42.62 -12.76
N PHE G 91 -31.98 43.27 -12.36
CA PHE G 91 -33.09 43.51 -13.26
C PHE G 91 -33.66 44.91 -13.23
N THR G 92 -34.27 45.33 -14.35
CA THR G 92 -34.96 46.61 -14.37
C THR G 92 -36.34 46.54 -15.01
N LEU G 93 -37.19 47.48 -14.60
CA LEU G 93 -38.53 47.70 -15.15
C LEU G 93 -38.68 49.09 -15.72
N THR G 94 -39.17 49.18 -16.94
CA THR G 94 -39.37 50.46 -17.59
C THR G 94 -40.84 50.69 -17.91
N ILE G 95 -41.34 51.85 -17.51
CA ILE G 95 -42.71 52.18 -17.85
C ILE G 95 -42.60 53.19 -18.96
N ASN G 96 -42.97 52.81 -20.18
CA ASN G 96 -42.67 53.67 -21.33
C ASN G 96 -43.39 55.00 -21.44
N ASP G 97 -44.61 55.08 -20.97
CA ASP G 97 -45.38 56.31 -21.09
C ASP G 97 -46.37 56.41 -19.95
N LEU G 98 -46.24 57.43 -19.13
CA LEU G 98 -47.12 57.55 -17.98
C LEU G 98 -48.24 58.56 -18.21
N GLU G 99 -49.47 58.05 -18.35
CA GLU G 99 -50.68 58.83 -18.63
C GLU G 99 -51.59 58.89 -17.43
N CYS G 100 -50.97 58.77 -16.27
CA CYS G 100 -51.64 58.68 -14.99
C CYS G 100 -52.41 57.40 -14.98
N ALA G 101 -51.75 56.39 -15.54
CA ALA G 101 -52.23 55.03 -15.65
C ALA G 101 -52.41 54.42 -14.28
N ASP G 102 -51.56 54.82 -13.34
CA ASP G 102 -51.62 54.26 -12.04
C ASP G 102 -51.03 55.23 -11.03
N ALA G 103 -51.14 54.83 -9.78
CA ALA G 103 -50.50 55.47 -8.64
C ALA G 103 -50.18 54.28 -7.79
N ALA G 104 -49.67 53.28 -8.48
CA ALA G 104 -49.38 51.97 -7.95
C ALA G 104 -48.05 51.91 -7.29
N THR G 105 -47.95 50.96 -6.39
CA THR G 105 -46.70 50.65 -5.79
C THR G 105 -46.22 49.43 -6.55
N TYR G 106 -45.04 49.50 -7.09
CA TYR G 106 -44.55 48.37 -7.85
C TYR G 106 -43.64 47.53 -7.04
N TYR G 107 -43.76 46.22 -7.18
CA TYR G 107 -42.91 45.34 -6.41
C TYR G 107 -42.13 44.33 -7.23
N CYS G 108 -40.92 44.13 -6.77
CA CYS G 108 -39.97 43.15 -7.27
C CYS G 108 -40.03 41.86 -6.49
N GLN G 109 -40.41 40.76 -7.15
CA GLN G 109 -40.49 39.48 -6.46
C GLN G 109 -39.62 38.37 -6.99
N SER G 110 -38.91 37.72 -6.09
CA SER G 110 -38.12 36.56 -6.47
C SER G 110 -39.00 35.36 -6.37
N CYS G 111 -39.03 34.56 -7.43
CA CYS G 111 -39.84 33.37 -7.48
C CYS G 111 -39.01 32.12 -7.37
N TYR G 112 -37.73 32.25 -7.07
CA TYR G 112 -36.90 31.07 -6.95
C TYR G 112 -35.85 31.26 -5.90
N ASP G 113 -35.82 30.36 -4.95
CA ASP G 113 -34.86 30.45 -3.88
C ASP G 113 -33.78 29.44 -4.13
N THR G 114 -32.62 29.94 -4.52
CA THR G 114 -31.52 29.10 -4.93
C THR G 114 -30.89 28.41 -3.76
N THR G 115 -31.21 28.82 -2.54
CA THR G 115 -30.53 28.20 -1.43
C THR G 115 -31.25 26.93 -1.00
N ILE G 116 -32.49 26.78 -1.48
CA ILE G 116 -33.35 25.67 -1.20
C ILE G 116 -33.44 24.77 -2.42
N GLY G 117 -33.56 25.39 -3.61
CA GLY G 117 -33.78 24.67 -4.84
C GLY G 117 -35.25 24.62 -5.19
N THR G 118 -36.02 25.60 -4.69
CA THR G 118 -37.44 25.59 -4.98
C THR G 118 -38.09 26.87 -5.40
N TYR G 119 -39.34 26.73 -5.79
CA TYR G 119 -40.20 27.82 -6.21
C TYR G 119 -41.24 28.11 -5.16
N GLY G 120 -41.09 27.44 -4.03
CA GLY G 120 -41.95 27.53 -2.86
C GLY G 120 -41.47 28.51 -1.80
N SER G 121 -40.44 29.29 -2.10
CA SER G 121 -39.89 30.25 -1.17
C SER G 121 -39.73 31.56 -1.89
N TRP G 122 -40.57 32.51 -1.53
CA TRP G 122 -40.63 33.77 -2.24
C TRP G 122 -40.04 34.88 -1.44
N ALA G 123 -39.58 35.90 -2.13
CA ALA G 123 -39.12 37.08 -1.42
C ALA G 123 -39.53 38.32 -2.14
N PHE G 124 -39.89 39.34 -1.40
CA PHE G 124 -40.25 40.61 -2.02
C PHE G 124 -39.34 41.68 -1.52
N GLY G 125 -39.04 42.63 -2.38
CA GLY G 125 -38.30 43.79 -1.92
C GLY G 125 -39.33 44.78 -1.43
N GLY G 126 -38.92 45.96 -1.01
CA GLY G 126 -39.93 46.92 -0.60
C GLY G 126 -40.44 47.40 -1.91
N GLY G 127 -41.49 48.19 -1.95
CA GLY G 127 -41.95 48.59 -3.27
C GLY G 127 -41.52 49.99 -3.62
N THR G 128 -41.90 50.41 -4.82
CA THR G 128 -41.63 51.74 -5.33
C THR G 128 -42.91 52.46 -5.62
N GLU G 129 -43.07 53.64 -5.08
CA GLU G 129 -44.30 54.35 -5.37
C GLU G 129 -44.12 55.19 -6.61
N VAL G 130 -45.00 55.02 -7.60
CA VAL G 130 -44.87 55.82 -8.81
C VAL G 130 -45.93 56.91 -8.84
N VAL G 131 -45.47 58.14 -8.92
CA VAL G 131 -46.37 59.29 -8.86
C VAL G 131 -46.39 60.11 -10.14
N VAL G 132 -47.58 60.30 -10.66
CA VAL G 132 -47.76 61.06 -11.88
C VAL G 132 -49.19 61.51 -12.02
N GLN H 21 -61.15 33.78 -7.67
CA GLN H 21 -61.26 32.37 -7.35
C GLN H 21 -60.82 32.05 -5.93
N LEU H 22 -60.26 33.02 -5.23
CA LEU H 22 -59.84 32.77 -3.86
C LEU H 22 -60.59 33.63 -2.87
N VAL H 23 -61.21 32.97 -1.90
CA VAL H 23 -61.97 33.69 -0.90
C VAL H 23 -61.44 33.46 0.50
N GLU H 24 -61.06 34.55 1.15
CA GLU H 24 -60.50 34.48 2.48
C GLU H 24 -61.46 34.80 3.59
N SER H 25 -61.17 34.23 4.74
CA SER H 25 -61.91 34.51 5.95
C SER H 25 -61.10 34.31 7.20
N GLY H 26 -61.76 34.50 8.34
CA GLY H 26 -61.14 34.34 9.64
C GLY H 26 -60.40 35.55 10.18
N GLY H 27 -60.62 36.75 9.65
CA GLY H 27 -59.87 37.90 10.17
C GLY H 27 -60.52 38.39 11.47
N GLY H 28 -60.03 39.50 12.02
CA GLY H 28 -60.55 39.99 13.30
C GLY H 28 -59.46 40.42 14.27
N LEU H 29 -59.86 40.68 15.52
CA LEU H 29 -58.95 41.14 16.57
C LEU H 29 -58.52 40.04 17.51
N VAL H 30 -57.22 39.93 17.68
CA VAL H 30 -56.62 38.98 18.59
C VAL H 30 -56.10 39.67 19.83
N LYS H 31 -56.47 39.20 20.99
CA LYS H 31 -55.89 39.81 22.16
C LYS H 31 -54.44 39.35 22.13
N PRO H 32 -53.44 40.22 22.39
CA PRO H 32 -52.04 39.88 22.34
C PRO H 32 -51.75 38.66 23.17
N GLY H 33 -50.94 37.77 22.61
CA GLY H 33 -50.56 36.50 23.20
C GLY H 33 -51.48 35.37 22.73
N GLY H 34 -52.55 35.73 22.03
CA GLY H 34 -53.53 34.75 21.55
C GLY H 34 -53.24 34.18 20.16
N THR H 35 -54.25 33.52 19.62
CA THR H 35 -54.14 32.86 18.33
C THR H 35 -55.26 33.24 17.39
N LEU H 36 -55.06 32.97 16.12
CA LEU H 36 -56.05 33.18 15.08
C LEU H 36 -55.79 32.29 13.88
N THR H 37 -56.83 31.68 13.32
CA THR H 37 -56.62 30.86 12.14
C THR H 37 -57.31 31.46 10.93
N LEU H 38 -56.55 31.63 9.86
CA LEU H 38 -57.08 32.17 8.62
C LEU H 38 -57.36 31.08 7.64
N THR H 39 -58.38 31.29 6.82
CA THR H 39 -58.70 30.31 5.82
C THR H 39 -58.77 30.96 4.44
N CYS H 40 -58.58 30.13 3.41
CA CYS H 40 -58.68 30.53 2.01
C CYS H 40 -59.28 29.40 1.18
N LYS H 41 -60.49 29.63 0.68
CA LYS H 41 -61.19 28.62 -0.09
C LYS H 41 -61.01 28.79 -1.58
N ALA H 42 -60.74 27.68 -2.26
CA ALA H 42 -60.63 27.70 -3.70
C ALA H 42 -62.00 27.56 -4.31
N SER H 43 -62.27 28.31 -5.36
CA SER H 43 -63.51 28.16 -6.09
C SER H 43 -63.24 28.27 -7.57
N GLY H 44 -63.71 27.30 -8.33
CA GLY H 44 -63.48 27.32 -9.77
C GLY H 44 -62.29 26.46 -10.20
N PHE H 45 -61.55 25.95 -9.24
CA PHE H 45 -60.42 25.10 -9.55
C PHE H 45 -60.22 24.14 -8.41
N SER H 46 -59.48 23.06 -8.65
CA SER H 46 -59.20 22.11 -7.58
C SER H 46 -57.81 22.22 -7.02
N LEU H 47 -57.69 22.07 -5.71
CA LEU H 47 -56.38 22.09 -5.06
C LEU H 47 -55.73 20.74 -5.18
N SER H 48 -56.44 19.78 -5.74
CA SER H 48 -55.89 18.45 -5.95
C SER H 48 -54.82 18.46 -7.04
N ASP H 49 -54.76 19.52 -7.84
CA ASP H 49 -53.73 19.59 -8.87
C ASP H 49 -52.47 20.24 -8.32
N SER H 50 -51.45 20.35 -9.16
CA SER H 50 -50.18 20.86 -8.65
C SER H 50 -50.05 22.37 -8.63
N TYR H 51 -50.43 22.94 -7.51
CA TYR H 51 -50.37 24.37 -7.28
C TYR H 51 -49.70 24.69 -5.95
N TRP H 52 -49.14 25.89 -5.84
CA TRP H 52 -48.65 26.35 -4.56
C TRP H 52 -49.68 27.23 -3.88
N MET H 53 -49.98 26.96 -2.62
CA MET H 53 -50.84 27.86 -1.88
C MET H 53 -50.00 28.62 -0.90
N CYS H 54 -49.90 29.92 -1.11
CA CYS H 54 -49.02 30.72 -0.28
C CYS H 54 -49.73 31.87 0.39
N TRP H 55 -49.20 32.27 1.54
CA TRP H 55 -49.66 33.44 2.24
C TRP H 55 -48.57 34.48 2.33
N VAL H 56 -48.99 35.72 2.14
CA VAL H 56 -48.13 36.88 2.27
C VAL H 56 -48.87 37.85 3.16
N ARG H 57 -48.17 38.82 3.72
CA ARG H 57 -48.87 39.83 4.48
C ARG H 57 -48.40 41.21 4.16
N GLN H 58 -49.34 42.14 4.17
CA GLN H 58 -49.02 43.53 3.93
C GLN H 58 -49.19 44.35 5.17
N ALA H 59 -48.09 44.86 5.64
CA ALA H 59 -48.06 45.61 6.87
C ALA H 59 -48.69 46.97 6.61
N PRO H 60 -49.21 47.66 7.62
CA PRO H 60 -49.59 49.04 7.50
C PRO H 60 -48.31 49.68 7.03
N GLY H 61 -48.36 50.65 6.14
CA GLY H 61 -47.12 51.24 5.64
C GLY H 61 -46.71 50.62 4.29
N LYS H 62 -47.43 49.58 3.90
CA LYS H 62 -47.27 48.82 2.65
C LYS H 62 -46.00 47.99 2.50
N GLY H 63 -45.35 47.66 3.60
CA GLY H 63 -44.26 46.73 3.43
C GLY H 63 -44.92 45.40 3.06
N LEU H 64 -44.34 44.66 2.14
CA LEU H 64 -44.93 43.39 1.74
C LEU H 64 -43.97 42.25 1.96
N GLU H 65 -44.40 41.23 2.66
CA GLU H 65 -43.51 40.11 2.86
C GLU H 65 -44.19 38.77 2.83
N TRP H 66 -43.43 37.78 2.44
CA TRP H 66 -43.86 36.40 2.39
C TRP H 66 -43.92 35.77 3.77
N VAL H 67 -44.96 34.94 4.03
CA VAL H 67 -45.07 34.24 5.30
C VAL H 67 -44.78 32.74 5.17
N ALA H 68 -45.52 32.06 4.27
CA ALA H 68 -45.37 30.60 4.09
C ALA H 68 -45.99 30.08 2.79
N CYS H 69 -45.51 28.92 2.33
CA CYS H 69 -46.11 28.19 1.18
C CYS H 69 -46.27 26.70 1.41
N VAL H 70 -47.37 26.15 0.90
CA VAL H 70 -47.58 24.70 0.92
C VAL H 70 -47.88 24.17 -0.48
N PHE H 71 -47.28 23.03 -0.83
CA PHE H 71 -47.53 22.40 -2.13
C PHE H 71 -48.72 21.51 -2.00
N THR H 72 -49.77 21.74 -2.78
CA THR H 72 -50.96 20.94 -2.51
C THR H 72 -50.83 19.50 -2.94
N GLY H 73 -49.93 19.23 -3.85
CA GLY H 73 -49.74 17.87 -4.32
C GLY H 73 -49.07 16.95 -3.28
N ASN H 74 -48.50 17.51 -2.20
CA ASN H 74 -47.82 16.67 -1.22
C ASN H 74 -48.02 17.11 0.25
N GLY H 75 -48.29 18.38 0.51
CA GLY H 75 -48.39 18.87 1.88
C GLY H 75 -47.06 19.42 2.38
N LYS H 76 -46.08 19.49 1.50
CA LYS H 76 -44.75 20.02 1.82
C LYS H 76 -44.85 21.50 2.00
N ALA H 77 -44.18 22.06 3.00
CA ALA H 77 -44.26 23.50 3.15
C ALA H 77 -42.97 24.14 3.59
N TYR H 78 -42.87 25.42 3.23
CA TYR H 78 -41.75 26.26 3.56
C TYR H 78 -42.25 27.48 4.32
N TYR H 79 -41.42 27.99 5.24
CA TYR H 79 -41.77 29.16 6.03
C TYR H 79 -40.72 30.24 5.94
N ALA H 80 -41.15 31.48 6.10
CA ALA H 80 -40.25 32.61 6.15
C ALA H 80 -39.39 32.49 7.39
N ARG H 81 -38.16 33.01 7.33
CA ARG H 81 -37.27 32.91 8.49
C ARG H 81 -37.79 33.58 9.74
N TRP H 82 -38.54 34.65 9.60
CA TRP H 82 -39.04 35.39 10.76
C TRP H 82 -40.17 34.68 11.52
N VAL H 83 -40.68 33.58 10.98
CA VAL H 83 -41.77 32.84 11.60
C VAL H 83 -41.33 32.13 12.88
N GLU H 84 -40.20 31.47 12.84
CA GLU H 84 -39.64 30.75 13.99
C GLU H 84 -40.62 29.83 14.72
N GLY H 85 -41.43 29.09 13.99
CA GLY H 85 -42.38 28.16 14.60
C GLY H 85 -43.74 28.72 15.00
N ARG H 86 -43.96 30.03 14.87
CA ARG H 86 -45.24 30.61 15.26
C ARG H 86 -46.38 30.41 14.27
N PHE H 87 -46.06 30.01 13.05
CA PHE H 87 -47.08 29.84 12.04
C PHE H 87 -47.05 28.42 11.51
N THR H 88 -48.23 27.85 11.27
CA THR H 88 -48.35 26.54 10.63
C THR H 88 -49.24 26.62 9.38
N ILE H 89 -48.73 26.13 8.27
CA ILE H 89 -49.51 26.18 7.05
C ILE H 89 -49.88 24.76 6.62
N SER H 90 -51.13 24.57 6.23
CA SER H 90 -51.60 23.25 5.79
C SER H 90 -52.75 23.36 4.79
N ARG H 91 -53.06 22.25 4.12
CA ARG H 91 -54.16 22.23 3.15
C ARG H 91 -55.00 20.97 3.22
N SER H 92 -56.24 21.06 2.73
CA SER H 92 -57.12 19.90 2.61
C SER H 92 -57.90 19.89 1.29
N THR H 93 -57.61 18.91 0.44
CA THR H 93 -58.19 18.83 -0.89
C THR H 93 -59.64 18.38 -0.85
N SER H 94 -60.07 17.84 0.29
CA SER H 94 -61.43 17.39 0.46
C SER H 94 -62.38 18.54 0.80
N LEU H 95 -61.82 19.70 1.17
CA LEU H 95 -62.63 20.85 1.51
C LEU H 95 -62.40 21.81 0.37
N ASN H 96 -61.27 21.55 -0.27
CA ASN H 96 -60.69 22.34 -1.33
C ASN H 96 -60.35 23.72 -0.79
N THR H 97 -59.74 23.71 0.40
CA THR H 97 -59.31 24.90 1.11
C THR H 97 -57.88 24.77 1.62
N ALA H 98 -57.31 25.91 2.02
CA ALA H 98 -56.01 25.96 2.68
C ALA H 98 -56.09 26.89 3.87
N THR H 99 -55.31 26.61 4.92
CA THR H 99 -55.35 27.45 6.11
C THR H 99 -53.99 27.83 6.66
N LEU H 100 -53.99 28.87 7.48
CA LEU H 100 -52.79 29.32 8.17
C LEU H 100 -53.11 29.52 9.64
N GLN H 101 -52.44 28.78 10.49
CA GLN H 101 -52.68 28.90 11.92
C GLN H 101 -51.62 29.74 12.57
N MET H 102 -52.01 30.84 13.20
CA MET H 102 -51.02 31.69 13.82
C MET H 102 -51.10 31.63 15.33
N THR H 103 -49.94 31.57 15.98
CA THR H 103 -49.96 31.64 17.43
C THR H 103 -49.05 32.68 17.99
N SER H 104 -49.15 32.88 19.31
CA SER H 104 -48.33 33.82 20.06
C SER H 104 -48.29 35.17 19.35
N LEU H 105 -49.46 35.66 18.93
CA LEU H 105 -49.51 36.90 18.18
C LEU H 105 -49.28 38.18 18.96
N THR H 106 -48.63 39.12 18.31
CA THR H 106 -48.43 40.43 18.90
C THR H 106 -48.82 41.58 18.00
N ALA H 107 -48.69 42.79 18.50
CA ALA H 107 -49.09 43.99 17.75
C ALA H 107 -48.37 44.12 16.42
N ALA H 108 -47.13 43.64 16.38
CA ALA H 108 -46.27 43.69 15.21
C ALA H 108 -46.78 42.81 14.07
N ASP H 109 -47.71 41.91 14.36
CA ASP H 109 -48.22 40.99 13.37
C ASP H 109 -49.47 41.56 12.70
N THR H 110 -49.82 42.81 13.03
CA THR H 110 -50.96 43.41 12.39
C THR H 110 -50.65 43.56 10.93
N ALA H 111 -51.53 43.06 10.09
CA ALA H 111 -51.33 43.15 8.65
C ALA H 111 -52.55 42.72 7.92
N THR H 112 -52.62 43.06 6.64
CA THR H 112 -53.65 42.46 5.82
C THR H 112 -53.04 41.18 5.29
N TYR H 113 -53.70 40.06 5.51
CA TYR H 113 -53.15 38.81 5.04
C TYR H 113 -53.80 38.47 3.75
N PHE H 114 -53.02 37.93 2.83
CA PHE H 114 -53.55 37.52 1.53
C PHE H 114 -53.14 36.12 1.20
N CYS H 115 -54.02 35.38 0.54
CA CYS H 115 -53.62 34.09 -0.01
C CYS H 115 -53.49 34.26 -1.51
N ALA H 116 -52.60 33.49 -2.10
CA ALA H 116 -52.45 33.51 -3.54
C ALA H 116 -52.02 32.15 -4.06
N ARG H 117 -52.38 31.89 -5.30
CA ARG H 117 -52.04 30.64 -5.95
C ARG H 117 -50.91 30.80 -6.92
N GLY H 118 -49.87 30.01 -6.70
CA GLY H 118 -48.74 29.98 -7.61
C GLY H 118 -48.80 28.77 -8.52
N ASP H 119 -48.36 28.91 -9.75
CA ASP H 119 -48.37 27.74 -10.64
C ASP H 119 -47.15 26.86 -10.42
N TYR H 120 -47.27 25.57 -10.75
CA TYR H 120 -46.14 24.66 -10.61
C TYR H 120 -45.57 24.21 -11.97
N ASP H 121 -46.12 24.73 -13.06
CA ASP H 121 -45.68 24.30 -14.39
C ASP H 121 -44.56 25.17 -14.93
N ASP H 122 -44.06 24.87 -16.13
CA ASP H 122 -42.94 25.62 -16.70
C ASP H 122 -43.11 27.14 -16.83
N PRO H 123 -44.15 27.69 -17.48
CA PRO H 123 -44.39 29.11 -17.53
C PRO H 123 -44.90 29.45 -16.16
N LEU H 124 -44.68 30.66 -15.69
CA LEU H 124 -45.25 31.08 -14.42
C LEU H 124 -44.84 30.17 -13.26
N ASP H 125 -43.66 29.58 -13.32
CA ASP H 125 -43.26 28.65 -12.30
C ASP H 125 -42.89 29.40 -11.03
N GLY H 126 -43.69 29.27 -9.98
CA GLY H 126 -43.47 29.99 -8.74
C GLY H 126 -44.08 31.37 -8.77
N VAL H 127 -44.79 31.67 -9.82
CA VAL H 127 -45.38 32.97 -9.96
C VAL H 127 -46.79 33.00 -9.44
N ALA H 128 -47.09 33.97 -8.60
CA ALA H 128 -48.42 34.09 -8.04
C ALA H 128 -49.29 34.83 -9.02
N THR H 129 -50.25 34.13 -9.58
CA THR H 129 -51.07 34.71 -10.63
C THR H 129 -52.46 35.00 -10.15
N LEU H 130 -52.89 34.27 -9.14
CA LEU H 130 -54.21 34.43 -8.59
C LEU H 130 -54.17 34.90 -7.17
N TRP H 131 -54.74 36.07 -6.93
CA TRP H 131 -54.72 36.63 -5.61
C TRP H 131 -56.13 36.87 -5.11
N GLY H 132 -56.38 36.58 -3.85
CA GLY H 132 -57.70 36.88 -3.31
C GLY H 132 -57.63 38.22 -2.60
N PRO H 133 -58.74 38.95 -2.41
CA PRO H 133 -58.78 40.13 -1.57
C PRO H 133 -58.36 39.63 -0.22
N GLY H 134 -57.57 40.38 0.50
CA GLY H 134 -57.11 39.88 1.78
C GLY H 134 -58.04 40.19 2.92
N THR H 135 -57.61 39.83 4.11
CA THR H 135 -58.39 40.05 5.32
C THR H 135 -57.53 40.61 6.43
N LEU H 136 -58.08 41.52 7.21
CA LEU H 136 -57.30 42.15 8.25
C LEU H 136 -57.28 41.47 9.60
N VAL H 137 -56.07 41.29 10.09
CA VAL H 137 -55.82 40.77 11.40
C VAL H 137 -55.13 41.82 12.22
N THR H 138 -55.70 42.13 13.37
CA THR H 138 -55.09 43.11 14.25
C THR H 138 -54.85 42.37 15.53
N VAL H 139 -53.99 42.90 16.39
CA VAL H 139 -53.73 42.17 17.61
C VAL H 139 -53.73 43.10 18.81
N TRP I 40 32.31 28.57 -0.34
CA TRP I 40 33.04 27.56 -1.09
C TRP I 40 32.25 26.33 -1.42
N VAL I 41 31.60 25.72 -0.45
CA VAL I 41 30.80 24.56 -0.84
C VAL I 41 29.50 25.02 -1.45
N THR I 42 29.22 24.54 -2.65
CA THR I 42 27.97 24.83 -3.34
C THR I 42 27.25 23.51 -3.48
N VAL I 43 25.98 23.49 -3.15
CA VAL I 43 25.22 22.27 -3.26
C VAL I 43 24.40 22.33 -4.54
N TYR I 44 24.49 21.28 -5.33
CA TYR I 44 23.76 21.22 -6.59
C TYR I 44 22.74 20.10 -6.59
N TYR I 45 21.53 20.41 -7.00
CA TYR I 45 20.48 19.42 -7.06
C TYR I 45 19.99 19.21 -8.46
N GLY I 46 20.00 17.96 -8.89
CA GLY I 46 19.62 17.59 -10.25
C GLY I 46 20.88 17.17 -10.99
N VAL I 47 21.89 16.77 -10.25
CA VAL I 47 23.14 16.34 -10.83
C VAL I 47 22.95 15.03 -11.59
N PRO I 48 23.35 14.93 -12.87
CA PRO I 48 23.16 13.77 -13.73
C PRO I 48 24.10 12.61 -13.48
N VAL I 49 24.01 12.01 -12.31
CA VAL I 49 24.85 10.85 -11.98
C VAL I 49 24.01 9.69 -11.48
N TRP I 50 24.58 8.49 -11.52
CA TRP I 50 23.87 7.30 -11.11
C TRP I 50 24.75 6.21 -10.56
N LYS I 51 24.09 5.25 -9.91
CA LYS I 51 24.72 4.07 -9.35
C LYS I 51 23.97 2.80 -9.69
N ASP I 52 24.68 1.68 -9.75
CA ASP I 52 24.05 0.39 -10.01
C ASP I 52 23.01 0.14 -8.95
N ALA I 53 21.85 -0.36 -9.34
CA ALA I 53 20.84 -0.59 -8.30
C ALA I 53 19.87 -1.68 -8.62
N GLU I 54 19.26 -2.25 -7.59
CA GLU I 54 18.25 -3.26 -7.80
C GLU I 54 16.92 -2.82 -7.24
N THR I 55 15.94 -2.72 -8.12
CA THR I 55 14.60 -2.32 -7.72
C THR I 55 13.60 -3.18 -8.37
N THR I 56 12.35 -2.91 -8.07
CA THR I 56 11.21 -3.61 -8.62
C THR I 56 10.77 -2.96 -9.92
N LEU I 57 10.70 -3.74 -10.99
CA LEU I 57 10.24 -3.20 -12.25
C LEU I 57 8.80 -3.55 -12.46
N PHE I 58 8.08 -2.76 -13.24
CA PHE I 58 6.69 -3.08 -13.49
C PHE I 58 6.53 -3.34 -14.96
N CYS I 59 5.48 -4.05 -15.35
CA CYS I 59 5.30 -4.30 -16.76
C CYS I 59 4.36 -3.30 -17.40
N ALA I 60 4.52 -3.18 -18.69
CA ALA I 60 3.68 -2.40 -19.52
C ALA I 60 3.30 -3.25 -20.74
N SER I 61 2.15 -2.96 -21.34
CA SER I 61 1.68 -3.72 -22.51
C SER I 61 1.00 -2.86 -23.54
N ASP I 62 1.25 -3.15 -24.81
CA ASP I 62 0.61 -2.42 -25.89
C ASP I 62 -0.68 -3.14 -26.27
N ALA I 63 -1.81 -2.61 -25.81
CA ALA I 63 -3.09 -3.28 -26.02
C ALA I 63 -3.89 -2.57 -27.11
N HIS I 71 -7.96 -13.26 -20.26
CA HIS I 71 -8.06 -14.61 -20.81
C HIS I 71 -6.70 -15.14 -21.22
N ASN I 72 -5.69 -14.30 -21.11
CA ASN I 72 -4.33 -14.73 -21.37
C ASN I 72 -3.73 -15.29 -20.09
N VAL I 73 -2.97 -16.38 -20.20
CA VAL I 73 -2.35 -17.00 -19.05
C VAL I 73 -1.40 -16.07 -18.29
N TRP I 74 -0.80 -15.08 -18.96
CA TRP I 74 0.11 -14.18 -18.26
C TRP I 74 -0.52 -12.88 -17.84
N ALA I 75 -1.85 -12.76 -17.96
CA ALA I 75 -2.56 -11.58 -17.53
C ALA I 75 -1.94 -10.29 -18.01
N THR I 76 -1.65 -10.17 -19.30
CA THR I 76 -0.96 -9.00 -19.81
C THR I 76 -1.86 -7.78 -19.77
N HIS I 77 -3.15 -7.98 -19.59
CA HIS I 77 -4.11 -6.89 -19.49
C HIS I 77 -3.92 -6.15 -18.17
N ALA I 78 -3.19 -6.76 -17.25
CA ALA I 78 -2.94 -6.19 -15.94
C ALA I 78 -1.75 -5.23 -15.97
N CYS I 79 -1.10 -5.11 -17.12
CA CYS I 79 0.03 -4.24 -17.28
C CYS I 79 -0.39 -2.82 -17.59
N VAL I 80 0.52 -1.89 -17.34
CA VAL I 80 0.31 -0.49 -17.62
C VAL I 80 0.34 -0.27 -19.15
N PRO I 81 -0.59 0.41 -19.77
CA PRO I 81 -0.55 0.65 -21.20
C PRO I 81 0.77 1.33 -21.55
N THR I 82 1.38 0.91 -22.66
CA THR I 82 2.65 1.49 -23.10
C THR I 82 2.53 2.81 -23.78
N ASP I 83 3.67 3.46 -23.88
CA ASP I 83 3.88 4.71 -24.59
C ASP I 83 3.92 4.40 -26.09
N PRO I 84 2.99 4.91 -26.92
CA PRO I 84 2.95 4.70 -28.36
C PRO I 84 4.22 5.18 -29.07
N ASN I 85 4.97 6.08 -28.42
CA ASN I 85 6.18 6.61 -29.03
C ASN I 85 7.25 6.90 -27.98
N PRO I 86 7.88 5.86 -27.40
CA PRO I 86 8.80 5.96 -26.30
C PRO I 86 10.04 6.63 -26.78
N GLN I 87 10.72 7.33 -25.89
CA GLN I 87 11.92 8.02 -26.27
C GLN I 87 13.17 7.29 -25.88
N GLU I 88 14.23 7.57 -26.61
CA GLU I 88 15.53 7.03 -26.33
C GLU I 88 16.56 8.13 -26.42
N ILE I 89 17.38 8.25 -25.40
CA ILE I 89 18.37 9.31 -25.39
C ILE I 89 19.77 8.80 -25.52
N HIS I 90 20.50 9.28 -26.50
CA HIS I 90 21.89 8.86 -26.66
C HIS I 90 22.77 9.59 -25.69
N LEU I 91 23.69 8.88 -25.03
CA LEU I 91 24.57 9.57 -24.12
C LEU I 91 25.94 9.79 -24.74
N GLU I 92 26.21 11.03 -25.10
CA GLU I 92 27.44 11.33 -25.79
C GLU I 92 28.56 11.24 -24.80
N ASN I 93 29.67 10.67 -25.21
CA ASN I 93 30.86 10.53 -24.38
C ASN I 93 30.61 9.72 -23.10
N VAL I 94 29.65 8.81 -23.08
CA VAL I 94 29.46 8.01 -21.89
C VAL I 94 29.64 6.56 -22.12
N THR I 95 30.49 5.93 -21.34
CA THR I 95 30.66 4.50 -21.46
C THR I 95 30.13 3.91 -20.20
N GLU I 96 29.80 2.63 -20.22
CA GLU I 96 29.33 1.97 -19.01
C GLU I 96 29.73 0.52 -19.00
N GLU I 97 29.84 -0.08 -17.81
CA GLU I 97 30.16 -1.49 -17.69
C GLU I 97 28.94 -2.37 -17.41
N PHE I 98 28.73 -3.35 -18.28
CA PHE I 98 27.60 -4.26 -18.21
C PHE I 98 28.01 -5.69 -17.88
N ASN I 99 27.10 -6.46 -17.29
CA ASN I 99 27.35 -7.89 -17.03
C ASN I 99 26.07 -8.71 -17.07
N MET I 100 25.80 -9.35 -18.19
CA MET I 100 24.55 -10.10 -18.39
C MET I 100 24.39 -11.33 -17.52
N TRP I 101 25.46 -11.77 -16.87
CA TRP I 101 25.38 -12.99 -16.09
C TRP I 101 24.98 -12.69 -14.66
N LYS I 102 24.95 -11.42 -14.30
CA LYS I 102 24.65 -10.97 -12.94
C LYS I 102 23.50 -9.99 -12.97
N ASN I 103 22.73 -10.04 -14.04
CA ASN I 103 21.65 -9.11 -14.26
C ASN I 103 20.38 -9.54 -13.55
N ASN I 104 19.95 -8.79 -12.54
CA ASN I 104 18.82 -9.22 -11.73
C ASN I 104 17.48 -9.01 -12.42
N MET I 105 17.48 -8.44 -13.63
CA MET I 105 16.25 -8.26 -14.36
C MET I 105 15.76 -9.62 -14.78
N VAL I 106 16.70 -10.57 -14.91
CA VAL I 106 16.39 -11.92 -15.34
C VAL I 106 15.62 -12.59 -14.24
N GLU I 107 16.04 -12.34 -13.02
CA GLU I 107 15.43 -12.96 -11.88
C GLU I 107 14.01 -12.47 -11.71
N GLN I 108 13.78 -11.17 -11.92
CA GLN I 108 12.41 -10.73 -11.77
C GLN I 108 11.54 -11.30 -12.87
N MET I 109 12.06 -11.39 -14.10
CA MET I 109 11.22 -11.92 -15.14
C MET I 109 10.86 -13.36 -14.82
N HIS I 110 11.82 -14.13 -14.32
CA HIS I 110 11.59 -15.51 -13.97
C HIS I 110 10.50 -15.64 -12.92
N THR I 111 10.61 -14.84 -11.87
CA THR I 111 9.62 -14.89 -10.81
C THR I 111 8.25 -14.46 -11.30
N ASP I 112 8.15 -13.37 -12.09
CA ASP I 112 6.82 -12.96 -12.53
C ASP I 112 6.18 -14.02 -13.37
N ILE I 113 6.93 -14.68 -14.24
CA ILE I 113 6.33 -15.67 -15.08
C ILE I 113 5.77 -16.82 -14.31
N ILE I 114 6.53 -17.32 -13.35
CA ILE I 114 6.00 -18.44 -12.61
C ILE I 114 4.79 -18.04 -11.81
N SER I 115 4.83 -16.90 -11.13
CA SER I 115 3.69 -16.54 -10.32
C SER I 115 2.44 -16.30 -11.16
N LEU I 116 2.57 -15.70 -12.34
CA LEU I 116 1.40 -15.48 -13.17
C LEU I 116 0.82 -16.78 -13.64
N TRP I 117 1.69 -17.70 -14.00
CA TRP I 117 1.27 -19.00 -14.45
C TRP I 117 0.44 -19.65 -13.37
N ASP I 118 0.94 -19.65 -12.14
CA ASP I 118 0.17 -20.28 -11.08
C ASP I 118 -1.14 -19.57 -10.80
N GLN I 119 -1.17 -18.24 -10.86
CA GLN I 119 -2.44 -17.59 -10.58
C GLN I 119 -3.49 -17.96 -11.61
N SER I 120 -3.09 -18.17 -12.86
CA SER I 120 -4.03 -18.49 -13.91
C SER I 120 -4.72 -19.83 -13.72
N LEU I 121 -4.17 -20.73 -12.91
CA LEU I 121 -4.78 -22.03 -12.72
C LEU I 121 -5.61 -22.08 -11.46
N LYS I 122 -5.60 -21.01 -10.69
CA LYS I 122 -6.29 -21.02 -9.42
C LYS I 122 -7.77 -21.36 -9.52
N PRO I 123 -8.56 -20.83 -10.46
CA PRO I 123 -9.96 -21.10 -10.60
C PRO I 123 -10.29 -22.32 -11.44
N CYS I 124 -9.31 -23.13 -11.83
CA CYS I 124 -9.64 -24.19 -12.76
C CYS I 124 -9.97 -25.48 -12.03
N VAL I 125 -10.79 -26.31 -12.64
CA VAL I 125 -11.24 -27.58 -12.07
C VAL I 125 -10.13 -28.57 -11.80
N LYS I 126 -10.19 -29.20 -10.63
CA LYS I 126 -9.22 -30.21 -10.26
C LYS I 126 -9.65 -31.54 -10.83
N LEU I 127 -8.70 -32.38 -11.15
CA LEU I 127 -9.01 -33.69 -11.70
C LEU I 127 -8.71 -34.85 -10.79
N THR I 128 -8.72 -34.62 -9.49
CA THR I 128 -8.39 -35.69 -8.56
C THR I 128 -9.30 -36.94 -8.66
N PRO I 129 -10.58 -36.87 -9.07
CA PRO I 129 -11.43 -38.02 -9.24
C PRO I 129 -10.92 -38.98 -10.33
N LEU I 130 -9.93 -38.56 -11.15
CA LEU I 130 -9.39 -39.44 -12.20
C LEU I 130 -8.33 -40.38 -11.69
N CYS I 131 -7.90 -40.27 -10.45
CA CYS I 131 -6.90 -41.21 -10.00
C CYS I 131 -7.52 -42.53 -9.62
N VAL I 132 -7.85 -43.28 -10.64
CA VAL I 132 -8.58 -44.53 -10.56
C VAL I 132 -7.85 -45.58 -11.29
N THR I 133 -8.26 -46.81 -11.10
CA THR I 133 -7.63 -47.81 -11.90
C THR I 133 -8.28 -47.77 -13.26
N LEU I 134 -7.47 -47.63 -14.29
CA LEU I 134 -7.96 -47.56 -15.65
C LEU I 134 -7.83 -48.94 -16.24
N GLN I 135 -8.84 -49.43 -16.93
CA GLN I 135 -8.65 -50.73 -17.57
C GLN I 135 -8.30 -50.36 -18.98
N CYS I 136 -7.17 -50.83 -19.50
CA CYS I 136 -6.82 -50.20 -20.76
C CYS I 136 -6.14 -51.11 -21.78
N THR I 137 -6.48 -50.85 -23.07
CA THR I 137 -5.93 -51.53 -24.26
C THR I 137 -5.36 -50.57 -25.31
N ASN I 138 -4.75 -51.09 -26.39
CA ASN I 138 -4.16 -50.24 -27.42
C ASN I 138 -5.13 -49.84 -28.51
N VAL I 139 -4.84 -48.69 -29.14
CA VAL I 139 -5.58 -48.25 -30.31
C VAL I 139 -4.90 -48.84 -31.52
N THR I 140 -5.63 -49.63 -32.29
CA THR I 140 -5.07 -50.31 -33.46
C THR I 140 -5.79 -50.00 -34.77
N ASN I 141 -6.66 -49.01 -34.78
CA ASN I 141 -7.44 -48.73 -35.98
C ASN I 141 -6.76 -47.80 -36.95
N ASN I 142 -6.34 -48.33 -38.09
CA ASN I 142 -5.67 -47.53 -39.11
C ASN I 142 -4.51 -46.73 -38.55
N ILE I 143 -3.65 -47.39 -37.80
CA ILE I 143 -2.55 -46.67 -37.20
C ILE I 143 -1.23 -47.03 -37.86
N THR I 144 -0.49 -45.98 -38.17
CA THR I 144 0.80 -46.01 -38.81
C THR I 144 1.83 -46.75 -37.95
N ASP I 145 2.67 -47.57 -38.55
CA ASP I 145 3.62 -48.25 -37.71
C ASP I 145 4.55 -47.19 -37.14
N ASP I 146 5.20 -47.51 -36.04
CA ASP I 146 6.05 -46.59 -35.26
C ASP I 146 5.26 -45.48 -34.56
N MET I 147 3.92 -45.58 -34.58
CA MET I 147 2.99 -44.70 -33.87
C MET I 147 2.15 -45.67 -33.09
N ARG I 148 2.31 -46.92 -33.47
CA ARG I 148 1.56 -47.99 -32.89
C ARG I 148 2.10 -48.21 -31.50
N GLY I 149 1.20 -48.28 -30.54
CA GLY I 149 1.60 -48.43 -29.15
C GLY I 149 1.61 -47.09 -28.42
N GLU I 150 1.52 -45.97 -29.15
CA GLU I 150 1.52 -44.66 -28.52
C GLU I 150 0.18 -44.24 -27.94
N LEU I 151 -0.91 -44.72 -28.53
CA LEU I 151 -2.21 -44.32 -28.01
C LEU I 151 -2.91 -45.49 -27.40
N LYS I 152 -3.55 -45.23 -26.27
CA LYS I 152 -4.30 -46.25 -25.60
C LYS I 152 -5.73 -45.85 -25.27
N ASN I 153 -6.60 -46.84 -25.38
CA ASN I 153 -8.03 -46.74 -25.15
C ASN I 153 -8.39 -47.22 -23.76
N CYS I 154 -8.61 -46.27 -22.83
CA CYS I 154 -8.82 -46.67 -21.45
C CYS I 154 -10.23 -46.40 -21.00
N SER I 155 -10.74 -47.24 -20.10
CA SER I 155 -12.08 -47.01 -19.55
C SER I 155 -12.07 -47.07 -18.04
N PHE I 156 -12.98 -46.32 -17.46
CA PHE I 156 -13.05 -46.22 -16.01
C PHE I 156 -14.39 -45.78 -15.44
N ASN I 157 -14.56 -46.00 -14.14
CA ASN I 157 -15.75 -45.55 -13.43
C ASN I 157 -15.54 -44.17 -12.82
N MET I 158 -16.14 -43.18 -13.44
CA MET I 158 -15.98 -41.79 -13.07
C MET I 158 -17.13 -41.33 -12.21
N THR I 159 -16.91 -40.31 -11.39
CA THR I 159 -17.97 -39.75 -10.58
C THR I 159 -18.87 -38.95 -11.48
N THR I 160 -20.01 -38.54 -10.99
CA THR I 160 -20.91 -37.74 -11.80
C THR I 160 -21.58 -36.64 -10.99
N GLU I 161 -22.64 -36.07 -11.53
CA GLU I 161 -23.33 -34.94 -10.91
C GLU I 161 -23.88 -35.28 -9.54
N LEU I 162 -24.39 -36.49 -9.38
CA LEU I 162 -24.93 -36.89 -8.10
C LEU I 162 -23.97 -37.81 -7.40
N ARG I 163 -23.89 -37.67 -6.09
CA ARG I 163 -23.01 -38.46 -5.24
C ARG I 163 -23.35 -39.94 -5.24
N ASP I 164 -24.58 -40.27 -5.55
CA ASP I 164 -25.05 -41.64 -5.55
C ASP I 164 -24.82 -42.37 -6.86
N LYS I 165 -24.30 -41.70 -7.87
CA LYS I 165 -24.17 -42.33 -9.16
C LYS I 165 -22.74 -42.40 -9.66
N LYS I 166 -22.47 -43.37 -10.53
CA LYS I 166 -21.19 -43.52 -11.18
C LYS I 166 -21.46 -43.70 -12.65
N GLN I 167 -20.50 -43.33 -13.49
CA GLN I 167 -20.68 -43.52 -14.92
C GLN I 167 -19.48 -44.19 -15.54
N LYS I 168 -19.72 -44.97 -16.58
CA LYS I 168 -18.62 -45.61 -17.28
C LYS I 168 -18.25 -44.77 -18.47
N VAL I 169 -17.01 -44.34 -18.50
CA VAL I 169 -16.55 -43.50 -19.57
C VAL I 169 -15.28 -44.04 -20.13
N TYR I 170 -14.92 -43.59 -21.31
CA TYR I 170 -13.63 -43.99 -21.85
C TYR I 170 -13.04 -42.82 -22.57
N SER I 171 -11.73 -42.84 -22.71
CA SER I 171 -11.01 -41.79 -23.40
C SER I 171 -9.67 -42.26 -23.91
N LEU I 172 -9.06 -41.46 -24.77
CA LEU I 172 -7.74 -41.86 -25.23
C LEU I 172 -6.65 -41.12 -24.50
N PHE I 173 -5.57 -41.85 -24.21
CA PHE I 173 -4.40 -41.31 -23.56
C PHE I 173 -3.14 -41.63 -24.32
N TYR I 174 -2.17 -40.75 -24.19
CA TYR I 174 -0.86 -40.99 -24.77
C TYR I 174 -0.08 -41.86 -23.84
N ARG I 175 0.75 -42.72 -24.38
CA ARG I 175 1.57 -43.61 -23.59
C ARG I 175 2.37 -42.93 -22.51
N LEU I 176 2.86 -41.74 -22.76
CA LEU I 176 3.71 -41.05 -21.81
C LEU I 176 2.99 -40.55 -20.57
N ASP I 177 1.66 -40.55 -20.57
CA ASP I 177 0.91 -40.08 -19.42
C ASP I 177 0.43 -41.18 -18.50
N VAL I 178 0.71 -42.45 -18.81
CA VAL I 178 0.22 -43.52 -17.93
C VAL I 178 1.32 -44.48 -17.52
N VAL I 179 1.09 -45.20 -16.42
CA VAL I 179 2.03 -46.24 -16.04
C VAL I 179 1.26 -47.51 -15.75
N GLN I 180 1.88 -48.65 -16.01
CA GLN I 180 1.20 -49.90 -15.72
C GLN I 180 1.36 -50.23 -14.28
N ILE I 181 0.29 -50.66 -13.63
CA ILE I 181 0.41 -51.05 -12.23
C ILE I 181 0.41 -52.56 -12.10
N ASN I 182 -0.38 -53.25 -12.90
CA ASN I 182 -0.45 -54.70 -12.73
C ASN I 182 0.65 -55.37 -13.52
N GLU I 183 1.85 -55.23 -13.00
CA GLU I 183 3.03 -55.76 -13.65
C GLU I 183 2.83 -57.23 -13.97
N ASN I 193 -6.87 -56.96 -21.10
CA ASN I 193 -6.59 -55.57 -20.74
C ASN I 193 -5.75 -55.54 -19.48
N LYS I 194 -5.00 -54.45 -19.28
CA LYS I 194 -4.18 -54.35 -18.10
C LYS I 194 -4.52 -53.13 -17.31
N GLU I 195 -4.34 -53.20 -16.01
CA GLU I 195 -4.54 -52.06 -15.17
C GLU I 195 -3.42 -51.04 -15.25
N TYR I 196 -3.82 -49.78 -15.41
CA TYR I 196 -2.99 -48.59 -15.49
C TYR I 196 -3.46 -47.48 -14.58
N ARG I 197 -2.59 -46.56 -14.29
CA ARG I 197 -2.99 -45.37 -13.56
C ARG I 197 -2.35 -44.17 -14.22
N LEU I 198 -2.86 -42.98 -13.93
CA LEU I 198 -2.22 -41.81 -14.49
C LEU I 198 -0.88 -41.68 -13.81
N ILE I 199 0.10 -41.24 -14.56
CA ILE I 199 1.46 -41.14 -14.05
C ILE I 199 1.66 -40.29 -12.81
N ASN I 200 0.86 -39.26 -12.58
CA ASN I 200 1.10 -38.45 -11.39
C ASN I 200 0.25 -38.80 -10.17
N CYS I 201 -0.51 -39.86 -10.20
CA CYS I 201 -1.34 -40.07 -9.03
C CYS I 201 -0.59 -40.45 -7.77
N ASN I 202 0.66 -40.87 -7.83
CA ASN I 202 1.34 -41.16 -6.59
C ASN I 202 2.25 -40.01 -6.16
N THR I 203 2.25 -38.89 -6.90
CA THR I 203 3.14 -37.80 -6.50
C THR I 203 2.54 -36.40 -6.42
N SER I 204 1.48 -36.12 -7.17
CA SER I 204 1.00 -34.73 -7.22
C SER I 204 -0.47 -34.58 -7.53
N ALA I 205 -0.98 -33.37 -7.33
CA ALA I 205 -2.35 -33.10 -7.71
C ALA I 205 -2.38 -32.71 -9.16
N ILE I 206 -3.45 -33.07 -9.87
CA ILE I 206 -3.56 -32.68 -11.26
C ILE I 206 -4.68 -31.69 -11.45
N THR I 207 -4.37 -30.53 -12.04
CA THR I 207 -5.35 -29.46 -12.31
C THR I 207 -5.56 -29.30 -13.80
N GLN I 208 -6.81 -29.24 -14.25
CA GLN I 208 -7.05 -29.07 -15.68
C GLN I 208 -6.87 -27.63 -16.03
N ALA I 209 -6.14 -27.35 -17.09
CA ALA I 209 -6.03 -25.96 -17.48
C ALA I 209 -7.36 -25.50 -17.97
N CYS I 210 -7.72 -24.27 -17.67
CA CYS I 210 -8.97 -23.75 -18.17
C CYS I 210 -8.90 -23.67 -19.69
N PRO I 211 -9.88 -24.19 -20.44
CA PRO I 211 -9.92 -24.25 -21.90
C PRO I 211 -10.03 -22.90 -22.56
N LYS I 212 -10.44 -21.91 -21.79
CA LYS I 212 -10.62 -20.56 -22.29
C LYS I 212 -9.37 -19.70 -22.15
N VAL I 213 -8.33 -20.24 -21.52
CA VAL I 213 -7.12 -19.47 -21.30
C VAL I 213 -6.06 -19.74 -22.34
N SER I 214 -5.54 -18.66 -22.91
CA SER I 214 -4.54 -18.73 -23.95
C SER I 214 -3.11 -18.78 -23.45
N PHE I 215 -2.28 -19.56 -24.14
CA PHE I 215 -0.87 -19.64 -23.82
C PHE I 215 -0.01 -18.88 -24.80
N GLU I 216 -0.64 -18.06 -25.63
CA GLU I 216 0.11 -17.31 -26.62
C GLU I 216 1.09 -16.38 -25.91
N PRO I 217 2.37 -16.35 -26.27
CA PRO I 217 3.41 -15.56 -25.66
C PRO I 217 3.37 -14.10 -26.08
N ILE I 218 2.33 -13.42 -25.65
CA ILE I 218 2.16 -12.01 -25.93
C ILE I 218 3.22 -11.26 -25.14
N PRO I 219 4.03 -10.40 -25.78
CA PRO I 219 5.13 -9.71 -25.16
C PRO I 219 4.75 -8.65 -24.19
N ILE I 220 5.64 -8.43 -23.23
CA ILE I 220 5.49 -7.34 -22.29
C ILE I 220 6.73 -6.49 -22.29
N HIS I 221 6.62 -5.29 -21.77
CA HIS I 221 7.75 -4.40 -21.68
C HIS I 221 8.06 -4.15 -20.22
N TYR I 222 9.33 -4.14 -19.82
CA TYR I 222 9.59 -3.78 -18.44
C TYR I 222 9.91 -2.33 -18.34
N CYS I 223 9.36 -1.67 -17.34
CA CYS I 223 9.56 -0.24 -17.16
C CYS I 223 10.08 0.11 -15.78
N ALA I 224 11.00 1.06 -15.73
CA ALA I 224 11.55 1.52 -14.48
C ALA I 224 10.58 2.47 -13.77
N PRO I 225 10.55 2.47 -12.42
CA PRO I 225 9.81 3.38 -11.57
C PRO I 225 10.48 4.74 -11.51
N ALA I 226 9.75 5.74 -11.03
CA ALA I 226 10.37 7.05 -10.91
C ALA I 226 11.61 6.97 -10.04
N GLY I 227 12.66 7.68 -10.45
CA GLY I 227 13.92 7.71 -9.73
C GLY I 227 14.96 6.75 -10.32
N PHE I 228 14.51 5.93 -11.26
CA PHE I 228 15.33 4.94 -11.96
C PHE I 228 15.34 5.11 -13.46
N ALA I 229 16.36 4.55 -14.09
CA ALA I 229 16.47 4.58 -15.53
C ALA I 229 17.06 3.29 -16.03
N ILE I 230 16.73 2.91 -17.26
CA ILE I 230 17.32 1.71 -17.81
C ILE I 230 18.32 2.06 -18.88
N LEU I 231 19.53 1.60 -18.71
CA LEU I 231 20.54 1.91 -19.68
C LEU I 231 20.57 0.76 -20.66
N LYS I 232 20.81 1.06 -21.92
CA LYS I 232 20.88 0.04 -22.93
C LYS I 232 22.13 0.12 -23.77
N CYS I 233 22.70 -1.04 -24.10
CA CYS I 233 23.81 -1.06 -25.05
C CYS I 233 23.34 -1.00 -26.48
N LYS I 234 24.08 -0.26 -27.28
CA LYS I 234 23.81 -0.23 -28.70
C LYS I 234 24.88 -0.97 -29.48
N ASP I 235 25.98 -1.33 -28.83
CA ASP I 235 27.10 -1.94 -29.53
C ASP I 235 26.67 -3.26 -30.12
N LYS I 236 26.74 -3.33 -31.43
CA LYS I 236 26.25 -4.45 -32.20
C LYS I 236 27.05 -5.72 -32.00
N LYS I 237 28.25 -5.62 -31.41
CA LYS I 237 29.08 -6.79 -31.13
C LYS I 237 29.23 -7.07 -29.64
N PHE I 238 28.42 -6.45 -28.80
CA PHE I 238 28.59 -6.67 -27.37
C PHE I 238 28.40 -8.13 -27.00
N ASN I 239 29.34 -8.69 -26.24
CA ASN I 239 29.31 -10.11 -25.92
C ASN I 239 28.81 -10.40 -24.50
N GLY I 240 28.17 -9.44 -23.90
CA GLY I 240 27.54 -9.62 -22.59
C GLY I 240 28.26 -9.07 -21.38
N THR I 241 29.56 -8.83 -21.45
CA THR I 241 30.24 -8.26 -20.30
C THR I 241 31.23 -7.17 -20.67
N GLY I 242 31.53 -6.34 -19.70
CA GLY I 242 32.58 -5.34 -19.83
C GLY I 242 32.04 -4.04 -20.39
N PRO I 243 32.94 -3.11 -20.74
CA PRO I 243 32.64 -1.80 -21.22
C PRO I 243 31.80 -1.88 -22.47
N CYS I 244 30.85 -0.98 -22.54
CA CYS I 244 29.94 -0.82 -23.64
C CYS I 244 30.04 0.63 -24.10
N PRO I 245 30.80 0.94 -25.17
CA PRO I 245 31.09 2.26 -25.71
C PRO I 245 29.91 3.10 -26.15
N SER I 246 28.77 2.49 -26.43
CA SER I 246 27.64 3.29 -26.86
C SER I 246 26.41 2.92 -26.08
N VAL I 247 25.97 3.85 -25.27
CA VAL I 247 24.90 3.67 -24.33
C VAL I 247 23.82 4.70 -24.51
N SER I 248 22.59 4.27 -24.37
CA SER I 248 21.45 5.18 -24.44
C SER I 248 20.46 4.85 -23.36
N THR I 249 19.54 5.75 -23.08
CA THR I 249 18.59 5.44 -22.02
C THR I 249 17.19 5.28 -22.51
N VAL I 250 16.48 4.38 -21.85
CA VAL I 250 15.07 4.17 -22.11
C VAL I 250 14.32 4.13 -20.79
N GLN I 251 13.01 4.30 -20.83
CA GLN I 251 12.26 4.11 -19.60
C GLN I 251 11.74 2.68 -19.57
N CYS I 252 11.45 2.16 -20.77
CA CYS I 252 10.91 0.82 -20.95
C CYS I 252 11.73 0.02 -21.95
N THR I 253 11.78 -1.30 -21.75
CA THR I 253 12.48 -2.21 -22.64
C THR I 253 11.66 -2.50 -23.86
N HIS I 254 12.27 -3.16 -24.84
CA HIS I 254 11.55 -3.61 -26.01
C HIS I 254 10.60 -4.67 -25.54
N GLY I 255 9.61 -5.03 -26.35
CA GLY I 255 8.70 -6.07 -25.88
C GLY I 255 9.41 -7.40 -25.92
N ILE I 256 9.25 -8.18 -24.86
CA ILE I 256 9.86 -9.49 -24.78
C ILE I 256 8.83 -10.57 -24.64
N LYS I 257 8.89 -11.55 -25.52
CA LYS I 257 7.95 -12.65 -25.51
C LYS I 257 8.37 -13.74 -24.53
N PRO I 258 7.52 -14.17 -23.59
CA PRO I 258 7.82 -15.19 -22.61
C PRO I 258 7.70 -16.58 -23.22
N VAL I 259 8.57 -16.86 -24.18
CA VAL I 259 8.59 -18.12 -24.89
C VAL I 259 9.37 -19.14 -24.09
N VAL I 260 8.83 -20.34 -23.97
CA VAL I 260 9.49 -21.39 -23.23
C VAL I 260 9.91 -22.51 -24.16
N SER I 261 11.18 -22.85 -24.11
CA SER I 261 11.79 -23.90 -24.93
C SER I 261 13.03 -24.45 -24.24
N THR I 262 13.67 -25.45 -24.83
CA THR I 262 14.86 -26.05 -24.24
C THR I 262 16.08 -25.94 -25.14
N GLN I 263 16.29 -26.91 -26.00
CA GLN I 263 17.49 -26.92 -26.82
C GLN I 263 17.58 -25.81 -27.84
N LEU I 264 16.45 -25.42 -28.45
CA LEU I 264 16.52 -24.35 -29.42
C LEU I 264 15.63 -23.22 -28.95
N LEU I 265 16.00 -22.01 -29.28
CA LEU I 265 15.24 -20.82 -28.95
C LEU I 265 14.41 -20.47 -30.17
N LEU I 266 13.08 -20.58 -30.02
CA LEU I 266 12.16 -20.48 -31.15
C LEU I 266 11.56 -19.18 -31.63
N ASN I 267 11.61 -18.08 -30.89
CA ASN I 267 10.96 -16.89 -31.42
C ASN I 267 11.54 -15.61 -30.82
N GLY I 268 12.87 -15.50 -30.72
CA GLY I 268 13.46 -14.31 -30.11
C GLY I 268 14.03 -13.32 -31.10
N SER I 269 15.01 -12.55 -30.65
CA SER I 269 15.66 -11.56 -31.49
C SER I 269 16.82 -12.15 -32.24
N LEU I 270 17.12 -11.60 -33.40
CA LEU I 270 18.29 -11.99 -34.17
C LEU I 270 19.41 -11.01 -34.02
N ALA I 271 20.63 -11.47 -34.18
CA ALA I 271 21.76 -10.58 -34.16
C ALA I 271 21.70 -9.70 -35.39
N GLU I 272 22.02 -8.43 -35.26
CA GLU I 272 21.99 -7.53 -36.41
C GLU I 272 23.06 -7.75 -37.46
N GLU I 273 24.26 -8.10 -37.02
CA GLU I 273 25.36 -8.26 -37.95
C GLU I 273 25.95 -9.66 -37.91
N GLU I 274 26.87 -9.90 -36.99
CA GLU I 274 27.58 -11.16 -36.87
C GLU I 274 26.87 -12.12 -35.94
N VAL I 275 27.12 -13.42 -36.11
CA VAL I 275 26.62 -14.43 -35.18
C VAL I 275 27.33 -14.27 -33.86
N MET I 276 26.58 -14.23 -32.77
CA MET I 276 27.21 -14.02 -31.48
C MET I 276 27.24 -15.20 -30.58
N ILE I 277 28.39 -15.41 -29.97
CA ILE I 277 28.55 -16.48 -29.02
C ILE I 277 28.81 -15.90 -27.67
N ARG I 278 27.96 -16.20 -26.70
CA ARG I 278 28.13 -15.61 -25.40
C ARG I 278 28.18 -16.68 -24.32
N SER I 279 29.05 -16.50 -23.36
CA SER I 279 29.13 -17.44 -22.24
C SER I 279 29.71 -16.77 -21.06
N GLU I 280 29.38 -17.27 -19.89
CA GLU I 280 29.97 -16.78 -18.68
C GLU I 280 31.48 -17.03 -18.68
N ASN I 281 31.92 -18.17 -19.25
CA ASN I 281 33.33 -18.50 -19.22
C ASN I 281 33.91 -18.99 -20.56
N ILE I 282 33.15 -19.78 -21.34
CA ILE I 282 33.66 -20.52 -22.53
C ILE I 282 34.60 -21.68 -22.13
N THR I 283 35.63 -21.37 -21.37
CA THR I 283 36.65 -22.28 -20.87
C THR I 283 36.11 -23.34 -19.90
N ASN I 284 35.18 -22.94 -19.06
CA ASN I 284 34.59 -23.81 -18.06
C ASN I 284 33.56 -24.74 -18.69
N ASN I 285 33.77 -26.04 -18.59
CA ASN I 285 32.88 -27.00 -19.25
C ASN I 285 31.56 -27.16 -18.51
N ALA I 286 31.43 -26.53 -17.35
CA ALA I 286 30.22 -26.58 -16.58
C ALA I 286 29.26 -25.46 -16.96
N LYS I 287 29.68 -24.59 -17.87
CA LYS I 287 28.86 -23.45 -18.25
C LYS I 287 28.23 -23.59 -19.62
N ASN I 288 27.12 -22.89 -19.81
CA ASN I 288 26.44 -22.91 -21.09
C ASN I 288 26.99 -21.88 -22.03
N ILE I 289 26.82 -22.15 -23.32
CA ILE I 289 27.13 -21.22 -24.37
C ILE I 289 25.84 -20.87 -25.09
N LEU I 290 25.54 -19.60 -25.18
CA LEU I 290 24.34 -19.17 -25.86
C LEU I 290 24.71 -18.67 -27.23
N VAL I 291 24.14 -19.27 -28.26
CA VAL I 291 24.51 -18.84 -29.60
C VAL I 291 23.34 -18.15 -30.27
N GLN I 292 23.55 -16.90 -30.66
CA GLN I 292 22.51 -16.11 -31.31
C GLN I 292 22.73 -16.01 -32.80
N PHE I 293 21.75 -16.43 -33.56
CA PHE I 293 21.84 -16.45 -35.02
C PHE I 293 21.59 -15.07 -35.55
N ASN I 294 22.16 -14.77 -36.72
CA ASN I 294 21.91 -13.49 -37.37
C ASN I 294 20.92 -13.61 -38.52
N THR I 295 20.26 -14.75 -38.61
CA THR I 295 19.27 -15.04 -39.64
C THR I 295 18.37 -16.09 -39.00
N PRO I 296 17.06 -16.13 -39.24
CA PRO I 296 16.19 -17.12 -38.68
C PRO I 296 16.32 -18.42 -39.44
N VAL I 297 16.00 -19.52 -38.79
CA VAL I 297 15.88 -20.78 -39.51
C VAL I 297 14.43 -21.17 -39.42
N GLN I 298 13.77 -21.38 -40.55
CA GLN I 298 12.36 -21.68 -40.44
C GLN I 298 12.09 -23.13 -40.12
N ILE I 299 11.20 -23.32 -39.14
CA ILE I 299 10.75 -24.64 -38.71
C ILE I 299 9.22 -24.75 -38.76
N ASN I 300 8.74 -25.84 -39.37
CA ASN I 300 7.30 -26.09 -39.52
C ASN I 300 6.86 -27.35 -38.78
N CYS I 301 6.05 -27.19 -37.75
CA CYS I 301 5.63 -28.34 -36.95
C CYS I 301 4.17 -28.67 -37.13
N THR I 302 3.87 -29.96 -37.07
CA THR I 302 2.49 -30.39 -37.20
C THR I 302 2.09 -31.59 -36.35
N ARG I 303 0.80 -31.63 -36.04
CA ARG I 303 0.15 -32.73 -35.37
C ARG I 303 -0.98 -33.18 -36.27
N PRO I 304 -0.72 -34.03 -37.26
CA PRO I 304 -1.60 -34.41 -38.34
C PRO I 304 -2.61 -35.46 -37.97
N ASN I 305 -3.41 -35.19 -36.96
CA ASN I 305 -4.43 -36.11 -36.50
C ASN I 305 -5.67 -35.35 -36.20
N ASN I 306 -6.74 -35.61 -36.90
CA ASN I 306 -7.96 -34.84 -36.66
C ASN I 306 -8.69 -35.40 -35.45
N ASN I 307 -8.60 -34.69 -34.33
CA ASN I 307 -9.18 -35.24 -33.10
C ASN I 307 -10.50 -34.65 -32.76
N THR I 308 -11.27 -35.41 -31.98
CA THR I 308 -12.51 -34.90 -31.44
C THR I 308 -12.32 -34.64 -29.96
N ARG I 309 -13.23 -33.89 -29.37
CA ARG I 309 -13.17 -33.63 -27.96
C ARG I 309 -14.53 -33.74 -27.36
N LYS I 310 -14.61 -34.31 -26.18
CA LYS I 310 -15.89 -34.42 -25.50
C LYS I 310 -15.76 -34.05 -24.04
N SER I 311 -16.83 -33.53 -23.45
CA SER I 311 -16.73 -33.22 -22.05
C SER I 311 -17.48 -34.25 -21.24
N ILE I 312 -16.96 -34.50 -20.06
CA ILE I 312 -17.57 -35.39 -19.10
C ILE I 312 -17.90 -34.64 -17.84
N ARG I 313 -19.15 -34.67 -17.42
CA ARG I 313 -19.46 -33.97 -16.19
C ARG I 313 -18.96 -34.84 -15.06
N ILE I 314 -18.22 -34.25 -14.13
CA ILE I 314 -17.66 -35.02 -13.03
C ILE I 314 -18.25 -34.65 -11.70
N GLY I 315 -18.94 -33.52 -11.66
CA GLY I 315 -19.59 -33.07 -10.45
C GLY I 315 -20.30 -31.76 -10.74
N PRO I 316 -21.04 -31.20 -9.81
CA PRO I 316 -21.77 -29.97 -10.02
C PRO I 316 -20.87 -28.85 -10.45
N GLY I 317 -21.12 -28.31 -11.63
CA GLY I 317 -20.34 -27.19 -12.14
C GLY I 317 -18.98 -27.60 -12.70
N GLN I 318 -18.70 -28.90 -12.76
CA GLN I 318 -17.39 -29.33 -13.20
C GLN I 318 -17.38 -30.33 -14.32
N ALA I 319 -16.44 -30.14 -15.26
CA ALA I 319 -16.29 -31.09 -16.34
C ALA I 319 -14.85 -31.24 -16.77
N PHE I 320 -14.57 -32.44 -17.20
CA PHE I 320 -13.30 -32.90 -17.70
C PHE I 320 -13.31 -33.02 -19.19
N TYR I 321 -12.25 -32.57 -19.85
CA TYR I 321 -12.18 -32.69 -21.30
C TYR I 321 -11.35 -33.85 -21.73
N ALA I 322 -11.99 -34.76 -22.42
CA ALA I 322 -11.35 -35.99 -22.82
C ALA I 322 -11.11 -36.06 -24.30
N THR I 323 -10.03 -36.73 -24.69
CA THR I 323 -9.81 -36.99 -26.11
C THR I 323 -10.88 -37.97 -26.48
N GLY I 324 -11.57 -37.69 -27.56
CA GLY I 324 -12.67 -38.54 -27.98
C GLY I 324 -12.22 -39.68 -28.86
N ASP I 325 -12.11 -39.41 -30.15
CA ASP I 325 -11.66 -40.41 -31.09
C ASP I 325 -10.92 -39.73 -32.22
N ILE I 326 -10.42 -40.50 -33.16
CA ILE I 326 -9.64 -39.94 -34.24
C ILE I 326 -10.36 -40.06 -35.56
N ILE I 327 -10.44 -38.97 -36.27
CA ILE I 327 -11.06 -38.96 -37.57
C ILE I 327 -9.96 -39.13 -38.60
N GLY I 328 -10.05 -40.19 -39.38
CA GLY I 328 -9.03 -40.47 -40.36
C GLY I 328 -7.93 -41.32 -39.74
N ASP I 329 -6.85 -41.48 -40.47
CA ASP I 329 -5.74 -42.34 -40.07
C ASP I 329 -4.95 -41.70 -38.96
N ILE I 330 -4.26 -42.53 -38.19
CA ILE I 330 -3.41 -42.03 -37.11
C ILE I 330 -1.93 -41.95 -37.56
N ARG I 331 -1.38 -40.74 -37.45
CA ARG I 331 -0.03 -40.42 -37.88
C ARG I 331 0.87 -39.80 -36.81
N GLN I 332 2.17 -39.92 -37.00
CA GLN I 332 3.14 -39.36 -36.08
C GLN I 332 3.34 -37.86 -36.24
N ALA I 333 3.38 -37.15 -35.11
CA ALA I 333 3.66 -35.71 -35.08
C ALA I 333 5.09 -35.46 -35.44
N HIS I 334 5.36 -34.35 -36.13
CA HIS I 334 6.74 -34.06 -36.54
C HIS I 334 7.02 -32.61 -36.86
N CYS I 335 8.32 -32.27 -36.91
CA CYS I 335 8.76 -30.95 -37.35
C CYS I 335 9.77 -30.98 -38.48
N ASN I 336 9.62 -30.06 -39.42
CA ASN I 336 10.54 -29.94 -40.55
C ASN I 336 11.41 -28.70 -40.47
N VAL I 337 12.71 -28.89 -40.64
CA VAL I 337 13.67 -27.80 -40.66
C VAL I 337 14.33 -27.74 -42.02
N SER I 338 14.34 -26.57 -42.66
CA SER I 338 14.94 -26.53 -44.01
C SER I 338 16.39 -27.01 -43.96
N LYS I 339 16.77 -27.94 -44.83
CA LYS I 339 18.12 -28.47 -44.73
C LYS I 339 19.23 -27.52 -45.12
N ALA I 340 19.06 -26.80 -46.22
CA ALA I 340 20.16 -25.93 -46.63
C ALA I 340 20.41 -24.82 -45.64
N THR I 341 19.33 -24.28 -45.07
CA THR I 341 19.48 -23.19 -44.15
C THR I 341 20.20 -23.69 -42.93
N TRP I 342 19.82 -24.87 -42.44
CA TRP I 342 20.47 -25.37 -41.24
C TRP I 342 21.96 -25.55 -41.49
N ASN I 343 22.32 -26.09 -42.65
CA ASN I 343 23.72 -26.31 -42.93
C ASN I 343 24.51 -24.99 -42.96
N GLU I 344 23.95 -23.95 -43.57
CA GLU I 344 24.68 -22.69 -43.61
C GLU I 344 24.79 -22.10 -42.23
N THR I 345 23.74 -22.24 -41.45
CA THR I 345 23.71 -21.66 -40.13
C THR I 345 24.78 -22.28 -39.26
N LEU I 346 24.94 -23.61 -39.30
CA LEU I 346 26.00 -24.18 -38.50
C LEU I 346 27.35 -23.73 -38.99
N GLY I 347 27.54 -23.60 -40.30
CA GLY I 347 28.85 -23.20 -40.77
C GLY I 347 29.24 -21.84 -40.17
N LYS I 348 28.29 -20.93 -40.05
CA LYS I 348 28.57 -19.64 -39.45
C LYS I 348 28.93 -19.77 -37.98
N VAL I 349 28.22 -20.65 -37.26
CA VAL I 349 28.50 -20.84 -35.85
C VAL I 349 29.88 -21.41 -35.64
N VAL I 350 30.26 -22.37 -36.46
CA VAL I 350 31.57 -22.96 -36.32
C VAL I 350 32.67 -21.96 -36.58
N LYS I 351 32.55 -21.13 -37.61
CA LYS I 351 33.62 -20.18 -37.81
C LYS I 351 33.83 -19.31 -36.59
N GLN I 352 32.75 -18.93 -35.91
CA GLN I 352 32.95 -18.11 -34.73
C GLN I 352 33.39 -18.94 -33.52
N LEU I 353 32.95 -20.19 -33.36
CA LEU I 353 33.41 -20.96 -32.20
C LEU I 353 34.90 -21.16 -32.24
N ARG I 354 35.47 -21.35 -33.42
CA ARG I 354 36.89 -21.59 -33.54
C ARG I 354 37.74 -20.49 -32.95
N LYS I 355 37.23 -19.27 -32.84
CA LYS I 355 38.03 -18.18 -32.31
C LYS I 355 38.47 -18.43 -30.88
N HIS I 356 37.76 -19.29 -30.16
CA HIS I 356 38.09 -19.58 -28.78
C HIS I 356 38.81 -20.92 -28.61
N PHE I 357 38.93 -21.71 -29.67
CA PHE I 357 39.49 -23.05 -29.50
C PHE I 357 40.75 -23.32 -30.30
N GLY I 358 41.06 -22.48 -31.28
CA GLY I 358 42.25 -22.67 -32.12
C GLY I 358 41.97 -22.75 -33.61
N ASN I 359 42.93 -22.27 -34.39
CA ASN I 359 42.74 -22.17 -35.84
C ASN I 359 42.55 -23.49 -36.55
N ASN I 360 43.14 -24.57 -36.03
CA ASN I 360 42.98 -25.85 -36.68
C ASN I 360 42.22 -26.83 -35.83
N THR I 361 41.47 -26.33 -34.87
CA THR I 361 40.70 -27.19 -34.00
C THR I 361 39.44 -27.66 -34.72
N ILE I 362 39.17 -28.95 -34.59
CA ILE I 362 37.99 -29.57 -35.19
C ILE I 362 36.80 -29.46 -34.30
N ILE I 363 35.68 -29.04 -34.86
CA ILE I 363 34.46 -28.93 -34.09
C ILE I 363 33.42 -29.93 -34.52
N ARG I 364 32.96 -30.70 -33.56
CA ARG I 364 31.98 -31.71 -33.80
C ARG I 364 30.70 -31.47 -33.03
N PHE I 365 29.58 -31.71 -33.69
CA PHE I 365 28.31 -31.63 -33.02
C PHE I 365 27.75 -33.01 -32.85
N ALA I 366 27.18 -33.24 -31.69
CA ALA I 366 26.58 -34.51 -31.34
C ALA I 366 25.28 -34.25 -30.62
N ASN I 367 24.43 -35.26 -30.50
CA ASN I 367 23.14 -35.06 -29.88
C ASN I 367 23.23 -35.10 -28.37
N SER I 368 22.10 -34.93 -27.71
CA SER I 368 22.05 -34.87 -26.25
C SER I 368 22.31 -36.19 -25.55
N SER I 369 22.61 -36.08 -24.27
CA SER I 369 22.83 -37.20 -23.36
C SER I 369 21.51 -37.78 -22.94
N GLY I 370 21.52 -38.94 -22.26
CA GLY I 370 20.26 -39.53 -21.84
C GLY I 370 19.64 -38.82 -20.64
N GLY I 371 18.38 -39.14 -20.36
CA GLY I 371 17.65 -38.53 -19.25
C GLY I 371 16.18 -38.34 -19.65
N ASP I 372 15.47 -37.57 -18.86
CA ASP I 372 14.05 -37.29 -19.06
C ASP I 372 13.81 -36.47 -20.31
N LEU I 373 12.63 -36.61 -20.93
CA LEU I 373 12.36 -35.86 -22.16
C LEU I 373 12.50 -34.37 -21.93
N GLU I 374 12.12 -33.93 -20.75
CA GLU I 374 12.17 -32.54 -20.40
C GLU I 374 13.58 -31.93 -20.49
N VAL I 375 14.63 -32.75 -20.45
CA VAL I 375 16.00 -32.27 -20.56
C VAL I 375 16.78 -32.82 -21.76
N THR I 376 16.26 -33.85 -22.45
CA THR I 376 16.98 -34.43 -23.58
C THR I 376 16.41 -34.05 -24.94
N THR I 377 15.17 -33.59 -24.97
CA THR I 377 14.49 -33.22 -26.22
C THR I 377 14.25 -31.74 -26.34
N HIS I 378 13.82 -31.34 -27.52
CA HIS I 378 13.44 -29.97 -27.74
C HIS I 378 11.97 -29.83 -27.48
N SER I 379 11.62 -29.09 -26.45
CA SER I 379 10.21 -29.01 -26.12
C SER I 379 9.65 -27.65 -26.38
N PHE I 380 8.38 -27.63 -26.69
CA PHE I 380 7.70 -26.36 -26.87
C PHE I 380 6.20 -26.47 -26.76
N ASN I 381 5.57 -25.34 -26.50
CA ASN I 381 4.13 -25.23 -26.46
C ASN I 381 3.60 -24.53 -27.67
N CYS I 382 2.95 -25.25 -28.56
CA CYS I 382 2.46 -24.54 -29.74
C CYS I 382 1.09 -25.03 -30.16
N GLY I 383 0.17 -24.09 -30.27
CA GLY I 383 -1.19 -24.38 -30.65
C GLY I 383 -1.95 -24.90 -29.45
N GLY I 384 -1.28 -24.90 -28.30
CA GLY I 384 -1.79 -25.41 -27.05
C GLY I 384 -1.27 -26.83 -26.75
N GLU I 385 -0.57 -27.47 -27.68
CA GLU I 385 -0.04 -28.80 -27.40
C GLU I 385 1.41 -28.76 -26.96
N PHE I 386 1.79 -29.75 -26.15
CA PHE I 386 3.15 -29.85 -25.67
C PHE I 386 3.94 -30.92 -26.38
N PHE I 387 4.86 -30.46 -27.21
CA PHE I 387 5.67 -31.32 -28.04
C PHE I 387 7.03 -31.56 -27.44
N TYR I 388 7.53 -32.77 -27.61
CA TYR I 388 8.87 -33.18 -27.22
C TYR I 388 9.58 -33.78 -28.42
N CYS I 389 10.39 -32.99 -29.12
CA CYS I 389 10.94 -33.44 -30.39
C CYS I 389 12.38 -33.93 -30.28
N ASN I 390 12.67 -34.93 -31.09
CA ASN I 390 13.99 -35.55 -31.19
C ASN I 390 14.87 -34.77 -32.15
N THR I 391 15.91 -34.14 -31.63
CA THR I 391 16.78 -33.24 -32.37
C THR I 391 18.05 -33.84 -32.88
N SER I 392 18.22 -35.15 -32.81
CA SER I 392 19.51 -35.69 -33.22
C SER I 392 19.83 -35.46 -34.67
N GLY I 393 18.82 -35.28 -35.52
CA GLY I 393 19.05 -35.05 -36.94
C GLY I 393 19.69 -33.70 -37.22
N LEU I 394 19.69 -32.81 -36.23
CA LEU I 394 20.26 -31.49 -36.40
C LEU I 394 21.71 -31.39 -35.89
N PHE I 395 22.17 -32.37 -35.13
CA PHE I 395 23.49 -32.30 -34.51
C PHE I 395 24.25 -33.57 -34.79
N ASN I 396 24.72 -33.66 -36.01
CA ASN I 396 25.34 -34.88 -36.51
C ASN I 396 26.43 -34.56 -37.53
N SER I 397 27.46 -33.83 -37.12
CA SER I 397 28.48 -33.48 -38.10
C SER I 397 29.82 -33.12 -37.50
N THR I 398 30.87 -33.25 -38.32
CA THR I 398 32.21 -32.84 -37.90
C THR I 398 32.74 -31.83 -38.89
N TRP I 399 33.17 -30.69 -38.37
CA TRP I 399 33.67 -29.59 -39.16
C TRP I 399 35.19 -29.52 -39.13
N ILE I 400 35.76 -29.73 -40.30
CA ILE I 400 37.19 -29.83 -40.52
C ILE I 400 37.81 -28.49 -40.92
N SER I 401 38.98 -28.20 -40.38
CA SER I 401 39.72 -26.99 -40.71
C SER I 401 40.06 -26.96 -42.17
N ASN I 402 39.97 -25.79 -42.79
CA ASN I 402 40.29 -25.66 -44.20
C ASN I 402 39.68 -26.81 -45.01
N ASN I 414 15.50 -28.63 -53.20
CA ASN I 414 15.22 -28.35 -51.79
C ASN I 414 15.07 -29.65 -51.03
N ASP I 415 15.36 -29.62 -49.73
CA ASP I 415 15.26 -30.80 -48.90
C ASP I 415 14.96 -30.41 -47.46
N SER I 416 14.79 -31.39 -46.61
CA SER I 416 14.48 -31.10 -45.21
C SER I 416 14.94 -32.15 -44.22
N ILE I 417 15.06 -31.72 -42.99
CA ILE I 417 15.37 -32.61 -41.90
C ILE I 417 14.10 -32.82 -41.12
N THR I 418 13.69 -34.08 -40.97
CA THR I 418 12.44 -34.33 -40.25
C THR I 418 12.73 -34.83 -38.85
N LEU I 419 12.16 -34.16 -37.88
CA LEU I 419 12.31 -34.50 -36.50
C LEU I 419 11.00 -35.14 -36.00
N PRO I 420 10.97 -36.39 -35.56
CA PRO I 420 9.76 -37.00 -35.06
C PRO I 420 9.52 -36.38 -33.70
N CYS I 421 8.26 -36.28 -33.29
CA CYS I 421 7.94 -35.73 -31.99
C CYS I 421 6.96 -36.56 -31.16
N ARG I 422 7.07 -36.44 -29.84
CA ARG I 422 6.13 -37.05 -28.92
C ARG I 422 5.27 -35.99 -28.28
N ILE I 423 4.07 -36.36 -27.83
CA ILE I 423 3.16 -35.42 -27.18
C ILE I 423 2.72 -35.86 -25.80
N LYS I 424 2.70 -34.94 -24.84
CA LYS I 424 2.24 -35.27 -23.48
C LYS I 424 1.12 -34.36 -23.04
N GLN I 425 0.16 -34.88 -22.26
CA GLN I 425 -0.86 -34.02 -21.69
C GLN I 425 -0.60 -33.67 -20.23
N ILE I 426 0.20 -34.45 -19.50
CA ILE I 426 0.42 -34.09 -18.10
C ILE I 426 1.78 -33.44 -17.96
N ILE I 427 1.76 -32.14 -17.64
CA ILE I 427 2.94 -31.31 -17.66
C ILE I 427 3.43 -30.74 -16.33
N ASN I 428 4.70 -30.97 -16.00
CA ASN I 428 5.34 -30.36 -14.83
C ASN I 428 6.06 -29.13 -15.35
N MET I 429 5.31 -28.05 -15.50
CA MET I 429 5.77 -26.91 -16.28
C MET I 429 7.07 -26.23 -15.90
N TRP I 430 7.31 -26.02 -14.62
CA TRP I 430 8.50 -25.28 -14.26
C TRP I 430 9.57 -26.12 -13.60
N GLN I 431 9.54 -27.44 -13.85
CA GLN I 431 10.49 -28.39 -13.26
C GLN I 431 10.32 -28.49 -11.74
N ARG I 432 9.13 -28.16 -11.26
CA ARG I 432 8.75 -28.25 -9.87
C ARG I 432 8.02 -29.54 -9.65
N ILE I 433 7.98 -30.01 -8.42
CA ILE I 433 7.24 -31.22 -8.12
C ILE I 433 6.08 -30.97 -7.17
N GLY I 434 4.90 -31.46 -7.55
CA GLY I 434 3.68 -31.34 -6.73
C GLY I 434 2.53 -30.63 -7.42
N GLN I 435 2.81 -29.85 -8.45
CA GLN I 435 1.78 -29.14 -9.18
C GLN I 435 1.73 -29.58 -10.62
N ALA I 436 0.83 -30.49 -10.99
CA ALA I 436 0.82 -30.95 -12.37
C ALA I 436 -0.31 -30.32 -13.12
N MET I 437 -0.05 -29.93 -14.35
CA MET I 437 -1.12 -29.37 -15.17
C MET I 437 -1.57 -30.36 -16.20
N TYR I 438 -2.86 -30.44 -16.41
CA TYR I 438 -3.38 -31.28 -17.47
C TYR I 438 -3.80 -30.43 -18.63
N ALA I 439 -3.26 -30.73 -19.78
CA ALA I 439 -3.61 -29.98 -20.96
C ALA I 439 -4.77 -30.67 -21.65
N PRO I 440 -5.95 -30.03 -21.80
CA PRO I 440 -7.10 -30.62 -22.40
C PRO I 440 -6.72 -30.74 -23.84
N PRO I 441 -7.27 -31.68 -24.58
CA PRO I 441 -7.03 -31.93 -25.97
C PRO I 441 -7.64 -30.86 -26.81
N ILE I 442 -7.11 -30.71 -28.02
CA ILE I 442 -7.63 -29.77 -29.00
C ILE I 442 -8.16 -30.47 -30.23
N GLN I 443 -9.39 -30.14 -30.59
CA GLN I 443 -10.06 -30.72 -31.72
C GLN I 443 -9.47 -30.20 -33.01
N GLY I 444 -9.53 -31.02 -34.06
CA GLY I 444 -8.99 -30.59 -35.34
C GLY I 444 -7.52 -30.96 -35.47
N VAL I 445 -6.80 -30.21 -36.31
CA VAL I 445 -5.41 -30.48 -36.66
C VAL I 445 -4.56 -29.25 -36.38
N ILE I 446 -3.35 -29.44 -35.81
CA ILE I 446 -2.50 -28.30 -35.48
C ILE I 446 -1.26 -28.13 -36.32
N ARG I 447 -1.07 -26.90 -36.82
CA ARG I 447 0.11 -26.55 -37.59
C ARG I 447 0.73 -25.25 -37.07
N CYS I 448 2.04 -25.28 -36.87
CA CYS I 448 2.82 -24.16 -36.34
C CYS I 448 4.04 -23.79 -37.17
N VAL I 449 4.30 -22.50 -37.35
CA VAL I 449 5.53 -22.07 -38.01
C VAL I 449 6.27 -21.07 -37.14
N SER I 450 7.56 -21.30 -36.92
CA SER I 450 8.34 -20.39 -36.06
C SER I 450 9.77 -20.13 -36.55
N ASN I 451 10.39 -19.11 -35.96
CA ASN I 451 11.74 -18.69 -36.33
C ASN I 451 12.80 -19.15 -35.35
N ILE I 452 13.64 -20.10 -35.71
CA ILE I 452 14.62 -20.48 -34.72
C ILE I 452 15.60 -19.33 -34.71
N THR I 453 15.89 -18.79 -33.53
CA THR I 453 16.81 -17.66 -33.38
C THR I 453 18.10 -18.00 -32.67
N GLY I 454 18.17 -19.16 -32.02
CA GLY I 454 19.43 -19.49 -31.35
C GLY I 454 19.47 -20.84 -30.67
N LEU I 455 20.65 -21.19 -30.16
CA LEU I 455 20.89 -22.48 -29.52
C LEU I 455 21.47 -22.42 -28.14
N ILE I 456 21.18 -23.42 -27.31
CA ILE I 456 21.92 -23.54 -26.06
C ILE I 456 22.83 -24.74 -26.13
N LEU I 457 24.13 -24.50 -26.12
CA LEU I 457 25.11 -25.56 -26.27
C LEU I 457 25.98 -25.75 -25.05
N THR I 458 26.45 -26.97 -24.84
CA THR I 458 27.46 -27.21 -23.81
C THR I 458 28.64 -27.95 -24.41
N ARG I 459 29.78 -27.88 -23.74
CA ARG I 459 30.97 -28.57 -24.18
C ARG I 459 31.05 -29.95 -23.58
N ASP I 460 31.35 -30.94 -24.40
CA ASP I 460 31.43 -32.28 -23.89
C ASP I 460 32.83 -32.51 -23.33
N GLY I 461 33.05 -31.96 -22.15
CA GLY I 461 34.36 -32.02 -21.52
C GLY I 461 34.22 -32.04 -20.00
N SER I 466 42.84 -34.35 -28.40
CA SER I 466 42.70 -33.06 -27.72
C SER I 466 42.69 -31.96 -28.76
N THR I 467 42.49 -32.38 -30.00
CA THR I 467 42.44 -31.49 -31.15
C THR I 467 41.03 -31.30 -31.66
N THR I 468 40.10 -32.06 -31.07
CA THR I 468 38.69 -32.01 -31.45
C THR I 468 37.83 -31.69 -30.25
N GLU I 469 36.96 -30.71 -30.42
CA GLU I 469 36.02 -30.32 -29.41
C GLU I 469 34.67 -30.87 -29.82
N THR I 470 33.88 -31.33 -28.87
CA THR I 470 32.54 -31.78 -29.20
C THR I 470 31.54 -30.99 -28.41
N PHE I 471 30.52 -30.54 -29.10
CA PHE I 471 29.45 -29.77 -28.50
C PHE I 471 28.17 -30.54 -28.60
N ARG I 472 27.35 -30.41 -27.59
CA ARG I 472 26.06 -31.04 -27.60
C ARG I 472 25.04 -30.01 -27.25
N PRO I 473 23.83 -30.10 -27.74
CA PRO I 473 22.76 -29.25 -27.38
C PRO I 473 22.38 -29.69 -26.02
N GLY I 474 21.76 -28.82 -25.28
CA GLY I 474 21.25 -29.28 -24.02
C GLY I 474 20.21 -28.32 -23.54
N GLY I 475 19.64 -28.61 -22.39
CA GLY I 475 18.62 -27.75 -21.87
C GLY I 475 19.28 -26.87 -20.87
N GLY I 476 18.50 -26.31 -19.98
CA GLY I 476 19.05 -25.42 -19.01
C GLY I 476 17.94 -24.83 -18.22
N ASP I 477 18.29 -23.86 -17.42
CA ASP I 477 17.35 -23.18 -16.59
C ASP I 477 16.49 -22.32 -17.48
N MET I 478 15.31 -21.97 -17.00
CA MET I 478 14.39 -21.13 -17.75
C MET I 478 15.00 -19.76 -17.85
N ARG I 479 15.84 -19.45 -16.88
CA ARG I 479 16.50 -18.17 -16.84
C ARG I 479 17.36 -17.96 -18.10
N ASP I 480 17.90 -19.02 -18.69
CA ASP I 480 18.77 -18.85 -19.84
C ASP I 480 18.00 -18.46 -21.09
N ASN I 481 16.69 -18.60 -21.07
CA ASN I 481 15.93 -18.23 -22.25
C ASN I 481 15.52 -16.78 -22.18
N TRP I 482 15.81 -16.12 -21.06
CA TRP I 482 15.40 -14.74 -20.87
C TRP I 482 16.59 -13.84 -20.80
N ARG I 483 17.72 -14.37 -20.32
CA ARG I 483 18.90 -13.54 -20.24
C ARG I 483 19.42 -13.27 -21.64
N SER I 484 18.91 -14.02 -22.63
CA SER I 484 19.29 -13.86 -24.01
C SER I 484 18.64 -12.64 -24.66
N GLU I 485 17.60 -12.08 -24.03
CA GLU I 485 16.93 -10.87 -24.53
C GLU I 485 17.30 -9.68 -23.66
N LEU I 486 17.51 -9.92 -22.37
CA LEU I 486 17.78 -8.87 -21.41
C LEU I 486 19.24 -8.52 -21.25
N TYR I 487 20.11 -9.14 -22.04
CA TYR I 487 21.53 -8.91 -21.91
C TYR I 487 21.96 -7.47 -22.17
N LYS I 488 21.16 -6.72 -22.90
CA LYS I 488 21.52 -5.35 -23.22
C LYS I 488 21.04 -4.36 -22.20
N TYR I 489 20.28 -4.78 -21.19
CA TYR I 489 19.73 -3.77 -20.29
C TYR I 489 20.29 -3.78 -18.88
N LYS I 490 20.47 -2.59 -18.34
CA LYS I 490 20.92 -2.42 -16.96
C LYS I 490 20.07 -1.41 -16.20
N VAL I 491 19.80 -1.68 -14.92
CA VAL I 491 19.04 -0.73 -14.12
C VAL I 491 19.91 0.07 -13.19
N VAL I 492 19.77 1.39 -13.25
CA VAL I 492 20.54 2.24 -12.37
C VAL I 492 19.63 3.19 -11.63
N LYS I 493 20.08 3.72 -10.50
CA LYS I 493 19.28 4.70 -9.79
C LYS I 493 19.93 6.03 -9.89
N ILE I 494 19.13 7.06 -9.83
CA ILE I 494 19.62 8.40 -9.98
C ILE I 494 19.85 9.06 -8.65
N GLU I 495 21.01 9.67 -8.50
CA GLU I 495 21.38 10.33 -7.25
C GLU I 495 21.63 11.82 -7.45
N PRO I 496 20.59 12.66 -7.41
CA PRO I 496 20.59 14.05 -7.78
C PRO I 496 21.36 15.04 -6.90
N LEU I 497 21.76 14.68 -5.68
CA LEU I 497 22.52 15.65 -4.90
C LEU I 497 24.01 15.45 -5.01
N GLY I 498 24.73 16.55 -5.04
CA GLY I 498 26.17 16.51 -5.02
C GLY I 498 26.69 17.89 -4.70
N VAL I 499 27.98 17.96 -4.39
CA VAL I 499 28.59 19.22 -4.04
C VAL I 499 29.85 19.43 -4.81
N ALA I 500 30.29 20.67 -4.90
CA ALA I 500 31.55 20.99 -5.53
C ALA I 500 32.02 22.36 -5.05
N PRO I 501 33.32 22.67 -5.02
CA PRO I 501 33.85 23.96 -4.67
C PRO I 501 33.54 24.98 -5.75
N THR I 502 33.14 26.16 -5.32
CA THR I 502 32.88 27.31 -6.17
C THR I 502 33.44 28.53 -5.48
N ARG I 503 33.38 29.68 -6.11
CA ARG I 503 33.89 30.88 -5.46
C ARG I 503 32.84 31.65 -4.67
N CYS I 504 31.64 31.14 -4.56
CA CYS I 504 30.61 31.92 -3.87
C CYS I 504 30.42 31.56 -2.42
N LYS I 505 29.94 32.56 -1.69
CA LYS I 505 29.48 32.38 -0.31
C LYS I 505 28.19 33.14 -0.13
N ARG I 506 27.31 32.60 0.70
CA ARG I 506 26.07 33.32 0.97
C ARG I 506 26.30 34.80 1.21
N GLY J 10 16.64 15.56 -22.77
CA GLY J 10 16.90 14.16 -22.45
C GLY J 10 17.28 14.01 -20.99
N PHE J 11 16.64 13.08 -20.30
CA PHE J 11 16.81 12.90 -18.86
C PHE J 11 18.26 12.76 -18.41
N LEU J 12 19.05 11.93 -19.03
CA LEU J 12 20.45 11.85 -18.61
C LEU J 12 21.34 12.43 -19.68
N GLY J 13 20.80 13.28 -20.54
CA GLY J 13 21.54 13.81 -21.67
C GLY J 13 22.81 14.55 -21.30
N ALA J 14 22.85 15.15 -20.13
CA ALA J 14 24.00 15.89 -19.66
C ALA J 14 25.09 15.01 -19.07
N ALA J 15 24.89 13.69 -19.05
CA ALA J 15 25.86 12.80 -18.43
C ALA J 15 27.27 12.94 -19.01
N GLY J 16 27.38 13.24 -20.30
CA GLY J 16 28.69 13.39 -20.92
C GLY J 16 29.22 14.82 -20.95
N SER J 17 28.50 15.74 -20.34
CA SER J 17 28.87 17.14 -20.32
C SER J 17 29.79 17.42 -19.16
N THR J 18 30.56 18.48 -19.25
CA THR J 18 31.39 18.82 -18.12
C THR J 18 30.54 19.43 -17.04
N MET J 19 31.06 19.50 -15.83
CA MET J 19 30.28 20.01 -14.72
C MET J 19 29.75 21.41 -14.94
N GLY J 20 30.55 22.28 -15.54
CA GLY J 20 30.15 23.66 -15.76
C GLY J 20 29.18 23.80 -16.93
N ALA J 21 28.96 22.74 -17.66
CA ALA J 21 28.05 22.73 -18.78
C ALA J 21 26.75 22.04 -18.39
N ALA J 22 26.88 20.98 -17.61
CA ALA J 22 25.77 20.16 -17.18
C ALA J 22 24.86 20.89 -16.22
N SER J 23 25.42 21.71 -15.34
CA SER J 23 24.59 22.36 -14.32
C SER J 23 23.87 23.60 -14.82
N MET J 24 23.04 23.40 -15.84
CA MET J 24 22.22 24.40 -16.47
C MET J 24 20.93 23.76 -16.85
N THR J 25 20.93 22.44 -16.77
CA THR J 25 19.78 21.63 -17.16
C THR J 25 19.31 20.79 -15.99
N LEU J 26 19.52 21.29 -14.79
CA LEU J 26 19.23 20.60 -13.54
C LEU J 26 17.73 20.27 -13.35
N THR J 27 16.84 21.07 -13.95
CA THR J 27 15.42 20.80 -13.80
C THR J 27 14.98 19.60 -14.60
N VAL J 28 15.81 19.16 -15.53
CA VAL J 28 15.41 18.04 -16.35
C VAL J 28 15.33 16.81 -15.49
N GLN J 29 16.29 16.62 -14.60
CA GLN J 29 16.23 15.45 -13.78
C GLN J 29 15.25 15.67 -12.66
N ALA J 30 15.17 16.90 -12.14
CA ALA J 30 14.27 17.10 -11.01
C ALA J 30 12.83 16.77 -11.38
N ARG J 31 12.43 17.10 -12.60
CA ARG J 31 11.04 16.87 -13.03
C ARG J 31 10.69 15.41 -13.20
N ASN J 32 11.66 14.53 -13.22
CA ASN J 32 11.40 13.13 -13.41
C ASN J 32 11.57 12.29 -12.15
N LEU J 33 11.65 12.93 -10.99
CA LEU J 33 11.81 12.14 -9.77
C LEU J 33 10.49 11.70 -9.18
N LEU J 34 9.41 12.43 -9.42
CA LEU J 34 8.10 12.03 -8.90
C LEU J 34 7.26 11.29 -9.92
N SER J 35 7.48 11.62 -11.19
CA SER J 35 6.70 11.10 -12.31
C SER J 35 5.51 10.26 -11.89
N LEU J 57 -3.96 -7.04 -5.77
CA LEU J 57 -3.20 -7.91 -4.88
C LEU J 57 -2.57 -9.01 -5.69
N THR J 58 -2.63 -8.80 -6.99
CA THR J 58 -2.15 -9.70 -8.01
C THR J 58 -0.74 -9.37 -8.45
N VAL J 59 -0.17 -10.25 -9.26
CA VAL J 59 1.12 -9.94 -9.84
C VAL J 59 0.89 -8.70 -10.70
N TRP J 60 1.79 -7.73 -10.57
CA TRP J 60 1.73 -6.42 -11.22
C TRP J 60 0.65 -5.49 -10.68
N GLY J 61 0.11 -5.87 -9.53
CA GLY J 61 -0.85 -5.11 -8.77
C GLY J 61 -0.16 -4.56 -7.53
N ILE J 62 0.10 -5.44 -6.59
CA ILE J 62 0.71 -5.04 -5.33
C ILE J 62 2.10 -4.45 -5.54
N LYS J 63 2.80 -4.90 -6.58
CA LYS J 63 4.12 -4.39 -6.91
C LYS J 63 4.11 -2.90 -7.20
N GLN J 64 3.05 -2.39 -7.85
CA GLN J 64 3.06 -0.99 -8.17
C GLN J 64 2.80 -0.18 -6.94
N LEU J 65 1.96 -0.69 -6.05
CA LEU J 65 1.67 0.09 -4.86
C LEU J 65 2.93 0.21 -4.01
N GLN J 66 3.67 -0.90 -3.88
CA GLN J 66 4.88 -0.81 -3.09
C GLN J 66 5.92 0.11 -3.72
N ALA J 67 6.05 0.07 -5.05
CA ALA J 67 7.04 0.91 -5.70
C ALA J 67 6.72 2.39 -5.55
N ARG J 68 5.43 2.76 -5.61
CA ARG J 68 5.06 4.15 -5.50
C ARG J 68 5.40 4.70 -4.14
N VAL J 69 5.19 3.91 -3.10
CA VAL J 69 5.48 4.41 -1.78
C VAL J 69 6.96 4.67 -1.62
N LEU J 70 7.79 3.74 -2.08
CA LEU J 70 9.21 3.93 -1.91
C LEU J 70 9.73 5.11 -2.72
N ALA J 71 9.17 5.35 -3.91
CA ALA J 71 9.61 6.49 -4.69
C ALA J 71 9.33 7.80 -3.93
N VAL J 72 8.20 7.86 -3.26
CA VAL J 72 7.88 9.04 -2.48
C VAL J 72 8.86 9.22 -1.34
N GLU J 73 9.19 8.14 -0.64
CA GLU J 73 10.11 8.31 0.46
C GLU J 73 11.45 8.83 -0.02
N ARG J 74 11.94 8.36 -1.16
CA ARG J 74 13.24 8.84 -1.63
C ARG J 74 13.20 10.32 -1.91
N TYR J 75 12.13 10.76 -2.55
CA TYR J 75 12.00 12.16 -2.88
C TYR J 75 12.06 13.02 -1.63
N LEU J 76 11.29 12.63 -0.62
CA LEU J 76 11.24 13.43 0.58
C LEU J 76 12.54 13.46 1.33
N ARG J 77 13.31 12.37 1.37
CA ARG J 77 14.57 12.46 2.10
C ARG J 77 15.49 13.50 1.47
N ASP J 78 15.54 13.58 0.15
CA ASP J 78 16.41 14.58 -0.45
C ASP J 78 15.91 15.99 -0.17
N GLN J 79 14.60 16.17 -0.19
CA GLN J 79 14.11 17.51 0.08
C GLN J 79 14.35 17.90 1.52
N GLN J 80 14.27 16.95 2.45
CA GLN J 80 14.52 17.30 3.83
C GLN J 80 15.93 17.79 4.01
N LEU J 81 16.91 17.15 3.34
CA LEU J 81 18.27 17.62 3.50
C LEU J 81 18.47 19.02 2.97
N LEU J 82 17.85 19.34 1.85
CA LEU J 82 18.01 20.70 1.34
C LEU J 82 17.40 21.67 2.34
N GLY J 83 16.30 21.28 2.98
CA GLY J 83 15.70 22.13 4.00
C GLY J 83 16.67 22.37 5.16
N ILE J 84 17.25 21.30 5.68
CA ILE J 84 18.17 21.37 6.81
C ILE J 84 19.39 22.21 6.53
N TRP J 85 19.93 22.13 5.34
CA TRP J 85 21.12 22.89 4.98
C TRP J 85 20.83 24.34 4.56
N GLY J 86 19.55 24.72 4.48
CA GLY J 86 19.19 26.06 4.04
C GLY J 86 19.16 26.26 2.52
N CYS J 87 19.00 25.19 1.75
CA CYS J 87 18.99 25.26 0.30
C CYS J 87 17.64 24.87 -0.28
N SER J 88 16.59 24.97 0.51
CA SER J 88 15.29 24.61 0.02
C SER J 88 14.84 25.54 -1.07
N GLY J 89 14.23 24.97 -2.09
CA GLY J 89 13.68 25.76 -3.17
C GLY J 89 14.71 26.15 -4.22
N LYS J 90 15.95 25.68 -4.09
CA LYS J 90 16.97 26.05 -5.05
C LYS J 90 17.61 24.86 -5.72
N LEU J 91 18.06 25.04 -6.96
CA LEU J 91 18.79 24.00 -7.65
C LEU J 91 20.26 24.20 -7.35
N ILE J 92 20.64 25.45 -7.20
CA ILE J 92 22.01 25.81 -6.89
C ILE J 92 22.00 26.68 -5.65
N CYS J 93 22.72 26.30 -4.62
CA CYS J 93 22.78 27.20 -3.46
C CYS J 93 24.18 27.32 -2.94
N CYS J 94 24.53 28.52 -2.54
CA CYS J 94 25.83 28.73 -1.95
C CYS J 94 25.63 28.51 -0.47
N THR J 95 26.66 28.03 0.18
CA THR J 95 26.65 27.83 1.61
C THR J 95 27.77 28.68 2.14
N ASN J 96 28.03 28.62 3.43
CA ASN J 96 29.13 29.37 4.01
C ASN J 96 30.19 28.44 4.59
N VAL J 97 30.20 27.21 4.12
CA VAL J 97 31.15 26.21 4.56
C VAL J 97 32.38 26.22 3.65
N PRO J 98 33.60 26.35 4.18
CA PRO J 98 34.83 26.40 3.42
C PRO J 98 35.14 25.05 2.82
N TRP J 99 35.88 25.06 1.73
CA TRP J 99 36.38 23.85 1.14
C TRP J 99 37.63 23.53 1.95
N ASN J 100 37.80 22.29 2.41
CA ASN J 100 38.96 22.00 3.26
C ASN J 100 40.22 21.56 2.54
N SER J 101 40.22 21.63 1.22
CA SER J 101 41.36 21.29 0.36
C SER J 101 41.71 19.81 0.29
N SER J 102 41.89 19.17 1.43
CA SER J 102 42.25 17.75 1.46
C SER J 102 41.20 16.86 0.81
N TRP J 103 39.97 17.37 0.71
CA TRP J 103 38.89 16.65 0.07
C TRP J 103 39.19 16.48 -1.41
N SER J 104 39.75 17.52 -2.00
CA SER J 104 40.13 17.58 -3.41
C SER J 104 40.94 18.84 -3.61
N ASN J 105 42.17 18.69 -4.06
CA ASN J 105 43.09 19.80 -4.21
C ASN J 105 43.24 20.25 -5.65
N ARG J 106 42.22 20.02 -6.43
CA ARG J 106 42.15 20.38 -7.83
C ARG J 106 41.80 21.85 -7.97
N ASN J 107 42.11 22.43 -9.12
CA ASN J 107 41.78 23.83 -9.36
C ASN J 107 40.36 24.00 -9.88
N LEU J 108 39.76 25.16 -9.65
CA LEU J 108 38.40 25.34 -10.14
C LEU J 108 38.29 25.26 -11.65
N SER J 109 39.33 25.69 -12.36
CA SER J 109 39.33 25.64 -13.81
C SER J 109 39.49 24.22 -14.33
N GLU J 110 39.91 23.31 -13.47
CA GLU J 110 40.09 21.94 -13.87
C GLU J 110 38.80 21.20 -13.60
N ILE J 111 38.20 21.48 -12.45
CA ILE J 111 37.00 20.78 -12.04
C ILE J 111 35.81 21.15 -12.90
N TRP J 112 35.59 22.43 -13.09
CA TRP J 112 34.41 22.83 -13.83
C TRP J 112 34.49 22.68 -15.33
N ASP J 113 35.70 22.80 -15.91
CA ASP J 113 35.82 22.71 -17.36
C ASP J 113 36.31 21.38 -17.93
N ASN J 114 37.11 20.58 -17.21
CA ASN J 114 37.66 19.36 -17.80
C ASN J 114 37.18 18.07 -17.14
N MET J 115 36.09 18.14 -16.42
CA MET J 115 35.59 16.95 -15.73
C MET J 115 34.07 16.90 -15.77
N THR J 116 33.51 15.69 -15.80
CA THR J 116 32.06 15.46 -15.78
C THR J 116 31.59 15.20 -14.35
N TRP J 117 30.28 15.24 -14.14
CA TRP J 117 29.79 14.97 -12.79
C TRP J 117 30.00 13.54 -12.36
N LEU J 118 30.02 12.59 -13.29
CA LEU J 118 30.26 11.21 -12.88
C LEU J 118 31.67 11.07 -12.34
N GLN J 119 32.62 11.72 -12.99
CA GLN J 119 34.00 11.63 -12.54
C GLN J 119 34.19 12.31 -11.20
N TRP J 120 33.56 13.46 -11.05
CA TRP J 120 33.65 14.21 -9.81
C TRP J 120 33.04 13.43 -8.67
N ASP J 121 31.90 12.81 -8.91
CA ASP J 121 31.26 12.08 -7.86
C ASP J 121 32.19 11.01 -7.34
N LYS J 122 32.95 10.38 -8.24
CA LYS J 122 33.89 9.39 -7.77
C LYS J 122 35.04 10.04 -6.96
N GLU J 123 35.53 11.19 -7.42
CA GLU J 123 36.68 11.83 -6.77
C GLU J 123 36.46 12.20 -5.32
N ILE J 124 35.26 12.65 -4.97
CA ILE J 124 35.03 13.02 -3.58
C ILE J 124 33.94 12.21 -2.91
N SER J 125 33.71 10.98 -3.36
CA SER J 125 32.62 10.21 -2.78
C SER J 125 32.74 9.95 -1.30
N ASN J 126 33.95 9.87 -0.78
CA ASN J 126 34.14 9.53 0.61
C ASN J 126 34.14 10.69 1.58
N TYR J 127 33.79 11.87 1.10
CA TYR J 127 33.69 13.00 2.00
C TYR J 127 32.24 13.43 2.11
N THR J 128 31.33 12.65 1.54
CA THR J 128 29.93 13.05 1.50
C THR J 128 29.36 13.37 2.88
N GLN J 129 29.64 12.50 3.82
CA GLN J 129 29.13 12.62 5.17
C GLN J 129 29.79 13.73 5.97
N ILE J 130 30.94 14.20 5.52
CA ILE J 130 31.65 15.20 6.25
C ILE J 130 31.03 16.51 5.89
N ILE J 131 30.83 16.67 4.60
CA ILE J 131 30.27 17.90 4.13
C ILE J 131 28.86 18.05 4.64
N TYR J 132 28.06 16.99 4.60
CA TYR J 132 26.71 17.16 5.08
C TYR J 132 26.67 17.54 6.55
N GLY J 133 27.53 16.95 7.39
CA GLY J 133 27.50 17.33 8.80
C GLY J 133 27.86 18.81 8.99
N LEU J 134 28.83 19.30 8.23
CA LEU J 134 29.23 20.69 8.34
C LEU J 134 28.11 21.63 7.91
N LEU J 135 27.38 21.26 6.85
CA LEU J 135 26.32 22.12 6.37
C LEU J 135 25.21 22.23 7.39
N GLU J 136 24.87 21.12 8.05
CA GLU J 136 23.82 21.15 9.04
C GLU J 136 24.14 22.04 10.23
N GLU J 137 25.37 21.97 10.72
CA GLU J 137 25.67 22.80 11.87
C GLU J 137 25.66 24.26 11.49
N SER J 138 26.16 24.58 10.30
CA SER J 138 26.20 25.96 9.92
C SER J 138 24.82 26.55 9.88
N GLN J 139 23.85 25.81 9.34
CA GLN J 139 22.51 26.36 9.25
C GLN J 139 21.90 26.59 10.62
N ASN J 140 22.18 25.71 11.59
CA ASN J 140 21.60 25.93 12.90
C ASN J 140 22.16 27.20 13.53
N GLN J 141 23.44 27.48 13.30
CA GLN J 141 24.02 28.67 13.88
C GLN J 141 23.45 29.91 13.24
N GLN J 142 23.24 29.85 11.92
CA GLN J 142 22.70 31.00 11.24
C GLN J 142 21.31 31.35 11.71
N GLU J 143 20.44 30.35 11.87
CA GLU J 143 19.08 30.67 12.27
C GLU J 143 19.02 31.24 13.67
N LYS J 144 19.85 30.73 14.58
CA LYS J 144 19.84 31.27 15.91
C LYS J 144 20.28 32.73 15.89
N ASN J 145 21.28 33.06 15.08
CA ASN J 145 21.74 34.42 15.04
C ASN J 145 20.69 35.35 14.43
N GLU J 146 19.93 34.87 13.45
CA GLU J 146 18.91 35.72 12.87
C GLU J 146 17.85 36.05 13.91
N GLN J 147 17.49 35.08 14.77
CA GLN J 147 16.50 35.36 15.80
C GLN J 147 17.04 36.41 16.77
N ASP J 148 18.32 36.33 17.13
CA ASP J 148 18.86 37.34 18.04
C ASP J 148 18.76 38.74 17.45
N LEU J 149 18.93 38.87 16.13
CA LEU J 149 18.81 40.17 15.51
C LEU J 149 17.35 40.64 15.43
N LEU J 150 16.41 39.74 15.15
CA LEU J 150 15.01 40.13 15.05
C LEU J 150 14.43 40.50 16.41
N ALA J 151 15.03 39.97 17.48
CA ALA J 151 14.70 40.26 18.87
C ALA J 151 15.33 41.56 19.35
N LEU J 152 16.17 42.19 18.54
CA LEU J 152 16.85 43.40 18.95
C LEU J 152 15.95 44.60 18.68
N ASP K 21 26.58 9.78 -38.09
CA ASP K 21 26.24 10.98 -37.32
C ASP K 21 27.44 11.57 -36.62
N ILE K 22 28.59 11.02 -36.91
CA ILE K 22 29.83 11.55 -36.39
C ILE K 22 30.43 12.46 -37.41
N VAL K 23 30.73 13.68 -37.01
CA VAL K 23 31.29 14.63 -37.93
C VAL K 23 32.72 14.91 -37.59
N MET K 24 33.60 14.77 -38.57
CA MET K 24 35.00 15.03 -38.31
C MET K 24 35.42 16.33 -38.95
N THR K 25 36.11 17.17 -38.18
CA THR K 25 36.63 18.43 -38.69
C THR K 25 38.13 18.36 -38.81
N GLN K 26 38.63 18.62 -39.99
CA GLN K 26 40.06 18.54 -40.22
C GLN K 26 40.63 19.89 -40.54
N THR K 27 41.78 20.18 -39.94
CA THR K 27 42.44 21.46 -40.10
C THR K 27 43.95 21.38 -39.94
N PRO K 28 44.74 22.20 -40.63
CA PRO K 28 44.46 23.19 -41.67
C PRO K 28 44.05 22.51 -42.95
N SER K 29 43.38 23.22 -43.84
CA SER K 29 43.02 22.67 -45.14
C SER K 29 44.22 22.66 -46.10
N SER K 30 45.22 23.45 -45.78
CA SER K 30 46.43 23.60 -46.57
C SER K 30 47.62 23.75 -45.66
N VAL K 31 48.57 22.86 -45.83
CA VAL K 31 49.78 22.77 -45.05
C VAL K 31 50.98 22.73 -45.95
N SER K 32 52.01 23.49 -45.64
CA SER K 32 53.17 23.44 -46.52
C SER K 32 54.46 23.45 -45.77
N ALA K 33 55.52 23.09 -46.48
CA ALA K 33 56.84 23.05 -45.89
C ALA K 33 57.96 23.28 -46.87
N ALA K 34 59.08 23.68 -46.33
CA ALA K 34 60.31 23.74 -47.08
C ALA K 34 60.70 22.29 -47.23
N VAL K 35 61.55 21.97 -48.17
CA VAL K 35 61.90 20.57 -48.24
C VAL K 35 62.81 20.29 -47.05
N GLY K 36 62.44 19.29 -46.25
CA GLY K 36 63.14 18.90 -45.02
C GLY K 36 62.40 19.41 -43.78
N GLY K 37 62.15 18.54 -42.80
CA GLY K 37 61.43 18.99 -41.61
C GLY K 37 59.99 18.48 -41.55
N THR K 38 59.28 18.83 -40.47
CA THR K 38 57.94 18.30 -40.20
C THR K 38 56.78 19.25 -40.31
N VAL K 39 55.59 18.67 -40.56
CA VAL K 39 54.32 19.40 -40.52
C VAL K 39 53.31 18.61 -39.74
N THR K 40 52.25 19.26 -39.26
CA THR K 40 51.19 18.49 -38.62
C THR K 40 49.81 18.81 -39.17
N ILE K 41 48.92 17.82 -39.02
CA ILE K 41 47.51 17.87 -39.38
C ILE K 41 46.64 17.49 -38.18
N ASN K 42 45.65 18.30 -37.85
CA ASN K 42 44.82 17.98 -36.70
C ASN K 42 43.42 17.54 -37.13
N CYS K 43 42.75 16.72 -36.30
CA CYS K 43 41.38 16.37 -36.60
C CYS K 43 40.54 16.21 -35.33
N GLN K 44 39.40 16.89 -35.32
CA GLN K 44 38.50 16.94 -34.17
C GLN K 44 37.14 16.30 -34.40
N ALA K 45 36.82 15.30 -33.61
CA ALA K 45 35.52 14.66 -33.71
C ALA K 45 34.48 15.46 -32.95
N SER K 46 33.25 15.43 -33.45
CA SER K 46 32.12 16.05 -32.78
C SER K 46 31.69 15.31 -31.51
N GLU K 47 32.16 14.09 -31.36
CA GLU K 47 31.88 13.24 -30.22
C GLU K 47 33.04 12.29 -30.03
N SER K 48 33.31 11.82 -28.82
CA SER K 48 34.38 10.85 -28.67
C SER K 48 34.13 9.64 -29.51
N ILE K 49 35.18 9.13 -30.14
CA ILE K 49 35.06 7.93 -30.95
C ILE K 49 35.93 6.86 -30.36
N TYR K 50 36.37 7.10 -29.13
CA TYR K 50 37.17 6.16 -28.38
C TYR K 50 38.36 5.65 -29.17
N SER K 51 39.05 6.54 -29.84
CA SER K 51 40.22 6.21 -30.66
C SER K 51 39.98 5.43 -31.98
N GLY K 52 38.74 5.30 -32.45
CA GLY K 52 38.46 4.62 -33.72
C GLY K 52 38.75 5.47 -34.98
N LEU K 53 39.98 5.96 -35.06
CA LEU K 53 40.43 6.83 -36.15
C LEU K 53 41.45 6.23 -37.11
N ALA K 54 41.23 6.44 -38.39
CA ALA K 54 42.20 6.03 -39.39
C ALA K 54 42.68 7.21 -40.23
N TRP K 55 43.96 7.16 -40.63
CA TRP K 55 44.49 8.19 -41.51
C TRP K 55 44.86 7.62 -42.86
N TYR K 56 44.47 8.36 -43.89
CA TYR K 56 44.73 7.96 -45.27
C TYR K 56 45.49 8.99 -46.09
N GLN K 57 46.33 8.49 -47.00
CA GLN K 57 47.09 9.30 -47.94
C GLN K 57 46.63 9.15 -49.37
N GLN K 58 46.02 10.18 -49.94
CA GLN K 58 45.56 10.04 -51.32
C GLN K 58 46.32 10.89 -52.30
N LYS K 59 47.10 10.26 -53.16
CA LYS K 59 47.87 10.99 -54.14
C LYS K 59 46.93 11.16 -55.33
N PRO K 60 47.12 12.17 -56.18
CA PRO K 60 46.31 12.37 -57.36
C PRO K 60 46.36 11.14 -58.22
N GLY K 61 45.21 10.73 -58.74
CA GLY K 61 45.14 9.58 -59.64
C GLY K 61 44.80 8.24 -58.98
N GLN K 62 44.83 8.13 -57.64
CA GLN K 62 44.49 6.84 -57.05
C GLN K 62 43.43 6.97 -55.95
N PRO K 63 42.98 5.85 -55.33
CA PRO K 63 42.17 5.80 -54.14
C PRO K 63 43.10 6.14 -52.99
N PRO K 64 42.60 6.51 -51.83
CA PRO K 64 43.40 6.70 -50.63
C PRO K 64 44.09 5.41 -50.18
N LYS K 65 45.32 5.54 -49.68
CA LYS K 65 46.07 4.42 -49.11
C LYS K 65 46.01 4.49 -47.58
N LEU K 66 45.84 3.36 -46.91
CA LEU K 66 45.82 3.42 -45.44
C LEU K 66 47.21 3.44 -44.84
N LEU K 67 47.45 4.45 -44.00
CA LEU K 67 48.75 4.55 -43.36
C LEU K 67 48.65 4.16 -41.90
N ILE K 68 47.69 4.76 -41.20
CA ILE K 68 47.56 4.56 -39.76
C ILE K 68 46.17 4.18 -39.32
N TYR K 69 46.05 3.19 -38.46
CA TYR K 69 44.75 2.79 -37.94
C TYR K 69 44.71 2.71 -36.43
N ARG K 70 43.50 2.83 -35.88
CA ARG K 70 43.30 2.82 -34.44
C ARG K 70 44.18 3.88 -33.78
N ALA K 71 44.16 5.08 -34.35
CA ALA K 71 44.85 6.29 -33.95
C ALA K 71 46.36 6.27 -34.19
N SER K 72 47.07 5.23 -33.74
CA SER K 72 48.53 5.22 -33.86
C SER K 72 49.24 3.98 -34.43
N THR K 73 48.54 3.00 -34.99
CA THR K 73 49.22 1.81 -35.48
C THR K 73 49.46 1.89 -36.97
N LEU K 74 50.68 1.60 -37.40
CA LEU K 74 50.99 1.69 -38.82
C LEU K 74 50.65 0.40 -39.56
N THR K 75 50.36 0.54 -40.85
CA THR K 75 50.01 -0.59 -41.75
C THR K 75 51.17 -1.30 -42.37
N SER K 76 52.35 -0.80 -42.11
CA SER K 76 53.62 -1.31 -42.64
C SER K 76 53.78 -1.02 -44.13
N GLY K 77 52.82 -0.30 -44.74
CA GLY K 77 52.96 0.12 -46.13
C GLY K 77 53.52 1.54 -46.11
N VAL K 78 53.76 1.98 -44.89
CA VAL K 78 54.24 3.28 -44.54
C VAL K 78 55.36 3.16 -43.52
N SER K 79 56.37 4.00 -43.67
CA SER K 79 57.49 4.04 -42.74
C SER K 79 57.15 4.86 -41.51
N SER K 80 58.07 4.84 -40.53
CA SER K 80 57.98 5.53 -39.24
C SER K 80 57.86 7.05 -39.39
N ARG K 81 58.09 7.54 -40.60
CA ARG K 81 57.95 8.93 -40.95
C ARG K 81 56.56 9.44 -40.59
N PHE K 82 55.55 8.58 -40.73
CA PHE K 82 54.21 8.98 -40.41
C PHE K 82 53.84 8.46 -39.05
N LYS K 83 53.66 9.38 -38.12
CA LYS K 83 53.39 9.05 -36.74
C LYS K 83 52.14 9.78 -36.28
N GLY K 84 51.44 9.24 -35.30
CA GLY K 84 50.30 9.99 -34.81
C GLY K 84 49.83 9.46 -33.50
N SER K 85 48.91 10.20 -32.92
CA SER K 85 48.37 9.88 -31.60
C SER K 85 47.09 10.61 -31.32
N GLY K 86 46.45 10.22 -30.24
CA GLY K 86 45.26 10.90 -29.78
C GLY K 86 44.37 9.94 -29.06
N SER K 87 43.26 10.45 -28.58
CA SER K 87 42.30 9.66 -27.83
C SER K 87 40.97 10.37 -27.81
N GLY K 88 39.93 9.68 -27.38
CA GLY K 88 38.67 10.37 -27.25
C GLY K 88 38.23 10.90 -28.58
N ALA K 89 37.98 12.22 -28.62
CA ALA K 89 37.54 12.98 -29.78
C ALA K 89 38.66 13.79 -30.47
N ARG K 90 39.89 13.78 -29.95
CA ARG K 90 40.90 14.65 -30.59
C ARG K 90 42.18 13.95 -30.97
N PHE K 91 42.55 14.07 -32.25
CA PHE K 91 43.71 13.39 -32.78
C PHE K 91 44.62 14.23 -33.64
N THR K 92 45.90 13.86 -33.70
CA THR K 92 46.81 14.53 -34.62
C THR K 92 47.68 13.56 -35.41
N LEU K 93 48.13 14.03 -36.58
CA LEU K 93 49.06 13.35 -37.47
C LEU K 93 50.31 14.17 -37.69
N THR K 94 51.47 13.55 -37.52
CA THR K 94 52.73 14.24 -37.72
C THR K 94 53.54 13.59 -38.82
N ILE K 95 54.00 14.40 -39.76
CA ILE K 95 54.84 13.87 -40.81
C ILE K 95 56.24 14.32 -40.44
N ASN K 96 57.10 13.39 -40.04
CA ASN K 96 58.38 13.81 -39.45
C ASN K 96 59.39 14.47 -40.37
N ASP K 97 59.44 14.09 -41.63
CA ASP K 97 60.41 14.66 -42.55
C ASP K 97 59.87 14.65 -43.95
N LEU K 98 59.73 15.82 -44.55
CA LEU K 98 59.16 15.90 -45.87
C LEU K 98 60.21 16.07 -46.96
N GLU K 99 60.39 15.01 -47.76
CA GLU K 99 61.41 14.93 -48.82
C GLU K 99 60.75 14.96 -50.18
N CYS K 100 59.59 15.59 -50.22
CA CYS K 100 58.72 15.66 -51.39
C CYS K 100 58.25 14.26 -51.67
N ALA K 101 57.96 13.58 -50.56
CA ALA K 101 57.44 12.23 -50.51
C ALA K 101 56.09 12.16 -51.17
N ASP K 102 55.32 13.23 -51.04
CA ASP K 102 54.01 13.23 -51.60
C ASP K 102 53.56 14.65 -51.89
N ALA K 103 52.40 14.73 -52.50
CA ALA K 103 51.66 15.96 -52.71
C ALA K 103 50.24 15.49 -52.54
N ALA K 104 50.10 14.69 -51.50
CA ALA K 104 48.89 13.99 -51.15
C ALA K 104 47.95 14.83 -50.38
N THR K 105 46.69 14.46 -50.48
CA THR K 105 45.69 15.04 -49.66
C THR K 105 45.47 14.04 -48.56
N TYR K 106 45.60 14.48 -47.34
CA TYR K 106 45.44 13.55 -46.23
C TYR K 106 44.08 13.63 -45.65
N TYR K 107 43.51 12.48 -45.32
CA TYR K 107 42.19 12.48 -44.76
C TYR K 107 42.06 11.77 -43.43
N CYS K 108 41.23 12.37 -42.60
CA CYS K 108 40.82 11.89 -41.29
C CYS K 108 39.52 11.11 -41.36
N GLN K 109 39.56 9.82 -41.04
CA GLN K 109 38.35 9.01 -41.10
C GLN K 109 37.91 8.37 -39.80
N SER K 110 36.63 8.53 -39.49
CA SER K 110 36.08 7.86 -38.32
C SER K 110 35.60 6.51 -38.75
N CYS K 111 36.01 5.49 -38.03
CA CYS K 111 35.64 4.13 -38.33
C CYS K 111 34.63 3.58 -37.35
N TYR K 112 34.11 4.42 -36.48
CA TYR K 112 33.12 3.94 -35.53
C TYR K 112 32.09 4.99 -35.25
N ASP K 113 30.84 4.63 -35.45
CA ASP K 113 29.77 5.56 -35.22
C ASP K 113 29.10 5.21 -33.92
N THR K 114 29.34 6.03 -32.92
CA THR K 114 28.89 5.76 -31.58
C THR K 114 27.41 5.95 -31.45
N THR K 115 26.76 6.55 -32.43
CA THR K 115 25.34 6.80 -32.25
C THR K 115 24.54 5.59 -32.70
N ILE K 116 25.19 4.70 -33.44
CA ILE K 116 24.62 3.49 -33.97
C ILE K 116 25.13 2.29 -33.19
N GLY K 117 26.43 2.30 -32.86
CA GLY K 117 27.07 1.17 -32.22
C GLY K 117 27.76 0.28 -33.25
N THR K 118 28.12 0.86 -34.39
CA THR K 118 28.76 0.04 -35.41
C THR K 118 29.98 0.59 -36.10
N TYR K 119 30.57 -0.28 -36.88
CA TYR K 119 31.75 0.01 -37.70
C TYR K 119 31.38 0.11 -39.15
N GLY K 120 30.09 0.06 -39.40
CA GLY K 120 29.46 0.13 -40.71
C GLY K 120 29.01 1.53 -41.13
N SER K 121 29.37 2.54 -40.35
CA SER K 121 29.00 3.91 -40.63
C SER K 121 30.23 4.76 -40.52
N TRP K 122 30.71 5.23 -41.65
CA TRP K 122 31.97 5.95 -41.70
C TRP K 122 31.76 7.40 -41.93
N ALA K 123 32.73 8.19 -41.50
CA ALA K 123 32.67 9.60 -41.81
C ALA K 123 34.03 10.12 -42.13
N PHE K 124 34.10 11.03 -43.09
CA PHE K 124 35.38 11.63 -43.43
C PHE K 124 35.31 13.10 -43.24
N GLY K 125 36.41 13.70 -42.82
CA GLY K 125 36.46 15.14 -42.77
C GLY K 125 36.91 15.60 -44.14
N GLY K 126 37.10 16.88 -44.35
CA GLY K 126 37.58 17.30 -45.66
C GLY K 126 39.04 16.95 -45.55
N GLY K 127 39.80 17.05 -46.62
CA GLY K 127 41.19 16.66 -46.45
C GLY K 127 42.11 17.85 -46.31
N THR K 128 43.39 17.57 -46.15
CA THR K 128 44.42 18.57 -46.04
C THR K 128 45.42 18.40 -47.14
N GLU K 129 45.68 19.45 -47.89
CA GLU K 129 46.66 19.31 -48.95
C GLU K 129 48.03 19.62 -48.43
N VAL K 130 48.98 18.69 -48.59
CA VAL K 130 50.32 18.95 -48.11
C VAL K 130 51.25 19.28 -49.27
N VAL K 131 51.85 20.45 -49.21
CA VAL K 131 52.68 20.94 -50.30
C VAL K 131 54.14 21.12 -49.91
N VAL K 132 55.01 20.50 -50.67
CA VAL K 132 56.43 20.57 -50.43
C VAL K 132 57.21 20.17 -51.67
N GLN L 21 42.28 -6.10 -55.82
CA GLN L 21 41.29 -7.17 -55.67
C GLN L 21 39.87 -6.69 -55.92
N LEU L 22 39.68 -5.39 -56.09
CA LEU L 22 38.33 -4.89 -56.36
C LEU L 22 38.24 -4.22 -57.70
N VAL L 23 37.30 -4.69 -58.51
CA VAL L 23 37.13 -4.14 -59.83
C VAL L 23 35.74 -3.56 -60.03
N GLU L 24 35.71 -2.27 -60.35
CA GLU L 24 34.46 -1.56 -60.54
C GLU L 24 34.04 -1.38 -61.97
N SER L 25 32.73 -1.27 -62.14
CA SER L 25 32.16 -0.98 -63.44
C SER L 25 30.83 -0.29 -63.34
N GLY L 26 30.23 -0.06 -64.51
CA GLY L 26 28.93 0.59 -64.60
C GLY L 26 28.93 2.12 -64.60
N GLY L 27 30.06 2.76 -64.86
CA GLY L 27 30.06 4.23 -64.83
C GLY L 27 29.50 4.77 -66.14
N GLY L 28 29.52 6.09 -66.32
CA GLY L 28 28.95 6.68 -67.54
C GLY L 28 28.08 7.91 -67.24
N LEU L 29 27.35 8.37 -68.27
CA LEU L 29 26.50 9.56 -68.17
C LEU L 29 25.04 9.24 -67.98
N VAL L 30 24.46 9.86 -66.97
CA VAL L 30 23.07 9.72 -66.66
C VAL L 30 22.32 10.97 -67.04
N LYS L 31 21.26 10.84 -67.80
CA LYS L 31 20.49 12.03 -68.08
C LYS L 31 19.84 12.38 -66.74
N PRO L 32 19.82 13.64 -66.30
CA PRO L 32 19.25 14.04 -65.03
C PRO L 32 17.85 13.52 -64.87
N GLY L 33 17.58 13.01 -63.67
CA GLY L 33 16.31 12.41 -63.30
C GLY L 33 16.33 10.90 -63.50
N GLY L 34 17.40 10.39 -64.14
CA GLY L 34 17.54 8.97 -64.42
C GLY L 34 18.24 8.16 -63.33
N THR L 35 18.61 6.93 -63.70
CA THR L 35 19.22 6.00 -62.78
C THR L 35 20.50 5.42 -63.33
N LEU L 36 21.30 4.84 -62.45
CA LEU L 36 22.53 4.14 -62.82
C LEU L 36 22.91 3.14 -61.74
N THR L 37 23.32 1.94 -62.14
CA THR L 37 23.75 0.96 -61.15
C THR L 37 25.23 0.67 -61.30
N LEU L 38 25.95 0.79 -60.18
CA LEU L 38 27.37 0.50 -60.16
C LEU L 38 27.64 -0.85 -59.59
N THR L 39 28.69 -1.48 -60.07
CA THR L 39 29.05 -2.78 -59.56
C THR L 39 30.50 -2.79 -59.10
N CYS L 40 30.81 -3.73 -58.21
CA CYS L 40 32.16 -3.97 -57.70
C CYS L 40 32.37 -5.45 -57.46
N LYS L 41 33.24 -6.05 -58.27
CA LYS L 41 33.52 -7.47 -58.18
C LYS L 41 34.73 -7.79 -57.33
N ALA L 42 34.58 -8.78 -56.46
CA ALA L 42 35.70 -9.23 -55.65
C ALA L 42 36.51 -10.24 -56.44
N SER L 43 37.82 -10.15 -56.34
CA SER L 43 38.67 -11.15 -56.96
C SER L 43 39.83 -11.46 -56.03
N GLY L 44 40.03 -12.74 -55.76
CA GLY L 44 41.11 -13.13 -54.86
C GLY L 44 40.64 -13.38 -53.43
N PHE L 45 39.39 -13.07 -53.15
CA PHE L 45 38.85 -13.30 -51.83
C PHE L 45 37.35 -13.55 -51.96
N SER L 46 36.75 -14.13 -50.94
CA SER L 46 35.31 -14.36 -50.96
C SER L 46 34.52 -13.38 -50.13
N LEU L 47 33.37 -12.97 -50.66
CA LEU L 47 32.48 -12.08 -49.92
C LEU L 47 31.66 -12.87 -48.93
N SER L 48 31.79 -14.19 -48.97
CA SER L 48 31.06 -15.03 -48.05
C SER L 48 31.62 -14.90 -46.63
N ASP L 49 32.81 -14.32 -46.47
CA ASP L 49 33.36 -14.12 -45.14
C ASP L 49 32.91 -12.80 -44.55
N SER L 50 33.33 -12.51 -43.33
CA SER L 50 32.83 -11.29 -42.70
C SER L 50 33.59 -10.03 -43.02
N TYR L 51 33.13 -9.36 -44.05
CA TYR L 51 33.71 -8.11 -44.52
C TYR L 51 32.64 -7.05 -44.74
N TRP L 52 33.04 -5.79 -44.67
CA TRP L 52 32.13 -4.71 -45.03
C TRP L 52 32.37 -4.28 -46.46
N MET L 53 31.33 -4.19 -47.25
CA MET L 53 31.47 -3.63 -48.58
C MET L 53 30.87 -2.26 -48.60
N CYS L 54 31.72 -1.26 -48.78
CA CYS L 54 31.23 0.11 -48.70
C CYS L 54 31.54 0.91 -49.94
N TRP L 55 30.69 1.90 -50.18
CA TRP L 55 30.91 2.86 -51.24
C TRP L 55 31.08 4.25 -50.69
N VAL L 56 32.02 4.96 -51.28
CA VAL L 56 32.30 6.35 -50.98
C VAL L 56 32.34 7.07 -52.30
N ARG L 57 32.22 8.39 -52.28
CA ARG L 57 32.36 9.11 -53.52
C ARG L 57 33.23 10.32 -53.36
N GLN L 58 34.00 10.61 -54.40
CA GLN L 58 34.85 11.78 -54.41
C GLN L 58 34.36 12.79 -55.40
N ALA L 59 33.95 13.91 -54.88
CA ALA L 59 33.38 14.96 -55.67
C ALA L 59 34.50 15.63 -56.44
N PRO L 60 34.24 16.29 -57.57
CA PRO L 60 35.19 17.15 -58.21
C PRO L 60 35.52 18.12 -57.10
N GLY L 61 36.78 18.53 -56.98
CA GLY L 61 37.13 19.43 -55.87
C GLY L 61 37.73 18.66 -54.69
N LYS L 62 37.68 17.34 -54.78
CA LYS L 62 38.22 16.36 -53.82
C LYS L 62 37.51 16.28 -52.47
N GLY L 63 36.27 16.73 -52.40
CA GLY L 63 35.58 16.47 -51.15
C GLY L 63 35.35 14.96 -51.14
N LEU L 64 35.50 14.32 -50.00
CA LEU L 64 35.30 12.88 -49.92
C LEU L 64 34.24 12.53 -48.92
N GLU L 65 33.26 11.76 -49.34
CA GLU L 65 32.22 11.39 -48.39
C GLU L 65 31.72 9.98 -48.56
N TRP L 66 31.27 9.43 -47.46
CA TRP L 66 30.69 8.11 -47.40
C TRP L 66 29.28 8.07 -47.95
N VAL L 67 28.93 7.01 -48.70
CA VAL L 67 27.58 6.85 -49.23
C VAL L 67 26.79 5.76 -48.51
N ALA L 68 27.35 4.53 -48.48
CA ALA L 68 26.65 3.39 -47.84
C ALA L 68 27.58 2.21 -47.57
N CYS L 69 27.18 1.34 -46.61
CA CYS L 69 27.86 0.06 -46.32
C CYS L 69 26.92 -1.11 -46.15
N VAL L 70 27.34 -2.28 -46.64
CA VAL L 70 26.61 -3.52 -46.42
C VAL L 70 27.51 -4.59 -45.81
N PHE L 71 26.99 -5.33 -44.83
CA PHE L 71 27.75 -6.41 -44.20
C PHE L 71 27.51 -7.67 -45.00
N THR L 72 28.56 -8.28 -45.53
CA THR L 72 28.26 -9.40 -46.42
C THR L 72 27.79 -10.63 -45.69
N GLY L 73 28.09 -10.72 -44.42
CA GLY L 73 27.66 -11.88 -43.65
C GLY L 73 26.16 -11.90 -43.36
N ASN L 74 25.45 -10.79 -43.59
CA ASN L 74 24.01 -10.77 -43.30
C ASN L 74 23.15 -9.99 -44.30
N GLY L 75 23.72 -9.03 -45.02
CA GLY L 75 22.94 -8.19 -45.91
C GLY L 75 22.44 -6.91 -45.23
N LYS L 76 22.88 -6.69 -44.01
CA LYS L 76 22.54 -5.52 -43.23
C LYS L 76 23.22 -4.33 -43.81
N ALA L 77 22.54 -3.19 -43.92
CA ALA L 77 23.22 -2.03 -44.47
C ALA L 77 22.85 -0.73 -43.81
N TYR L 78 23.79 0.20 -43.92
CA TYR L 78 23.66 1.54 -43.40
C TYR L 78 23.86 2.54 -44.53
N TYR L 79 23.17 3.68 -44.45
CA TYR L 79 23.28 4.72 -45.47
C TYR L 79 23.64 6.06 -44.86
N ALA L 80 24.31 6.89 -45.64
CA ALA L 80 24.62 8.24 -45.24
C ALA L 80 23.32 9.03 -45.13
N ARG L 81 23.29 10.01 -44.24
CA ARG L 81 22.06 10.79 -44.06
C ARG L 81 21.59 11.52 -45.29
N TRP L 82 22.50 11.95 -46.15
CA TRP L 82 22.14 12.70 -47.34
C TRP L 82 21.48 11.87 -48.44
N VAL L 83 21.47 10.54 -48.29
CA VAL L 83 20.90 9.65 -49.28
C VAL L 83 19.38 9.76 -49.36
N GLU L 84 18.71 9.78 -48.22
CA GLU L 84 17.25 9.91 -48.13
C GLU L 84 16.46 8.96 -49.04
N GLY L 85 16.89 7.70 -49.14
CA GLY L 85 16.18 6.72 -49.94
C GLY L 85 16.57 6.64 -51.43
N ARG L 86 17.44 7.52 -51.91
CA ARG L 86 17.82 7.49 -53.32
C ARG L 86 18.83 6.42 -53.69
N PHE L 87 19.47 5.82 -52.72
CA PHE L 87 20.47 4.81 -53.01
C PHE L 87 20.12 3.51 -52.32
N THR L 88 20.35 2.40 -53.00
CA THR L 88 20.18 1.07 -52.41
C THR L 88 21.46 0.24 -52.54
N ILE L 89 21.93 -0.30 -51.42
CA ILE L 89 23.14 -1.09 -51.47
C ILE L 89 22.82 -2.54 -51.16
N SER L 90 23.39 -3.45 -51.95
CA SER L 90 23.16 -4.89 -51.73
C SER L 90 24.35 -5.72 -52.21
N ARG L 91 24.36 -7.00 -51.82
CA ARG L 91 25.44 -7.91 -52.22
C ARG L 91 24.95 -9.29 -52.60
N SER L 92 25.76 -10.01 -53.39
CA SER L 92 25.48 -11.41 -53.71
C SER L 92 26.73 -12.27 -53.71
N THR L 93 26.79 -13.21 -52.77
CA THR L 93 27.96 -14.04 -52.56
C THR L 93 28.11 -15.09 -53.63
N SER L 94 27.06 -15.33 -54.40
CA SER L 94 27.06 -16.29 -55.49
C SER L 94 27.71 -15.72 -56.74
N LEU L 95 27.87 -14.40 -56.81
CA LEU L 95 28.47 -13.76 -57.96
C LEU L 95 29.82 -13.30 -57.48
N ASN L 96 29.85 -13.18 -56.15
CA ASN L 96 30.95 -12.65 -55.37
C ASN L 96 31.17 -11.20 -55.75
N THR L 97 30.04 -10.48 -55.84
CA THR L 97 30.00 -9.06 -56.18
C THR L 97 29.10 -8.28 -55.24
N ALA L 98 29.24 -6.95 -55.29
CA ALA L 98 28.38 -6.04 -54.56
C ALA L 98 27.97 -4.91 -55.48
N THR L 99 26.77 -4.37 -55.29
CA THR L 99 26.29 -3.29 -56.15
C THR L 99 25.66 -2.12 -55.41
N LEU L 100 25.58 -1.00 -56.11
CA LEU L 100 24.92 0.19 -55.61
C LEU L 100 23.97 0.73 -56.66
N GLN L 101 22.70 0.78 -56.33
CA GLN L 101 21.71 1.27 -57.27
C GLN L 101 21.33 2.70 -56.96
N MET L 102 21.55 3.60 -57.90
CA MET L 102 21.24 4.98 -57.64
C MET L 102 20.04 5.45 -58.44
N THR L 103 19.15 6.20 -57.80
CA THR L 103 18.05 6.77 -58.57
C THR L 103 17.91 8.25 -58.39
N SER L 104 17.01 8.82 -59.17
CA SER L 104 16.68 10.25 -59.14
C SER L 104 17.96 11.08 -59.15
N LEU L 105 18.90 10.75 -60.02
CA LEU L 105 20.18 11.43 -60.05
C LEU L 105 20.19 12.83 -60.62
N THR L 106 21.02 13.67 -60.02
CA THR L 106 21.20 15.02 -60.52
C THR L 106 22.64 15.41 -60.71
N ALA L 107 22.88 16.61 -61.20
CA ALA L 107 24.22 17.10 -61.49
C ALA L 107 25.14 17.07 -60.26
N ALA L 108 24.55 17.29 -59.10
CA ALA L 108 25.24 17.33 -57.83
C ALA L 108 25.81 15.97 -57.43
N ASP L 109 25.37 14.91 -58.08
CA ASP L 109 25.81 13.57 -57.74
C ASP L 109 27.01 13.16 -58.60
N THR L 110 27.52 14.10 -59.40
CA THR L 110 28.69 13.78 -60.19
C THR L 110 29.83 13.53 -59.24
N ALA L 111 30.48 12.40 -59.41
CA ALA L 111 31.60 12.04 -58.54
C ALA L 111 32.32 10.83 -59.06
N THR L 112 33.52 10.61 -58.57
CA THR L 112 34.14 9.33 -58.84
C THR L 112 33.68 8.43 -57.72
N TYR L 113 33.10 7.30 -58.06
CA TYR L 113 32.63 6.41 -57.02
C TYR L 113 33.66 5.35 -56.81
N PHE L 114 33.85 4.97 -55.56
CA PHE L 114 34.81 3.92 -55.24
C PHE L 114 34.20 2.89 -54.32
N CYS L 115 34.57 1.63 -54.51
CA CYS L 115 34.20 0.61 -53.56
C CYS L 115 35.43 0.27 -52.75
N ALA L 116 35.22 -0.12 -51.51
CA ALA L 116 36.32 -0.55 -50.67
C ALA L 116 35.87 -1.60 -49.67
N ARG L 117 36.81 -2.44 -49.27
CA ARG L 117 36.54 -3.49 -48.33
C ARG L 117 37.06 -3.16 -46.96
N GLY L 118 36.16 -3.19 -45.99
CA GLY L 118 36.52 -2.98 -44.60
C GLY L 118 36.61 -4.31 -43.86
N ASP L 119 37.52 -4.43 -42.92
CA ASP L 119 37.60 -5.68 -42.16
C ASP L 119 36.58 -5.69 -41.02
N TYR L 120 36.17 -6.89 -40.59
CA TYR L 120 35.24 -7.00 -39.47
C TYR L 120 35.91 -7.57 -38.20
N ASP L 121 37.21 -7.83 -38.26
CA ASP L 121 37.89 -8.43 -37.11
C ASP L 121 38.46 -7.38 -36.17
N ASP L 122 39.09 -7.81 -35.08
CA ASP L 122 39.62 -6.87 -34.08
C ASP L 122 40.60 -5.79 -34.59
N PRO L 123 41.72 -6.11 -35.27
CA PRO L 123 42.59 -5.12 -35.84
C PRO L 123 41.85 -4.60 -37.04
N LEU L 124 42.08 -3.37 -37.44
CA LEU L 124 41.46 -2.86 -38.65
C LEU L 124 39.93 -2.96 -38.64
N ASP L 125 39.32 -2.87 -37.47
CA ASP L 125 37.88 -3.04 -37.40
C ASP L 125 37.19 -1.81 -37.93
N GLY L 126 36.53 -1.93 -39.08
CA GLY L 126 35.87 -0.80 -39.71
C GLY L 126 36.82 -0.02 -40.59
N VAL L 127 38.03 -0.50 -40.74
CA VAL L 127 39.01 0.18 -41.52
C VAL L 127 39.04 -0.30 -42.94
N ALA L 128 38.97 0.63 -43.88
CA ALA L 128 39.00 0.27 -45.28
C ALA L 128 40.42 0.08 -45.72
N THR L 129 40.76 -1.16 -46.02
CA THR L 129 42.14 -1.47 -46.34
C THR L 129 42.33 -1.76 -47.80
N LEU L 130 41.27 -2.19 -48.45
CA LEU L 130 41.32 -2.51 -49.86
C LEU L 130 40.44 -1.61 -50.65
N TRP L 131 41.04 -0.87 -51.57
CA TRP L 131 40.30 0.07 -52.38
C TRP L 131 40.45 -0.26 -53.85
N GLY L 132 39.38 -0.17 -54.61
CA GLY L 132 39.50 -0.38 -56.03
C GLY L 132 39.65 0.98 -56.71
N PRO L 133 40.22 1.08 -57.91
CA PRO L 133 40.21 2.29 -58.71
C PRO L 133 38.75 2.59 -58.90
N GLY L 134 38.35 3.83 -58.81
CA GLY L 134 36.94 4.13 -58.93
C GLY L 134 36.48 4.32 -60.35
N THR L 135 35.22 4.68 -60.50
CA THR L 135 34.62 4.91 -61.80
C THR L 135 33.79 6.18 -61.80
N LEU L 136 33.83 6.91 -62.90
CA LEU L 136 33.12 8.17 -62.97
C LEU L 136 31.69 8.12 -63.42
N VAL L 137 30.86 8.76 -62.63
CA VAL L 137 29.47 8.93 -62.93
C VAL L 137 29.19 10.41 -63.07
N THR L 138 28.62 10.79 -64.19
CA THR L 138 28.27 12.18 -64.41
C THR L 138 26.79 12.18 -64.64
N VAL L 139 26.15 13.33 -64.51
CA VAL L 139 24.72 13.32 -64.70
C VAL L 139 24.27 14.49 -65.57
C1 NAG M . 19.37 18.10 34.41
C2 NAG M . 20.06 18.73 33.21
C3 NAG M . 21.42 19.18 33.62
C4 NAG M . 21.25 20.24 34.70
C5 NAG M . 20.51 19.59 35.88
C6 NAG M . 20.22 20.62 36.94
C7 NAG M . 19.81 18.19 30.90
C8 NAG M . 19.73 17.19 29.80
N2 NAG M . 20.13 17.78 32.11
O3 NAG M . 22.13 19.72 32.47
O4 NAG M . 22.53 20.69 35.20
O5 NAG M . 19.24 19.10 35.45
O6 NAG M . 18.94 20.54 37.55
O7 NAG M . 19.60 19.38 30.68
C1 NAG M . 23.05 21.83 34.55
C2 NAG M . 23.62 22.77 35.63
C3 NAG M . 24.18 23.99 34.97
C4 NAG M . 25.29 23.52 34.05
C5 NAG M . 24.72 22.59 32.99
C6 NAG M . 25.83 22.06 32.11
C7 NAG M . 22.76 23.58 37.75
C8 NAG M . 21.57 23.89 38.58
N2 NAG M . 22.54 23.15 36.52
O3 NAG M . 24.68 24.90 35.98
O4 NAG M . 25.88 24.65 33.43
O5 NAG M . 24.13 21.45 33.65
O6 NAG M . 26.82 23.02 31.79
O7 NAG M . 23.92 23.69 38.17
C1 NAG N . 14.32 -23.14 26.70
C2 NAG N . 13.53 -24.02 25.73
C3 NAG N . 14.30 -25.24 25.43
C4 NAG N . 15.63 -24.91 24.78
C5 NAG N . 16.35 -24.02 25.78
C6 NAG N . 17.69 -23.55 25.30
C7 NAG N . 11.11 -24.31 25.80
C8 NAG N . 9.93 -24.83 26.56
N2 NAG N . 12.28 -24.44 26.36
O3 NAG N . 13.50 -26.07 24.57
O4 NAG N . 16.35 -26.16 24.56
O5 NAG N . 15.59 -22.82 26.08
O6 NAG N . 17.70 -22.71 24.15
O7 NAG N . 10.97 -23.79 24.70
C1 NAG N . 16.71 -26.41 23.21
C2 NAG N . 17.94 -27.33 23.19
C3 NAG N . 18.34 -27.59 21.79
C4 NAG N . 17.22 -28.31 21.06
C5 NAG N . 16.00 -27.41 21.13
C6 NAG N . 14.78 -28.13 20.59
C7 NAG N . 19.79 -27.31 24.72
C8 NAG N . 20.89 -26.52 25.35
N2 NAG N . 19.04 -26.68 23.84
O3 NAG N . 19.56 -28.36 21.81
O4 NAG N . 17.65 -28.44 19.68
O5 NAG N . 15.65 -27.12 22.49
O6 NAG N . 14.27 -29.13 21.45
O7 NAG N . 19.59 -28.49 25.00
C1 BMA N . 17.73 -29.84 19.21
C2 BMA N . 17.75 -29.82 17.68
C3 BMA N . 17.81 -31.19 17.11
C4 BMA N . 19.09 -31.81 17.64
C5 BMA N . 19.07 -31.84 19.19
C6 BMA N . 20.43 -32.41 19.74
O2 BMA N . 18.84 -29.15 17.29
O3 BMA N . 17.81 -31.12 15.65
O4 BMA N . 19.21 -33.11 17.17
O5 BMA N . 18.95 -30.48 19.67
O6 BMA N . 20.93 -33.58 19.01
C1 MAN N . 16.75 -31.95 15.05
C2 MAN N . 16.98 -32.08 13.54
C3 MAN N . 16.83 -30.78 12.83
C4 MAN N . 15.42 -30.30 13.07
C5 MAN N . 15.22 -30.13 14.61
C6 MAN N . 13.77 -29.64 14.93
O2 MAN N . 16.06 -32.94 13.07
O3 MAN N . 17.06 -30.99 11.41
O4 MAN N . 15.23 -29.08 12.43
O5 MAN N . 15.40 -31.41 15.26
O6 MAN N . 13.35 -28.45 14.17
C1 NAG O . -18.13 -34.38 20.77
C2 NAG O . -19.15 -33.56 21.55
C3 NAG O . -18.63 -33.35 22.92
C4 NAG O . -18.42 -34.69 23.62
C5 NAG O . -17.43 -35.49 22.78
C6 NAG O . -17.23 -36.89 23.30
C7 NAG O . -20.47 -31.84 20.51
C8 NAG O . -20.49 -30.54 19.78
N2 NAG O . -19.32 -32.29 20.89
O3 NAG O . -19.57 -32.52 23.64
O4 NAG O . -17.82 -34.41 24.90
O5 NAG O . -17.93 -35.66 21.43
O6 NAG O . -18.41 -37.65 23.51
O7 NAG O . -21.52 -32.46 20.75
C1 NAG O . -18.50 -34.98 25.99
C2 NAG O . -17.49 -35.02 27.16
C3 NAG O . -18.13 -35.63 28.35
C4 NAG O . -19.34 -34.77 28.70
C5 NAG O . -20.32 -34.75 27.53
C6 NAG O . -21.48 -33.86 27.85
C7 NAG O . -15.11 -35.35 26.80
C8 NAG O . -14.04 -36.27 26.30
N2 NAG O . -16.34 -35.81 26.77
O3 NAG O . -17.17 -35.67 29.43
O4 NAG O . -19.98 -35.32 29.85
O5 NAG O . -19.66 -34.20 26.38
O6 NAG O . -21.97 -33.96 29.18
O7 NAG O . -14.86 -34.22 27.23
C1 NAG P . -1.20 -35.18 40.43
C2 NAG P . -2.51 -35.92 40.27
C3 NAG P . -3.12 -36.10 41.60
C4 NAG P . -2.20 -36.93 42.50
C5 NAG P . -0.88 -36.17 42.57
C6 NAG P . 0.14 -36.94 43.34
C7 NAG P . -3.97 -35.63 38.38
C8 NAG P . -4.87 -34.71 37.62
N2 NAG P . -3.42 -35.14 39.46
O3 NAG P . -4.40 -36.75 41.43
O4 NAG P . -2.71 -36.91 43.85
O5 NAG P . -0.32 -35.97 41.27
O6 NAG P . 1.33 -37.25 42.62
O7 NAG P . -3.74 -36.78 38.01
C1 NAG P . -3.42 -38.06 44.25
C2 NAG P . -3.31 -38.11 45.78
C3 NAG P . -4.10 -39.24 46.33
C4 NAG P . -5.54 -39.00 45.93
C5 NAG P . -5.68 -38.97 44.40
C6 NAG P . -7.09 -38.58 44.04
C7 NAG P . -1.29 -37.29 46.82
C8 NAG P . 0.14 -37.53 47.16
N2 NAG P . -1.93 -38.24 46.17
O3 NAG P . -3.92 -39.28 47.78
O4 NAG P . -6.37 -40.01 46.48
O5 NAG P . -4.83 -37.92 43.91
O6 NAG P . -8.08 -38.99 44.98
O7 NAG P . -1.86 -36.24 47.12
C1 NAG Q . -22.99 36.29 -6.39
C2 NAG Q . -21.91 36.70 -5.39
C3 NAG Q . -22.38 37.87 -4.61
C4 NAG Q . -22.62 39.02 -5.60
C5 NAG Q . -23.67 38.57 -6.60
C6 NAG Q . -23.86 39.62 -7.67
C7 NAG Q . -20.30 35.32 -4.31
C8 NAG Q . -19.96 34.09 -3.53
N2 NAG Q . -21.57 35.58 -4.53
O3 NAG Q . -21.40 38.23 -3.61
O4 NAG Q . -23.13 40.18 -4.92
O5 NAG Q . -23.23 37.40 -7.30
O6 NAG Q . -24.01 39.15 -9.00
O7 NAG Q . -19.43 36.08 -4.71
C1 NAG Q . -22.16 41.12 -4.49
C2 NAG Q . -22.67 42.53 -4.83
C3 NAG Q . -21.67 43.54 -4.39
C4 NAG Q . -21.51 43.37 -2.88
C5 NAG Q . -21.02 41.97 -2.56
C6 NAG Q . -20.93 41.78 -1.07
C7 NAG Q . -23.66 43.51 -6.81
C8 NAG Q . -23.79 43.47 -8.30
N2 NAG Q . -22.85 42.62 -6.27
O3 NAG Q . -22.11 44.86 -4.73
O4 NAG Q . -20.58 44.33 -2.41
O5 NAG Q . -21.98 41.02 -3.04
O6 NAG Q . -20.44 42.91 -0.36
O7 NAG Q . -24.26 44.32 -6.11
C1 NAG R . -37.77 -1.64 4.93
C2 NAG R . -37.25 -3.08 5.02
C3 NAG R . -37.90 -3.77 6.14
C4 NAG R . -37.59 -3.10 7.48
C5 NAG R . -38.12 -1.67 7.31
C6 NAG R . -37.87 -0.81 8.52
C7 NAG R . -36.74 -4.47 3.09
C8 NAG R . -37.28 -5.19 1.89
N2 NAG R . -37.61 -3.79 3.80
O3 NAG R . -37.43 -5.13 6.16
O4 NAG R . -38.31 -3.81 8.53
O5 NAG R . -37.49 -0.99 6.20
O6 NAG R . -36.52 -0.56 8.87
O7 NAG R . -35.55 -4.53 3.37
C1 NAG R . -37.48 -4.32 9.56
C2 NAG R . -38.33 -4.44 10.84
C3 NAG R . -37.48 -4.95 11.94
C4 NAG R . -36.98 -6.34 11.60
C5 NAG R . -36.18 -6.21 10.30
C6 NAG R . -35.80 -7.57 9.78
C7 NAG R . -40.07 -2.96 11.59
C8 NAG R . -40.46 -1.57 11.95
N2 NAG R . -38.82 -3.15 11.23
O3 NAG R . -38.27 -4.97 13.15
O4 NAG R . -36.08 -6.73 12.66
O5 NAG R . -36.99 -5.66 9.25
O6 NAG R . -36.86 -8.31 9.20
O7 NAG R . -40.88 -3.89 11.62
C1 BMA R . -36.50 -7.97 13.36
C2 BMA R . -35.28 -8.50 14.13
C3 BMA R . -35.60 -9.76 14.85
C4 BMA R . -36.72 -9.43 15.81
C5 BMA R . -37.95 -8.90 15.03
C6 BMA R . -39.09 -8.49 16.03
O2 BMA R . -34.94 -7.57 15.03
O3 BMA R . -34.41 -10.23 15.56
O4 BMA R . -37.09 -10.58 16.52
O5 BMA R . -37.56 -7.71 14.32
O6 BMA R . -39.30 -9.43 17.14
C1 MAN R . -34.07 -11.62 15.22
C2 MAN R . -33.02 -12.16 16.20
C3 MAN R . -31.71 -11.46 16.07
C4 MAN R . -31.23 -11.69 14.65
C5 MAN R . -32.29 -11.10 13.68
C6 MAN R . -31.85 -11.31 12.18
O2 MAN R . -32.84 -13.46 15.92
O3 MAN R . -30.77 -12.03 17.02
O4 MAN R . -30.01 -11.05 14.47
O5 MAN R . -33.55 -11.79 13.87
O6 MAN R . -30.49 -10.84 11.90
C1 NAG S . -29.67 -28.65 -15.52
C2 NAG S . -29.54 -28.22 -16.98
C3 NAG S . -30.65 -27.30 -17.30
C4 NAG S . -31.98 -28.02 -17.12
C5 NAG S . -32.05 -28.47 -15.65
C6 NAG S . -33.28 -29.29 -15.35
C7 NAG S . -27.39 -27.88 -18.05
C8 NAG S . -26.11 -27.13 -18.05
N2 NAG S . -28.28 -27.54 -17.15
O3 NAG S . -30.49 -26.85 -18.67
O4 NAG S . -33.02 -27.04 -17.33
O5 NAG S . -30.94 -29.33 -15.34
O6 NAG S . -33.51 -30.39 -16.21
O7 NAG S . -27.61 -28.81 -18.85
C1 NAG S . -34.00 -27.42 -18.27
C2 NAG S . -35.23 -26.54 -18.02
C3 NAG S . -36.31 -26.91 -18.96
C4 NAG S . -35.77 -26.69 -20.37
C5 NAG S . -34.55 -27.58 -20.59
C6 NAG S . -33.98 -27.33 -21.96
C7 NAG S . -35.83 -25.75 -15.79
C8 NAG S . -36.24 -26.14 -14.40
N2 NAG S . -35.69 -26.74 -16.65
O3 NAG S . -37.47 -26.07 -18.70
O4 NAG S . -36.78 -27.02 -21.31
O5 NAG S . -33.54 -27.24 -19.63
O6 NAG S . -34.93 -27.17 -22.99
O7 NAG S . -35.63 -24.58 -16.11
C1 NAG T . -50.55 -13.85 -11.24
C2 NAG T . -50.44 -15.15 -12.03
C3 NAG T . -51.41 -15.10 -13.14
C4 NAG T . -52.84 -14.99 -12.60
C5 NAG T . -52.86 -13.71 -11.76
C6 NAG T . -54.19 -13.54 -11.08
C7 NAG T . -48.36 -16.31 -12.35
C8 NAG T . -47.01 -16.31 -12.97
N2 NAG T . -49.11 -15.27 -12.58
O3 NAG T . -51.25 -16.31 -13.91
O4 NAG T . -53.73 -14.74 -13.69
O5 NAG T . -51.89 -13.74 -10.71
O6 NAG T . -54.14 -13.46 -9.68
O7 NAG T . -48.77 -17.25 -11.66
C1 NAG T . -54.47 -15.85 -14.16
C2 NAG T . -55.73 -15.28 -14.82
C3 NAG T . -56.56 -16.36 -15.41
C4 NAG T . -55.67 -17.03 -16.46
C5 NAG T . -54.42 -17.63 -15.83
C6 NAG T . -53.51 -18.14 -16.91
C7 NAG T . -56.70 -13.26 -13.90
C8 NAG T . -57.52 -12.62 -12.83
N2 NAG T . -56.52 -14.57 -13.83
O3 NAG T . -57.75 -15.79 -15.98
O4 NAG T . -56.41 -18.04 -17.13
O5 NAG T . -53.71 -16.55 -15.18
O6 NAG T . -54.19 -18.61 -18.06
O7 NAG T . -56.20 -12.60 -14.82
C1 NAG U . 31.43 15.13 -25.88
C2 NAG U . 30.54 16.34 -25.60
C3 NAG U . 30.71 17.32 -26.71
C4 NAG U . 32.17 17.75 -26.73
C5 NAG U . 33.03 16.51 -26.97
C6 NAG U . 34.50 16.87 -26.90
C7 NAG U . 28.47 16.43 -24.45
C8 NAG U . 27.10 15.90 -24.20
N2 NAG U . 29.16 15.93 -25.45
O3 NAG U . 29.82 18.45 -26.51
O4 NAG U . 32.42 18.67 -27.83
O5 NAG U . 32.81 15.55 -25.94
O6 NAG U . 35.33 15.95 -26.23
O7 NAG U . 28.94 17.31 -23.75
C1 NAG U . 32.30 20.04 -27.52
C2 NAG U . 33.48 20.79 -28.15
C3 NAG U . 33.38 22.24 -27.83
C4 NAG U . 32.06 22.73 -28.41
C5 NAG U . 30.91 21.97 -27.78
C6 NAG U . 29.60 22.41 -28.39
C7 NAG U . 35.86 20.36 -28.25
C8 NAG U . 37.06 19.73 -27.61
N2 NAG U . 34.72 20.25 -27.62
O3 NAG U . 34.50 22.95 -28.40
O4 NAG U . 31.94 24.12 -28.16
O5 NAG U . 31.05 20.58 -28.05
O6 NAG U . 29.52 23.80 -28.67
O7 NAG U . 35.93 20.96 -29.32
C1 NAG V . 6.30 -18.10 -32.95
C2 NAG V . 5.31 -18.96 -32.16
C3 NAG V . 4.23 -19.42 -33.08
C4 NAG V . 3.46 -18.25 -33.66
C5 NAG V . 4.52 -17.45 -34.42
C6 NAG V . 3.96 -16.21 -35.06
C7 NAG V . 5.93 -20.51 -30.40
C8 NAG V . 6.64 -21.78 -30.04
N2 NAG V . 5.98 -20.14 -31.65
O3 NAG V . 3.35 -20.26 -32.30
O4 NAG V . 2.46 -18.79 -34.58
O5 NAG V . 5.57 -16.99 -33.54
O6 NAG V . 3.42 -15.21 -34.20
O7 NAG V . 5.32 -19.86 -29.55
C1 NAG V . 1.13 -18.42 -34.27
C2 NAG V . 0.29 -18.47 -35.57
C3 NAG V . -1.10 -18.06 -35.28
C4 NAG V . -1.73 -19.03 -34.29
C5 NAG V . -0.87 -19.01 -33.04
C6 NAG V . -1.30 -20.08 -32.08
C7 NAG V . 1.02 -17.88 -37.78
C8 NAG V . 1.60 -16.83 -38.67
N2 NAG V . 0.84 -17.54 -36.53
O3 NAG V . -1.83 -18.02 -36.53
O4 NAG V . -3.03 -18.52 -33.99
O5 NAG V . 0.50 -19.35 -33.34
O6 NAG V . -0.94 -21.40 -32.46
O7 NAG V . 0.73 -19.00 -38.20
C1 BMA V . -4.13 -19.45 -34.32
C2 BMA V . -5.39 -18.99 -33.58
C3 BMA V . -6.54 -19.89 -33.83
C4 BMA V . -6.79 -19.83 -35.33
C5 BMA V . -5.53 -20.30 -36.10
C6 BMA V . -5.76 -20.17 -37.64
O2 BMA V . -5.70 -17.76 -34.00
O3 BMA V . -7.70 -19.42 -33.08
O4 BMA V . -7.86 -20.66 -35.66
O5 BMA V . -4.43 -19.42 -35.76
O6 BMA V . -7.09 -20.62 -38.10
C1 MAN V . -8.29 -20.48 -32.25
C2 MAN V . -9.67 -20.03 -31.72
C3 MAN V . -9.57 -18.88 -30.78
C4 MAN V . -8.71 -19.34 -29.61
C5 MAN V . -7.31 -19.75 -30.16
C6 MAN V . -6.38 -20.23 -28.99
O2 MAN V . -10.20 -21.08 -31.07
O3 MAN V . -10.89 -18.53 -30.32
O4 MAN V . -8.58 -18.29 -28.70
O5 MAN V . -7.47 -20.84 -31.09
O6 MAN V . -6.31 -19.29 -27.86
C1 NAG W . 5.42 -42.90 -8.49
C2 NAG W . 6.77 -43.03 -7.78
C3 NAG W . 7.84 -42.96 -8.79
C4 NAG W . 7.69 -44.11 -9.79
C5 NAG W . 6.31 -43.97 -10.44
C6 NAG W . 5.99 -45.12 -11.36
C7 NAG W . 7.15 -42.08 -5.59
C8 NAG W . 7.19 -40.85 -4.75
N2 NAG W . 6.90 -41.92 -6.87
O3 NAG W . 9.12 -43.02 -8.12
O4 NAG W . 8.70 -43.92 -10.80
O5 NAG W . 5.28 -44.00 -9.44
O6 NAG W . 6.14 -46.41 -10.82
O7 NAG W . 7.35 -43.21 -5.11
C1 NAG W . 9.51 -45.05 -11.03
C2 NAG W . 10.16 -44.86 -12.41
C3 NAG W . 11.02 -46.03 -12.72
C4 NAG W . 12.09 -46.10 -11.63
C5 NAG W . 11.43 -46.29 -10.28
C6 NAG W . 12.47 -46.30 -9.19
C7 NAG W . 9.00 -43.73 -14.23
C8 NAG W . 7.82 -43.74 -15.16
N2 NAG W . 9.11 -44.76 -13.41
O3 NAG W . 11.60 -45.85 -14.04
O4 NAG W . 12.94 -47.20 -11.91
O5 NAG W . 10.56 -45.17 -10.02
O6 NAG W . 13.65 -47.02 -9.51
O7 NAG W . 9.83 -42.82 -14.23
C1 NAG X . 16.18 -39.91 -31.92
C2 NAG X . 16.07 -41.16 -31.07
C3 NAG X . 17.25 -42.00 -31.33
C4 NAG X . 17.30 -42.42 -32.80
C5 NAG X . 17.35 -41.12 -33.59
C6 NAG X . 17.30 -41.39 -35.07
C7 NAG X . 15.08 -41.18 -28.88
C8 NAG X . 15.17 -40.73 -27.47
N2 NAG X . 16.05 -40.81 -29.67
O3 NAG X . 17.16 -43.17 -30.47
O4 NAG X . 18.57 -43.06 -33.07
O5 NAG X . 16.22 -40.29 -33.32
O6 NAG X . 16.21 -40.80 -35.76
O7 NAG X . 14.16 -41.87 -29.29
C1 NAG X . 18.54 -44.47 -33.12
C2 NAG X . 19.74 -44.88 -33.98
C3 NAG X . 19.87 -46.36 -34.06
C4 NAG X . 20.08 -46.83 -32.62
C5 NAG X . 18.89 -46.46 -31.74
C6 NAG X . 19.20 -46.81 -30.32
C7 NAG X . 20.40 -43.43 -35.80
C8 NAG X . 20.15 -42.94 -37.19
N2 NAG X . 19.59 -44.35 -35.32
O3 NAG X . 20.98 -46.70 -34.92
O4 NAG X . 20.27 -48.23 -32.61
O5 NAG X . 18.74 -45.02 -31.79
O6 NAG X . 20.05 -47.93 -30.15
O7 NAG X . 21.33 -42.99 -35.13
C1 NAG Y . 19.56 -20.09 32.47
C2 NAG Y . 19.94 -19.98 30.99
C3 NAG Y . 21.41 -20.03 30.81
C4 NAG Y . 21.97 -18.83 31.58
C5 NAG Y . 21.59 -18.94 33.05
C6 NAG Y . 22.08 -17.75 33.81
C7 NAG Y . 18.38 -20.85 29.38
C8 NAG Y . 17.73 -22.05 28.80
N2 NAG Y . 19.33 -21.06 30.26
O3 NAG Y . 21.72 -19.95 29.40
O4 NAG Y . 23.38 -18.82 31.44
O5 NAG Y . 20.16 -18.95 33.16
O6 NAG Y . 23.38 -17.32 33.46
O7 NAG Y . 18.06 -19.70 29.07
C1 NAG Z . 19.67 -31.45 34.37
C2 NAG Z . 19.84 -31.68 35.87
C3 NAG Z . 21.11 -31.09 36.36
C4 NAG Z . 22.24 -31.77 35.59
C5 NAG Z . 22.04 -31.50 34.11
C6 NAG Z . 23.13 -32.15 33.31
C7 NAG Z . 17.92 -31.66 37.31
C8 NAG Z . 16.78 -30.89 37.86
N2 NAG Z . 18.75 -31.03 36.55
O3 NAG Z . 21.20 -31.30 37.79
O4 NAG Z . 23.48 -31.24 36.03
O5 NAG Z . 20.79 -32.07 33.67
O6 NAG Z . 24.45 -31.88 33.78
O7 NAG Z . 18.09 -32.86 37.56
C1 NAG AA . 16.16 -46.33 18.83
C2 NAG AA . 17.50 -45.68 19.16
C3 NAG AA . 18.34 -45.60 17.94
C4 NAG AA . 18.55 -47.03 17.45
C5 NAG AA . 17.22 -47.66 17.15
C6 NAG AA . 17.40 -49.10 16.73
C7 NAG AA . 17.69 -43.99 20.87
C8 NAG AA . 17.42 -42.59 21.27
N2 NAG AA . 17.29 -44.34 19.67
O3 NAG AA . 19.59 -44.95 18.26
O4 NAG AA . 19.36 -47.00 16.28
O5 NAG AA . 16.42 -47.68 18.34
O6 NAG AA . 18.56 -49.35 15.96
O7 NAG AA . 18.27 -44.79 21.61
C1 NAG BA . -0.27 -53.53 17.14
C2 NAG BA . 1.07 -53.91 17.78
C3 NAG BA . 1.99 -54.46 16.77
C4 NAG BA . 1.32 -55.69 16.18
C5 NAG BA . 0.00 -55.30 15.55
C6 NAG BA . -0.71 -56.52 15.04
C7 NAG BA . 1.90 -52.62 19.64
C8 NAG BA . 2.66 -51.41 20.07
N2 NAG BA . 1.71 -52.75 18.36
O3 NAG BA . 3.26 -54.77 17.39
O4 NAG BA . 2.18 -56.25 15.20
O5 NAG BA . -0.85 -54.72 16.55
O6 NAG BA . 0.14 -57.55 14.56
O7 NAG BA . 1.48 -53.46 20.45
C1 NAG CA . -12.32 -52.63 6.58
C2 NAG CA . -12.48 -52.93 8.07
C3 NAG CA . -12.89 -54.35 8.25
C4 NAG CA . -14.20 -54.60 7.53
C5 NAG CA . -13.97 -54.30 6.05
C6 NAG CA . -15.24 -54.51 5.28
C7 NAG CA . -10.90 -52.00 9.66
C8 NAG CA . -9.54 -52.15 10.26
N2 NAG CA . -11.19 -52.85 8.72
O3 NAG CA . -13.00 -54.63 9.67
O4 NAG CA . -14.59 -55.95 7.71
O5 NAG CA . -13.58 -52.94 5.90
O6 NAG CA . -16.00 -55.64 5.70
O7 NAG CA . -11.69 -51.12 10.04
C1 NAG DA . -7.53 -51.92 28.16
C2 NAG DA . -7.42 -53.22 29.00
C3 NAG DA . -8.70 -53.50 29.68
C4 NAG DA . -9.00 -52.31 30.59
C5 NAG DA . -9.11 -51.05 29.75
C6 NAG DA . -9.34 -49.85 30.65
C7 NAG DA . -5.93 -54.95 28.20
C8 NAG DA . -5.68 -56.03 27.19
N2 NAG DA . -7.10 -54.34 28.14
O3 NAG DA . -8.59 -54.74 30.42
O4 NAG DA . -10.23 -52.54 31.26
O5 NAG DA . -7.87 -50.82 29.06
O6 NAG DA . -10.22 -50.10 31.73
O7 NAG DA . -5.09 -54.65 29.06
C1 NAG EA . -9.01 -3.00 42.36
C2 NAG EA . -9.57 -3.05 43.79
C3 NAG EA . -10.54 -1.93 43.96
C4 NAG EA . -9.78 -0.64 43.72
C5 NAG EA . -9.21 -0.62 42.31
C6 NAG EA . -8.41 0.61 42.06
C7 NAG EA . -10.41 -4.74 45.26
C8 NAG EA . -11.17 -6.00 45.44
N2 NAG EA . -10.27 -4.29 44.04
O3 NAG EA . -11.12 -1.97 45.29
O4 NAG EA . -10.67 0.46 43.88
O5 NAG EA . -8.33 -1.74 42.15
O6 NAG EA . -9.03 1.82 42.49
O7 NAG EA . -9.91 -4.12 46.19
C1 NAG FA . 12.85 -26.28 52.93
C2 NAG FA . 11.45 -26.86 53.21
C3 NAG FA . 11.13 -26.69 54.64
C4 NAG FA . 12.19 -27.47 55.42
C5 NAG FA . 13.57 -26.92 55.13
C6 NAG FA . 14.63 -27.72 55.83
C7 NAG FA . 9.88 -26.68 51.38
C8 NAG FA . 8.94 -25.83 50.62
N2 NAG FA . 10.46 -26.14 52.43
O3 NAG FA . 9.79 -27.19 54.90
O4 NAG FA . 11.92 -27.36 56.81
O5 NAG FA . 13.84 -27.02 53.72
O6 NAG FA . 14.31 -28.07 57.16
O7 NAG FA . 10.12 -27.85 51.05
C1 NAG GA . -4.83 -31.17 43.95
C2 NAG GA . -5.45 -31.96 42.78
C3 NAG GA . -6.71 -32.59 43.24
C4 NAG GA . -6.33 -33.54 44.38
C5 NAG GA . -5.68 -32.75 45.50
C6 NAG GA . -5.27 -33.69 46.59
C7 NAG GA . -5.43 -31.47 40.44
C8 NAG GA . -5.74 -30.55 39.30
N2 NAG GA . -5.72 -31.08 41.65
O3 NAG GA . -7.37 -33.27 42.15
O4 NAG GA . -7.50 -34.17 44.86
O5 NAG GA . -4.51 -32.09 45.02
O6 NAG GA . -6.31 -34.53 47.06
O7 NAG GA . -4.90 -32.56 40.24
C1 NAG HA . 14.58 -37.67 37.63
C2 NAG HA . 15.42 -38.16 36.45
C3 NAG HA . 15.36 -39.63 36.37
C4 NAG HA . 15.90 -40.17 37.69
C5 NAG HA . 15.03 -39.67 38.82
C6 NAG HA . 15.55 -40.16 40.15
C7 NAG HA . 15.50 -36.79 34.45
C8 NAG HA . 14.76 -36.12 33.34
N2 NAG HA . 14.83 -37.60 35.24
O3 NAG HA . 16.19 -40.06 35.26
O4 NAG HA . 15.90 -41.59 37.65
O5 NAG HA . 15.09 -38.24 38.86
O6 NAG HA . 15.94 -41.52 40.15
O7 NAG HA . 16.71 -36.61 34.61
C1 NAG IA . 3.31 -0.34 42.48
C2 NAG IA . 2.05 -0.67 43.30
C3 NAG IA . 1.21 0.55 43.40
C4 NAG IA . 2.05 1.61 44.10
C5 NAG IA . 3.29 1.90 43.28
C6 NAG IA . 4.16 2.91 43.97
C7 NAG IA . 0.54 -2.57 43.27
C8 NAG IA . -0.22 -3.59 42.47
N2 NAG IA . 1.29 -1.72 42.62
O3 NAG IA . 0.01 0.26 44.15
O4 NAG IA . 1.28 2.79 44.24
O5 NAG IA . 4.07 0.70 43.16
O6 NAG IA . 3.45 3.97 44.59
O7 NAG IA . 0.46 -2.52 44.49
C1 NAG JA . 2.18 -32.97 50.46
C2 NAG JA . 2.54 -34.23 49.66
C3 NAG JA . 2.00 -35.44 50.33
C4 NAG JA . 2.60 -35.48 51.74
C5 NAG JA . 2.21 -34.23 52.49
C6 NAG JA . 2.80 -34.24 53.87
C7 NAG JA . 2.65 -34.21 47.24
C8 NAG JA . 1.92 -33.97 45.95
N2 NAG JA . 1.95 -34.09 48.34
O3 NAG JA . 2.36 -36.60 49.56
O4 NAG JA . 2.13 -36.64 52.40
O5 NAG JA . 2.72 -33.07 51.80
O6 NAG JA . 2.76 -35.50 54.51
O7 NAG JA . 3.84 -34.52 47.26
C1 NAG KA . -42.21 5.44 5.50
C2 NAG KA . -41.09 5.18 6.52
C3 NAG KA . -41.40 5.80 7.82
C4 NAG KA . -41.52 7.30 7.56
C5 NAG KA . -42.62 7.56 6.55
C6 NAG KA . -42.72 9.02 6.23
C7 NAG KA . -39.83 3.14 6.29
C8 NAG KA . -39.83 1.66 6.38
N2 NAG KA . -40.92 3.76 6.68
O3 NAG KA . -40.33 5.50 8.76
O4 NAG KA . -41.82 7.95 8.78
O5 NAG KA . -42.30 6.88 5.32
O6 NAG KA . -42.60 9.87 7.36
O7 NAG KA . -38.86 3.78 5.86
C1 NAG LA . -49.88 -2.82 7.84
C2 NAG LA . -51.24 -2.37 7.29
C3 NAG LA . -51.67 -1.11 7.92
C4 NAG LA . -51.77 -1.36 9.42
C5 NAG LA . -50.39 -1.79 9.93
C6 NAG LA . -50.43 -2.05 11.41
C7 NAG LA . -51.80 -2.79 5.00
C8 NAG LA . -51.49 -2.53 3.58
N2 NAG LA . -51.10 -2.14 5.88
O3 NAG LA . -52.94 -0.71 7.36
O4 NAG LA . -52.19 -0.18 10.08
O5 NAG LA . -49.99 -3.00 9.27
O6 NAG LA . -51.05 -1.02 12.17
O7 NAG LA . -52.69 -3.56 5.36
C1 NAG MA . -44.66 -21.94 16.90
C2 NAG MA . -44.96 -20.65 17.67
C3 NAG MA . -44.20 -20.62 18.94
C4 NAG MA . -44.66 -21.82 19.75
C5 NAG MA . -44.36 -23.09 18.99
C6 NAG MA . -44.86 -24.29 19.75
C7 NAG MA . -45.45 -18.60 16.49
C8 NAG MA . -44.93 -17.48 15.67
N2 NAG MA . -44.58 -19.51 16.86
O3 NAG MA . -44.47 -19.36 19.62
O4 NAG MA . -43.96 -21.82 20.99
O5 NAG MA . -45.08 -23.06 17.74
O6 NAG MA . -44.74 -24.19 21.16
O7 NAG MA . -46.64 -18.68 16.81
C1 NAG NA . -42.41 -36.34 6.32
C2 NAG NA . -43.52 -35.75 7.20
C3 NAG NA . -43.28 -36.10 8.62
C4 NAG NA . -43.29 -37.61 8.70
C5 NAG NA . -42.19 -38.19 7.83
C6 NAG NA . -42.24 -39.69 7.84
C7 NAG NA . -44.52 -33.65 6.59
C8 NAG NA . -44.42 -32.16 6.66
N2 NAG NA . -43.52 -34.32 7.11
O3 NAG NA . -44.32 -35.49 9.44
O4 NAG NA . -43.08 -37.99 10.05
O5 NAG NA . -42.42 -37.79 6.47
O6 NAG NA . -42.66 -40.26 9.08
O7 NAG NA . -45.49 -34.23 6.08
C1 NAG OA . -30.07 -45.37 1.45
C2 NAG OA . -31.37 -45.15 0.66
C3 NAG OA . -32.15 -46.41 0.63
C4 NAG OA . -31.33 -47.52 0.00
C5 NAG OA . -30.07 -47.70 0.84
C6 NAG OA . -29.21 -48.77 0.23
C7 NAG OA . -32.58 -43.06 0.90
C8 NAG OA . -33.53 -42.30 1.76
N2 NAG OA . -32.20 -44.22 1.36
O3 NAG OA . -33.38 -46.18 -0.09
O4 NAG OA . -32.08 -48.71 -0.03
O5 NAG OA . -29.33 -46.48 0.85
O6 NAG OA . -29.93 -49.88 -0.28
O7 NAG OA . -32.17 -42.62 -0.17
C1 NAG PA . -48.10 -34.66 -5.58
C2 NAG PA . -49.50 -35.33 -5.55
C3 NAG PA . -49.80 -35.94 -6.86
C4 NAG PA . -49.78 -34.82 -7.89
C5 NAG PA . -48.41 -34.17 -7.92
C6 NAG PA . -48.40 -33.01 -8.89
C7 NAG PA . -50.23 -36.26 -3.45
C8 NAG PA . -50.09 -37.35 -2.43
N2 NAG PA . -49.52 -36.37 -4.53
O3 NAG PA . -51.10 -36.59 -6.78
O4 NAG PA . -50.09 -35.36 -9.17
O5 NAG PA . -48.11 -33.63 -6.62
O6 NAG PA . -49.14 -33.24 -10.08
O7 NAG PA . -50.99 -35.30 -3.26
C1 NAG QA . -32.36 8.49 -27.67
C2 NAG QA . -33.35 8.69 -28.84
C3 NAG QA . -32.59 9.16 -30.02
C4 NAG QA . -31.92 10.48 -29.64
C5 NAG QA . -30.97 10.25 -28.48
C6 NAG QA . -30.34 11.54 -28.05
C7 NAG QA . -35.17 7.47 -29.76
C8 NAG QA . -35.78 6.16 -30.13
N2 NAG QA . -34.00 7.45 -29.17
O3 NAG QA . -33.48 9.32 -31.15
O4 NAG QA . -31.20 10.96 -30.76
O5 NAG QA . -31.71 9.75 -27.36
O6 NAG QA . -29.84 12.34 -29.11
O7 NAG QA . -35.72 8.55 -30.01
C1 NAG RA . -59.71 4.63 -8.46
C2 NAG RA . -59.82 3.57 -9.58
C3 NAG RA . -60.77 4.07 -10.61
C4 NAG RA . -62.12 4.25 -9.91
C5 NAG RA . -61.99 5.27 -8.79
C6 NAG RA . -63.29 5.41 -8.04
C7 NAG RA . -57.83 2.29 -10.01
C8 NAG RA . -56.48 2.22 -10.64
N2 NAG RA . -58.53 3.38 -10.21
O3 NAG RA . -60.85 3.11 -11.69
O4 NAG RA . -63.07 4.71 -10.86
O5 NAG RA . -61.01 4.79 -7.84
O6 NAG RA . -64.44 5.45 -8.87
O7 NAG RA . -58.27 1.36 -9.31
C1 NAG SA . -50.09 -11.20 -17.10
C2 NAG SA . -49.42 -12.54 -16.80
C3 NAG SA . -49.75 -13.49 -17.88
C4 NAG SA . -51.27 -13.65 -17.87
C5 NAG SA . -51.91 -12.31 -18.13
C6 NAG SA . -53.41 -12.45 -18.06
C7 NAG SA . -47.31 -13.00 -15.74
C8 NAG SA . -45.82 -12.83 -15.71
N2 NAG SA . -47.97 -12.39 -16.70
O3 NAG SA . -49.07 -14.75 -17.69
O4 NAG SA . -51.65 -14.56 -18.89
O5 NAG SA . -51.53 -11.37 -17.10
O6 NAG SA . -53.93 -13.46 -18.91
O7 NAG SA . -47.91 -13.67 -14.91
C1 NAG TA . -54.32 -9.08 3.79
C2 NAG TA . -53.90 -9.47 5.21
C3 NAG TA . -54.62 -10.70 5.62
C4 NAG TA . -56.11 -10.38 5.56
C5 NAG TA . -56.48 -10.00 4.14
C6 NAG TA . -57.94 -9.65 4.04
C7 NAG TA . -51.61 -9.08 5.89
C8 NAG TA . -50.15 -9.30 5.65
N2 NAG TA . -52.47 -9.75 5.17
O3 NAG TA . -54.21 -11.03 6.97
O4 NAG TA . -56.84 -11.52 5.96
O5 NAG TA . -55.74 -8.83 3.76
O6 NAG TA . -58.79 -10.54 4.75
O7 NAG TA . -52.00 -8.28 6.75
C1 NAG UA . -34.63 16.70 -18.38
C2 NAG UA . -35.08 16.11 -19.72
C3 NAG UA . -34.26 16.71 -20.81
C4 NAG UA . -34.48 18.22 -20.77
C5 NAG UA . -34.04 18.75 -19.42
C6 NAG UA . -34.30 20.23 -19.34
C7 NAG UA . -35.63 13.85 -20.42
C8 NAG UA . -35.34 12.39 -20.35
N2 NAG UA . -34.88 14.66 -19.72
O3 NAG UA . -34.65 16.15 -22.09
O4 NAG UA . -33.72 18.82 -21.81
O5 NAG UA . -34.82 18.14 -18.39
O6 NAG UA . -34.00 20.95 -20.53
O7 NAG UA . -36.55 14.30 -21.12
C1 NAG VA . -58.25 -6.82 -14.10
C2 NAG VA . -58.41 -7.93 -13.04
C3 NAG VA . -59.43 -8.91 -13.49
C4 NAG VA . -60.73 -8.14 -13.67
C5 NAG VA . -60.54 -7.07 -14.74
C6 NAG VA . -61.81 -6.29 -14.92
C7 NAG VA . -56.52 -8.73 -11.76
C8 NAG VA . -55.17 -9.36 -11.78
N2 NAG VA . -57.13 -8.59 -12.90
O3 NAG VA . -59.57 -9.93 -12.47
O4 NAG VA . -61.75 -9.05 -14.07
O5 NAG VA . -59.52 -6.15 -14.29
O6 NAG VA . -62.99 -7.07 -14.93
O7 NAG VA . -57.06 -8.38 -10.70
C1 NAG WA . 10.99 -14.48 -38.86
C2 NAG WA . 9.72 -13.77 -38.39
C3 NAG WA . 9.12 -12.95 -39.47
C4 NAG WA . 10.18 -11.92 -39.86
C5 NAG WA . 11.43 -12.62 -40.33
C6 NAG WA . 12.51 -11.63 -40.67
C7 NAG WA . 8.43 -14.84 -36.67
C8 NAG WA . 7.55 -15.98 -36.30
N2 NAG WA . 8.77 -14.75 -37.93
O3 NAG WA . 7.91 -12.32 -38.97
O4 NAG WA . 9.65 -11.11 -40.89
O5 NAG WA . 11.93 -13.44 -39.27
O6 NAG WA . 12.04 -10.49 -41.37
O7 NAG WA . 8.83 -14.02 -35.85
C1 NAG XA . 6.93 -23.95 -43.99
C2 NAG XA . 8.00 -24.46 -44.96
C3 NAG XA . 8.30 -23.44 -45.99
C4 NAG XA . 7.02 -23.15 -46.74
C5 NAG XA . 5.98 -22.63 -45.75
C6 NAG XA . 4.69 -22.33 -46.45
C7 NAG XA . 9.74 -25.89 -44.17
C8 NAG XA . 10.91 -26.05 -43.26
N2 NAG XA . 9.20 -24.73 -44.21
O3 NAG XA . 9.34 -23.96 -46.86
O4 NAG XA . 7.27 -22.18 -47.75
O5 NAG XA . 5.72 -23.63 -44.76
O6 NAG XA . 4.83 -21.54 -47.63
O7 NAG XA . 9.30 -26.81 -44.86
C1 NAG YA . -12.11 -33.25 -38.86
C2 NAG YA . -11.91 -32.10 -39.84
C3 NAG YA . -13.11 -31.25 -39.86
C4 NAG YA . -14.28 -32.12 -40.31
C5 NAG YA . -14.45 -33.26 -39.33
C6 NAG YA . -15.55 -34.18 -39.78
C7 NAG YA . -9.74 -31.14 -40.23
C8 NAG YA . -8.63 -30.29 -39.72
N2 NAG YA . -10.78 -31.30 -39.44
O3 NAG YA . -12.89 -30.14 -40.78
O4 NAG YA . -15.46 -31.34 -40.35
O5 NAG YA . -13.25 -34.04 -39.30
O6 NAG YA . -16.65 -33.53 -40.41
O7 NAG YA . -9.69 -31.68 -41.34
C1 NAG ZA . -12.21 -47.38 -27.67
C2 NAG ZA . -12.27 -47.14 -29.18
C3 NAG ZA . -13.64 -46.78 -29.60
C4 NAG ZA . -14.53 -47.95 -29.22
C5 NAG ZA . -14.47 -48.18 -27.72
C6 NAG ZA . -15.27 -49.39 -27.35
C7 NAG ZA . -10.36 -46.18 -30.30
C8 NAG ZA . -9.63 -44.93 -30.67
N2 NAG ZA . -11.42 -46.03 -29.55
O3 NAG ZA . -13.66 -46.51 -31.03
O4 NAG ZA . -15.86 -47.66 -29.61
O5 NAG ZA . -13.11 -48.47 -27.35
O6 NAG ZA . -16.43 -49.61 -28.15
O7 NAG ZA . -9.98 -47.30 -30.67
C1 NAG AB . -16.89 -50.21 -12.59
C2 NAG AB . -15.77 -50.96 -13.31
C3 NAG AB . -16.20 -52.35 -13.59
C4 NAG AB . -16.54 -53.06 -12.29
C5 NAG AB . -17.67 -52.28 -11.63
C6 NAG AB . -18.03 -52.92 -10.32
C7 NAG AB . -14.47 -49.82 -15.01
C8 NAG AB . -14.46 -49.37 -16.43
N2 NAG AB . -15.57 -50.38 -14.62
O3 NAG AB . -15.15 -53.04 -14.30
O4 NAG AB . -16.93 -54.39 -12.56
O5 NAG AB . -17.23 -50.94 -11.36
O6 NAG AB . -18.02 -54.34 -10.34
O7 NAG AB . -13.51 -49.65 -14.27
C1 NAG BB . -0.26 -53.14 -26.87
C2 NAG BB . -0.24 -54.35 -27.84
C3 NAG BB . 0.55 -55.46 -27.27
C4 NAG BB . 1.96 -54.93 -27.06
C5 NAG BB . 1.94 -53.75 -26.09
C6 NAG BB . 3.33 -53.18 -25.93
C7 NAG BB . -2.19 -54.69 -29.23
C8 NAG BB . -3.61 -55.12 -29.32
N2 NAG BB . -1.60 -54.81 -28.07
O3 NAG BB . 0.52 -56.58 -28.18
O4 NAG BB . 2.77 -55.97 -26.51
O5 NAG BB . 1.12 -52.71 -26.65
O6 NAG BB . 4.36 -54.16 -25.87
O7 NAG BB . -1.59 -54.23 -30.22
C1 NAG CB . 35.88 -19.19 -15.12
C2 NAG CB . 37.20 -19.94 -15.40
C3 NAG CB . 38.18 -19.63 -14.32
C4 NAG CB . 38.39 -18.12 -14.33
C5 NAG CB . 37.07 -17.41 -14.07
C6 NAG CB . 37.24 -15.92 -14.13
C7 NAG CB . 37.81 -22.14 -16.08
C8 NAG CB . 37.57 -23.61 -16.05
N2 NAG CB . 37.00 -21.37 -15.41
O3 NAG CB . 39.42 -20.34 -14.54
O4 NAG CB . 39.32 -17.78 -13.32
O5 NAG CB . 36.13 -17.76 -15.09
O6 NAG CB . 38.37 -15.42 -13.42
O7 NAG CB . 38.74 -21.64 -16.72
C1 NAG DB . 26.67 -28.77 -46.02
C2 NAG DB . 27.03 -30.07 -45.26
C3 NAG DB . 28.39 -30.51 -45.68
C4 NAG DB . 28.33 -30.78 -47.17
C5 NAG DB . 27.96 -29.51 -47.91
C6 NAG DB . 27.82 -29.76 -49.38
C7 NAG DB . 26.08 -30.26 -43.05
C8 NAG DB . 26.15 -29.88 -41.61
N2 NAG DB . 27.04 -29.82 -43.83
O3 NAG DB . 28.75 -31.70 -44.91
O4 NAG DB . 29.61 -31.23 -47.60
O5 NAG DB . 26.68 -29.05 -47.45
O6 NAG DB . 28.84 -30.59 -49.93
O7 NAG DB . 25.17 -30.96 -43.51
C1 NAG EB . 22.10 -39.69 -29.37
C2 NAG EB . 20.93 -40.32 -28.59
C3 NAG EB . 21.38 -41.63 -28.06
C4 NAG EB . 21.73 -42.50 -29.26
C5 NAG EB . 22.85 -41.85 -30.04
C6 NAG EB . 23.15 -42.66 -31.26
C7 NAG EB . 19.24 -39.26 -27.26
C8 NAG EB . 18.87 -38.38 -26.11
N2 NAG EB . 20.52 -39.45 -27.50
O3 NAG EB . 20.35 -42.22 -27.24
O4 NAG EB . 22.15 -43.77 -28.81
O5 NAG EB . 22.43 -40.54 -30.49
O6 NAG EB . 23.43 -44.03 -30.97
O7 NAG EB . 18.39 -39.78 -27.98
C1 NAG FB . 8.03 -32.55 -43.86
C2 NAG FB . 6.57 -32.15 -44.10
C3 NAG FB . 5.80 -33.32 -44.56
C4 NAG FB . 6.46 -33.83 -45.84
C5 NAG FB . 7.89 -34.22 -45.54
C6 NAG FB . 8.59 -34.70 -46.77
C7 NAG FB . 5.58 -30.46 -42.69
C8 NAG FB . 5.23 -30.01 -41.30
N2 NAG FB . 6.03 -31.68 -42.84
O3 NAG FB . 4.43 -32.90 -44.80
O4 NAG FB . 5.73 -34.94 -46.32
O5 NAG FB . 8.61 -33.07 -45.08
O6 NAG FB . 7.80 -35.57 -47.59
O7 NAG FB . 5.46 -29.71 -43.65
C1 NAG GB . 33.68 -10.45 -23.92
C2 NAG GB . 34.55 -11.63 -23.45
C3 NAG GB . 35.49 -11.14 -22.41
C4 NAG GB . 36.34 -10.04 -23.03
C5 NAG GB . 35.44 -8.91 -23.50
C6 NAG GB . 36.25 -7.83 -24.17
C7 NAG GB . 34.04 -13.94 -22.92
C8 NAG GB . 33.11 -14.93 -22.31
N2 NAG GB . 33.71 -12.67 -22.89
O3 NAG GB . 36.31 -12.23 -21.94
O4 NAG GB . 37.26 -9.56 -22.07
O5 NAG GB . 34.52 -9.41 -24.47
O6 NAG GB . 37.49 -7.55 -23.53
O7 NAG GB . 35.10 -14.29 -23.46
C1 NAG HB . 24.49 -39.15 -38.79
C2 NAG HB . 23.12 -39.74 -39.13
C3 NAG HB . 23.23 -41.17 -39.47
C4 NAG HB . 24.18 -41.28 -40.66
C5 NAG HB . 25.54 -40.71 -40.28
C6 NAG HB . 26.49 -40.79 -41.45
C7 NAG HB . 21.11 -38.98 -38.00
C8 NAG HB . 20.39 -38.82 -36.70
N2 NAG HB . 22.27 -39.57 -37.96
O3 NAG HB . 21.92 -41.68 -39.80
O4 NAG HB . 24.30 -42.64 -41.04
O5 NAG HB . 25.38 -39.32 -39.93
O6 NAG HB . 26.41 -41.99 -42.19
O7 NAG HB . 20.63 -38.58 -39.07
#